data_8P2J
#
_entry.id   8P2J
#
_cell.length_a   204.620
_cell.length_b   87.970
_cell.length_c   162.580
_cell.angle_alpha   90.00
_cell.angle_beta   108.45
_cell.angle_gamma   90.00
#
_symmetry.space_group_name_H-M   'C 1 2 1'
#
loop_
_entity.id
_entity.type
_entity.pdbx_description
1 polymer Oxidoreductase
2 non-polymer 'NADPH DIHYDRO-NICOTINAMIDE-ADENINE-DINUCLEOTIDE PHOSPHATE'
3 water water
#
_entity_poly.entity_id   1
_entity_poly.type   'polypeptide(L)'
_entity_poly.pdbx_seq_one_letter_code
;LFQGPAMANSPVSVFGLGAMGTALATQFLRKGHKTTVWNRTPAKAQPLIAIGASHAPTIDSAAAASSLLIICQLDKASVM
QTLQQAPTAWAAKTIVDLTNGTPAHARETADWALAHGARYIHGGIMAVPFMIGQPDAMILYSGPAEVFEGVKDTLSVLGT
NTYVGEDVGLASLHDLALLSGMYGLFSGFTHAVALVQSANIPAAGFVATQLIPWLTAMTQHLNLLATQVDEKDYGDGGSS
LDMQAKAAPNILEASQAQGVSVELIQPIFKLIERRVEEGKGSEGLAALVGMIMK
;
_entity_poly.pdbx_strand_id   A,B,C,D,E,F,G,H,I
#
loop_
_chem_comp.id
_chem_comp.type
_chem_comp.name
_chem_comp.formula
NDP non-polymer 'NADPH DIHYDRO-NICOTINAMIDE-ADENINE-DINUCLEOTIDE PHOSPHATE' 'C21 H30 N7 O17 P3'
#
# COMPACT_ATOMS: atom_id res chain seq x y z
N ALA A 8 -9.35 -64.72 -43.19
CA ALA A 8 -10.06 -65.94 -42.86
C ALA A 8 -10.14 -66.15 -41.36
N ASN A 9 -9.62 -65.33 -40.56
CA ASN A 9 -9.66 -65.48 -39.11
C ASN A 9 -10.90 -64.77 -38.55
N SER A 10 -11.12 -65.01 -37.25
CA SER A 10 -12.37 -64.69 -36.58
C SER A 10 -12.72 -63.22 -36.75
N PRO A 11 -13.99 -62.87 -36.99
CA PRO A 11 -14.38 -61.49 -37.26
C PRO A 11 -14.20 -60.56 -36.06
N VAL A 12 -13.84 -59.31 -36.36
CA VAL A 12 -13.73 -58.25 -35.38
C VAL A 12 -14.34 -57.01 -35.99
N SER A 13 -15.01 -56.19 -35.18
CA SER A 13 -15.47 -54.88 -35.62
C SER A 13 -14.76 -53.81 -34.79
N VAL A 14 -14.36 -52.72 -35.45
CA VAL A 14 -13.71 -51.59 -34.81
C VAL A 14 -14.58 -50.35 -35.05
N PHE A 15 -14.95 -49.69 -33.94
CA PHE A 15 -15.74 -48.46 -33.96
C PHE A 15 -14.83 -47.31 -33.53
N GLY A 16 -14.60 -46.38 -34.45
CA GLY A 16 -13.66 -45.28 -34.21
C GLY A 16 -12.37 -45.51 -35.00
N LEU A 17 -12.14 -44.69 -36.02
CA LEU A 17 -11.02 -44.83 -36.92
C LEU A 17 -10.17 -43.57 -36.90
N GLY A 18 -9.96 -43.05 -35.71
CA GLY A 18 -8.91 -42.10 -35.44
C GLY A 18 -7.56 -42.77 -35.55
N ALA A 19 -6.53 -42.08 -35.03
CA ALA A 19 -5.18 -42.60 -35.16
C ALA A 19 -5.11 -43.97 -34.51
N MET A 20 -5.70 -44.14 -33.32
CA MET A 20 -5.55 -45.40 -32.61
C MET A 20 -6.45 -46.47 -33.22
N GLY A 21 -7.72 -46.17 -33.47
CA GLY A 21 -8.61 -47.14 -34.07
C GLY A 21 -8.12 -47.65 -35.42
N THR A 22 -7.55 -46.75 -36.23
CA THR A 22 -6.97 -47.15 -37.50
C THR A 22 -5.85 -48.15 -37.28
N ALA A 23 -4.99 -47.88 -36.28
CA ALA A 23 -3.90 -48.79 -36.00
C ALA A 23 -4.43 -50.16 -35.55
N LEU A 24 -5.49 -50.18 -34.72
CA LEU A 24 -6.04 -51.43 -34.26
C LEU A 24 -6.60 -52.22 -35.46
N ALA A 25 -7.42 -51.58 -36.29
CA ALA A 25 -8.02 -52.25 -37.44
C ALA A 25 -6.95 -52.78 -38.37
N THR A 26 -5.90 -52.00 -38.58
CA THR A 26 -4.82 -52.38 -39.47
C THR A 26 -4.15 -53.66 -38.98
N GLN A 27 -3.90 -53.74 -37.67
CA GLN A 27 -3.25 -54.92 -37.09
C GLN A 27 -4.16 -56.15 -37.18
N PHE A 28 -5.47 -56.02 -36.94
CA PHE A 28 -6.37 -57.15 -37.10
C PHE A 28 -6.35 -57.65 -38.55
N LEU A 29 -6.35 -56.74 -39.52
CA LEU A 29 -6.32 -57.10 -40.93
C LEU A 29 -5.01 -57.79 -41.27
N ARG A 30 -3.90 -57.26 -40.77
CA ARG A 30 -2.59 -57.85 -41.01
C ARG A 30 -2.51 -59.28 -40.49
N LYS A 31 -3.24 -59.60 -39.41
CA LYS A 31 -3.22 -60.94 -38.84
C LYS A 31 -4.37 -61.80 -39.37
N GLY A 32 -5.05 -61.35 -40.43
CA GLY A 32 -5.97 -62.18 -41.18
C GLY A 32 -7.41 -62.17 -40.69
N HIS A 33 -7.76 -61.29 -39.74
CA HIS A 33 -9.13 -61.22 -39.24
C HIS A 33 -10.02 -60.52 -40.24
N LYS A 34 -11.24 -61.05 -40.41
CA LYS A 34 -12.27 -60.32 -41.12
C LYS A 34 -12.63 -59.11 -40.28
N THR A 35 -12.32 -57.91 -40.78
CA THR A 35 -12.37 -56.71 -39.95
C THR A 35 -13.41 -55.74 -40.53
N THR A 36 -14.45 -55.48 -39.75
CA THR A 36 -15.49 -54.55 -40.11
C THR A 36 -15.22 -53.23 -39.39
N VAL A 37 -15.36 -52.10 -40.08
CA VAL A 37 -15.01 -50.82 -39.50
C VAL A 37 -16.18 -49.86 -39.61
N TRP A 38 -16.27 -48.99 -38.62
CA TRP A 38 -17.26 -47.93 -38.60
C TRP A 38 -16.62 -46.67 -38.02
N ASN A 39 -16.97 -45.50 -38.56
CA ASN A 39 -16.52 -44.23 -38.02
C ASN A 39 -17.59 -43.19 -38.23
N ARG A 40 -17.75 -42.29 -37.26
CA ARG A 40 -18.72 -41.20 -37.39
C ARG A 40 -18.48 -40.44 -38.71
N THR A 41 -17.23 -40.12 -39.03
CA THR A 41 -16.85 -39.54 -40.32
C THR A 41 -16.44 -40.66 -41.28
N PRO A 42 -17.30 -41.04 -42.26
CA PRO A 42 -17.03 -42.24 -43.05
C PRO A 42 -15.79 -42.23 -43.94
N ALA A 43 -15.27 -41.03 -44.33
CA ALA A 43 -14.09 -40.94 -45.16
C ALA A 43 -12.89 -41.66 -44.54
N LYS A 44 -12.81 -41.72 -43.20
CA LYS A 44 -11.65 -42.33 -42.55
C LYS A 44 -11.61 -43.85 -42.78
N ALA A 45 -12.70 -44.44 -43.26
CA ALA A 45 -12.70 -45.86 -43.55
C ALA A 45 -12.00 -46.17 -44.87
N GLN A 46 -11.84 -45.18 -45.77
CA GLN A 46 -11.41 -45.51 -47.12
C GLN A 46 -10.03 -46.18 -47.14
N PRO A 47 -9.01 -45.69 -46.38
CA PRO A 47 -7.73 -46.38 -46.37
C PRO A 47 -7.79 -47.80 -45.85
N LEU A 48 -8.75 -48.12 -44.95
CA LEU A 48 -8.87 -49.45 -44.43
C LEU A 48 -9.56 -50.37 -45.45
N ILE A 49 -10.54 -49.84 -46.20
CA ILE A 49 -11.14 -50.60 -47.29
C ILE A 49 -10.05 -51.04 -48.27
N ALA A 50 -9.09 -50.15 -48.52
CA ALA A 50 -8.02 -50.44 -49.47
C ALA A 50 -7.13 -51.60 -49.02
N ILE A 51 -7.09 -51.93 -47.72
CA ILE A 51 -6.31 -53.07 -47.26
C ILE A 51 -7.21 -54.21 -46.72
N GLY A 52 -8.50 -54.22 -47.09
CA GLY A 52 -9.32 -55.41 -46.92
C GLY A 52 -10.46 -55.25 -45.90
N ALA A 53 -10.62 -54.08 -45.28
CA ALA A 53 -11.69 -53.91 -44.31
C ALA A 53 -13.04 -53.87 -45.01
N SER A 54 -14.06 -54.33 -44.29
CA SER A 54 -15.44 -54.15 -44.68
C SER A 54 -16.00 -52.90 -44.00
N HIS A 55 -16.54 -51.95 -44.78
CA HIS A 55 -17.04 -50.71 -44.22
C HIS A 55 -18.52 -50.81 -43.89
N ALA A 56 -18.86 -50.77 -42.61
CA ALA A 56 -20.25 -50.93 -42.20
C ALA A 56 -20.96 -49.60 -42.41
N PRO A 57 -22.15 -49.60 -43.06
CA PRO A 57 -22.88 -48.35 -43.25
C PRO A 57 -23.54 -47.77 -42.01
N THR A 58 -23.73 -48.60 -40.97
CA THR A 58 -24.38 -48.17 -39.75
C THR A 58 -23.70 -48.85 -38.56
N ILE A 59 -23.93 -48.30 -37.38
CA ILE A 59 -23.48 -48.91 -36.15
C ILE A 59 -24.09 -50.30 -36.01
N ASP A 60 -25.38 -50.39 -36.31
CA ASP A 60 -26.08 -51.65 -36.18
C ASP A 60 -25.42 -52.73 -37.05
N SER A 61 -25.05 -52.40 -38.28
CA SER A 61 -24.49 -53.43 -39.15
C SER A 61 -23.05 -53.79 -38.75
N ALA A 62 -22.30 -52.84 -38.17
CA ALA A 62 -20.97 -53.16 -37.64
C ALA A 62 -21.08 -54.12 -36.46
N ALA A 63 -22.07 -53.91 -35.61
CA ALA A 63 -22.28 -54.77 -34.44
C ALA A 63 -22.68 -56.18 -34.89
N ALA A 64 -23.47 -56.26 -35.97
CA ALA A 64 -23.98 -57.54 -36.45
C ALA A 64 -22.88 -58.39 -37.07
N ALA A 65 -21.81 -57.76 -37.58
CA ALA A 65 -20.81 -58.47 -38.34
C ALA A 65 -19.87 -59.34 -37.48
N SER A 66 -19.76 -59.09 -36.18
CA SER A 66 -18.74 -59.73 -35.36
C SER A 66 -19.28 -60.03 -33.96
N SER A 67 -18.59 -60.90 -33.23
CA SER A 67 -18.88 -61.10 -31.82
C SER A 67 -18.00 -60.23 -30.94
N LEU A 68 -16.82 -59.82 -31.43
CA LEU A 68 -15.87 -58.99 -30.69
C LEU A 68 -15.93 -57.57 -31.28
N LEU A 69 -16.38 -56.61 -30.47
CA LEU A 69 -16.65 -55.25 -30.90
C LEU A 69 -15.72 -54.32 -30.11
N ILE A 70 -14.76 -53.73 -30.80
CA ILE A 70 -13.73 -52.88 -30.19
C ILE A 70 -14.14 -51.43 -30.39
N ILE A 71 -14.22 -50.65 -29.32
CA ILE A 71 -14.61 -49.25 -29.42
C ILE A 71 -13.42 -48.39 -29.00
N CYS A 72 -12.96 -47.55 -29.93
CA CYS A 72 -11.80 -46.72 -29.69
C CYS A 72 -12.10 -45.30 -30.19
N GLN A 73 -12.83 -44.54 -29.37
CA GLN A 73 -13.30 -43.22 -29.75
C GLN A 73 -12.61 -42.18 -28.88
N LEU A 74 -13.27 -41.09 -28.54
CA LEU A 74 -12.58 -39.97 -27.87
C LEU A 74 -12.75 -40.10 -26.36
N ASP A 75 -14.00 -40.18 -25.91
CA ASP A 75 -14.30 -40.18 -24.50
C ASP A 75 -15.55 -41.01 -24.24
N LYS A 76 -15.87 -41.17 -22.95
CA LYS A 76 -17.01 -41.98 -22.58
C LYS A 76 -18.30 -41.47 -23.20
N ALA A 77 -18.47 -40.13 -23.27
CA ALA A 77 -19.67 -39.59 -23.91
C ALA A 77 -19.81 -40.12 -25.34
N SER A 78 -18.70 -40.16 -26.09
CA SER A 78 -18.74 -40.62 -27.47
C SER A 78 -19.07 -42.11 -27.55
N VAL A 79 -18.55 -42.90 -26.62
CA VAL A 79 -18.86 -44.32 -26.56
C VAL A 79 -20.37 -44.51 -26.35
N MET A 80 -20.94 -43.78 -25.38
CA MET A 80 -22.35 -43.86 -25.10
C MET A 80 -23.16 -43.42 -26.30
N GLN A 81 -22.70 -42.40 -27.03
CA GLN A 81 -23.42 -41.95 -28.21
C GLN A 81 -23.50 -43.07 -29.25
N THR A 82 -22.40 -43.81 -29.41
CA THR A 82 -22.38 -44.94 -30.34
C THR A 82 -23.32 -46.05 -29.86
N LEU A 83 -23.24 -46.42 -28.58
CA LEU A 83 -24.05 -47.49 -28.06
C LEU A 83 -25.55 -47.16 -28.18
N GLN A 84 -25.92 -45.92 -27.84
CA GLN A 84 -27.31 -45.51 -27.75
C GLN A 84 -27.94 -45.40 -29.13
N GLN A 85 -27.13 -45.31 -30.18
CA GLN A 85 -27.66 -45.21 -31.54
C GLN A 85 -28.36 -46.50 -31.98
N ALA A 86 -27.95 -47.64 -31.41
CA ALA A 86 -28.45 -48.94 -31.85
C ALA A 86 -28.62 -49.84 -30.62
N PRO A 87 -29.58 -49.52 -29.74
CA PRO A 87 -29.61 -50.13 -28.42
C PRO A 87 -29.86 -51.65 -28.43
N THR A 88 -30.43 -52.20 -29.52
CA THR A 88 -30.69 -53.64 -29.58
C THR A 88 -29.51 -54.40 -30.23
N ALA A 89 -28.48 -53.72 -30.71
CA ALA A 89 -27.46 -54.33 -31.54
C ALA A 89 -26.41 -55.11 -30.75
N TRP A 90 -26.33 -54.90 -29.43
CA TRP A 90 -25.18 -55.33 -28.65
C TRP A 90 -25.41 -56.67 -27.94
N ALA A 91 -26.64 -57.19 -28.00
CA ALA A 91 -26.97 -58.40 -27.26
C ALA A 91 -26.10 -59.59 -27.70
N ALA A 92 -25.53 -60.28 -26.71
CA ALA A 92 -24.70 -61.48 -26.90
C ALA A 92 -23.38 -61.16 -27.58
N LYS A 93 -22.97 -59.88 -27.58
CA LYS A 93 -21.68 -59.48 -28.12
C LYS A 93 -20.73 -59.16 -26.96
N THR A 94 -19.42 -59.21 -27.23
CA THR A 94 -18.42 -58.76 -26.27
C THR A 94 -17.88 -57.41 -26.75
N ILE A 95 -18.14 -56.37 -25.97
CA ILE A 95 -17.59 -55.05 -26.20
C ILE A 95 -16.26 -54.92 -25.46
N VAL A 96 -15.21 -54.54 -26.18
CA VAL A 96 -13.94 -54.19 -25.60
C VAL A 96 -13.74 -52.70 -25.85
N ASP A 97 -13.86 -51.93 -24.77
CA ASP A 97 -13.83 -50.49 -24.84
C ASP A 97 -12.43 -50.02 -24.50
N LEU A 98 -11.73 -49.47 -25.49
CA LEU A 98 -10.35 -49.00 -25.30
C LEU A 98 -10.30 -47.46 -25.24
N THR A 99 -11.44 -46.85 -24.92
CA THR A 99 -11.54 -45.39 -24.89
C THR A 99 -11.16 -44.90 -23.50
N ASN A 100 -10.22 -43.94 -23.44
CA ASN A 100 -9.71 -43.47 -22.16
C ASN A 100 -10.79 -42.74 -21.37
N GLY A 101 -10.75 -42.93 -20.05
CA GLY A 101 -11.56 -42.17 -19.13
C GLY A 101 -11.26 -42.57 -17.69
N THR A 102 -12.19 -42.21 -16.81
CA THR A 102 -12.05 -42.52 -15.40
C THR A 102 -12.55 -43.92 -15.10
N PRO A 103 -12.21 -44.46 -13.93
CA PRO A 103 -12.84 -45.70 -13.47
C PRO A 103 -14.36 -45.61 -13.46
N ALA A 104 -14.91 -44.49 -13.00
CA ALA A 104 -16.36 -44.30 -13.02
C ALA A 104 -16.92 -44.41 -14.44
N HIS A 105 -16.25 -43.82 -15.41
CA HIS A 105 -16.70 -43.90 -16.80
C HIS A 105 -16.82 -45.36 -17.25
N ALA A 106 -15.81 -46.18 -16.91
CA ALA A 106 -15.85 -47.57 -17.34
C ALA A 106 -17.02 -48.29 -16.66
N ARG A 107 -17.24 -48.02 -15.37
CA ARG A 107 -18.32 -48.68 -14.64
C ARG A 107 -19.68 -48.30 -15.20
N GLU A 108 -19.85 -47.02 -15.54
CA GLU A 108 -21.10 -46.53 -16.09
C GLU A 108 -21.37 -47.15 -17.45
N THR A 109 -20.33 -47.26 -18.29
CA THR A 109 -20.51 -47.83 -19.61
C THR A 109 -20.84 -49.32 -19.50
N ALA A 110 -20.14 -50.01 -18.61
CA ALA A 110 -20.38 -51.43 -18.39
C ALA A 110 -21.82 -51.66 -17.93
N ASP A 111 -22.32 -50.82 -17.04
CA ASP A 111 -23.69 -50.97 -16.55
C ASP A 111 -24.69 -50.89 -17.70
N TRP A 112 -24.49 -49.94 -18.62
CA TRP A 112 -25.36 -49.81 -19.78
C TRP A 112 -25.25 -51.06 -20.65
N ALA A 113 -24.02 -51.49 -20.94
CA ALA A 113 -23.78 -52.64 -21.80
C ALA A 113 -24.48 -53.88 -21.22
N LEU A 114 -24.29 -54.14 -19.92
CA LEU A 114 -24.86 -55.30 -19.27
C LEU A 114 -26.39 -55.25 -19.32
N ALA A 115 -26.98 -54.06 -19.19
CA ALA A 115 -28.43 -53.89 -19.24
C ALA A 115 -28.96 -54.12 -20.65
N HIS A 116 -28.10 -54.10 -21.67
CA HIS A 116 -28.51 -54.30 -23.05
C HIS A 116 -27.98 -55.63 -23.59
N GLY A 117 -27.65 -56.54 -22.68
CA GLY A 117 -27.37 -57.94 -23.03
C GLY A 117 -25.95 -58.18 -23.53
N ALA A 118 -25.05 -57.21 -23.40
CA ALA A 118 -23.67 -57.32 -23.86
C ALA A 118 -22.77 -57.73 -22.72
N ARG A 119 -21.62 -58.28 -23.06
CA ARG A 119 -20.50 -58.45 -22.16
C ARG A 119 -19.54 -57.29 -22.39
N TYR A 120 -18.76 -56.92 -21.36
CA TYR A 120 -17.96 -55.69 -21.44
C TYR A 120 -16.64 -55.85 -20.70
N ILE A 121 -15.56 -55.52 -21.41
CA ILE A 121 -14.21 -55.41 -20.90
C ILE A 121 -13.72 -53.99 -21.19
N HIS A 122 -12.97 -53.39 -20.29
CA HIS A 122 -12.33 -52.10 -20.54
C HIS A 122 -10.83 -52.33 -20.71
N GLY A 123 -10.21 -51.60 -21.64
CA GLY A 123 -8.77 -51.67 -21.80
C GLY A 123 -8.12 -50.29 -21.82
N GLY A 124 -6.89 -50.20 -21.35
CA GLY A 124 -6.12 -48.97 -21.37
C GLY A 124 -4.83 -49.20 -22.12
N ILE A 125 -4.69 -48.53 -23.27
CA ILE A 125 -3.52 -48.71 -24.12
C ILE A 125 -2.38 -47.81 -23.64
N MET A 126 -1.30 -48.39 -23.16
CA MET A 126 -0.15 -47.62 -22.71
C MET A 126 0.89 -47.58 -23.83
N ALA A 127 0.54 -46.93 -24.93
CA ALA A 127 1.33 -46.97 -26.14
C ALA A 127 0.73 -45.95 -27.11
N VAL A 128 1.52 -45.53 -28.09
CA VAL A 128 1.02 -44.70 -29.16
C VAL A 128 0.67 -45.60 -30.34
N PRO A 129 -0.13 -45.11 -31.31
CA PRO A 129 -0.64 -45.96 -32.40
C PRO A 129 0.39 -46.76 -33.16
N PHE A 130 1.54 -46.19 -33.48
CA PHE A 130 2.53 -46.92 -34.27
C PHE A 130 3.12 -48.09 -33.49
N MET A 131 3.01 -48.13 -32.15
CA MET A 131 3.54 -49.22 -31.35
C MET A 131 2.57 -50.41 -31.27
N ILE A 132 1.31 -50.25 -31.69
CA ILE A 132 0.36 -51.35 -31.67
C ILE A 132 0.92 -52.50 -32.48
N GLY A 133 0.87 -53.71 -31.89
CA GLY A 133 1.39 -54.91 -32.50
C GLY A 133 2.79 -55.26 -31.99
N GLN A 134 3.41 -54.36 -31.21
CA GLN A 134 4.75 -54.65 -30.68
C GLN A 134 4.61 -55.13 -29.23
N PRO A 135 5.54 -56.00 -28.76
CA PRO A 135 5.52 -56.48 -27.38
C PRO A 135 5.66 -55.39 -26.32
N ASP A 136 6.33 -54.29 -26.64
CA ASP A 136 6.47 -53.21 -25.68
C ASP A 136 5.18 -52.38 -25.54
N ALA A 137 4.14 -52.68 -26.33
CA ALA A 137 2.86 -52.01 -26.15
C ALA A 137 2.09 -52.73 -25.04
N MET A 138 1.98 -52.12 -23.85
CA MET A 138 1.28 -52.78 -22.77
C MET A 138 -0.18 -52.30 -22.81
N ILE A 139 -1.10 -53.26 -22.80
CA ILE A 139 -2.51 -52.93 -22.80
C ILE A 139 -3.11 -53.58 -21.56
N LEU A 140 -3.66 -52.73 -20.69
CA LEU A 140 -4.26 -53.14 -19.45
C LEU A 140 -5.73 -53.50 -19.71
N TYR A 141 -6.23 -54.55 -19.09
CA TYR A 141 -7.61 -54.96 -19.26
C TYR A 141 -8.23 -55.29 -17.92
N SER A 142 -9.51 -54.95 -17.79
CA SER A 142 -10.28 -55.29 -16.61
C SER A 142 -11.72 -55.61 -16.98
N GLY A 143 -12.36 -56.40 -16.14
CA GLY A 143 -13.69 -56.92 -16.40
C GLY A 143 -13.76 -58.41 -16.12
N PRO A 144 -14.91 -59.06 -16.31
CA PRO A 144 -15.06 -60.46 -15.88
C PRO A 144 -14.03 -61.38 -16.51
N ALA A 145 -13.38 -62.18 -15.68
CA ALA A 145 -12.28 -63.01 -16.11
C ALA A 145 -12.74 -64.00 -17.19
N GLU A 146 -13.96 -64.53 -17.06
CA GLU A 146 -14.44 -65.54 -18.00
C GLU A 146 -14.71 -64.93 -19.36
N VAL A 147 -15.12 -63.65 -19.39
CA VAL A 147 -15.32 -62.94 -20.64
C VAL A 147 -13.97 -62.71 -21.31
N PHE A 148 -13.01 -62.23 -20.51
CA PHE A 148 -11.68 -61.93 -21.01
C PHE A 148 -11.02 -63.17 -21.59
N GLU A 149 -11.25 -64.34 -20.95
CA GLU A 149 -10.70 -65.59 -21.45
C GLU A 149 -11.07 -65.86 -22.93
N GLY A 150 -12.29 -65.53 -23.26
CA GLY A 150 -12.83 -65.75 -24.60
C GLY A 150 -12.26 -64.83 -25.67
N VAL A 151 -11.67 -63.68 -25.30
CA VAL A 151 -11.20 -62.76 -26.35
C VAL A 151 -9.70 -62.46 -26.24
N LYS A 152 -9.01 -62.98 -25.21
CA LYS A 152 -7.65 -62.52 -24.98
C LYS A 152 -6.70 -62.97 -26.10
N ASP A 153 -6.94 -64.13 -26.72
CA ASP A 153 -6.06 -64.58 -27.80
C ASP A 153 -6.18 -63.66 -29.02
N THR A 154 -7.39 -63.26 -29.38
CA THR A 154 -7.54 -62.28 -30.45
C THR A 154 -6.90 -60.94 -30.10
N LEU A 155 -7.13 -60.47 -28.86
CA LEU A 155 -6.60 -59.17 -28.44
C LEU A 155 -5.08 -59.17 -28.38
N SER A 156 -4.45 -60.34 -28.24
CA SER A 156 -3.01 -60.41 -28.06
C SER A 156 -2.25 -59.95 -29.32
N VAL A 157 -2.93 -59.84 -30.46
CA VAL A 157 -2.27 -59.27 -31.63
C VAL A 157 -1.94 -57.79 -31.45
N LEU A 158 -2.60 -57.08 -30.52
CA LEU A 158 -2.43 -55.64 -30.38
C LEU A 158 -1.22 -55.31 -29.51
N GLY A 159 -0.81 -56.20 -28.64
CA GLY A 159 0.22 -55.86 -27.67
C GLY A 159 0.27 -56.91 -26.57
N THR A 160 0.93 -56.53 -25.46
CA THR A 160 1.02 -57.46 -24.34
C THR A 160 -0.17 -57.24 -23.43
N ASN A 161 -1.03 -58.27 -23.34
CA ASN A 161 -2.21 -58.24 -22.52
C ASN A 161 -1.79 -58.25 -21.06
N THR A 162 -2.36 -57.32 -20.29
CA THR A 162 -2.09 -57.24 -18.87
C THR A 162 -3.43 -57.14 -18.15
N TYR A 163 -3.96 -58.29 -17.71
CA TYR A 163 -5.24 -58.34 -17.03
C TYR A 163 -5.03 -57.90 -15.59
N VAL A 164 -5.80 -56.90 -15.13
CA VAL A 164 -5.59 -56.32 -13.82
C VAL A 164 -6.79 -56.52 -12.91
N GLY A 165 -7.80 -57.30 -13.31
CA GLY A 165 -8.80 -57.76 -12.34
C GLY A 165 -10.23 -57.58 -12.83
N GLU A 166 -11.17 -57.98 -11.97
CA GLU A 166 -12.58 -58.12 -12.26
C GLU A 166 -13.30 -56.77 -12.35
N ASP A 167 -13.02 -55.85 -11.42
CA ASP A 167 -13.69 -54.55 -11.42
C ASP A 167 -13.37 -53.85 -12.74
N VAL A 168 -14.41 -53.51 -13.49
CA VAL A 168 -14.22 -53.02 -14.84
C VAL A 168 -13.49 -51.66 -14.86
N GLY A 169 -13.48 -50.93 -13.75
CA GLY A 169 -12.78 -49.64 -13.67
C GLY A 169 -11.28 -49.73 -13.40
N LEU A 170 -10.74 -50.95 -13.18
CA LEU A 170 -9.35 -51.06 -12.77
C LEU A 170 -8.35 -50.75 -13.89
N ALA A 171 -8.63 -51.07 -15.15
CA ALA A 171 -7.68 -50.77 -16.20
C ALA A 171 -7.45 -49.25 -16.26
N SER A 172 -8.55 -48.50 -16.15
CA SER A 172 -8.48 -47.05 -16.19
C SER A 172 -7.72 -46.51 -14.98
N LEU A 173 -7.93 -47.10 -13.80
CA LEU A 173 -7.21 -46.67 -12.62
C LEU A 173 -5.71 -46.89 -12.79
N HIS A 174 -5.31 -48.07 -13.25
CA HIS A 174 -3.90 -48.35 -13.52
C HIS A 174 -3.32 -47.37 -14.55
N ASP A 175 -4.08 -47.12 -15.63
CA ASP A 175 -3.63 -46.23 -16.69
C ASP A 175 -3.35 -44.82 -16.12
N LEU A 176 -4.33 -44.28 -15.38
CA LEU A 176 -4.19 -42.94 -14.82
C LEU A 176 -3.08 -42.87 -13.76
N ALA A 177 -2.89 -43.95 -13.02
CA ALA A 177 -1.79 -44.03 -12.06
C ALA A 177 -0.45 -43.94 -12.78
N LEU A 178 -0.29 -44.69 -13.88
CA LEU A 178 0.95 -44.62 -14.65
C LEU A 178 1.19 -43.22 -15.19
N LEU A 179 0.14 -42.58 -15.72
CA LEU A 179 0.30 -41.23 -16.22
C LEU A 179 0.70 -40.24 -15.09
N SER A 180 0.13 -40.43 -13.89
CA SER A 180 0.47 -39.59 -12.76
CA SER A 180 0.47 -39.60 -12.76
C SER A 180 1.96 -39.72 -12.45
N GLY A 181 2.47 -40.95 -12.54
CA GLY A 181 3.89 -41.19 -12.32
C GLY A 181 4.76 -40.41 -13.32
N MET A 182 4.34 -40.48 -14.59
CA MET A 182 5.02 -39.78 -15.65
C MET A 182 5.05 -38.25 -15.41
N TYR A 183 3.94 -37.68 -14.92
CA TYR A 183 3.90 -36.24 -14.73
C TYR A 183 4.83 -35.79 -13.59
N GLY A 184 5.02 -36.65 -12.59
CA GLY A 184 6.05 -36.42 -11.58
C GLY A 184 7.45 -36.41 -12.19
N LEU A 185 7.77 -37.43 -12.98
CA LEU A 185 9.03 -37.50 -13.70
C LEU A 185 9.26 -36.23 -14.54
N PHE A 186 8.22 -35.77 -15.26
CA PHE A 186 8.37 -34.57 -16.09
C PHE A 186 8.56 -33.30 -15.23
N SER A 187 7.94 -33.26 -14.04
CA SER A 187 8.14 -32.16 -13.11
C SER A 187 9.62 -32.07 -12.71
N GLY A 188 10.19 -33.25 -12.40
CA GLY A 188 11.60 -33.34 -12.04
C GLY A 188 12.52 -32.90 -13.17
N PHE A 189 12.27 -33.41 -14.38
CA PHE A 189 13.02 -33.00 -15.55
C PHE A 189 13.01 -31.49 -15.68
N THR A 190 11.82 -30.92 -15.59
CA THR A 190 11.66 -29.49 -15.81
C THR A 190 12.50 -28.67 -14.81
N HIS A 191 12.40 -29.00 -13.53
CA HIS A 191 13.13 -28.26 -12.53
C HIS A 191 14.66 -28.45 -12.71
N ALA A 192 15.11 -29.71 -12.92
CA ALA A 192 16.51 -30.00 -13.08
C ALA A 192 17.12 -29.22 -14.25
N VAL A 193 16.42 -29.26 -15.39
CA VAL A 193 16.94 -28.63 -16.58
C VAL A 193 16.89 -27.11 -16.47
N ALA A 194 15.86 -26.55 -15.81
CA ALA A 194 15.83 -25.12 -15.56
C ALA A 194 17.04 -24.68 -14.75
N LEU A 195 17.38 -25.46 -13.72
CA LEU A 195 18.52 -25.10 -12.88
C LEU A 195 19.81 -25.05 -13.69
N VAL A 196 20.10 -26.08 -14.51
CA VAL A 196 21.35 -26.06 -15.24
C VAL A 196 21.32 -24.99 -16.35
N GLN A 197 20.15 -24.81 -16.99
CA GLN A 197 20.04 -23.79 -18.03
C GLN A 197 20.23 -22.40 -17.46
N SER A 198 19.86 -22.18 -16.20
CA SER A 198 20.02 -20.88 -15.56
C SER A 198 21.50 -20.49 -15.43
N ALA A 199 22.41 -21.47 -15.49
CA ALA A 199 23.84 -21.21 -15.46
C ALA A 199 24.48 -21.44 -16.83
N ASN A 200 23.66 -21.45 -17.89
CA ASN A 200 24.12 -21.61 -19.26
C ASN A 200 24.78 -22.95 -19.52
N ILE A 201 24.34 -24.00 -18.83
CA ILE A 201 24.81 -25.35 -19.11
C ILE A 201 23.86 -25.97 -20.12
N PRO A 202 24.35 -26.46 -21.28
CA PRO A 202 23.47 -27.11 -22.26
C PRO A 202 22.70 -28.28 -21.67
N ALA A 203 21.41 -28.36 -22.01
CA ALA A 203 20.55 -29.35 -21.41
C ALA A 203 20.91 -30.74 -21.92
N ALA A 204 21.26 -30.89 -23.22
CA ALA A 204 21.35 -32.21 -23.78
C ALA A 204 22.44 -33.06 -23.11
N GLY A 205 23.63 -32.52 -22.93
CA GLY A 205 24.73 -33.24 -22.29
C GLY A 205 24.42 -33.65 -20.86
N PHE A 206 23.87 -32.71 -20.10
CA PHE A 206 23.46 -32.93 -18.73
C PHE A 206 22.42 -34.04 -18.66
N VAL A 207 21.39 -33.98 -19.51
CA VAL A 207 20.34 -34.96 -19.45
C VAL A 207 20.85 -36.35 -19.85
N ALA A 208 21.59 -36.42 -20.95
CA ALA A 208 22.02 -37.71 -21.48
C ALA A 208 23.01 -38.39 -20.54
N THR A 209 23.96 -37.64 -19.96
CA THR A 209 25.08 -38.27 -19.26
C THR A 209 24.93 -38.22 -17.74
N GLN A 210 24.05 -37.36 -17.20
CA GLN A 210 23.92 -37.28 -15.74
C GLN A 210 22.48 -37.57 -15.31
N LEU A 211 21.50 -36.83 -15.82
CA LEU A 211 20.14 -36.95 -15.29
C LEU A 211 19.55 -38.30 -15.61
N ILE A 212 19.64 -38.78 -16.85
CA ILE A 212 19.03 -40.06 -17.18
C ILE A 212 19.66 -41.20 -16.40
N PRO A 213 21.00 -41.34 -16.34
CA PRO A 213 21.57 -42.39 -15.50
C PRO A 213 21.17 -42.32 -14.03
N TRP A 214 21.11 -41.12 -13.47
CA TRP A 214 20.69 -40.93 -12.09
C TRP A 214 19.23 -41.35 -11.91
N LEU A 215 18.33 -40.89 -12.78
CA LEU A 215 16.93 -41.25 -12.67
C LEU A 215 16.75 -42.75 -12.87
N THR A 216 17.54 -43.38 -13.75
CA THR A 216 17.48 -44.82 -13.93
C THR A 216 17.81 -45.55 -12.64
N ALA A 217 18.86 -45.13 -11.94
CA ALA A 217 19.22 -45.71 -10.65
C ALA A 217 18.14 -45.46 -9.59
N MET A 218 17.57 -44.26 -9.55
CA MET A 218 16.55 -43.95 -8.56
C MET A 218 15.24 -44.68 -8.89
N THR A 219 14.98 -44.98 -10.17
CA THR A 219 13.79 -45.71 -10.56
C THR A 219 13.81 -47.14 -10.01
N GLN A 220 14.98 -47.77 -10.03
CA GLN A 220 15.11 -49.12 -9.47
C GLN A 220 14.87 -49.10 -7.96
N HIS A 221 15.22 -48.00 -7.25
CA HIS A 221 15.00 -47.85 -5.81
C HIS A 221 13.49 -47.88 -5.47
N LEU A 222 12.62 -47.62 -6.45
CA LEU A 222 11.18 -47.59 -6.16
C LEU A 222 10.67 -48.95 -5.72
N ASN A 223 11.33 -50.07 -6.08
CA ASN A 223 10.87 -51.36 -5.63
C ASN A 223 10.96 -51.47 -4.10
N LEU A 224 12.05 -50.99 -3.51
CA LEU A 224 12.19 -51.01 -2.05
C LEU A 224 11.13 -50.13 -1.39
N LEU A 225 10.88 -48.93 -1.96
CA LEU A 225 9.82 -48.08 -1.42
C LEU A 225 8.47 -48.79 -1.46
N ALA A 226 8.19 -49.48 -2.56
CA ALA A 226 6.89 -50.13 -2.75
C ALA A 226 6.69 -51.20 -1.67
N THR A 227 7.74 -51.96 -1.37
CA THR A 227 7.67 -52.98 -0.33
C THR A 227 7.34 -52.33 1.02
N GLN A 228 7.97 -51.20 1.32
CA GLN A 228 7.71 -50.50 2.57
C GLN A 228 6.27 -50.00 2.63
N VAL A 229 5.73 -49.52 1.49
CA VAL A 229 4.35 -49.10 1.47
C VAL A 229 3.44 -50.27 1.83
N ASP A 230 3.70 -51.45 1.23
CA ASP A 230 2.84 -52.61 1.43
C ASP A 230 2.91 -53.11 2.88
N GLU A 231 4.11 -53.05 3.48
CA GLU A 231 4.30 -53.53 4.84
C GLU A 231 3.87 -52.48 5.88
N LYS A 232 3.58 -51.25 5.43
CA LYS A 232 3.26 -50.14 6.31
C LYS A 232 4.38 -50.00 7.33
N ASP A 233 5.62 -50.15 6.84
CA ASP A 233 6.81 -50.08 7.66
C ASP A 233 7.80 -49.16 6.93
N TYR A 234 7.85 -47.90 7.38
CA TYR A 234 8.51 -46.88 6.59
C TYR A 234 9.97 -46.72 6.96
N GLY A 235 10.57 -47.68 7.68
CA GLY A 235 12.00 -47.68 7.93
C GLY A 235 12.32 -46.81 9.15
N ASP A 236 13.54 -47.00 9.70
CA ASP A 236 14.11 -46.08 10.66
C ASP A 236 15.55 -45.76 10.24
N GLY A 237 15.91 -44.47 10.22
CA GLY A 237 17.21 -44.05 9.69
C GLY A 237 17.39 -44.39 8.21
N GLY A 238 18.63 -44.33 7.73
CA GLY A 238 18.94 -44.53 6.32
C GLY A 238 18.75 -43.24 5.49
N SER A 239 17.94 -43.37 4.43
CA SER A 239 17.56 -42.23 3.60
C SER A 239 16.27 -41.66 4.18
N SER A 240 16.35 -41.17 5.42
CA SER A 240 15.22 -40.73 6.22
C SER A 240 14.64 -39.43 5.67
N LEU A 241 13.44 -39.09 6.11
CA LEU A 241 12.84 -37.79 5.83
C LEU A 241 13.66 -36.67 6.49
N ASP A 242 14.22 -36.93 7.68
CA ASP A 242 15.14 -35.96 8.29
C ASP A 242 16.28 -35.62 7.34
N MET A 243 16.85 -36.60 6.64
CA MET A 243 17.93 -36.36 5.69
C MET A 243 17.42 -35.58 4.46
N GLN A 244 16.25 -35.93 3.93
CA GLN A 244 15.70 -35.21 2.78
C GLN A 244 15.43 -33.74 3.14
N ALA A 245 15.00 -33.50 4.37
CA ALA A 245 14.66 -32.16 4.83
C ALA A 245 15.91 -31.29 4.97
N LYS A 246 17.11 -31.89 4.91
CA LYS A 246 18.36 -31.14 4.91
C LYS A 246 18.78 -30.73 3.50
N ALA A 247 18.44 -31.52 2.47
CA ALA A 247 18.71 -31.14 1.09
C ALA A 247 17.76 -30.03 0.63
N ALA A 248 16.50 -30.05 1.11
CA ALA A 248 15.47 -29.18 0.58
C ALA A 248 15.89 -27.73 0.66
N PRO A 249 16.34 -27.16 1.79
CA PRO A 249 16.70 -25.75 1.81
C PRO A 249 17.80 -25.36 0.83
N ASN A 250 18.75 -26.29 0.55
CA ASN A 250 19.78 -26.02 -0.43
C ASN A 250 19.15 -25.88 -1.83
N ILE A 251 18.21 -26.79 -2.17
CA ILE A 251 17.55 -26.72 -3.46
C ILE A 251 16.76 -25.43 -3.58
N LEU A 252 16.03 -25.07 -2.52
CA LEU A 252 15.19 -23.86 -2.56
C LEU A 252 16.06 -22.63 -2.69
N GLU A 253 17.15 -22.53 -1.90
CA GLU A 253 18.00 -21.34 -1.90
C GLU A 253 18.73 -21.21 -3.24
N ALA A 254 19.26 -22.33 -3.78
CA ALA A 254 19.96 -22.28 -5.06
C ALA A 254 18.99 -21.89 -6.17
N SER A 255 17.75 -22.40 -6.12
CA SER A 255 16.76 -22.09 -7.14
C SER A 255 16.44 -20.60 -7.11
N GLN A 256 16.21 -20.06 -5.91
CA GLN A 256 15.96 -18.63 -5.74
C GLN A 256 17.11 -17.79 -6.29
N ALA A 257 18.35 -18.17 -6.00
CA ALA A 257 19.50 -17.41 -6.45
C ALA A 257 19.61 -17.44 -7.97
N GLN A 258 19.17 -18.53 -8.62
CA GLN A 258 19.27 -18.69 -10.06
C GLN A 258 18.03 -18.16 -10.77
N GLY A 259 17.03 -17.66 -10.03
CA GLY A 259 15.80 -17.13 -10.62
C GLY A 259 14.85 -18.24 -11.12
N VAL A 260 14.93 -19.44 -10.55
CA VAL A 260 14.09 -20.56 -10.95
C VAL A 260 12.98 -20.72 -9.92
N SER A 261 11.72 -20.67 -10.38
CA SER A 261 10.57 -20.92 -9.53
C SER A 261 10.62 -22.34 -8.95
N VAL A 262 10.19 -22.49 -7.69
CA VAL A 262 10.18 -23.80 -7.05
C VAL A 262 8.78 -24.41 -7.03
N GLU A 263 7.85 -23.91 -7.85
CA GLU A 263 6.46 -24.35 -7.77
C GLU A 263 6.31 -25.86 -8.01
N LEU A 264 7.19 -26.50 -8.80
CA LEU A 264 6.99 -27.90 -9.13
C LEU A 264 7.47 -28.85 -8.04
N ILE A 265 8.38 -28.41 -7.17
CA ILE A 265 8.99 -29.30 -6.16
C ILE A 265 8.54 -28.94 -4.74
N GLN A 266 8.07 -27.72 -4.52
CA GLN A 266 7.61 -27.28 -3.23
C GLN A 266 6.62 -28.26 -2.61
N PRO A 267 5.62 -28.83 -3.31
CA PRO A 267 4.64 -29.70 -2.65
C PRO A 267 5.24 -30.92 -1.94
N ILE A 268 6.22 -31.61 -2.55
CA ILE A 268 6.78 -32.77 -1.85
C ILE A 268 7.60 -32.29 -0.65
N PHE A 269 8.27 -31.14 -0.76
CA PHE A 269 9.02 -30.60 0.37
C PHE A 269 8.09 -30.28 1.53
N LYS A 270 6.90 -29.75 1.25
CA LYS A 270 5.93 -29.45 2.30
C LYS A 270 5.41 -30.71 2.95
N LEU A 271 5.21 -31.77 2.18
CA LEU A 271 4.76 -33.04 2.74
C LEU A 271 5.84 -33.64 3.64
N ILE A 272 7.10 -33.60 3.18
CA ILE A 272 8.22 -34.11 3.96
C ILE A 272 8.30 -33.37 5.30
N GLU A 273 8.23 -32.04 5.24
CA GLU A 273 8.29 -31.21 6.43
C GLU A 273 7.15 -31.53 7.38
N ARG A 274 5.92 -31.75 6.87
CA ARG A 274 4.79 -32.09 7.74
C ARG A 274 5.07 -33.37 8.51
N ARG A 275 5.64 -34.38 7.84
CA ARG A 275 5.89 -35.66 8.49
C ARG A 275 6.97 -35.52 9.55
N VAL A 276 8.01 -34.74 9.27
CA VAL A 276 9.04 -34.46 10.26
C VAL A 276 8.43 -33.81 11.49
N GLU A 277 7.54 -32.83 11.27
CA GLU A 277 6.98 -32.07 12.38
C GLU A 277 5.99 -32.89 13.20
N GLU A 278 5.50 -34.01 12.65
CA GLU A 278 4.64 -34.94 13.37
C GLU A 278 5.48 -35.92 14.20
N GLY A 279 6.80 -35.78 14.18
CA GLY A 279 7.68 -36.64 14.97
C GLY A 279 8.10 -37.93 14.24
N LYS A 280 7.91 -37.97 12.91
CA LYS A 280 8.15 -39.17 12.14
C LYS A 280 9.28 -38.97 11.13
N GLY A 281 10.25 -38.11 11.45
CA GLY A 281 11.39 -37.79 10.62
C GLY A 281 12.32 -38.98 10.38
N SER A 282 12.26 -39.99 11.24
CA SER A 282 13.13 -41.15 11.09
C SER A 282 12.58 -42.12 10.03
N GLU A 283 11.32 -41.96 9.65
CA GLU A 283 10.72 -42.75 8.58
C GLU A 283 11.24 -42.27 7.23
N GLY A 284 11.03 -43.06 6.18
CA GLY A 284 11.51 -42.76 4.84
C GLY A 284 10.37 -42.31 3.92
N LEU A 285 10.68 -42.17 2.63
CA LEU A 285 9.76 -41.58 1.65
C LEU A 285 8.50 -42.41 1.45
N ALA A 286 8.52 -43.71 1.80
CA ALA A 286 7.32 -44.53 1.66
C ALA A 286 6.17 -44.00 2.51
N ALA A 287 6.47 -43.25 3.59
CA ALA A 287 5.43 -42.69 4.43
C ALA A 287 4.54 -41.67 3.70
N LEU A 288 5.03 -41.07 2.61
CA LEU A 288 4.28 -40.01 1.96
C LEU A 288 3.00 -40.52 1.28
N VAL A 289 2.96 -41.79 0.84
CA VAL A 289 1.79 -42.32 0.15
C VAL A 289 0.54 -42.19 1.01
N GLY A 290 0.63 -42.66 2.27
CA GLY A 290 -0.52 -42.59 3.16
C GLY A 290 -0.95 -41.16 3.48
N MET A 291 -0.03 -40.20 3.42
CA MET A 291 -0.34 -38.82 3.71
C MET A 291 -1.28 -38.20 2.68
N ILE A 292 -1.21 -38.62 1.40
CA ILE A 292 -2.09 -38.01 0.41
C ILE A 292 -3.36 -38.82 0.23
N MET A 293 -3.46 -39.97 0.90
CA MET A 293 -4.68 -40.78 0.88
C MET A 293 -5.66 -40.27 1.93
N LYS A 294 -6.95 -40.53 1.75
CA LYS A 294 -7.96 -40.13 2.74
C LYS A 294 -9.34 -40.22 2.08
N MET B 7 50.96 -48.55 5.06
CA MET B 7 50.21 -47.84 3.98
C MET B 7 51.22 -47.14 3.07
N ALA B 8 51.27 -47.55 1.80
CA ALA B 8 52.34 -47.18 0.90
C ALA B 8 51.93 -46.13 -0.13
N ASN B 9 50.64 -45.79 -0.19
CA ASN B 9 50.19 -44.87 -1.23
C ASN B 9 50.03 -43.44 -0.64
N SER B 10 49.84 -42.49 -1.56
CA SER B 10 49.95 -41.06 -1.28
C SER B 10 49.01 -40.67 -0.14
N PRO B 11 49.46 -39.80 0.79
CA PRO B 11 48.68 -39.49 1.99
C PRO B 11 47.41 -38.68 1.70
N VAL B 12 46.38 -38.94 2.50
CA VAL B 12 45.13 -38.19 2.44
C VAL B 12 44.72 -37.94 3.89
N SER B 13 44.12 -36.75 4.14
CA SER B 13 43.48 -36.48 5.40
C SER B 13 41.98 -36.29 5.18
N VAL B 14 41.19 -36.83 6.09
CA VAL B 14 39.74 -36.71 6.06
C VAL B 14 39.28 -36.00 7.32
N PHE B 15 38.56 -34.88 7.13
CA PHE B 15 37.97 -34.10 8.20
C PHE B 15 36.46 -34.30 8.18
N GLY B 16 35.93 -34.91 9.23
CA GLY B 16 34.53 -35.27 9.34
C GLY B 16 34.36 -36.78 9.17
N LEU B 17 33.98 -37.46 10.26
CA LEU B 17 33.89 -38.91 10.28
C LEU B 17 32.46 -39.32 10.66
N GLY B 18 31.49 -38.62 10.08
CA GLY B 18 30.14 -39.12 10.02
C GLY B 18 30.03 -40.31 9.08
N ALA B 19 28.79 -40.65 8.71
CA ALA B 19 28.57 -41.82 7.88
C ALA B 19 29.38 -41.73 6.58
N MET B 20 29.36 -40.57 5.94
CA MET B 20 30.03 -40.44 4.65
C MET B 20 31.54 -40.33 4.84
N GLY B 21 32.03 -39.47 5.74
CA GLY B 21 33.47 -39.35 5.95
C GLY B 21 34.12 -40.67 6.35
N THR B 22 33.41 -41.46 7.18
CA THR B 22 33.91 -42.77 7.56
C THR B 22 34.08 -43.66 6.33
N ALA B 23 33.08 -43.63 5.43
CA ALA B 23 33.13 -44.41 4.21
C ALA B 23 34.30 -43.97 3.33
N LEU B 24 34.53 -42.64 3.22
CA LEU B 24 35.63 -42.15 2.40
C LEU B 24 36.96 -42.65 3.00
N ALA B 25 37.16 -42.47 4.30
CA ALA B 25 38.42 -42.83 4.93
C ALA B 25 38.67 -44.34 4.78
N THR B 26 37.61 -45.12 4.93
CA THR B 26 37.69 -46.57 4.82
C THR B 26 38.20 -46.97 3.43
N GLN B 27 37.64 -46.33 2.40
CA GLN B 27 38.03 -46.64 1.03
C GLN B 27 39.49 -46.25 0.74
N PHE B 28 39.94 -45.08 1.25
CA PHE B 28 41.33 -44.71 1.08
C PHE B 28 42.25 -45.73 1.73
N LEU B 29 41.90 -46.20 2.93
CA LEU B 29 42.71 -47.19 3.63
C LEU B 29 42.74 -48.51 2.88
N ARG B 30 41.58 -48.94 2.36
CA ARG B 30 41.50 -50.18 1.62
C ARG B 30 42.38 -50.14 0.37
N LYS B 31 42.58 -48.96 -0.22
CA LYS B 31 43.42 -48.82 -1.41
C LYS B 31 44.86 -48.45 -1.06
N GLY B 32 45.23 -48.52 0.22
CA GLY B 32 46.61 -48.44 0.65
C GLY B 32 47.14 -47.03 0.92
N HIS B 33 46.24 -46.02 0.95
CA HIS B 33 46.67 -44.64 1.21
C HIS B 33 46.93 -44.46 2.69
N LYS B 34 48.00 -43.71 3.00
CA LYS B 34 48.24 -43.28 4.36
C LYS B 34 47.14 -42.29 4.72
N THR B 35 46.26 -42.65 5.64
CA THR B 35 45.02 -41.90 5.85
C THR B 35 45.00 -41.34 7.25
N THR B 36 45.01 -40.01 7.35
CA THR B 36 44.91 -39.33 8.63
C THR B 36 43.46 -38.85 8.80
N VAL B 37 42.92 -39.01 9.98
CA VAL B 37 41.52 -38.65 10.20
C VAL B 37 41.39 -37.68 11.37
N TRP B 38 40.38 -36.83 11.25
CA TRP B 38 40.04 -35.87 12.28
C TRP B 38 38.53 -35.75 12.34
N ASN B 39 38.00 -35.63 13.56
CA ASN B 39 36.58 -35.37 13.75
C ASN B 39 36.39 -34.49 14.97
N ARG B 40 35.41 -33.60 14.93
CA ARG B 40 35.12 -32.75 16.07
C ARG B 40 34.93 -33.59 17.34
N THR B 41 34.17 -34.68 17.25
CA THR B 41 34.04 -35.66 18.33
C THR B 41 35.07 -36.80 18.13
N PRO B 42 36.18 -36.82 18.88
CA PRO B 42 37.31 -37.67 18.51
C PRO B 42 37.09 -39.18 18.55
N ALA B 43 36.13 -39.65 19.36
CA ALA B 43 35.84 -41.06 19.49
C ALA B 43 35.51 -41.71 18.15
N LYS B 44 34.95 -40.96 17.18
CA LYS B 44 34.54 -41.53 15.91
C LYS B 44 35.74 -42.04 15.10
N ALA B 45 36.96 -41.62 15.47
CA ALA B 45 38.14 -42.07 14.76
C ALA B 45 38.50 -43.53 15.12
N GLN B 46 38.03 -44.03 16.26
CA GLN B 46 38.59 -45.26 16.81
C GLN B 46 38.42 -46.44 15.86
N PRO B 47 37.25 -46.67 15.23
CA PRO B 47 37.12 -47.78 14.29
C PRO B 47 38.09 -47.71 13.11
N LEU B 48 38.47 -46.49 12.70
CA LEU B 48 39.38 -46.32 11.57
C LEU B 48 40.82 -46.56 12.03
N ILE B 49 41.16 -46.16 13.27
CA ILE B 49 42.48 -46.45 13.83
C ILE B 49 42.71 -47.96 13.79
N ALA B 50 41.65 -48.72 14.10
CA ALA B 50 41.74 -50.16 14.17
C ALA B 50 42.09 -50.79 12.82
N ILE B 51 41.85 -50.09 11.69
CA ILE B 51 42.21 -50.63 10.38
C ILE B 51 43.27 -49.77 9.69
N GLY B 52 44.03 -48.99 10.47
CA GLY B 52 45.29 -48.42 9.98
C GLY B 52 45.28 -46.89 9.82
N ALA B 53 44.18 -46.22 10.18
CA ALA B 53 44.17 -44.75 10.10
C ALA B 53 45.07 -44.18 11.19
N SER B 54 45.64 -43.02 10.89
CA SER B 54 46.31 -42.20 11.89
C SER B 54 45.34 -41.16 12.43
N HIS B 55 45.16 -41.07 13.74
CA HIS B 55 44.23 -40.13 14.33
C HIS B 55 44.93 -38.81 14.68
N ALA B 56 44.55 -37.74 14.00
CA ALA B 56 45.16 -36.45 14.28
C ALA B 56 44.57 -35.85 15.54
N PRO B 57 45.39 -35.39 16.50
CA PRO B 57 44.82 -34.76 17.70
C PRO B 57 44.24 -33.36 17.49
N THR B 58 44.60 -32.69 16.39
CA THR B 58 44.14 -31.34 16.11
C THR B 58 43.92 -31.17 14.61
N ILE B 59 43.17 -30.13 14.25
CA ILE B 59 42.96 -29.76 12.86
C ILE B 59 44.31 -29.49 12.21
N ASP B 60 45.14 -28.74 12.93
CA ASP B 60 46.44 -28.36 12.40
C ASP B 60 47.26 -29.60 12.05
N SER B 61 47.29 -30.61 12.92
CA SER B 61 48.11 -31.79 12.63
C SER B 61 47.52 -32.65 11.51
N ALA B 62 46.19 -32.67 11.35
CA ALA B 62 45.57 -33.37 10.22
C ALA B 62 45.95 -32.70 8.91
N ALA B 63 45.97 -31.35 8.90
CA ALA B 63 46.33 -30.61 7.70
C ALA B 63 47.80 -30.85 7.35
N ALA B 64 48.66 -30.94 8.36
CA ALA B 64 50.10 -31.12 8.14
C ALA B 64 50.43 -32.49 7.55
N ALA B 65 49.60 -33.50 7.80
CA ALA B 65 49.92 -34.88 7.48
C ALA B 65 49.83 -35.22 5.99
N SER B 66 49.11 -34.40 5.20
CA SER B 66 48.84 -34.73 3.81
C SER B 66 48.85 -33.45 2.99
N SER B 67 48.93 -33.55 1.67
CA SER B 67 48.71 -32.46 0.75
C SER B 67 47.25 -32.39 0.31
N LEU B 68 46.56 -33.53 0.29
CA LEU B 68 45.17 -33.63 -0.14
C LEU B 68 44.28 -33.77 1.09
N LEU B 69 43.43 -32.77 1.31
CA LEU B 69 42.63 -32.62 2.51
C LEU B 69 41.16 -32.66 2.10
N ILE B 70 40.48 -33.73 2.51
CA ILE B 70 39.07 -33.93 2.16
C ILE B 70 38.21 -33.51 3.35
N ILE B 71 37.24 -32.63 3.11
CA ILE B 71 36.36 -32.18 4.16
C ILE B 71 34.93 -32.67 3.86
N CYS B 72 34.39 -33.44 4.80
CA CYS B 72 33.08 -34.04 4.62
C CYS B 72 32.31 -33.89 5.93
N GLN B 73 31.78 -32.67 6.16
CA GLN B 73 31.13 -32.35 7.42
C GLN B 73 29.64 -32.14 7.14
N LEU B 74 28.99 -31.26 7.90
CA LEU B 74 27.55 -31.17 7.84
C LEU B 74 27.13 -30.12 6.81
N ASP B 75 27.65 -28.90 6.97
CA ASP B 75 27.25 -27.79 6.13
C ASP B 75 28.41 -26.82 5.98
N LYS B 76 28.20 -25.79 5.18
CA LYS B 76 29.26 -24.83 4.88
C LYS B 76 29.70 -24.13 6.17
N ALA B 77 28.76 -23.81 7.07
CA ALA B 77 29.16 -23.22 8.34
C ALA B 77 30.17 -24.09 9.08
N SER B 78 29.96 -25.40 9.09
CA SER B 78 30.87 -26.31 9.78
C SER B 78 32.22 -26.35 9.10
N VAL B 79 32.25 -26.30 7.76
CA VAL B 79 33.50 -26.27 7.03
C VAL B 79 34.30 -25.02 7.40
N MET B 80 33.61 -23.85 7.41
CA MET B 80 34.26 -22.62 7.79
C MET B 80 34.76 -22.67 9.23
N GLN B 81 34.03 -23.32 10.11
CA GLN B 81 34.45 -23.41 11.50
C GLN B 81 35.75 -24.20 11.59
N THR B 82 35.85 -25.28 10.83
CA THR B 82 37.08 -26.09 10.78
C THR B 82 38.23 -25.27 10.21
N LEU B 83 38.01 -24.56 9.09
CA LEU B 83 39.07 -23.82 8.45
C LEU B 83 39.60 -22.72 9.40
N GLN B 84 38.67 -22.00 10.04
CA GLN B 84 39.01 -20.82 10.83
C GLN B 84 39.74 -21.22 12.12
N GLN B 85 39.64 -22.50 12.54
CA GLN B 85 40.31 -22.95 13.75
C GLN B 85 41.83 -22.96 13.59
N ALA B 86 42.33 -23.09 12.37
CA ALA B 86 43.77 -23.20 12.13
C ALA B 86 44.10 -22.48 10.83
N PRO B 87 43.99 -21.13 10.83
CA PRO B 87 44.02 -20.38 9.58
C PRO B 87 45.33 -20.47 8.80
N THR B 88 46.44 -20.82 9.46
CA THR B 88 47.72 -20.93 8.77
C THR B 88 48.00 -22.36 8.27
N ALA B 89 47.12 -23.32 8.57
CA ALA B 89 47.41 -24.74 8.31
C ALA B 89 47.19 -25.13 6.86
N TRP B 90 46.50 -24.29 6.07
CA TRP B 90 45.99 -24.67 4.76
C TRP B 90 46.92 -24.30 3.61
N ALA B 91 48.00 -23.54 3.92
CA ALA B 91 48.88 -23.04 2.87
C ALA B 91 49.53 -24.22 2.14
N ALA B 92 49.51 -24.13 0.81
CA ALA B 92 50.11 -25.10 -0.10
C ALA B 92 49.38 -26.45 -0.09
N LYS B 93 48.14 -26.48 0.44
CA LYS B 93 47.33 -27.69 0.47
C LYS B 93 46.26 -27.63 -0.62
N THR B 94 45.77 -28.79 -1.04
CA THR B 94 44.59 -28.89 -1.89
C THR B 94 43.43 -29.37 -1.05
N ILE B 95 42.45 -28.51 -0.88
CA ILE B 95 41.24 -28.84 -0.15
C ILE B 95 40.20 -29.36 -1.14
N VAL B 96 39.64 -30.54 -0.87
CA VAL B 96 38.53 -31.07 -1.64
C VAL B 96 37.35 -31.15 -0.68
N ASP B 97 36.39 -30.25 -0.90
CA ASP B 97 35.25 -30.09 -0.02
C ASP B 97 34.07 -30.85 -0.60
N LEU B 98 33.67 -31.93 0.07
CA LEU B 98 32.57 -32.76 -0.35
C LEU B 98 31.32 -32.51 0.52
N THR B 99 31.27 -31.35 1.18
CA THR B 99 30.17 -31.01 2.06
C THR B 99 29.06 -30.35 1.23
N ASN B 100 27.83 -30.87 1.35
CA ASN B 100 26.73 -30.41 0.51
C ASN B 100 26.40 -28.96 0.85
N GLY B 101 26.02 -28.22 -0.19
CA GLY B 101 25.56 -26.85 0.01
C GLY B 101 25.10 -26.25 -1.32
N THR B 102 24.93 -24.93 -1.29
CA THR B 102 24.58 -24.21 -2.50
C THR B 102 25.83 -23.86 -3.29
N PRO B 103 25.65 -23.46 -4.57
CA PRO B 103 26.76 -22.90 -5.34
C PRO B 103 27.41 -21.73 -4.62
N ALA B 104 26.62 -20.83 -4.04
CA ALA B 104 27.19 -19.72 -3.31
C ALA B 104 28.09 -20.20 -2.16
N HIS B 105 27.66 -21.23 -1.43
CA HIS B 105 28.46 -21.75 -0.34
C HIS B 105 29.85 -22.18 -0.84
N ALA B 106 29.89 -22.86 -1.99
CA ALA B 106 31.15 -23.34 -2.51
C ALA B 106 32.05 -22.16 -2.89
N ARG B 107 31.45 -21.12 -3.52
CA ARG B 107 32.22 -19.98 -3.95
C ARG B 107 32.81 -19.23 -2.75
N GLU B 108 31.99 -19.09 -1.69
CA GLU B 108 32.43 -18.40 -0.48
C GLU B 108 33.57 -19.14 0.19
N THR B 109 33.45 -20.47 0.27
CA THR B 109 34.49 -21.27 0.93
C THR B 109 35.79 -21.19 0.11
N ALA B 110 35.67 -21.30 -1.22
CA ALA B 110 36.82 -21.19 -2.10
C ALA B 110 37.56 -19.86 -1.90
N ASP B 111 36.79 -18.77 -1.79
CA ASP B 111 37.40 -17.45 -1.62
C ASP B 111 38.25 -17.41 -0.35
N TRP B 112 37.72 -17.98 0.74
CA TRP B 112 38.48 -18.04 1.98
C TRP B 112 39.75 -18.88 1.81
N ALA B 113 39.59 -20.06 1.20
CA ALA B 113 40.72 -20.97 1.01
C ALA B 113 41.83 -20.30 0.20
N LEU B 114 41.47 -19.65 -0.90
CA LEU B 114 42.42 -18.99 -1.78
C LEU B 114 43.16 -17.89 -1.03
N ALA B 115 42.46 -17.15 -0.17
CA ALA B 115 43.06 -16.07 0.59
C ALA B 115 44.02 -16.60 1.68
N HIS B 116 43.96 -17.91 1.99
CA HIS B 116 44.81 -18.51 3.00
C HIS B 116 45.80 -19.48 2.36
N GLY B 117 46.06 -19.31 1.06
CA GLY B 117 47.15 -20.00 0.39
C GLY B 117 46.85 -21.44 -0.04
N ALA B 118 45.56 -21.81 -0.02
CA ALA B 118 45.15 -23.17 -0.36
C ALA B 118 44.63 -23.17 -1.78
N ARG B 119 44.60 -24.34 -2.41
CA ARG B 119 43.83 -24.62 -3.60
C ARG B 119 42.53 -25.29 -3.15
N TYR B 120 41.47 -25.17 -3.97
CA TYR B 120 40.15 -25.64 -3.55
C TYR B 120 39.33 -26.19 -4.72
N ILE B 121 38.79 -27.39 -4.54
CA ILE B 121 37.84 -28.06 -5.42
C ILE B 121 36.62 -28.39 -4.60
N HIS B 122 35.43 -28.30 -5.22
CA HIS B 122 34.21 -28.74 -4.55
C HIS B 122 33.72 -30.01 -5.24
N GLY B 123 33.20 -30.94 -4.46
CA GLY B 123 32.64 -32.17 -5.02
C GLY B 123 31.25 -32.45 -4.47
N GLY B 124 30.42 -33.10 -5.28
CA GLY B 124 29.09 -33.51 -4.86
C GLY B 124 28.94 -35.01 -5.08
N ILE B 125 28.76 -35.71 -3.97
CA ILE B 125 28.67 -37.16 -3.99
C ILE B 125 27.23 -37.58 -4.28
N MET B 126 27.01 -38.22 -5.45
CA MET B 126 25.69 -38.68 -5.82
C MET B 126 25.57 -40.15 -5.49
N ALA B 127 25.64 -40.48 -4.20
CA ALA B 127 25.73 -41.86 -3.76
C ALA B 127 25.51 -41.86 -2.26
N VAL B 128 25.11 -43.03 -1.73
CA VAL B 128 25.07 -43.19 -0.29
C VAL B 128 26.40 -43.80 0.16
N PRO B 129 26.73 -43.73 1.45
CA PRO B 129 28.04 -44.22 1.94
C PRO B 129 28.41 -45.64 1.53
N PHE B 130 27.45 -46.57 1.52
CA PHE B 130 27.69 -47.95 1.16
C PHE B 130 28.20 -48.08 -0.28
N MET B 131 27.86 -47.13 -1.17
CA MET B 131 28.20 -47.22 -2.58
C MET B 131 29.59 -46.63 -2.88
N ILE B 132 30.19 -45.88 -1.92
CA ILE B 132 31.50 -45.31 -2.13
C ILE B 132 32.46 -46.46 -2.47
N GLY B 133 33.27 -46.25 -3.52
CA GLY B 133 34.22 -47.25 -3.97
C GLY B 133 33.67 -48.10 -5.12
N GLN B 134 32.38 -47.94 -5.46
CA GLN B 134 31.82 -48.62 -6.62
C GLN B 134 31.85 -47.71 -7.84
N PRO B 135 31.98 -48.28 -9.06
CA PRO B 135 31.92 -47.49 -10.29
C PRO B 135 30.60 -46.75 -10.52
N ASP B 136 29.50 -47.29 -10.00
CA ASP B 136 28.20 -46.66 -10.12
C ASP B 136 28.07 -45.41 -9.22
N ALA B 137 29.06 -45.14 -8.33
CA ALA B 137 28.99 -43.95 -7.50
C ALA B 137 29.50 -42.75 -8.29
N MET B 138 28.62 -41.81 -8.68
CA MET B 138 29.08 -40.65 -9.43
C MET B 138 29.44 -39.54 -8.45
N ILE B 139 30.63 -38.96 -8.61
CA ILE B 139 31.03 -37.80 -7.82
C ILE B 139 31.35 -36.67 -8.79
N LEU B 140 30.63 -35.56 -8.64
CA LEU B 140 30.78 -34.39 -9.47
C LEU B 140 31.86 -33.49 -8.84
N TYR B 141 32.69 -32.88 -9.67
CA TYR B 141 33.73 -31.99 -9.18
C TYR B 141 33.79 -30.72 -10.00
N SER B 142 34.13 -29.61 -9.36
CA SER B 142 34.30 -28.34 -10.04
C SER B 142 35.37 -27.52 -9.33
N GLY B 143 35.96 -26.60 -10.08
CA GLY B 143 37.08 -25.80 -9.63
C GLY B 143 38.21 -25.84 -10.65
N PRO B 144 39.34 -25.18 -10.37
CA PRO B 144 40.41 -25.05 -11.39
C PRO B 144 40.86 -26.40 -11.93
N ALA B 145 40.91 -26.49 -13.26
CA ALA B 145 41.17 -27.74 -13.94
C ALA B 145 42.52 -28.32 -13.54
N GLU B 146 43.53 -27.47 -13.38
CA GLU B 146 44.88 -27.95 -13.08
C GLU B 146 44.95 -28.52 -11.67
N VAL B 147 44.16 -27.96 -10.75
CA VAL B 147 44.10 -28.45 -9.38
C VAL B 147 43.45 -29.83 -9.39
N PHE B 148 42.34 -29.96 -10.11
CA PHE B 148 41.64 -31.22 -10.20
C PHE B 148 42.55 -32.30 -10.81
N GLU B 149 43.26 -31.93 -11.88
CA GLU B 149 44.18 -32.85 -12.56
C GLU B 149 45.19 -33.44 -11.59
N GLY B 150 45.65 -32.61 -10.65
CA GLY B 150 46.63 -33.04 -9.66
C GLY B 150 46.14 -34.09 -8.67
N VAL B 151 44.82 -34.19 -8.43
CA VAL B 151 44.32 -35.08 -7.39
C VAL B 151 43.30 -36.10 -7.93
N LYS B 152 42.96 -36.06 -9.21
CA LYS B 152 41.85 -36.87 -9.70
C LYS B 152 42.16 -38.36 -9.62
N ASP B 153 43.44 -38.76 -9.77
CA ASP B 153 43.76 -40.18 -9.69
C ASP B 153 43.52 -40.71 -8.27
N THR B 154 43.91 -39.97 -7.23
CA THR B 154 43.63 -40.37 -5.87
C THR B 154 42.12 -40.39 -5.61
N LEU B 155 41.39 -39.35 -6.10
CA LEU B 155 39.96 -39.28 -5.84
C LEU B 155 39.19 -40.40 -6.53
N SER B 156 39.77 -40.98 -7.58
CA SER B 156 39.06 -41.98 -8.38
C SER B 156 38.82 -43.27 -7.59
N VAL B 157 39.47 -43.45 -6.44
CA VAL B 157 39.17 -44.56 -5.55
C VAL B 157 37.73 -44.51 -5.03
N LEU B 158 37.12 -43.31 -4.97
CA LEU B 158 35.84 -43.15 -4.30
C LEU B 158 34.68 -43.47 -5.24
N GLY B 159 34.89 -43.34 -6.55
CA GLY B 159 33.81 -43.48 -7.51
C GLY B 159 34.22 -42.93 -8.86
N THR B 160 33.23 -42.68 -9.71
CA THR B 160 33.52 -42.18 -11.03
C THR B 160 33.53 -40.66 -11.00
N ASN B 161 34.72 -40.11 -11.26
CA ASN B 161 34.94 -38.68 -11.27
C ASN B 161 34.23 -38.07 -12.45
N THR B 162 33.48 -37.01 -12.20
CA THR B 162 32.81 -36.28 -13.26
C THR B 162 33.11 -34.79 -13.06
N TYR B 163 34.09 -34.29 -13.82
CA TYR B 163 34.47 -32.90 -13.76
C TYR B 163 33.48 -32.07 -14.56
N VAL B 164 32.89 -31.03 -13.93
CA VAL B 164 31.83 -30.28 -14.60
C VAL B 164 32.22 -28.83 -14.84
N GLY B 165 33.46 -28.44 -14.58
CA GLY B 165 33.92 -27.13 -15.02
C GLY B 165 34.66 -26.32 -13.97
N GLU B 166 35.08 -25.14 -14.39
CA GLU B 166 36.00 -24.28 -13.64
C GLU B 166 35.29 -23.57 -12.49
N ASP B 167 34.09 -23.05 -12.70
CA ASP B 167 33.36 -22.32 -11.64
C ASP B 167 33.15 -23.30 -10.50
N VAL B 168 33.67 -22.92 -9.32
CA VAL B 168 33.72 -23.84 -8.19
C VAL B 168 32.33 -24.19 -7.69
N GLY B 169 31.31 -23.39 -8.01
CA GLY B 169 29.93 -23.68 -7.58
C GLY B 169 29.19 -24.68 -8.46
N LEU B 170 29.79 -25.13 -9.57
CA LEU B 170 29.06 -25.94 -10.54
C LEU B 170 28.76 -27.35 -10.05
N ALA B 171 29.64 -27.98 -9.26
CA ALA B 171 29.34 -29.33 -8.79
C ALA B 171 28.05 -29.30 -7.93
N SER B 172 27.94 -28.27 -7.10
CA SER B 172 26.78 -28.12 -6.23
C SER B 172 25.52 -27.87 -7.07
N LEU B 173 25.64 -27.06 -8.11
CA LEU B 173 24.49 -26.80 -8.99
C LEU B 173 24.03 -28.10 -9.67
N HIS B 174 24.95 -28.87 -10.23
CA HIS B 174 24.61 -30.14 -10.85
C HIS B 174 23.99 -31.09 -9.83
N ASP B 175 24.57 -31.16 -8.61
CA ASP B 175 24.07 -32.03 -7.56
C ASP B 175 22.60 -31.69 -7.24
N LEU B 176 22.33 -30.41 -6.99
CA LEU B 176 21.01 -29.98 -6.63
C LEU B 176 20.00 -30.14 -7.78
N ALA B 177 20.47 -30.00 -9.03
CA ALA B 177 19.65 -30.26 -10.19
C ALA B 177 19.24 -31.73 -10.22
N LEU B 178 20.20 -32.64 -10.02
CA LEU B 178 19.91 -34.07 -9.98
C LEU B 178 18.93 -34.40 -8.86
N LEU B 179 19.13 -33.83 -7.67
CA LEU B 179 18.19 -34.06 -6.57
C LEU B 179 16.78 -33.55 -6.92
N SER B 180 16.68 -32.41 -7.59
CA SER B 180 15.40 -31.87 -8.00
C SER B 180 14.70 -32.87 -8.93
N GLY B 181 15.46 -33.49 -9.84
CA GLY B 181 14.92 -34.50 -10.72
C GLY B 181 14.36 -35.68 -9.95
N MET B 182 15.12 -36.14 -8.95
CA MET B 182 14.72 -37.25 -8.09
C MET B 182 13.44 -36.91 -7.33
N TYR B 183 13.29 -35.68 -6.84
CA TYR B 183 12.10 -35.34 -6.06
C TYR B 183 10.85 -35.31 -6.95
N GLY B 184 11.01 -34.94 -8.22
CA GLY B 184 9.92 -35.07 -9.19
C GLY B 184 9.52 -36.52 -9.39
N LEU B 185 10.50 -37.39 -9.63
CA LEU B 185 10.27 -38.81 -9.75
C LEU B 185 9.54 -39.35 -8.51
N PHE B 186 9.97 -38.96 -7.32
CA PHE B 186 9.34 -39.44 -6.10
C PHE B 186 7.92 -38.88 -5.93
N SER B 187 7.65 -37.66 -6.43
CA SER B 187 6.31 -37.10 -6.43
C SER B 187 5.38 -38.00 -7.28
N GLY B 188 5.88 -38.40 -8.45
CA GLY B 188 5.14 -39.29 -9.33
C GLY B 188 4.89 -40.66 -8.72
N PHE B 189 5.91 -41.26 -8.13
CA PHE B 189 5.77 -42.52 -7.44
C PHE B 189 4.68 -42.41 -6.39
N THR B 190 4.73 -41.34 -5.58
CA THR B 190 3.82 -41.18 -4.46
C THR B 190 2.37 -41.11 -4.96
N HIS B 191 2.11 -40.29 -5.99
CA HIS B 191 0.75 -40.15 -6.47
C HIS B 191 0.26 -41.47 -7.11
N ALA B 192 1.10 -42.10 -7.95
CA ALA B 192 0.72 -43.33 -8.64
C ALA B 192 0.37 -44.43 -7.63
N VAL B 193 1.23 -44.58 -6.62
CA VAL B 193 1.06 -45.66 -5.67
C VAL B 193 -0.12 -45.36 -4.74
N ALA B 194 -0.36 -44.08 -4.39
CA ALA B 194 -1.55 -43.73 -3.62
C ALA B 194 -2.82 -44.13 -4.38
N LEU B 195 -2.83 -43.87 -5.69
CA LEU B 195 -4.01 -44.18 -6.49
C LEU B 195 -4.30 -45.68 -6.45
N VAL B 196 -3.28 -46.54 -6.65
CA VAL B 196 -3.58 -47.97 -6.69
C VAL B 196 -3.87 -48.47 -5.27
N GLN B 197 -3.18 -47.95 -4.25
CA GLN B 197 -3.43 -48.35 -2.88
C GLN B 197 -4.85 -47.96 -2.45
N SER B 198 -5.41 -46.88 -3.00
CA SER B 198 -6.76 -46.46 -2.69
C SER B 198 -7.79 -47.50 -3.13
N ALA B 199 -7.44 -48.39 -4.04
CA ALA B 199 -8.31 -49.47 -4.48
C ALA B 199 -7.80 -50.82 -3.98
N ASN B 200 -6.92 -50.82 -2.97
CA ASN B 200 -6.40 -52.04 -2.35
C ASN B 200 -5.58 -52.88 -3.31
N ILE B 201 -4.87 -52.24 -4.23
CA ILE B 201 -3.94 -52.92 -5.10
C ILE B 201 -2.56 -52.85 -4.45
N PRO B 202 -1.88 -53.98 -4.21
CA PRO B 202 -0.53 -53.96 -3.63
C PRO B 202 0.44 -53.13 -4.47
N ALA B 203 1.27 -52.35 -3.79
CA ALA B 203 2.19 -51.46 -4.48
C ALA B 203 3.28 -52.27 -5.20
N ALA B 204 3.79 -53.34 -4.60
CA ALA B 204 5.03 -53.94 -5.10
C ALA B 204 4.84 -54.49 -6.53
N GLY B 205 3.76 -55.24 -6.78
CA GLY B 205 3.52 -55.80 -8.11
C GLY B 205 3.34 -54.74 -9.18
N PHE B 206 2.53 -53.72 -8.81
CA PHE B 206 2.27 -52.58 -9.69
C PHE B 206 3.57 -51.87 -10.04
N VAL B 207 4.40 -51.58 -9.04
CA VAL B 207 5.62 -50.85 -9.27
C VAL B 207 6.60 -51.66 -10.13
N ALA B 208 6.79 -52.94 -9.80
CA ALA B 208 7.79 -53.75 -10.47
C ALA B 208 7.40 -54.01 -11.93
N THR B 209 6.12 -54.31 -12.19
CA THR B 209 5.71 -54.78 -13.51
C THR B 209 5.07 -53.71 -14.38
N GLN B 210 4.60 -52.59 -13.80
CA GLN B 210 3.94 -51.57 -14.62
C GLN B 210 4.65 -50.22 -14.49
N LEU B 211 4.82 -49.70 -13.26
CA LEU B 211 5.31 -48.34 -13.11
C LEU B 211 6.77 -48.24 -13.56
N ILE B 212 7.64 -49.15 -13.11
CA ILE B 212 9.05 -49.02 -13.48
C ILE B 212 9.24 -49.14 -15.00
N PRO B 213 8.65 -50.14 -15.69
CA PRO B 213 8.78 -50.19 -17.15
C PRO B 213 8.28 -48.94 -17.86
N TRP B 214 7.15 -48.40 -17.40
CA TRP B 214 6.60 -47.17 -17.97
C TRP B 214 7.55 -45.99 -17.77
N LEU B 215 8.03 -45.81 -16.53
CA LEU B 215 8.94 -44.71 -16.25
C LEU B 215 10.23 -44.86 -17.04
N THR B 216 10.72 -46.11 -17.23
CA THR B 216 11.90 -46.35 -18.02
C THR B 216 11.72 -45.85 -19.46
N ALA B 217 10.57 -46.17 -20.08
CA ALA B 217 10.27 -45.71 -21.43
C ALA B 217 10.17 -44.19 -21.48
N MET B 218 9.51 -43.58 -20.49
CA MET B 218 9.30 -42.14 -20.53
C MET B 218 10.63 -41.41 -20.25
N THR B 219 11.54 -42.05 -19.47
CA THR B 219 12.84 -41.45 -19.20
C THR B 219 13.66 -41.28 -20.48
N GLN B 220 13.57 -42.24 -21.40
CA GLN B 220 14.26 -42.12 -22.68
C GLN B 220 13.79 -40.93 -23.51
N HIS B 221 12.50 -40.54 -23.38
CA HIS B 221 11.95 -39.39 -24.08
C HIS B 221 12.64 -38.06 -23.68
N LEU B 222 13.30 -38.05 -22.51
CA LEU B 222 13.87 -36.83 -21.99
C LEU B 222 15.00 -36.28 -22.87
N ASN B 223 15.70 -37.17 -23.61
CA ASN B 223 16.79 -36.67 -24.45
C ASN B 223 16.26 -35.76 -25.56
N LEU B 224 15.14 -36.15 -26.17
CA LEU B 224 14.54 -35.31 -27.20
C LEU B 224 14.07 -33.98 -26.60
N LEU B 225 13.45 -33.99 -25.43
CA LEU B 225 13.05 -32.75 -24.77
C LEU B 225 14.25 -31.86 -24.52
N ALA B 226 15.38 -32.44 -24.08
CA ALA B 226 16.55 -31.65 -23.75
C ALA B 226 17.07 -30.91 -25.01
N THR B 227 17.09 -31.62 -26.13
CA THR B 227 17.49 -31.02 -27.41
C THR B 227 16.58 -29.84 -27.76
N GLN B 228 15.28 -30.02 -27.57
CA GLN B 228 14.32 -28.95 -27.83
C GLN B 228 14.56 -27.75 -26.94
N VAL B 229 14.88 -27.98 -25.65
CA VAL B 229 15.21 -26.90 -24.76
C VAL B 229 16.40 -26.11 -25.28
N ASP B 230 17.46 -26.82 -25.71
CA ASP B 230 18.68 -26.19 -26.18
C ASP B 230 18.43 -25.37 -27.46
N GLU B 231 17.60 -25.90 -28.35
CA GLU B 231 17.30 -25.22 -29.62
C GLU B 231 16.23 -24.15 -29.46
N LYS B 232 15.59 -24.07 -28.29
CA LYS B 232 14.47 -23.16 -28.05
C LYS B 232 13.42 -23.37 -29.14
N ASP B 233 13.17 -24.65 -29.45
CA ASP B 233 12.22 -25.04 -30.47
C ASP B 233 11.34 -26.14 -29.89
N TYR B 234 10.13 -25.76 -29.46
CA TYR B 234 9.34 -26.65 -28.61
C TYR B 234 8.39 -27.53 -29.41
N GLY B 235 8.53 -27.59 -30.73
CA GLY B 235 7.80 -28.56 -31.53
C GLY B 235 6.41 -28.06 -31.87
N ASP B 236 5.77 -28.74 -32.84
CA ASP B 236 4.41 -28.40 -33.24
C ASP B 236 3.62 -29.71 -33.37
N GLY B 237 2.44 -29.79 -32.76
CA GLY B 237 1.64 -31.01 -32.76
C GLY B 237 2.35 -32.19 -32.09
N GLY B 238 1.83 -33.41 -32.32
CA GLY B 238 2.37 -34.62 -31.70
C GLY B 238 1.86 -34.84 -30.28
N SER B 239 2.79 -34.98 -29.32
CA SER B 239 2.47 -34.97 -27.90
C SER B 239 2.51 -33.52 -27.42
N SER B 240 1.58 -32.73 -27.93
CA SER B 240 1.46 -31.30 -27.64
C SER B 240 0.95 -31.10 -26.22
N LEU B 241 1.08 -29.87 -25.72
CA LEU B 241 0.49 -29.47 -24.46
C LEU B 241 -1.04 -29.53 -24.53
N ASP B 242 -1.62 -29.20 -25.70
CA ASP B 242 -3.06 -29.38 -25.88
C ASP B 242 -3.48 -30.82 -25.57
N MET B 243 -2.70 -31.81 -26.03
CA MET B 243 -3.00 -33.20 -25.78
C MET B 243 -2.81 -33.56 -24.30
N GLN B 244 -1.73 -33.07 -23.65
CA GLN B 244 -1.51 -33.38 -22.24
C GLN B 244 -2.66 -32.83 -21.38
N ALA B 245 -3.18 -31.65 -21.78
CA ALA B 245 -4.23 -31.01 -21.03
C ALA B 245 -5.56 -31.79 -21.09
N LYS B 246 -5.65 -32.79 -21.99
CA LYS B 246 -6.81 -33.68 -22.05
C LYS B 246 -6.70 -34.86 -21.09
N ALA B 247 -5.49 -35.33 -20.75
CA ALA B 247 -5.35 -36.37 -19.73
C ALA B 247 -5.63 -35.84 -18.31
N ALA B 248 -5.23 -34.58 -18.08
CA ALA B 248 -5.23 -34.00 -16.75
C ALA B 248 -6.60 -34.12 -16.10
N PRO B 249 -7.74 -33.71 -16.68
CA PRO B 249 -9.00 -33.78 -15.95
C PRO B 249 -9.38 -35.20 -15.53
N ASN B 250 -9.00 -36.22 -16.37
CA ASN B 250 -9.26 -37.60 -15.95
C ASN B 250 -8.46 -37.96 -14.69
N ILE B 251 -7.17 -37.56 -14.65
CA ILE B 251 -6.34 -37.83 -13.48
C ILE B 251 -6.91 -37.12 -12.25
N LEU B 252 -7.30 -35.87 -12.40
CA LEU B 252 -7.82 -35.09 -11.28
C LEU B 252 -9.12 -35.68 -10.77
N GLU B 253 -10.04 -36.06 -11.68
CA GLU B 253 -11.35 -36.58 -11.29
C GLU B 253 -11.20 -37.95 -10.64
N ALA B 254 -10.35 -38.82 -11.20
CA ALA B 254 -10.15 -40.15 -10.63
C ALA B 254 -9.54 -40.02 -9.23
N SER B 255 -8.58 -39.08 -9.07
CA SER B 255 -7.93 -38.89 -7.78
C SER B 255 -8.95 -38.45 -6.73
N GLN B 256 -9.79 -37.46 -7.10
CA GLN B 256 -10.85 -36.97 -6.22
C GLN B 256 -11.79 -38.12 -5.81
N ALA B 257 -12.20 -38.95 -6.77
CA ALA B 257 -13.13 -40.03 -6.48
C ALA B 257 -12.50 -41.07 -5.55
N GLN B 258 -11.17 -41.25 -5.62
CA GLN B 258 -10.47 -42.22 -4.79
C GLN B 258 -10.01 -41.63 -3.46
N GLY B 259 -10.25 -40.34 -3.23
CA GLY B 259 -9.85 -39.68 -2.00
C GLY B 259 -8.36 -39.37 -1.93
N VAL B 260 -7.70 -39.25 -3.09
CA VAL B 260 -6.27 -38.99 -3.16
C VAL B 260 -6.07 -37.51 -3.49
N SER B 261 -5.33 -36.81 -2.62
CA SER B 261 -5.00 -35.41 -2.86
C SER B 261 -4.20 -35.25 -4.15
N VAL B 262 -4.43 -34.16 -4.89
CA VAL B 262 -3.70 -33.91 -6.13
C VAL B 262 -2.58 -32.88 -5.94
N GLU B 263 -2.19 -32.61 -4.70
CA GLU B 263 -1.22 -31.56 -4.42
C GLU B 263 0.13 -31.78 -5.12
N LEU B 264 0.54 -33.02 -5.38
CA LEU B 264 1.88 -33.25 -5.96
C LEU B 264 1.90 -33.06 -7.48
N ILE B 265 0.76 -33.16 -8.16
CA ILE B 265 0.73 -33.13 -9.63
C ILE B 265 0.03 -31.86 -10.15
N GLN B 266 -0.78 -31.22 -9.33
CA GLN B 266 -1.46 -30.00 -9.72
C GLN B 266 -0.50 -28.96 -10.28
N PRO B 267 0.71 -28.71 -9.73
CA PRO B 267 1.58 -27.67 -10.26
C PRO B 267 1.94 -27.81 -11.73
N ILE B 268 2.30 -29.02 -12.21
CA ILE B 268 2.66 -29.13 -13.61
C ILE B 268 1.40 -28.94 -14.48
N PHE B 269 0.25 -29.40 -14.01
CA PHE B 269 -0.99 -29.19 -14.75
C PHE B 269 -1.31 -27.69 -14.87
N LYS B 270 -1.07 -26.91 -13.82
CA LYS B 270 -1.29 -25.48 -13.88
C LYS B 270 -0.34 -24.80 -14.84
N LEU B 271 0.92 -25.27 -14.91
CA LEU B 271 1.88 -24.70 -15.82
C LEU B 271 1.47 -25.00 -17.27
N ILE B 272 1.05 -26.25 -17.53
CA ILE B 272 0.61 -26.66 -18.86
C ILE B 272 -0.57 -25.78 -19.30
N GLU B 273 -1.54 -25.62 -18.40
CA GLU B 273 -2.73 -24.82 -18.70
C GLU B 273 -2.34 -23.37 -18.99
N ARG B 274 -1.39 -22.79 -18.25
CA ARG B 274 -0.95 -21.42 -18.50
C ARG B 274 -0.40 -21.28 -19.93
N ARG B 275 0.39 -22.26 -20.37
CA ARG B 275 0.99 -22.18 -21.68
C ARG B 275 -0.07 -22.30 -22.78
N VAL B 276 -1.05 -23.19 -22.58
CA VAL B 276 -2.14 -23.33 -23.52
C VAL B 276 -2.91 -22.01 -23.62
N GLU B 277 -3.15 -21.36 -22.47
CA GLU B 277 -3.97 -20.17 -22.48
C GLU B 277 -3.24 -18.97 -23.07
N GLU B 278 -1.91 -19.04 -23.18
CA GLU B 278 -1.11 -18.02 -23.85
C GLU B 278 -1.09 -18.25 -25.37
N GLY B 279 -1.78 -19.29 -25.86
CA GLY B 279 -1.85 -19.55 -27.28
C GLY B 279 -0.72 -20.46 -27.79
N LYS B 280 -0.04 -21.16 -26.88
CA LYS B 280 1.11 -21.99 -27.25
C LYS B 280 0.86 -23.46 -26.97
N GLY B 281 -0.40 -23.90 -27.09
CA GLY B 281 -0.81 -25.26 -26.87
C GLY B 281 -0.25 -26.26 -27.86
N SER B 282 0.22 -25.77 -29.03
CA SER B 282 0.79 -26.67 -30.02
C SER B 282 2.23 -27.07 -29.69
N GLU B 283 2.85 -26.34 -28.77
CA GLU B 283 4.20 -26.66 -28.30
C GLU B 283 4.16 -27.87 -27.38
N GLY B 284 5.32 -28.48 -27.13
CA GLY B 284 5.40 -29.65 -26.27
C GLY B 284 6.00 -29.31 -24.91
N LEU B 285 6.32 -30.35 -24.13
CA LEU B 285 6.69 -30.18 -22.72
C LEU B 285 8.00 -29.43 -22.54
N ALA B 286 8.84 -29.35 -23.58
CA ALA B 286 10.09 -28.62 -23.45
C ALA B 286 9.85 -27.15 -23.16
N ALA B 287 8.69 -26.62 -23.53
CA ALA B 287 8.35 -25.23 -23.26
C ALA B 287 8.28 -24.90 -21.76
N LEU B 288 8.05 -25.89 -20.90
CA LEU B 288 7.85 -25.61 -19.49
C LEU B 288 9.13 -25.11 -18.80
N VAL B 289 10.30 -25.51 -19.27
CA VAL B 289 11.57 -25.11 -18.64
C VAL B 289 11.70 -23.59 -18.60
N GLY B 290 11.48 -22.94 -19.74
CA GLY B 290 11.60 -21.49 -19.79
C GLY B 290 10.56 -20.77 -18.94
N MET B 291 9.41 -21.40 -18.70
CA MET B 291 8.36 -20.79 -17.91
C MET B 291 8.76 -20.65 -16.45
N ILE B 292 9.56 -21.57 -15.89
CA ILE B 292 9.92 -21.45 -14.49
C ILE B 292 11.24 -20.69 -14.32
N MET B 293 11.91 -20.34 -15.43
CA MET B 293 13.12 -19.55 -15.37
C MET B 293 12.80 -18.06 -15.33
N LYS B 294 13.77 -17.24 -14.95
CA LYS B 294 13.61 -15.80 -14.68
C LYS B 294 13.92 -15.00 -15.96
N LEU C 1 -54.30 8.34 -25.96
CA LEU C 1 -54.29 7.21 -25.00
C LEU C 1 -52.95 7.18 -24.26
N PHE C 2 -53.01 7.23 -22.91
CA PHE C 2 -51.81 7.28 -22.08
C PHE C 2 -50.95 6.03 -22.33
N GLN C 3 -49.63 6.23 -22.36
CA GLN C 3 -48.66 5.16 -22.50
C GLN C 3 -47.71 5.17 -21.30
N GLY C 4 -47.71 4.06 -20.55
CA GLY C 4 -46.84 3.90 -19.40
C GLY C 4 -46.77 2.45 -18.91
N PRO C 5 -45.87 2.14 -17.94
CA PRO C 5 -45.80 0.79 -17.35
C PRO C 5 -47.12 0.42 -16.67
N ALA C 6 -47.52 -0.86 -16.77
CA ALA C 6 -48.72 -1.34 -16.10
C ALA C 6 -48.55 -1.22 -14.58
N MET C 7 -49.61 -0.72 -13.91
CA MET C 7 -49.55 -0.64 -12.46
C MET C 7 -50.11 -1.96 -11.92
N ALA C 8 -49.23 -2.76 -11.30
CA ALA C 8 -49.50 -4.14 -10.96
C ALA C 8 -49.76 -4.35 -9.47
N ASN C 9 -49.56 -3.32 -8.64
CA ASN C 9 -49.74 -3.49 -7.21
C ASN C 9 -51.13 -2.93 -6.78
N SER C 10 -51.43 -3.21 -5.51
CA SER C 10 -52.76 -3.05 -4.95
C SER C 10 -53.25 -1.61 -5.12
N PRO C 11 -54.53 -1.40 -5.44
CA PRO C 11 -55.06 -0.06 -5.66
C PRO C 11 -55.11 0.80 -4.39
N VAL C 12 -54.89 2.10 -4.59
CA VAL C 12 -54.98 3.11 -3.55
C VAL C 12 -55.70 4.30 -4.18
N SER C 13 -56.54 5.02 -3.40
CA SER C 13 -57.10 6.28 -3.87
C SER C 13 -56.61 7.40 -2.93
N VAL C 14 -56.31 8.54 -3.53
CA VAL C 14 -55.86 9.71 -2.79
C VAL C 14 -56.84 10.87 -3.07
N PHE C 15 -57.39 11.43 -1.99
CA PHE C 15 -58.30 12.57 -2.02
C PHE C 15 -57.56 13.78 -1.47
N GLY C 16 -57.34 14.79 -2.34
CA GLY C 16 -56.56 15.96 -1.96
C GLY C 16 -55.20 15.92 -2.64
N LEU C 17 -54.98 16.78 -3.65
CA LEU C 17 -53.76 16.78 -4.45
C LEU C 17 -53.07 18.13 -4.34
N GLY C 18 -53.00 18.63 -3.11
CA GLY C 18 -52.08 19.70 -2.78
C GLY C 18 -50.64 19.20 -2.80
N ALA C 19 -49.76 19.96 -2.15
CA ALA C 19 -48.35 19.62 -2.14
C ALA C 19 -48.16 18.22 -1.56
N MET C 20 -48.85 17.94 -0.45
CA MET C 20 -48.59 16.68 0.24
C MET C 20 -49.31 15.53 -0.51
N GLY C 21 -50.58 15.70 -0.85
CA GLY C 21 -51.29 14.66 -1.57
C GLY C 21 -50.63 14.27 -2.89
N THR C 22 -50.09 15.27 -3.61
CA THR C 22 -49.35 15.00 -4.83
C THR C 22 -48.13 14.11 -4.54
N ALA C 23 -47.41 14.42 -3.47
CA ALA C 23 -46.25 13.63 -3.09
C ALA C 23 -46.65 12.20 -2.74
N LEU C 24 -47.76 12.02 -2.01
CA LEU C 24 -48.20 10.68 -1.65
C LEU C 24 -48.55 9.89 -2.91
N ALA C 25 -49.35 10.48 -3.81
CA ALA C 25 -49.78 9.79 -5.00
C ALA C 25 -48.59 9.41 -5.87
N THR C 26 -47.62 10.34 -5.96
CA THR C 26 -46.44 10.10 -6.77
C THR C 26 -45.68 8.87 -6.27
N GLN C 27 -45.53 8.75 -4.95
CA GLN C 27 -44.82 7.64 -4.36
C GLN C 27 -45.55 6.30 -4.60
N PHE C 28 -46.87 6.28 -4.45
CA PHE C 28 -47.63 5.06 -4.74
C PHE C 28 -47.43 4.65 -6.19
N LEU C 29 -47.46 5.59 -7.12
CA LEU C 29 -47.28 5.28 -8.53
C LEU C 29 -45.88 4.76 -8.80
N ARG C 30 -44.87 5.37 -8.18
CA ARG C 30 -43.49 4.94 -8.35
C ARG C 30 -43.30 3.50 -7.88
N LYS C 31 -44.07 3.07 -6.86
CA LYS C 31 -43.96 1.71 -6.36
C LYS C 31 -44.96 0.75 -7.01
N GLY C 32 -45.61 1.18 -8.09
CA GLY C 32 -46.38 0.31 -8.95
C GLY C 32 -47.85 0.12 -8.53
N HIS C 33 -48.35 0.93 -7.59
CA HIS C 33 -49.74 0.83 -7.18
C HIS C 33 -50.64 1.49 -8.20
N LYS C 34 -51.78 0.85 -8.50
CA LYS C 34 -52.83 1.49 -9.26
C LYS C 34 -53.39 2.62 -8.39
N THR C 35 -53.18 3.87 -8.81
CA THR C 35 -53.43 5.01 -7.95
C THR C 35 -54.52 5.87 -8.58
N THR C 36 -55.65 5.97 -7.90
CA THR C 36 -56.76 6.79 -8.35
C THR C 36 -56.72 8.08 -7.55
N VAL C 37 -56.93 9.22 -8.22
CA VAL C 37 -56.77 10.50 -7.55
C VAL C 37 -58.01 11.35 -7.76
N TRP C 38 -58.32 12.15 -6.75
CA TRP C 38 -59.43 13.09 -6.78
C TRP C 38 -59.00 14.38 -6.09
N ASN C 39 -59.43 15.53 -6.64
CA ASN C 39 -59.18 16.81 -6.00
C ASN C 39 -60.38 17.72 -6.24
N ARG C 40 -60.73 18.56 -5.28
CA ARG C 40 -61.82 19.51 -5.45
C ARG C 40 -61.62 20.34 -6.72
N THR C 41 -60.40 20.85 -6.94
CA THR C 41 -60.02 21.51 -8.19
C THR C 41 -59.38 20.50 -9.15
N PRO C 42 -60.09 20.02 -10.19
CA PRO C 42 -59.62 18.86 -10.94
C PRO C 42 -58.31 19.02 -11.73
N ALA C 43 -57.93 20.24 -12.09
CA ALA C 43 -56.69 20.48 -12.83
C ALA C 43 -55.46 19.93 -12.10
N LYS C 44 -55.49 19.87 -10.76
CA LYS C 44 -54.33 19.43 -10.01
C LYS C 44 -54.06 17.94 -10.23
N ALA C 45 -55.01 17.20 -10.83
CA ALA C 45 -54.78 15.80 -11.14
C ALA C 45 -53.84 15.63 -12.34
N GLN C 46 -53.72 16.65 -13.20
CA GLN C 46 -53.10 16.43 -14.51
C GLN C 46 -51.65 15.96 -14.38
N PRO C 47 -50.80 16.53 -13.51
CA PRO C 47 -49.44 16.01 -13.36
C PRO C 47 -49.38 14.54 -12.94
N LEU C 48 -50.38 14.07 -12.19
CA LEU C 48 -50.38 12.67 -11.76
C LEU C 48 -50.89 11.77 -12.88
N ILE C 49 -51.88 12.23 -13.66
CA ILE C 49 -52.34 11.49 -14.82
C ILE C 49 -51.15 11.25 -15.76
N ALA C 50 -50.29 12.26 -15.88
CA ALA C 50 -49.14 12.19 -16.78
C ALA C 50 -48.15 11.11 -16.36
N ILE C 51 -48.15 10.67 -15.08
CA ILE C 51 -47.26 9.59 -14.66
C ILE C 51 -48.05 8.34 -14.25
N GLY C 52 -49.30 8.21 -14.68
CA GLY C 52 -49.99 6.92 -14.65
C GLY C 52 -51.20 6.87 -13.71
N ALA C 53 -51.55 7.97 -13.04
CA ALA C 53 -52.71 7.99 -12.17
C ALA C 53 -53.99 7.90 -12.99
N SER C 54 -55.01 7.30 -12.38
CA SER C 54 -56.36 7.34 -12.87
C SER C 54 -57.12 8.50 -12.23
N HIS C 55 -57.72 9.40 -13.04
CA HIS C 55 -58.40 10.54 -12.47
C HIS C 55 -59.88 10.24 -12.24
N ALA C 56 -60.31 10.22 -10.98
CA ALA C 56 -61.71 9.96 -10.68
C ALA C 56 -62.53 11.22 -10.93
N PRO C 57 -63.64 11.15 -11.68
CA PRO C 57 -64.47 12.34 -11.89
C PRO C 57 -65.29 12.78 -10.68
N THR C 58 -65.47 11.88 -9.70
CA THR C 58 -66.29 12.17 -8.54
C THR C 58 -65.67 11.50 -7.31
N ILE C 59 -66.09 11.98 -6.14
CA ILE C 59 -65.69 11.36 -4.88
C ILE C 59 -66.14 9.91 -4.88
N ASP C 60 -67.37 9.68 -5.32
CA ASP C 60 -67.93 8.35 -5.32
C ASP C 60 -67.06 7.39 -6.15
N SER C 61 -66.63 7.81 -7.33
CA SER C 61 -65.85 6.90 -8.16
C SER C 61 -64.43 6.67 -7.61
N ALA C 62 -63.85 7.67 -6.92
CA ALA C 62 -62.57 7.48 -6.28
C ALA C 62 -62.68 6.47 -5.14
N ALA C 63 -63.77 6.54 -4.38
CA ALA C 63 -63.99 5.61 -3.28
C ALA C 63 -64.18 4.19 -3.80
N ALA C 64 -64.85 4.05 -4.95
CA ALA C 64 -65.16 2.74 -5.51
C ALA C 64 -63.91 2.05 -6.05
N ALA C 65 -62.88 2.82 -6.43
CA ALA C 65 -61.73 2.28 -7.12
C ALA C 65 -60.77 1.49 -6.24
N SER C 66 -60.83 1.67 -4.90
CA SER C 66 -59.84 1.08 -4.03
C SER C 66 -60.49 0.71 -2.71
N SER C 67 -59.81 -0.12 -1.91
CA SER C 67 -60.20 -0.38 -0.55
C SER C 67 -59.53 0.57 0.44
N LEU C 68 -58.35 1.05 0.10
CA LEU C 68 -57.55 1.97 0.92
C LEU C 68 -57.70 3.39 0.36
N LEU C 69 -58.33 4.25 1.16
CA LEU C 69 -58.69 5.60 0.75
C LEU C 69 -57.95 6.58 1.65
N ILE C 70 -57.00 7.31 1.06
CA ILE C 70 -56.17 8.25 1.79
C ILE C 70 -56.73 9.64 1.58
N ILE C 71 -57.00 10.36 2.68
CA ILE C 71 -57.51 11.71 2.59
C ILE C 71 -56.46 12.67 3.12
N CYS C 72 -56.02 13.59 2.27
CA CYS C 72 -54.95 14.51 2.63
C CYS C 72 -55.36 15.91 2.15
N GLN C 73 -56.25 16.56 2.90
CA GLN C 73 -56.86 17.81 2.51
C GLN C 73 -56.37 18.89 3.46
N LEU C 74 -57.17 19.91 3.74
CA LEU C 74 -56.69 21.05 4.50
C LEU C 74 -56.95 20.86 5.99
N ASP C 75 -58.22 20.64 6.33
CA ASP C 75 -58.61 20.55 7.73
C ASP C 75 -59.77 19.60 7.87
N LYS C 76 -60.15 19.36 9.11
CA LYS C 76 -61.23 18.42 9.41
C LYS C 76 -62.53 18.84 8.73
N ALA C 77 -62.83 20.15 8.70
CA ALA C 77 -64.03 20.59 7.98
C ALA C 77 -64.02 20.11 6.53
N SER C 78 -62.87 20.19 5.86
CA SER C 78 -62.79 19.78 4.46
C SER C 78 -62.96 18.27 4.33
N VAL C 79 -62.43 17.51 5.29
CA VAL C 79 -62.60 16.06 5.27
C VAL C 79 -64.08 15.71 5.38
N MET C 80 -64.77 16.35 6.34
CA MET C 80 -66.20 16.10 6.52
C MET C 80 -66.97 16.49 5.25
N GLN C 81 -66.57 17.57 4.60
CA GLN C 81 -67.25 17.98 3.39
C GLN C 81 -67.12 16.91 2.30
N THR C 82 -65.93 16.32 2.18
CA THR C 82 -65.72 15.25 1.22
C THR C 82 -66.55 14.03 1.58
N LEU C 83 -66.54 13.61 2.86
CA LEU C 83 -67.25 12.42 3.26
C LEU C 83 -68.75 12.59 2.99
N GLN C 84 -69.29 13.74 3.35
CA GLN C 84 -70.74 14.00 3.32
C GLN C 84 -71.23 14.11 1.87
N GLN C 85 -70.35 14.35 0.92
CA GLN C 85 -70.73 14.46 -0.49
C GLN C 85 -71.23 13.12 -1.05
N ALA C 86 -70.74 12.00 -0.51
CA ALA C 86 -71.06 10.67 -1.02
C ALA C 86 -71.20 9.72 0.15
N PRO C 87 -72.26 9.89 0.97
CA PRO C 87 -72.33 9.23 2.27
C PRO C 87 -72.38 7.71 2.22
N THR C 88 -72.79 7.12 1.08
CA THR C 88 -72.86 5.67 0.96
C THR C 88 -71.60 5.08 0.33
N ALA C 89 -70.61 5.91 -0.04
CA ALA C 89 -69.44 5.44 -0.79
C ALA C 89 -68.39 4.74 0.08
N TRP C 90 -68.46 4.91 1.40
CA TRP C 90 -67.37 4.56 2.30
C TRP C 90 -67.54 3.18 2.93
N ALA C 91 -68.68 2.53 2.71
CA ALA C 91 -68.94 1.25 3.35
C ALA C 91 -67.90 0.19 2.93
N ALA C 92 -67.35 -0.49 3.95
CA ALA C 92 -66.36 -1.55 3.82
C ALA C 92 -65.01 -1.05 3.27
N LYS C 93 -64.78 0.25 3.36
CA LYS C 93 -63.50 0.85 2.98
C LYS C 93 -62.68 1.15 4.25
N THR C 94 -61.37 1.26 4.08
CA THR C 94 -60.49 1.76 5.11
C THR C 94 -60.07 3.18 4.73
N ILE C 95 -60.52 4.12 5.55
CA ILE C 95 -60.13 5.51 5.37
C ILE C 95 -58.89 5.76 6.22
N VAL C 96 -57.84 6.30 5.59
CA VAL C 96 -56.64 6.71 6.29
C VAL C 96 -56.57 8.22 6.12
N ASP C 97 -56.86 8.93 7.20
CA ASP C 97 -57.00 10.37 7.17
C ASP C 97 -55.68 10.98 7.65
N LEU C 98 -54.95 11.62 6.72
CA LEU C 98 -53.66 12.20 7.03
C LEU C 98 -53.79 13.74 7.11
N THR C 99 -55.00 14.23 7.32
CA THR C 99 -55.26 15.67 7.37
C THR C 99 -55.02 16.16 8.80
N ASN C 100 -54.19 17.20 8.95
CA ASN C 100 -53.79 17.67 10.26
C ASN C 100 -54.98 18.24 11.02
N GLY C 101 -54.97 18.01 12.33
CA GLY C 101 -56.00 18.56 13.19
C GLY C 101 -55.73 18.20 14.64
N THR C 102 -56.73 18.46 15.47
CA THR C 102 -56.66 18.13 16.88
C THR C 102 -57.03 16.67 17.09
N PRO C 103 -56.72 16.13 18.29
CA PRO C 103 -57.25 14.83 18.68
C PRO C 103 -58.77 14.76 18.57
N ALA C 104 -59.45 15.81 19.03
CA ALA C 104 -60.91 15.85 18.92
C ALA C 104 -61.37 15.73 17.47
N HIS C 105 -60.69 16.42 16.56
CA HIS C 105 -61.05 16.34 15.14
C HIS C 105 -61.02 14.89 14.66
N ALA C 106 -59.98 14.15 15.04
CA ALA C 106 -59.83 12.79 14.57
C ALA C 106 -60.96 11.93 15.14
N ARG C 107 -61.29 12.12 16.42
CA ARG C 107 -62.35 11.35 17.06
C ARG C 107 -63.70 11.62 16.38
N GLU C 108 -63.96 12.88 16.08
CA GLU C 108 -65.22 13.29 15.45
C GLU C 108 -65.34 12.67 14.05
N THR C 109 -64.24 12.69 13.29
CA THR C 109 -64.26 12.16 11.94
C THR C 109 -64.47 10.65 12.00
N ALA C 110 -63.74 9.97 12.91
CA ALA C 110 -63.89 8.54 13.08
C ALA C 110 -65.33 8.17 13.40
N ASP C 111 -65.98 8.92 14.29
CA ASP C 111 -67.36 8.63 14.64
C ASP C 111 -68.27 8.64 13.39
N TRP C 112 -68.10 9.64 12.53
CA TRP C 112 -68.87 9.70 11.30
C TRP C 112 -68.56 8.49 10.40
N ALA C 113 -67.26 8.20 10.22
CA ALA C 113 -66.86 7.11 9.36
C ALA C 113 -67.46 5.78 9.82
N LEU C 114 -67.36 5.50 11.14
CA LEU C 114 -67.88 4.28 11.71
C LEU C 114 -69.39 4.17 11.48
N ALA C 115 -70.10 5.28 11.61
CA ALA C 115 -71.55 5.29 11.45
C ALA C 115 -71.95 5.07 9.97
N HIS C 116 -70.99 5.21 9.03
CA HIS C 116 -71.27 5.03 7.62
C HIS C 116 -70.57 3.78 7.06
N GLY C 117 -70.23 2.86 7.95
CA GLY C 117 -69.78 1.54 7.55
C GLY C 117 -68.30 1.46 7.17
N ALA C 118 -67.52 2.51 7.48
CA ALA C 118 -66.11 2.52 7.13
C ALA C 118 -65.27 2.14 8.34
N ARG C 119 -64.04 1.73 8.10
CA ARG C 119 -63.00 1.68 9.10
C ARG C 119 -62.14 2.93 8.94
N TYR C 120 -61.49 3.35 10.03
CA TYR C 120 -60.84 4.65 10.05
C TYR C 120 -59.57 4.61 10.92
N ILE C 121 -58.46 5.04 10.32
CA ILE C 121 -57.26 5.34 11.05
C ILE C 121 -56.85 6.77 10.74
N HIS C 122 -56.22 7.41 11.73
CA HIS C 122 -55.69 8.76 11.54
C HIS C 122 -54.17 8.67 11.48
N GLY C 123 -53.55 9.50 10.67
CA GLY C 123 -52.10 9.53 10.57
C GLY C 123 -51.58 10.96 10.62
N GLY C 124 -50.37 11.10 11.15
CA GLY C 124 -49.70 12.39 11.24
C GLY C 124 -48.36 12.31 10.54
N ILE C 125 -48.22 13.04 9.43
CA ILE C 125 -47.02 13.01 8.63
C ILE C 125 -45.97 13.98 9.21
N MET C 126 -44.87 13.43 9.72
CA MET C 126 -43.83 14.26 10.28
C MET C 126 -42.73 14.43 9.24
N ALA C 127 -43.07 15.08 8.15
CA ALA C 127 -42.24 15.21 7.00
C ALA C 127 -42.80 16.32 6.13
N VAL C 128 -41.92 16.91 5.32
CA VAL C 128 -42.38 17.77 4.25
C VAL C 128 -42.50 16.93 2.98
N PRO C 129 -43.23 17.41 1.97
CA PRO C 129 -43.51 16.58 0.78
C PRO C 129 -42.30 15.95 0.10
N PHE C 130 -41.18 16.68 0.01
CA PHE C 130 -39.96 16.18 -0.61
C PHE C 130 -39.42 14.94 0.09
N MET C 131 -39.72 14.74 1.39
CA MET C 131 -39.17 13.63 2.17
CA MET C 131 -39.17 13.64 2.16
C MET C 131 -40.02 12.37 2.04
N ILE C 132 -41.23 12.47 1.48
CA ILE C 132 -42.11 11.30 1.40
C ILE C 132 -41.39 10.23 0.58
N GLY C 133 -41.42 9.00 1.08
CA GLY C 133 -40.77 7.89 0.43
C GLY C 133 -39.37 7.62 0.97
N GLN C 134 -38.88 8.49 1.88
CA GLN C 134 -37.59 8.25 2.50
C GLN C 134 -37.81 7.60 3.86
N PRO C 135 -36.86 6.75 4.34
CA PRO C 135 -36.98 6.14 5.67
C PRO C 135 -37.00 7.15 6.82
N ASP C 136 -36.38 8.32 6.64
CA ASP C 136 -36.37 9.35 7.67
C ASP C 136 -37.74 10.05 7.80
N ALA C 137 -38.71 9.76 6.89
CA ALA C 137 -40.03 10.34 7.01
C ALA C 137 -40.85 9.51 8.01
N MET C 138 -41.15 10.06 9.18
CA MET C 138 -41.93 9.31 10.16
C MET C 138 -43.41 9.64 9.97
N ILE C 139 -44.24 8.62 9.90
CA ILE C 139 -45.68 8.82 9.89
C ILE C 139 -46.29 8.08 11.07
N LEU C 140 -46.98 8.84 11.91
CA LEU C 140 -47.62 8.32 13.11
C LEU C 140 -49.03 7.87 12.74
N TYR C 141 -49.47 6.75 13.31
CA TYR C 141 -50.81 6.26 13.05
C TYR C 141 -51.50 5.83 14.34
N SER C 142 -52.80 6.04 14.40
CA SER C 142 -53.60 5.59 15.52
C SER C 142 -54.99 5.17 15.04
N GLY C 143 -55.61 4.33 15.86
CA GLY C 143 -56.89 3.73 15.55
C GLY C 143 -56.82 2.22 15.74
N PRO C 144 -57.89 1.48 15.41
CA PRO C 144 -57.94 0.04 15.71
C PRO C 144 -56.76 -0.72 15.11
N ALA C 145 -56.12 -1.52 15.95
CA ALA C 145 -54.90 -2.20 15.58
C ALA C 145 -55.10 -3.09 14.35
N GLU C 146 -56.25 -3.77 14.28
CA GLU C 146 -56.48 -4.73 13.21
C GLU C 146 -56.69 -3.99 11.87
N VAL C 147 -57.25 -2.78 11.93
CA VAL C 147 -57.43 -1.97 10.74
C VAL C 147 -56.06 -1.54 10.22
N PHE C 148 -55.20 -1.06 11.14
CA PHE C 148 -53.88 -0.64 10.77
C PHE C 148 -53.10 -1.81 10.16
N GLU C 149 -53.20 -2.98 10.78
CA GLU C 149 -52.47 -4.18 10.33
C GLU C 149 -52.82 -4.49 8.87
N GLY C 150 -54.08 -4.26 8.50
CA GLY C 150 -54.57 -4.53 7.15
C GLY C 150 -53.94 -3.66 6.06
N VAL C 151 -53.45 -2.46 6.41
CA VAL C 151 -53.00 -1.51 5.38
C VAL C 151 -51.56 -1.05 5.59
N LYS C 152 -50.90 -1.49 6.68
CA LYS C 152 -49.61 -0.95 7.01
C LYS C 152 -48.55 -1.24 5.95
N ASP C 153 -48.61 -2.39 5.30
CA ASP C 153 -47.62 -2.76 4.28
C ASP C 153 -47.70 -1.80 3.09
N THR C 154 -48.92 -1.49 2.61
CA THR C 154 -49.06 -0.51 1.55
C THR C 154 -48.60 0.88 2.01
N LEU C 155 -48.97 1.29 3.22
CA LEU C 155 -48.62 2.62 3.73
C LEU C 155 -47.12 2.78 3.91
N SER C 156 -46.38 1.66 4.07
CA SER C 156 -44.96 1.72 4.36
C SER C 156 -44.16 2.28 3.18
N VAL C 157 -44.75 2.39 1.99
CA VAL C 157 -44.03 3.06 0.91
C VAL C 157 -43.83 4.55 1.18
N LEU C 158 -44.62 5.16 2.07
CA LEU C 158 -44.57 6.59 2.29
C LEU C 158 -43.47 7.01 3.26
N GLY C 159 -43.09 6.09 4.14
CA GLY C 159 -42.15 6.39 5.20
C GLY C 159 -42.15 5.32 6.27
N THR C 160 -41.61 5.64 7.44
CA THR C 160 -41.57 4.68 8.53
C THR C 160 -42.85 4.79 9.35
N ASN C 161 -43.63 3.71 9.33
CA ASN C 161 -44.89 3.63 10.05
C ASN C 161 -44.61 3.55 11.54
N THR C 162 -45.30 4.39 12.31
CA THR C 162 -45.18 4.38 13.75
C THR C 162 -46.57 4.33 14.36
N TYR C 163 -47.01 3.14 14.76
CA TYR C 163 -48.31 2.98 15.39
C TYR C 163 -48.25 3.42 16.83
N VAL C 164 -49.13 4.33 17.25
CA VAL C 164 -49.06 4.90 18.59
C VAL C 164 -50.27 4.57 19.44
N GLY C 165 -51.17 3.70 18.97
CA GLY C 165 -52.22 3.19 19.84
C GLY C 165 -53.63 3.22 19.28
N GLU C 166 -54.56 2.71 20.09
CA GLU C 166 -55.93 2.45 19.67
C GLU C 166 -56.76 3.74 19.58
N ASP C 167 -56.61 4.66 20.54
CA ASP C 167 -57.40 5.89 20.53
C ASP C 167 -57.07 6.64 19.24
N VAL C 168 -58.08 6.90 18.42
CA VAL C 168 -57.85 7.45 17.09
C VAL C 168 -57.25 8.86 17.15
N GLY C 169 -57.38 9.57 18.29
CA GLY C 169 -56.81 10.90 18.41
C GLY C 169 -55.33 10.94 18.79
N LEU C 170 -54.71 9.78 19.02
CA LEU C 170 -53.32 9.78 19.52
C LEU C 170 -52.29 10.18 18.49
N ALA C 171 -52.47 9.88 17.18
CA ALA C 171 -51.48 10.30 16.23
C ALA C 171 -51.42 11.83 16.19
N SER C 172 -52.59 12.48 16.26
CA SER C 172 -52.65 13.93 16.25
C SER C 172 -52.00 14.50 17.52
N LEU C 173 -52.21 13.86 18.67
CA LEU C 173 -51.58 14.35 19.88
C LEU C 173 -50.05 14.27 19.78
N HIS C 174 -49.53 13.11 19.33
CA HIS C 174 -48.09 12.96 19.13
C HIS C 174 -47.57 14.00 18.13
N ASP C 175 -48.28 14.19 17.02
CA ASP C 175 -47.87 15.12 15.98
C ASP C 175 -47.76 16.52 16.54
N LEU C 176 -48.81 16.99 17.25
CA LEU C 176 -48.80 18.33 17.78
C LEU C 176 -47.74 18.51 18.88
N ALA C 177 -47.46 17.45 19.63
CA ALA C 177 -46.40 17.48 20.63
C ALA C 177 -45.04 17.66 19.94
N LEU C 178 -44.78 16.90 18.86
CA LEU C 178 -43.55 17.06 18.11
C LEU C 178 -43.44 18.45 17.51
N LEU C 179 -44.54 19.00 16.96
CA LEU C 179 -44.50 20.34 16.42
C LEU C 179 -44.19 21.36 17.52
N SER C 180 -44.74 21.17 18.72
CA SER C 180 -44.48 22.07 19.84
C SER C 180 -42.98 22.06 20.13
N GLY C 181 -42.37 20.88 20.10
CA GLY C 181 -40.92 20.77 20.26
C GLY C 181 -40.14 21.60 19.26
N MET C 182 -40.56 21.46 17.99
CA MET C 182 -39.94 22.21 16.91
C MET C 182 -40.08 23.73 17.10
N TYR C 183 -41.24 24.20 17.56
CA TYR C 183 -41.44 25.63 17.71
C TYR C 183 -40.55 26.20 18.84
N GLY C 184 -40.30 25.40 19.87
CA GLY C 184 -39.30 25.76 20.88
C GLY C 184 -37.90 25.87 20.29
N LEU C 185 -37.49 24.87 19.51
CA LEU C 185 -36.22 24.90 18.80
C LEU C 185 -36.10 26.16 17.95
N PHE C 186 -37.16 26.51 17.21
CA PHE C 186 -37.12 27.69 16.37
C PHE C 186 -37.09 28.99 17.17
N SER C 187 -37.72 29.00 18.37
CA SER C 187 -37.65 30.13 19.27
C SER C 187 -36.20 30.36 19.70
N GLY C 188 -35.52 29.26 20.05
CA GLY C 188 -34.12 29.32 20.46
C GLY C 188 -33.22 29.80 19.34
N PHE C 189 -33.39 29.25 18.13
CA PHE C 189 -32.61 29.69 16.99
C PHE C 189 -32.78 31.20 16.82
N THR C 190 -34.04 31.66 16.85
CA THR C 190 -34.33 33.06 16.59
C THR C 190 -33.62 33.97 17.58
N HIS C 191 -33.74 33.65 18.89
CA HIS C 191 -33.13 34.50 19.89
C HIS C 191 -31.60 34.46 19.78
N ALA C 192 -31.03 33.26 19.63
CA ALA C 192 -29.58 33.09 19.58
C ALA C 192 -28.99 33.89 18.42
N VAL C 193 -29.61 33.76 17.25
CA VAL C 193 -29.09 34.39 16.06
C VAL C 193 -29.29 35.90 16.11
N ALA C 194 -30.42 36.36 16.68
CA ALA C 194 -30.61 37.80 16.88
C ALA C 194 -29.49 38.39 17.76
N LEU C 195 -29.13 37.67 18.83
CA LEU C 195 -28.11 38.17 19.71
C LEU C 195 -26.78 38.33 18.99
N VAL C 196 -26.33 37.32 18.22
CA VAL C 196 -25.04 37.45 17.58
C VAL C 196 -25.12 38.49 16.44
N GLN C 197 -26.24 38.54 15.72
CA GLN C 197 -26.40 39.50 14.64
C GLN C 197 -26.38 40.93 15.18
N SER C 198 -26.84 41.15 16.42
CA SER C 198 -26.86 42.46 17.03
C SER C 198 -25.43 42.99 17.24
N ALA C 199 -24.42 42.11 17.25
CA ALA C 199 -23.03 42.51 17.37
C ALA C 199 -22.29 42.29 16.05
N ASN C 200 -23.03 42.17 14.94
CA ASN C 200 -22.46 42.04 13.60
C ASN C 200 -21.68 40.76 13.41
N ILE C 201 -22.06 39.69 14.08
CA ILE C 201 -21.47 38.37 13.87
C ILE C 201 -22.31 37.64 12.84
N PRO C 202 -21.73 37.17 11.72
CA PRO C 202 -22.48 36.41 10.72
C PRO C 202 -23.16 35.18 11.31
N ALA C 203 -24.40 34.95 10.89
CA ALA C 203 -25.19 33.86 11.42
C ALA C 203 -24.63 32.52 10.98
N ALA C 204 -24.17 32.39 9.72
CA ALA C 204 -23.90 31.06 9.19
C ALA C 204 -22.79 30.34 9.97
N GLY C 205 -21.67 31.03 10.21
CA GLY C 205 -20.54 30.39 10.91
C GLY C 205 -20.90 30.03 12.35
N PHE C 206 -21.59 30.95 13.02
CA PHE C 206 -22.07 30.73 14.38
C PHE C 206 -22.98 29.52 14.45
N VAL C 207 -23.96 29.44 13.54
CA VAL C 207 -24.91 28.34 13.58
C VAL C 207 -24.24 27.01 13.28
N ALA C 208 -23.39 26.97 12.25
CA ALA C 208 -22.79 25.72 11.83
C ALA C 208 -21.80 25.20 12.87
N THR C 209 -20.99 26.06 13.46
CA THR C 209 -19.89 25.63 14.31
C THR C 209 -20.18 25.70 15.81
N GLN C 210 -21.18 26.48 16.24
CA GLN C 210 -21.45 26.62 17.67
C GLN C 210 -22.88 26.21 18.02
N LEU C 211 -23.89 26.80 17.37
CA LEU C 211 -25.26 26.53 17.80
C LEU C 211 -25.67 25.09 17.52
N ILE C 212 -25.41 24.58 16.31
CA ILE C 212 -25.87 23.24 16.01
C ILE C 212 -25.17 22.20 16.89
N PRO C 213 -23.84 22.23 17.07
CA PRO C 213 -23.20 21.29 17.99
C PRO C 213 -23.73 21.36 19.42
N TRP C 214 -23.98 22.56 19.92
CA TRP C 214 -24.53 22.72 21.25
C TRP C 214 -25.94 22.14 21.35
N LEU C 215 -26.80 22.50 20.39
CA LEU C 215 -28.15 21.94 20.39
C LEU C 215 -28.11 20.42 20.27
N THR C 216 -27.19 19.86 19.48
CA THR C 216 -27.06 18.42 19.35
C THR C 216 -26.75 17.77 20.70
N ALA C 217 -25.81 18.35 21.46
CA ALA C 217 -25.46 17.82 22.78
C ALA C 217 -26.64 17.93 23.73
N MET C 218 -27.34 19.07 23.72
CA MET C 218 -28.43 19.27 24.65
C MET C 218 -29.64 18.46 24.22
N THR C 219 -29.80 18.14 22.94
CA THR C 219 -30.88 17.26 22.47
C THR C 219 -30.74 15.86 23.03
N GLN C 220 -29.52 15.33 23.05
CA GLN C 220 -29.27 14.02 23.62
C GLN C 220 -29.53 14.04 25.12
N HIS C 221 -29.28 15.17 25.80
CA HIS C 221 -29.49 15.34 27.24
C HIS C 221 -30.98 15.25 27.58
N LEU C 222 -31.88 15.38 26.59
CA LEU C 222 -33.31 15.29 26.85
C LEU C 222 -33.69 13.89 27.33
N ASN C 223 -32.93 12.84 27.01
CA ASN C 223 -33.28 11.52 27.51
C ASN C 223 -33.15 11.45 29.03
N LEU C 224 -32.14 12.08 29.63
CA LEU C 224 -32.04 12.12 31.09
C LEU C 224 -33.22 12.87 31.68
N LEU C 225 -33.58 14.02 31.10
CA LEU C 225 -34.73 14.76 31.60
C LEU C 225 -36.01 13.92 31.51
N ALA C 226 -36.18 13.18 30.41
CA ALA C 226 -37.39 12.40 30.22
C ALA C 226 -37.54 11.31 31.28
N THR C 227 -36.42 10.67 31.63
CA THR C 227 -36.42 9.68 32.69
C THR C 227 -36.84 10.31 34.02
N GLN C 228 -36.31 11.49 34.30
CA GLN C 228 -36.66 12.21 35.52
C GLN C 228 -38.14 12.57 35.55
N VAL C 229 -38.71 12.98 34.39
CA VAL C 229 -40.12 13.29 34.34
C VAL C 229 -40.94 12.04 34.71
N ASP C 230 -40.56 10.89 34.15
CA ASP C 230 -41.31 9.65 34.38
C ASP C 230 -41.21 9.20 35.84
N GLU C 231 -40.03 9.36 36.44
CA GLU C 231 -39.81 8.95 37.82
C GLU C 231 -40.30 9.99 38.82
N LYS C 232 -40.72 11.17 38.34
CA LYS C 232 -41.12 12.27 39.21
C LYS C 232 -40.01 12.53 40.22
N ASP C 233 -38.77 12.48 39.74
CA ASP C 233 -37.59 12.69 40.55
C ASP C 233 -36.66 13.65 39.81
N TYR C 234 -36.73 14.93 40.20
CA TYR C 234 -36.18 15.98 39.38
C TYR C 234 -34.78 16.36 39.89
N GLY C 235 -33.86 15.44 39.74
CA GLY C 235 -32.48 15.66 40.16
C GLY C 235 -31.83 16.80 39.35
N ASP C 236 -30.85 17.49 39.95
CA ASP C 236 -30.25 18.63 39.25
C ASP C 236 -29.48 18.23 38.00
N GLY C 237 -29.00 16.98 37.92
CA GLY C 237 -28.19 16.56 36.78
C GLY C 237 -26.88 17.35 36.63
N GLY C 238 -26.41 17.97 37.74
CA GLY C 238 -25.26 18.84 37.68
C GLY C 238 -25.59 20.29 37.34
N SER C 239 -26.88 20.62 37.13
CA SER C 239 -27.30 21.96 36.69
C SER C 239 -28.56 22.39 37.43
N SER C 240 -28.44 22.92 38.67
CA SER C 240 -29.63 23.20 39.48
C SER C 240 -30.42 24.40 38.92
N LEU C 241 -31.70 24.43 39.26
CA LEU C 241 -32.52 25.59 38.94
C LEU C 241 -32.03 26.81 39.69
N ASP C 242 -31.53 26.68 40.92
CA ASP C 242 -30.94 27.81 41.64
C ASP C 242 -29.85 28.48 40.80
N MET C 243 -28.97 27.66 40.18
CA MET C 243 -27.88 28.21 39.38
C MET C 243 -28.44 28.81 38.10
N GLN C 244 -29.39 28.15 37.45
CA GLN C 244 -29.95 28.63 36.20
C GLN C 244 -30.69 29.94 36.42
N ALA C 245 -31.32 30.10 37.57
CA ALA C 245 -32.08 31.31 37.88
C ALA C 245 -31.15 32.51 38.06
N LYS C 246 -29.84 32.28 38.25
CA LYS C 246 -28.85 33.37 38.25
C LYS C 246 -28.31 33.67 36.85
N ALA C 247 -28.27 32.70 35.96
CA ALA C 247 -27.84 32.92 34.57
C ALA C 247 -28.96 33.60 33.79
N ALA C 248 -30.23 33.30 34.10
CA ALA C 248 -31.32 33.81 33.26
C ALA C 248 -31.33 35.34 33.21
N PRO C 249 -31.23 36.08 34.32
CA PRO C 249 -31.16 37.52 34.29
C PRO C 249 -30.02 38.08 33.46
N ASN C 250 -28.89 37.38 33.39
CA ASN C 250 -27.79 37.80 32.54
C ASN C 250 -28.18 37.70 31.08
N ILE C 251 -28.88 36.64 30.67
CA ILE C 251 -29.36 36.52 29.29
C ILE C 251 -30.33 37.68 28.98
N LEU C 252 -31.25 37.92 29.91
CA LEU C 252 -32.19 39.03 29.73
C LEU C 252 -31.51 40.39 29.62
N GLU C 253 -30.53 40.66 30.50
CA GLU C 253 -29.85 41.95 30.58
C GLU C 253 -28.99 42.14 29.33
N ALA C 254 -28.27 41.10 28.89
CA ALA C 254 -27.45 41.21 27.69
C ALA C 254 -28.35 41.46 26.48
N SER C 255 -29.51 40.78 26.41
CA SER C 255 -30.45 40.98 25.30
C SER C 255 -30.93 42.43 25.26
N GLN C 256 -31.31 42.97 26.41
CA GLN C 256 -31.76 44.35 26.53
C GLN C 256 -30.65 45.32 26.08
N ALA C 257 -29.41 45.09 26.48
CA ALA C 257 -28.29 45.94 26.10
C ALA C 257 -28.06 45.90 24.59
N GLN C 258 -28.35 44.77 23.94
CA GLN C 258 -28.16 44.62 22.49
C GLN C 258 -29.39 45.04 21.69
N GLY C 259 -30.47 45.44 22.37
CA GLY C 259 -31.70 45.85 21.71
C GLY C 259 -32.51 44.67 21.16
N VAL C 260 -32.37 43.47 21.74
CA VAL C 260 -33.10 42.30 21.28
C VAL C 260 -34.24 42.03 22.27
N SER C 261 -35.46 41.96 21.75
CA SER C 261 -36.63 41.63 22.57
C SER C 261 -36.45 40.25 23.20
N VAL C 262 -36.93 40.09 24.44
CA VAL C 262 -36.82 38.81 25.13
C VAL C 262 -38.14 38.04 25.14
N GLU C 263 -39.09 38.40 24.25
CA GLU C 263 -40.41 37.81 24.29
C GLU C 263 -40.39 36.29 24.12
N LEU C 264 -39.40 35.72 23.39
CA LEU C 264 -39.44 34.30 23.10
C LEU C 264 -38.90 33.45 24.25
N ILE C 265 -38.07 34.01 25.13
CA ILE C 265 -37.37 33.23 26.16
C ILE C 265 -37.86 33.57 27.57
N GLN C 266 -38.46 34.74 27.76
CA GLN C 266 -38.94 35.16 29.07
C GLN C 266 -39.83 34.07 29.68
N PRO C 267 -40.78 33.39 28.98
CA PRO C 267 -41.66 32.45 29.67
C PRO C 267 -40.95 31.31 30.42
N ILE C 268 -39.91 30.69 29.83
CA ILE C 268 -39.28 29.59 30.54
C ILE C 268 -38.48 30.16 31.73
N PHE C 269 -37.92 31.36 31.59
CA PHE C 269 -37.23 32.00 32.72
C PHE C 269 -38.16 32.29 33.87
N LYS C 270 -39.40 32.69 33.57
CA LYS C 270 -40.38 32.92 34.61
C LYS C 270 -40.78 31.61 35.29
N LEU C 271 -40.83 30.50 34.54
CA LEU C 271 -41.13 29.22 35.15
C LEU C 271 -40.00 28.76 36.07
N ILE C 272 -38.76 28.93 35.65
CA ILE C 272 -37.59 28.58 36.47
C ILE C 272 -37.62 29.39 37.77
N GLU C 273 -37.86 30.69 37.66
CA GLU C 273 -37.92 31.56 38.83
C GLU C 273 -39.07 31.12 39.76
N ARG C 274 -40.23 30.76 39.21
CA ARG C 274 -41.35 30.32 40.03
C ARG C 274 -40.98 29.06 40.81
N ARG C 275 -40.23 28.13 40.21
CA ARG C 275 -39.87 26.89 40.88
C ARG C 275 -38.89 27.19 42.03
N VAL C 276 -37.96 28.09 41.81
CA VAL C 276 -37.05 28.52 42.87
C VAL C 276 -37.86 29.14 44.01
N GLU C 277 -38.84 29.99 43.69
CA GLU C 277 -39.63 30.67 44.71
C GLU C 277 -40.54 29.70 45.49
N GLU C 278 -40.83 28.51 44.93
CA GLU C 278 -41.57 27.47 45.61
C GLU C 278 -40.66 26.65 46.52
N GLY C 279 -39.35 27.00 46.60
CA GLY C 279 -38.42 26.27 47.44
C GLY C 279 -37.77 25.05 46.80
N LYS C 280 -37.84 24.95 45.46
CA LYS C 280 -37.39 23.76 44.75
C LYS C 280 -36.23 24.07 43.80
N GLY C 281 -35.40 25.06 44.18
CA GLY C 281 -34.23 25.39 43.42
C GLY C 281 -33.16 24.32 43.37
N SER C 282 -33.19 23.30 44.25
CA SER C 282 -32.22 22.23 44.18
C SER C 282 -32.54 21.22 43.06
N GLU C 283 -33.76 21.30 42.51
CA GLU C 283 -34.18 20.42 41.42
C GLU C 283 -33.55 20.88 40.10
N GLY C 284 -33.72 20.03 39.08
CA GLY C 284 -33.37 20.32 37.71
C GLY C 284 -34.60 20.60 36.83
N LEU C 285 -34.31 20.79 35.53
CA LEU C 285 -35.27 21.29 34.57
C LEU C 285 -36.44 20.32 34.34
N ALA C 286 -36.31 19.04 34.68
CA ALA C 286 -37.42 18.12 34.48
C ALA C 286 -38.66 18.54 35.29
N ALA C 287 -38.46 19.34 36.35
CA ALA C 287 -39.56 19.84 37.14
C ALA C 287 -40.53 20.73 36.38
N LEU C 288 -40.10 21.31 35.25
CA LEU C 288 -40.95 22.28 34.58
C LEU C 288 -42.19 21.64 33.93
N VAL C 289 -42.11 20.38 33.51
CA VAL C 289 -43.22 19.73 32.81
C VAL C 289 -44.49 19.78 33.65
N GLY C 290 -44.40 19.35 34.91
CA GLY C 290 -45.57 19.33 35.78
C GLY C 290 -46.14 20.73 36.04
N MET C 291 -45.30 21.77 35.96
CA MET C 291 -45.74 23.12 36.24
C MET C 291 -46.71 23.63 35.18
N ILE C 292 -46.60 23.18 33.92
CA ILE C 292 -47.53 23.68 32.91
C ILE C 292 -48.71 22.73 32.73
N MET C 293 -48.83 21.60 33.46
CA MET C 293 -49.95 20.65 33.28
C MET C 293 -51.16 20.90 34.21
N MET D 7 1.67 14.55 41.29
CA MET D 7 1.16 15.40 40.17
C MET D 7 2.36 16.10 39.54
N ALA D 8 2.65 15.81 38.27
CA ALA D 8 3.90 16.20 37.63
C ALA D 8 3.72 17.40 36.68
N ASN D 9 2.47 17.79 36.38
CA ASN D 9 2.27 18.81 35.36
C ASN D 9 2.00 20.17 36.03
N SER D 10 2.01 21.21 35.18
CA SER D 10 2.08 22.60 35.62
C SER D 10 0.93 22.93 36.58
N PRO D 11 1.19 23.72 37.64
CA PRO D 11 0.16 24.04 38.62
C PRO D 11 -0.98 24.89 38.08
N VAL D 12 -2.18 24.61 38.59
CA VAL D 12 -3.38 25.35 38.28
C VAL D 12 -4.13 25.54 39.59
N SER D 13 -4.81 26.69 39.77
CA SER D 13 -5.70 26.88 40.91
C SER D 13 -7.13 27.07 40.40
N VAL D 14 -8.09 26.48 41.12
CA VAL D 14 -9.50 26.61 40.79
C VAL D 14 -10.19 27.21 42.00
N PHE D 15 -10.90 28.33 41.75
CA PHE D 15 -11.70 29.04 42.73
C PHE D 15 -13.17 28.81 42.41
N GLY D 16 -13.89 28.16 43.32
CA GLY D 16 -15.28 27.77 43.13
C GLY D 16 -15.39 26.27 42.87
N LEU D 17 -15.94 25.55 43.83
CA LEU D 17 -16.05 24.11 43.79
C LEU D 17 -17.50 23.67 43.87
N GLY D 18 -18.33 24.38 43.12
CA GLY D 18 -19.67 23.90 42.85
C GLY D 18 -19.62 22.74 41.87
N ALA D 19 -20.77 22.44 41.25
CA ALA D 19 -20.83 21.31 40.35
C ALA D 19 -19.80 21.45 39.22
N MET D 20 -19.73 22.65 38.64
CA MET D 20 -18.86 22.84 37.49
C MET D 20 -17.41 22.98 37.93
N GLY D 21 -17.11 23.80 38.95
CA GLY D 21 -15.74 23.94 39.40
C GLY D 21 -15.15 22.60 39.83
N THR D 22 -15.95 21.78 40.50
CA THR D 22 -15.48 20.44 40.87
C THR D 22 -15.08 19.64 39.64
N ALA D 23 -15.90 19.71 38.58
CA ALA D 23 -15.60 18.98 37.34
C ALA D 23 -14.31 19.50 36.70
N LEU D 24 -14.09 20.82 36.72
CA LEU D 24 -12.88 21.38 36.15
C LEU D 24 -11.66 20.90 36.94
N ALA D 25 -11.71 21.01 38.27
CA ALA D 25 -10.58 20.62 39.09
C ALA D 25 -10.27 19.12 38.92
N THR D 26 -11.33 18.32 38.83
CA THR D 26 -11.19 16.88 38.66
C THR D 26 -10.43 16.57 37.38
N GLN D 27 -10.77 17.28 36.28
CA GLN D 27 -10.12 17.04 35.00
C GLN D 27 -8.65 17.45 35.03
N PHE D 28 -8.31 18.58 35.66
CA PHE D 28 -6.91 18.96 35.79
C PHE D 28 -6.13 17.88 36.55
N LEU D 29 -6.73 17.35 37.63
CA LEU D 29 -6.05 16.31 38.42
C LEU D 29 -5.88 15.03 37.59
N ARG D 30 -6.91 14.66 36.84
CA ARG D 30 -6.86 13.48 35.98
C ARG D 30 -5.73 13.57 34.96
N LYS D 31 -5.41 14.79 34.50
CA LYS D 31 -4.35 14.99 33.53
C LYS D 31 -3.02 15.33 34.19
N GLY D 32 -2.91 15.17 35.50
CA GLY D 32 -1.64 15.20 36.20
C GLY D 32 -1.17 16.59 36.66
N HIS D 33 -2.06 17.60 36.59
CA HIS D 33 -1.69 18.93 37.04
C HIS D 33 -1.73 19.01 38.56
N LYS D 34 -0.74 19.69 39.15
CA LYS D 34 -0.82 20.06 40.54
C LYS D 34 -1.96 21.08 40.69
N THR D 35 -3.02 20.69 41.37
CA THR D 35 -4.26 21.45 41.35
C THR D 35 -4.56 21.93 42.76
N THR D 36 -4.57 23.26 42.94
CA THR D 36 -4.92 23.88 44.19
C THR D 36 -6.36 24.36 44.12
N VAL D 37 -7.13 24.11 45.17
CA VAL D 37 -8.56 24.43 45.12
C VAL D 37 -8.93 25.31 46.30
N TRP D 38 -9.93 26.16 46.05
CA TRP D 38 -10.46 27.07 47.04
C TRP D 38 -11.95 27.20 46.83
N ASN D 39 -12.71 27.23 47.93
CA ASN D 39 -14.14 27.48 47.87
C ASN D 39 -14.56 28.30 49.08
N ARG D 40 -15.51 29.20 48.91
CA ARG D 40 -16.00 30.00 50.01
C ARG D 40 -16.42 29.13 51.18
N THR D 41 -17.19 28.07 50.87
CA THR D 41 -17.57 27.05 51.85
C THR D 41 -16.58 25.90 51.78
N PRO D 42 -15.66 25.77 52.75
CA PRO D 42 -14.52 24.86 52.59
C PRO D 42 -14.83 23.36 52.52
N ALA D 43 -15.99 22.92 53.04
CA ALA D 43 -16.34 21.50 52.99
C ALA D 43 -16.36 20.94 51.55
N LYS D 44 -16.69 21.82 50.57
CA LYS D 44 -16.78 21.35 49.19
C LYS D 44 -15.42 20.93 48.63
N ALA D 45 -14.32 21.26 49.31
CA ALA D 45 -13.00 20.83 48.86
C ALA D 45 -12.75 19.34 49.13
N GLN D 46 -13.49 18.72 50.08
CA GLN D 46 -13.08 17.40 50.52
C GLN D 46 -13.08 16.37 49.38
N PRO D 47 -14.06 16.32 48.46
CA PRO D 47 -13.99 15.36 47.34
C PRO D 47 -12.77 15.56 46.44
N LEU D 48 -12.27 16.80 46.34
CA LEU D 48 -11.10 17.04 45.51
C LEU D 48 -9.81 16.65 46.25
N ILE D 49 -9.77 16.88 47.57
CA ILE D 49 -8.62 16.45 48.37
C ILE D 49 -8.48 14.93 48.23
N ALA D 50 -9.63 14.24 48.19
CA ALA D 50 -9.61 12.78 48.13
C ALA D 50 -8.98 12.27 46.83
N ILE D 51 -8.94 13.09 45.76
CA ILE D 51 -8.32 12.66 44.52
C ILE D 51 -7.07 13.47 44.19
N GLY D 52 -6.47 14.12 45.19
CA GLY D 52 -5.11 14.63 45.08
C GLY D 52 -4.98 16.15 45.04
N ALA D 53 -6.08 16.89 45.23
CA ALA D 53 -6.01 18.34 45.21
C ALA D 53 -5.31 18.82 46.48
N SER D 54 -4.67 19.99 46.34
CA SER D 54 -4.22 20.74 47.49
C SER D 54 -5.27 21.77 47.89
N HIS D 55 -5.71 21.77 49.16
CA HIS D 55 -6.73 22.68 49.62
C HIS D 55 -6.11 23.98 50.15
N ALA D 56 -6.35 25.09 49.47
CA ALA D 56 -5.80 26.36 49.92
C ALA D 56 -6.61 26.88 51.09
N PRO D 57 -5.96 27.29 52.20
CA PRO D 57 -6.70 27.86 53.33
C PRO D 57 -7.24 29.27 53.09
N THR D 58 -6.70 29.99 52.11
CA THR D 58 -7.12 31.36 51.84
C THR D 58 -7.09 31.63 50.33
N ILE D 59 -7.78 32.68 49.89
CA ILE D 59 -7.71 33.15 48.53
C ILE D 59 -6.26 33.46 48.17
N ASP D 60 -5.60 34.17 49.07
CA ASP D 60 -4.23 34.58 48.83
C ASP D 60 -3.34 33.36 48.56
N SER D 61 -3.48 32.28 49.35
CA SER D 61 -2.59 31.14 49.14
C SER D 61 -2.96 30.37 47.87
N ALA D 62 -4.23 30.35 47.47
CA ALA D 62 -4.62 29.73 46.21
C ALA D 62 -4.00 30.48 45.03
N ALA D 63 -4.00 31.82 45.10
CA ALA D 63 -3.44 32.63 44.04
C ALA D 63 -1.92 32.43 43.96
N ALA D 64 -1.27 32.27 45.10
CA ALA D 64 0.20 32.14 45.16
C ALA D 64 0.67 30.80 44.59
N ALA D 65 -0.20 29.77 44.62
CA ALA D 65 0.22 28.41 44.27
C ALA D 65 0.43 28.19 42.78
N SER D 66 -0.15 29.04 41.91
CA SER D 66 -0.16 28.76 40.49
C SER D 66 -0.02 30.07 39.71
N SER D 67 0.34 29.96 38.42
CA SER D 67 0.30 31.10 37.52
C SER D 67 -1.04 31.19 36.78
N LEU D 68 -1.75 30.07 36.63
CA LEU D 68 -3.04 30.00 35.94
C LEU D 68 -4.14 29.84 37.00
N LEU D 69 -5.01 30.84 37.10
CA LEU D 69 -6.03 30.91 38.14
C LEU D 69 -7.41 30.90 37.47
N ILE D 70 -8.16 29.80 37.67
CA ILE D 70 -9.45 29.61 37.04
C ILE D 70 -10.52 29.95 38.06
N ILE D 71 -11.45 30.84 37.69
CA ILE D 71 -12.54 31.19 38.60
C ILE D 71 -13.86 30.71 38.01
N CYS D 72 -14.56 29.85 38.75
CA CYS D 72 -15.82 29.30 38.30
C CYS D 72 -16.78 29.33 39.49
N GLN D 73 -17.34 30.51 39.75
CA GLN D 73 -18.23 30.72 40.89
C GLN D 73 -19.66 30.91 40.39
N LEU D 74 -20.39 31.91 40.81
CA LEU D 74 -21.79 31.97 40.43
C LEU D 74 -22.04 33.08 39.43
N ASP D 75 -21.70 34.30 39.81
CA ASP D 75 -21.87 35.45 38.94
C ASP D 75 -20.73 36.45 39.13
N LYS D 76 -20.77 37.53 38.37
CA LYS D 76 -19.72 38.53 38.40
C LYS D 76 -19.56 39.13 39.78
N ALA D 77 -20.69 39.39 40.49
CA ALA D 77 -20.56 39.89 41.85
C ALA D 77 -19.69 38.97 42.72
N SER D 78 -19.88 37.65 42.58
CA SER D 78 -19.11 36.71 43.38
C SER D 78 -17.62 36.72 43.00
N VAL D 79 -17.36 36.86 41.69
CA VAL D 79 -15.97 36.94 41.21
C VAL D 79 -15.29 38.17 41.83
N MET D 80 -15.96 39.31 41.77
CA MET D 80 -15.40 40.52 42.33
C MET D 80 -15.18 40.39 43.84
N GLN D 81 -16.10 39.70 44.53
CA GLN D 81 -15.93 39.52 45.96
C GLN D 81 -14.64 38.74 46.26
N THR D 82 -14.39 37.71 45.47
CA THR D 82 -13.16 36.93 45.61
C THR D 82 -11.92 37.78 45.29
N LEU D 83 -11.95 38.50 44.18
CA LEU D 83 -10.79 39.29 43.76
C LEU D 83 -10.44 40.34 44.81
N GLN D 84 -11.48 41.03 45.32
CA GLN D 84 -11.29 42.18 46.20
CA GLN D 84 -11.30 42.18 46.20
C GLN D 84 -10.81 41.74 47.58
N GLN D 85 -10.97 40.47 47.92
CA GLN D 85 -10.49 39.96 49.22
C GLN D 85 -8.96 39.97 49.32
N ALA D 86 -8.26 39.88 48.20
CA ALA D 86 -6.80 39.78 48.18
C ALA D 86 -6.26 40.58 47.02
N PRO D 87 -6.40 41.92 47.05
CA PRO D 87 -6.18 42.72 45.85
C PRO D 87 -4.76 42.68 45.31
N THR D 88 -3.76 42.34 46.14
CA THR D 88 -2.38 42.28 45.65
C THR D 88 -1.99 40.87 45.17
N ALA D 89 -2.89 39.88 45.28
CA ALA D 89 -2.55 38.49 45.01
C ALA D 89 -2.48 38.16 43.53
N TRP D 90 -3.05 39.00 42.65
CA TRP D 90 -3.31 38.66 41.27
C TRP D 90 -2.21 39.10 40.31
N ALA D 91 -1.28 39.91 40.81
CA ALA D 91 -0.22 40.48 39.98
C ALA D 91 0.61 39.39 39.33
N ALA D 92 0.81 39.53 38.02
CA ALA D 92 1.64 38.64 37.22
C ALA D 92 0.99 37.26 37.04
N LYS D 93 -0.30 37.12 37.35
CA LYS D 93 -1.03 35.87 37.16
C LYS D 93 -1.90 35.99 35.92
N THR D 94 -2.32 34.86 35.37
CA THR D 94 -3.34 34.81 34.34
C THR D 94 -4.64 34.31 34.96
N ILE D 95 -5.65 35.17 35.02
CA ILE D 95 -6.98 34.81 35.45
C ILE D 95 -7.80 34.38 34.26
N VAL D 96 -8.40 33.20 34.36
CA VAL D 96 -9.35 32.72 33.38
C VAL D 96 -10.68 32.61 34.10
N ASP D 97 -11.57 33.54 33.76
CA ASP D 97 -12.85 33.66 34.47
C ASP D 97 -13.92 32.93 33.64
N LEU D 98 -14.41 31.81 34.15
CA LEU D 98 -15.40 31.00 33.46
C LEU D 98 -16.78 31.15 34.13
N THR D 99 -16.97 32.26 34.84
CA THR D 99 -18.22 32.49 35.55
C THR D 99 -19.19 33.22 34.62
N ASN D 100 -20.41 32.70 34.53
CA ASN D 100 -21.45 33.27 33.65
C ASN D 100 -21.72 34.73 33.98
N GLY D 101 -21.92 35.50 32.91
CA GLY D 101 -22.25 36.91 33.05
C GLY D 101 -22.54 37.54 31.70
N THR D 102 -22.79 38.84 31.74
CA THR D 102 -22.99 39.62 30.53
C THR D 102 -21.66 40.03 29.94
N PRO D 103 -21.66 40.48 28.67
CA PRO D 103 -20.48 41.12 28.11
C PRO D 103 -19.96 42.25 28.99
N ALA D 104 -20.87 43.13 29.46
CA ALA D 104 -20.45 44.21 30.35
C ALA D 104 -19.74 43.68 31.60
N HIS D 105 -20.24 42.60 32.19
CA HIS D 105 -19.61 42.03 33.38
C HIS D 105 -18.17 41.63 33.07
N ALA D 106 -17.94 41.01 31.93
CA ALA D 106 -16.59 40.57 31.58
C ALA D 106 -15.67 41.79 31.42
N ARG D 107 -16.18 42.87 30.77
CA ARG D 107 -15.37 44.04 30.55
C ARG D 107 -15.00 44.70 31.87
N GLU D 108 -15.98 44.79 32.79
CA GLU D 108 -15.77 45.37 34.10
C GLU D 108 -14.74 44.58 34.90
N THR D 109 -14.84 43.26 34.85
CA THR D 109 -13.92 42.41 35.62
C THR D 109 -12.51 42.54 35.05
N ALA D 110 -12.41 42.54 33.72
CA ALA D 110 -11.13 42.70 33.04
C ALA D 110 -10.45 44.01 33.45
N ASP D 111 -11.23 45.09 33.48
CA ASP D 111 -10.70 46.40 33.86
C ASP D 111 -10.07 46.33 35.26
N TRP D 112 -10.76 45.69 36.21
CA TRP D 112 -10.23 45.54 37.56
C TRP D 112 -8.94 44.71 37.54
N ALA D 113 -8.97 43.58 36.84
CA ALA D 113 -7.83 42.69 36.79
C ALA D 113 -6.60 43.42 36.22
N LEU D 114 -6.77 44.13 35.11
CA LEU D 114 -5.68 44.86 34.47
C LEU D 114 -5.12 45.92 35.44
N ALA D 115 -5.99 46.59 36.21
CA ALA D 115 -5.55 47.60 37.17
C ALA D 115 -4.79 46.98 38.34
N HIS D 116 -4.91 45.67 38.55
CA HIS D 116 -4.23 44.98 39.64
C HIS D 116 -3.13 44.06 39.11
N GLY D 117 -2.66 44.31 37.90
CA GLY D 117 -1.45 43.69 37.38
C GLY D 117 -1.65 42.27 36.83
N ALA D 118 -2.92 41.84 36.64
CA ALA D 118 -3.19 40.50 36.16
C ALA D 118 -3.43 40.54 34.65
N ARG D 119 -3.22 39.38 34.02
CA ARG D 119 -3.75 39.11 32.70
C ARG D 119 -5.11 38.43 32.86
N TYR D 120 -6.05 38.72 31.96
CA TYR D 120 -7.42 38.24 32.13
C TYR D 120 -8.02 37.83 30.79
N ILE D 121 -8.59 36.62 30.76
CA ILE D 121 -9.45 36.19 29.68
C ILE D 121 -10.75 35.69 30.31
N HIS D 122 -11.84 35.83 29.53
CA HIS D 122 -13.14 35.34 29.96
C HIS D 122 -13.50 34.14 29.10
N GLY D 123 -14.15 33.15 29.70
CA GLY D 123 -14.57 31.97 28.97
C GLY D 123 -16.04 31.63 29.25
N GLY D 124 -16.66 30.93 28.31
CA GLY D 124 -18.02 30.45 28.44
C GLY D 124 -18.06 28.95 28.23
N ILE D 125 -18.44 28.21 29.28
CA ILE D 125 -18.41 26.75 29.22
C ILE D 125 -19.69 26.21 28.61
N MET D 126 -19.59 25.64 27.41
CA MET D 126 -20.75 25.07 26.73
C MET D 126 -20.69 23.57 26.97
N ALA D 127 -21.05 23.21 28.19
CA ALA D 127 -21.01 21.84 28.64
C ALA D 127 -21.74 21.79 29.96
N VAL D 128 -22.26 20.62 30.31
CA VAL D 128 -22.66 20.36 31.69
C VAL D 128 -21.50 19.60 32.35
N PRO D 129 -21.44 19.49 33.69
CA PRO D 129 -20.25 18.97 34.36
C PRO D 129 -19.74 17.63 33.86
N PHE D 130 -20.65 16.68 33.57
CA PHE D 130 -20.19 15.37 33.15
C PHE D 130 -19.45 15.41 31.80
N MET D 131 -19.67 16.46 30.98
CA MET D 131 -19.06 16.55 29.66
C MET D 131 -17.64 17.12 29.71
N ILE D 132 -17.23 17.72 30.84
CA ILE D 132 -15.90 18.32 30.90
C ILE D 132 -14.85 17.27 30.59
N GLY D 133 -13.90 17.60 29.69
CA GLY D 133 -12.84 16.67 29.32
C GLY D 133 -13.20 15.83 28.08
N GLN D 134 -14.42 15.97 27.55
CA GLN D 134 -14.82 15.31 26.32
C GLN D 134 -14.66 16.28 25.15
N PRO D 135 -14.41 15.79 23.91
CA PRO D 135 -14.29 16.68 22.75
C PRO D 135 -15.56 17.50 22.44
N ASP D 136 -16.73 16.96 22.80
CA ASP D 136 -17.96 17.71 22.54
C ASP D 136 -18.18 18.83 23.55
N ALA D 137 -17.33 18.96 24.59
CA ALA D 137 -17.36 20.12 25.46
C ALA D 137 -16.66 21.32 24.80
N MET D 138 -17.40 22.35 24.46
CA MET D 138 -16.82 23.51 23.81
C MET D 138 -16.63 24.56 24.89
N ILE D 139 -15.46 25.19 24.97
CA ILE D 139 -15.26 26.34 25.83
C ILE D 139 -14.86 27.53 24.98
N LEU D 140 -15.67 28.58 25.04
CA LEU D 140 -15.45 29.82 24.32
C LEU D 140 -14.53 30.71 25.12
N TYR D 141 -13.61 31.41 24.46
CA TYR D 141 -12.71 32.32 25.13
C TYR D 141 -12.58 33.64 24.37
N SER D 142 -12.43 34.73 25.13
CA SER D 142 -12.22 36.04 24.54
C SER D 142 -11.34 36.86 25.45
N GLY D 143 -10.69 37.85 24.81
CA GLY D 143 -9.73 38.69 25.47
C GLY D 143 -8.44 38.70 24.66
N PRO D 144 -7.38 39.31 25.20
CA PRO D 144 -6.16 39.49 24.39
C PRO D 144 -5.63 38.15 23.89
N ALA D 145 -5.33 38.10 22.60
CA ALA D 145 -4.90 36.88 21.93
C ALA D 145 -3.63 36.35 22.58
N GLU D 146 -2.71 37.23 22.97
CA GLU D 146 -1.44 36.82 23.54
C GLU D 146 -1.64 36.18 24.91
N VAL D 147 -2.64 36.62 25.67
CA VAL D 147 -2.95 36.04 26.96
C VAL D 147 -3.49 34.63 26.75
N PHE D 148 -4.41 34.50 25.79
CA PHE D 148 -4.97 33.19 25.50
C PHE D 148 -3.87 32.22 25.05
N GLU D 149 -2.98 32.70 24.17
CA GLU D 149 -1.88 31.87 23.67
C GLU D 149 -1.05 31.31 24.80
N GLY D 150 -0.87 32.10 25.85
CA GLY D 150 -0.06 31.73 27.01
C GLY D 150 -0.62 30.55 27.80
N VAL D 151 -1.95 30.32 27.76
CA VAL D 151 -2.55 29.30 28.62
C VAL D 151 -3.35 28.25 27.85
N LYS D 152 -3.49 28.38 26.53
CA LYS D 152 -4.45 27.56 25.81
C LYS D 152 -4.13 26.07 25.89
N ASP D 153 -2.82 25.70 25.93
CA ASP D 153 -2.48 24.29 25.98
C ASP D 153 -2.96 23.66 27.30
N THR D 154 -2.77 24.34 28.43
CA THR D 154 -3.27 23.84 29.69
C THR D 154 -4.81 23.79 29.68
N LEU D 155 -5.46 24.84 29.16
CA LEU D 155 -6.92 24.89 29.17
C LEU D 155 -7.55 23.80 28.30
N SER D 156 -6.78 23.29 27.32
CA SER D 156 -7.31 22.33 26.37
C SER D 156 -7.67 20.99 27.04
N VAL D 157 -7.24 20.76 28.26
CA VAL D 157 -7.69 19.56 28.98
C VAL D 157 -9.18 19.59 29.28
N LEU D 158 -9.82 20.76 29.29
CA LEU D 158 -11.21 20.86 29.71
C LEU D 158 -12.20 20.56 28.59
N GLY D 159 -11.75 20.76 27.34
CA GLY D 159 -12.65 20.69 26.22
C GLY D 159 -11.98 21.28 24.99
N THR D 160 -12.78 21.56 23.97
CA THR D 160 -12.27 22.14 22.74
C THR D 160 -12.26 23.65 22.88
N ASN D 161 -11.07 24.25 22.86
CA ASN D 161 -10.90 25.69 22.99
C ASN D 161 -11.43 26.37 21.74
N THR D 162 -12.24 27.39 21.94
CA THR D 162 -12.83 28.13 20.83
C THR D 162 -12.67 29.62 21.09
N TYR D 163 -11.60 30.20 20.56
CA TYR D 163 -11.32 31.61 20.75
C TYR D 163 -12.19 32.42 19.80
N VAL D 164 -12.92 33.40 20.35
CA VAL D 164 -13.90 34.13 19.54
C VAL D 164 -13.53 35.60 19.40
N GLY D 165 -12.36 36.04 19.90
CA GLY D 165 -11.89 37.38 19.58
C GLY D 165 -11.36 38.17 20.75
N GLU D 166 -10.87 39.37 20.41
CA GLU D 166 -10.13 40.23 21.32
C GLU D 166 -11.03 40.91 22.34
N ASP D 167 -12.23 41.38 21.93
CA ASP D 167 -13.11 42.06 22.87
C ASP D 167 -13.44 41.07 23.98
N VAL D 168 -13.12 41.42 25.22
CA VAL D 168 -13.21 40.48 26.32
C VAL D 168 -14.65 40.07 26.61
N GLY D 169 -15.63 40.84 26.13
CA GLY D 169 -17.03 40.50 26.33
C GLY D 169 -17.60 39.52 25.32
N LEU D 170 -16.84 39.12 24.29
CA LEU D 170 -17.38 38.30 23.21
C LEU D 170 -17.71 36.88 23.61
N ALA D 171 -16.92 36.26 24.49
CA ALA D 171 -17.22 34.89 24.89
C ALA D 171 -18.58 34.87 25.57
N SER D 172 -18.84 35.88 26.40
CA SER D 172 -20.09 35.97 27.14
C SER D 172 -21.25 36.20 26.16
N LEU D 173 -21.05 37.01 25.12
CA LEU D 173 -22.13 37.21 24.15
C LEU D 173 -22.46 35.89 23.45
N HIS D 174 -21.41 35.16 22.97
CA HIS D 174 -21.63 33.89 22.34
C HIS D 174 -22.31 32.89 23.30
N ASP D 175 -21.85 32.85 24.56
CA ASP D 175 -22.34 31.93 25.58
C ASP D 175 -23.81 32.18 25.81
N LEU D 176 -24.20 33.43 26.01
CA LEU D 176 -25.60 33.74 26.32
C LEU D 176 -26.48 33.50 25.10
N ALA D 177 -25.94 33.72 23.88
CA ALA D 177 -26.69 33.39 22.68
C ALA D 177 -26.95 31.89 22.60
N LEU D 178 -25.93 31.06 22.85
CA LEU D 178 -26.09 29.63 22.83
C LEU D 178 -27.03 29.15 23.92
N LEU D 179 -26.94 29.72 25.13
CA LEU D 179 -27.88 29.37 26.19
C LEU D 179 -29.30 29.72 25.77
N SER D 180 -29.50 30.85 25.11
CA SER D 180 -30.83 31.25 24.67
CA SER D 180 -30.84 31.25 24.68
C SER D 180 -31.37 30.20 23.71
N GLY D 181 -30.52 29.70 22.81
CA GLY D 181 -30.90 28.63 21.91
C GLY D 181 -31.37 27.39 22.65
N MET D 182 -30.57 27.00 23.65
CA MET D 182 -30.88 25.86 24.48
C MET D 182 -32.20 26.05 25.22
N TYR D 183 -32.49 27.24 25.74
CA TYR D 183 -33.71 27.45 26.50
C TYR D 183 -34.93 27.40 25.59
N GLY D 184 -34.80 27.78 24.33
CA GLY D 184 -35.86 27.52 23.34
C GLY D 184 -36.10 26.01 23.13
N LEU D 185 -35.02 25.25 22.94
CA LEU D 185 -35.09 23.81 22.84
C LEU D 185 -35.81 23.24 24.07
N PHE D 186 -35.44 23.69 25.26
CA PHE D 186 -36.04 23.18 26.48
C PHE D 186 -37.48 23.61 26.63
N SER D 187 -37.87 24.76 26.10
CA SER D 187 -39.26 25.20 26.09
C SER D 187 -40.08 24.21 25.26
N GLY D 188 -39.54 23.83 24.10
CA GLY D 188 -40.17 22.85 23.23
C GLY D 188 -40.30 21.48 23.90
N PHE D 189 -39.23 20.98 24.50
CA PHE D 189 -39.25 19.73 25.23
C PHE D 189 -40.35 19.79 26.28
N THR D 190 -40.39 20.88 27.06
CA THR D 190 -41.32 20.96 28.17
C THR D 190 -42.77 20.88 27.68
N HIS D 191 -43.10 21.66 26.64
CA HIS D 191 -44.46 21.64 26.11
C HIS D 191 -44.80 20.27 25.50
N ALA D 192 -43.90 19.70 24.70
CA ALA D 192 -44.12 18.43 24.05
C ALA D 192 -44.37 17.33 25.07
N VAL D 193 -43.54 17.27 26.10
CA VAL D 193 -43.63 16.22 27.10
C VAL D 193 -44.87 16.42 27.97
N ALA D 194 -45.23 17.68 28.28
CA ALA D 194 -46.48 17.93 29.01
C ALA D 194 -47.69 17.40 28.21
N LEU D 195 -47.69 17.63 26.90
CA LEU D 195 -48.79 17.17 26.08
C LEU D 195 -48.92 15.65 26.13
N VAL D 196 -47.83 14.89 25.94
CA VAL D 196 -47.98 13.44 25.93
C VAL D 196 -48.27 12.94 27.34
N GLN D 197 -47.68 13.55 28.38
CA GLN D 197 -47.94 13.13 29.75
C GLN D 197 -49.41 13.36 30.11
N SER D 198 -50.05 14.39 29.53
CA SER D 198 -51.44 14.68 29.81
C SER D 198 -52.35 13.54 29.34
N ALA D 199 -51.88 12.68 28.42
CA ALA D 199 -52.63 11.52 27.98
C ALA D 199 -51.99 10.23 28.50
N ASN D 200 -51.18 10.32 29.54
CA ASN D 200 -50.59 9.16 30.21
C ASN D 200 -49.61 8.40 29.31
N ILE D 201 -48.93 9.09 28.41
CA ILE D 201 -47.90 8.48 27.59
C ILE D 201 -46.57 8.71 28.30
N PRO D 202 -45.79 7.64 28.59
CA PRO D 202 -44.49 7.81 29.23
C PRO D 202 -43.56 8.71 28.42
N ALA D 203 -42.86 9.60 29.11
CA ALA D 203 -41.99 10.54 28.43
C ALA D 203 -40.79 9.86 27.82
N ALA D 204 -40.19 8.86 28.48
CA ALA D 204 -38.90 8.35 28.04
C ALA D 204 -38.98 7.77 26.61
N GLY D 205 -39.96 6.90 26.35
CA GLY D 205 -40.10 6.31 25.03
C GLY D 205 -40.39 7.33 23.93
N PHE D 206 -41.27 8.27 24.23
CA PHE D 206 -41.63 9.35 23.32
C PHE D 206 -40.39 10.19 22.98
N VAL D 207 -39.63 10.57 24.01
CA VAL D 207 -38.48 11.42 23.77
C VAL D 207 -37.41 10.69 22.97
N ALA D 208 -37.10 9.45 23.37
CA ALA D 208 -36.01 8.73 22.74
C ALA D 208 -36.32 8.37 21.28
N THR D 209 -37.57 7.95 20.99
CA THR D 209 -37.88 7.37 19.70
C THR D 209 -38.59 8.35 18.75
N GLN D 210 -39.19 9.43 19.28
CA GLN D 210 -39.90 10.36 18.40
C GLN D 210 -39.31 11.77 18.49
N LEU D 211 -39.25 12.36 19.69
CA LEU D 211 -38.87 13.76 19.80
C LEU D 211 -37.42 13.99 19.38
N ILE D 212 -36.48 13.17 19.90
CA ILE D 212 -35.09 13.42 19.58
C ILE D 212 -34.82 13.26 18.08
N PRO D 213 -35.29 12.16 17.42
CA PRO D 213 -35.08 12.07 15.97
C PRO D 213 -35.68 13.24 15.18
N TRP D 214 -36.86 13.68 15.55
CA TRP D 214 -37.50 14.82 14.90
C TRP D 214 -36.69 16.10 15.08
N LEU D 215 -36.29 16.40 16.33
CA LEU D 215 -35.49 17.59 16.58
C LEU D 215 -34.14 17.50 15.86
N THR D 216 -33.55 16.31 15.77
CA THR D 216 -32.29 16.15 15.04
C THR D 216 -32.45 16.55 13.57
N ALA D 217 -33.54 16.10 12.93
CA ALA D 217 -33.81 16.46 11.55
C ALA D 217 -34.06 17.97 11.41
N MET D 218 -34.82 18.56 12.34
CA MET D 218 -35.13 19.98 12.23
C MET D 218 -33.89 20.83 12.50
N THR D 219 -32.97 20.32 13.35
CA THR D 219 -31.76 21.05 13.69
C THR D 219 -30.88 21.25 12.46
N GLN D 220 -30.82 20.26 11.58
CA GLN D 220 -30.03 20.39 10.37
C GLN D 220 -30.54 21.51 9.46
N HIS D 221 -31.87 21.74 9.46
CA HIS D 221 -32.49 22.81 8.68
C HIS D 221 -31.99 24.21 9.08
N LEU D 222 -31.41 24.34 10.28
CA LEU D 222 -31.02 25.65 10.79
C LEU D 222 -29.91 26.27 9.95
N ASN D 223 -29.07 25.44 9.28
CA ASN D 223 -28.02 26.03 8.45
C ASN D 223 -28.61 26.84 7.29
N LEU D 224 -29.66 26.32 6.66
CA LEU D 224 -30.31 27.05 5.57
C LEU D 224 -30.96 28.33 6.09
N LEU D 225 -31.61 28.27 7.27
CA LEU D 225 -32.18 29.48 7.86
C LEU D 225 -31.08 30.51 8.11
N ALA D 226 -29.92 30.09 8.61
CA ALA D 226 -28.86 31.02 8.94
C ALA D 226 -28.38 31.77 7.69
N THR D 227 -28.25 31.04 6.59
CA THR D 227 -27.86 31.63 5.31
C THR D 227 -28.89 32.69 4.89
N GLN D 228 -30.17 32.38 5.05
CA GLN D 228 -31.23 33.32 4.71
C GLN D 228 -31.16 34.57 5.58
N VAL D 229 -30.85 34.42 6.86
CA VAL D 229 -30.68 35.56 7.74
C VAL D 229 -29.56 36.46 7.23
N ASP D 230 -28.43 35.86 6.87
CA ASP D 230 -27.26 36.61 6.41
C ASP D 230 -27.54 37.33 5.10
N GLU D 231 -28.28 36.69 4.19
CA GLU D 231 -28.60 37.27 2.88
C GLU D 231 -29.78 38.24 2.95
N LYS D 232 -30.47 38.30 4.10
CA LYS D 232 -31.68 39.10 4.25
C LYS D 232 -32.66 38.73 3.15
N ASP D 233 -32.76 37.43 2.88
CA ASP D 233 -33.64 36.90 1.85
C ASP D 233 -34.40 35.72 2.43
N TYR D 234 -35.66 35.98 2.82
CA TYR D 234 -36.38 35.04 3.67
C TYR D 234 -37.22 34.06 2.89
N GLY D 235 -37.05 33.96 1.57
CA GLY D 235 -37.67 32.88 0.81
C GLY D 235 -39.11 33.20 0.43
N ASP D 236 -39.66 32.40 -0.49
CA ASP D 236 -41.06 32.51 -0.89
C ASP D 236 -41.66 31.11 -0.96
N GLY D 237 -42.85 30.92 -0.36
CA GLY D 237 -43.48 29.60 -0.31
C GLY D 237 -42.65 28.55 0.43
N GLY D 238 -43.04 27.29 0.28
CA GLY D 238 -42.41 26.17 0.97
C GLY D 238 -42.97 25.99 2.39
N SER D 239 -42.06 25.98 3.39
CA SER D 239 -42.43 26.04 4.79
C SER D 239 -42.51 27.51 5.20
N SER D 240 -43.47 28.20 4.61
CA SER D 240 -43.73 29.61 4.82
C SER D 240 -44.29 29.86 6.22
N LEU D 241 -44.32 31.13 6.62
CA LEU D 241 -44.98 31.55 7.85
C LEU D 241 -46.50 31.31 7.74
N ASP D 242 -47.07 31.50 6.55
CA ASP D 242 -48.48 31.16 6.35
C ASP D 242 -48.74 29.70 6.72
N MET D 243 -47.84 28.78 6.36
CA MET D 243 -48.01 27.37 6.69
C MET D 243 -47.86 27.12 8.20
N GLN D 244 -46.87 27.77 8.84
CA GLN D 244 -46.70 27.59 10.29
C GLN D 244 -47.94 28.10 11.05
N ALA D 245 -48.54 29.17 10.54
CA ALA D 245 -49.68 29.79 11.20
C ALA D 245 -50.93 28.91 11.13
N LYS D 246 -50.90 27.85 10.30
CA LYS D 246 -51.99 26.87 10.25
C LYS D 246 -51.86 25.79 11.32
N ALA D 247 -50.61 25.45 11.74
CA ALA D 247 -50.42 24.49 12.83
C ALA D 247 -50.79 25.11 14.18
N ALA D 248 -50.52 26.40 14.35
CA ALA D 248 -50.63 27.06 15.64
C ALA D 248 -51.99 26.83 16.28
N PRO D 249 -53.14 27.13 15.63
CA PRO D 249 -54.42 26.95 16.33
C PRO D 249 -54.68 25.51 16.77
N ASN D 250 -54.18 24.53 16.00
CA ASN D 250 -54.34 23.14 16.41
C ASN D 250 -53.55 22.86 17.70
N ILE D 251 -52.32 23.39 17.78
CA ILE D 251 -51.51 23.19 19.00
C ILE D 251 -52.19 23.86 20.18
N LEU D 252 -52.68 25.09 19.98
CA LEU D 252 -53.31 25.82 21.08
C LEU D 252 -54.59 25.12 21.55
N GLU D 253 -55.42 24.65 20.60
CA GLU D 253 -56.69 24.02 20.95
C GLU D 253 -56.46 22.67 21.64
N ALA D 254 -55.51 21.88 21.12
CA ALA D 254 -55.21 20.58 21.72
C ALA D 254 -54.64 20.78 23.13
N SER D 255 -53.80 21.81 23.31
CA SER D 255 -53.19 22.07 24.61
C SER D 255 -54.28 22.42 25.63
N GLN D 256 -55.20 23.32 25.23
CA GLN D 256 -56.32 23.70 26.06
C GLN D 256 -57.16 22.49 26.46
N ALA D 257 -57.46 21.61 25.49
CA ALA D 257 -58.26 20.43 25.78
C ALA D 257 -57.57 19.49 26.74
N GLN D 258 -56.24 19.44 26.72
CA GLN D 258 -55.45 18.54 27.58
C GLN D 258 -55.09 19.20 28.91
N GLY D 259 -55.46 20.46 29.11
CA GLY D 259 -55.17 21.18 30.33
C GLY D 259 -53.70 21.63 30.44
N VAL D 260 -53.03 21.81 29.30
CA VAL D 260 -51.63 22.22 29.27
C VAL D 260 -51.55 23.69 28.93
N SER D 261 -50.88 24.47 29.79
CA SER D 261 -50.67 25.88 29.53
C SER D 261 -49.87 26.09 28.24
N VAL D 262 -50.19 27.14 27.47
CA VAL D 262 -49.46 27.43 26.25
C VAL D 262 -48.44 28.55 26.41
N GLU D 263 -48.08 28.89 27.64
CA GLU D 263 -47.23 30.04 27.90
C GLU D 263 -45.86 29.93 27.21
N LEU D 264 -45.33 28.71 27.01
CA LEU D 264 -43.97 28.60 26.47
C LEU D 264 -43.92 28.73 24.95
N ILE D 265 -45.04 28.50 24.24
CA ILE D 265 -45.03 28.49 22.77
C ILE D 265 -45.82 29.65 22.17
N GLN D 266 -46.74 30.24 22.94
CA GLN D 266 -47.55 31.34 22.46
C GLN D 266 -46.68 32.45 21.86
N PRO D 267 -45.54 32.87 22.46
CA PRO D 267 -44.76 33.98 21.89
C PRO D 267 -44.36 33.82 20.43
N ILE D 268 -43.88 32.64 20.01
CA ILE D 268 -43.46 32.52 18.62
C ILE D 268 -44.69 32.56 17.72
N PHE D 269 -45.82 32.01 18.18
CA PHE D 269 -47.05 32.07 17.39
C PHE D 269 -47.48 33.54 17.17
N LYS D 270 -47.35 34.36 18.21
CA LYS D 270 -47.71 35.77 18.08
C LYS D 270 -46.77 36.51 17.12
N LEU D 271 -45.48 36.16 17.13
CA LEU D 271 -44.52 36.79 16.24
C LEU D 271 -44.83 36.40 14.80
N ILE D 272 -45.13 35.12 14.57
CA ILE D 272 -45.46 34.63 13.24
C ILE D 272 -46.69 35.39 12.72
N GLU D 273 -47.71 35.49 13.55
CA GLU D 273 -48.94 36.19 13.18
C GLU D 273 -48.67 37.64 12.85
N ARG D 274 -47.80 38.33 13.60
CA ARG D 274 -47.47 39.71 13.29
C ARG D 274 -46.86 39.84 11.88
N ARG D 275 -45.99 38.90 11.51
CA ARG D 275 -45.34 38.97 10.21
C ARG D 275 -46.35 38.71 9.08
N VAL D 276 -47.26 37.77 9.30
CA VAL D 276 -48.33 37.51 8.33
C VAL D 276 -49.18 38.77 8.15
N GLU D 277 -49.49 39.46 9.26
CA GLU D 277 -50.35 40.63 9.20
C GLU D 277 -49.66 41.83 8.54
N GLU D 278 -48.33 41.81 8.45
CA GLU D 278 -47.58 42.83 7.74
C GLU D 278 -47.51 42.52 6.24
N GLY D 279 -48.15 41.44 5.80
CA GLY D 279 -48.17 41.08 4.39
C GLY D 279 -47.00 40.20 3.95
N LYS D 280 -46.29 39.60 4.93
CA LYS D 280 -45.08 38.85 4.63
C LYS D 280 -45.21 37.38 5.00
N GLY D 281 -46.43 36.84 4.87
CA GLY D 281 -46.72 35.45 5.17
C GLY D 281 -46.01 34.45 4.25
N SER D 282 -45.57 34.91 3.08
CA SER D 282 -44.91 34.03 2.13
C SER D 282 -43.45 33.83 2.49
N GLU D 283 -42.91 34.66 3.37
CA GLU D 283 -41.53 34.51 3.86
C GLU D 283 -41.46 33.34 4.82
N GLY D 284 -40.24 32.88 5.11
CA GLY D 284 -40.03 31.77 6.02
C GLY D 284 -39.57 32.24 7.40
N LEU D 285 -39.21 31.28 8.25
CA LEU D 285 -38.86 31.51 9.63
C LEU D 285 -37.65 32.42 9.84
N ALA D 286 -36.78 32.53 8.83
CA ALA D 286 -35.61 33.38 8.96
C ALA D 286 -36.01 34.85 9.16
N ALA D 287 -37.21 35.23 8.73
CA ALA D 287 -37.70 36.60 8.91
C ALA D 287 -37.84 37.00 10.39
N LEU D 288 -38.02 36.03 11.28
CA LEU D 288 -38.31 36.36 12.66
C LEU D 288 -37.13 37.01 13.38
N VAL D 289 -35.89 36.70 12.98
CA VAL D 289 -34.70 37.25 13.63
C VAL D 289 -34.74 38.77 13.61
N GLY D 290 -34.95 39.37 12.43
CA GLY D 290 -34.97 40.82 12.32
C GLY D 290 -36.08 41.47 13.14
N MET D 291 -37.18 40.75 13.36
CA MET D 291 -38.31 41.30 14.08
C MET D 291 -38.00 41.51 15.56
N ILE D 292 -37.17 40.66 16.17
CA ILE D 292 -36.88 40.86 17.59
C ILE D 292 -35.65 41.74 17.80
N MET D 293 -34.94 42.11 16.72
CA MET D 293 -33.80 43.00 16.81
C MET D 293 -34.26 44.46 16.81
N LYS D 294 -35.55 44.67 16.49
CA LYS D 294 -36.18 45.99 16.44
C LYS D 294 -36.86 46.28 17.79
N PHE E 2 1.85 44.29 31.55
CA PHE E 2 1.96 43.06 32.39
C PHE E 2 3.40 42.92 32.86
N GLN E 3 3.55 42.53 34.13
CA GLN E 3 4.84 42.18 34.74
C GLN E 3 4.77 40.74 35.24
N GLY E 4 5.68 39.89 34.73
CA GLY E 4 5.77 38.49 35.16
C GLY E 4 6.38 38.35 36.56
N PRO E 5 6.41 37.13 37.15
CA PRO E 5 7.12 36.90 38.43
C PRO E 5 8.59 37.27 38.34
N ALA E 6 9.13 37.92 39.39
CA ALA E 6 10.44 38.53 39.37
C ALA E 6 11.53 37.46 39.39
N MET E 7 12.74 37.82 38.91
CA MET E 7 13.79 36.85 38.64
C MET E 7 15.14 37.45 39.04
N ALA E 8 15.82 36.83 40.01
CA ALA E 8 16.97 37.43 40.68
C ALA E 8 18.31 36.83 40.22
N ASN E 9 18.29 35.74 39.44
CA ASN E 9 19.54 35.05 39.11
C ASN E 9 20.01 35.42 37.68
N SER E 10 21.22 34.95 37.36
CA SER E 10 21.98 35.43 36.22
C SER E 10 21.18 35.25 34.93
N PRO E 11 21.24 36.22 34.00
CA PRO E 11 20.48 36.15 32.77
C PRO E 11 20.91 35.04 31.82
N VAL E 12 19.91 34.47 31.14
CA VAL E 12 20.11 33.46 30.11
C VAL E 12 19.13 33.81 28.99
N SER E 13 19.54 33.56 27.73
CA SER E 13 18.61 33.68 26.61
C SER E 13 18.45 32.31 25.95
N VAL E 14 17.21 32.02 25.54
CA VAL E 14 16.89 30.76 24.88
C VAL E 14 16.29 31.10 23.52
N PHE E 15 16.91 30.54 22.47
CA PHE E 15 16.47 30.67 21.09
C PHE E 15 15.89 29.33 20.64
N GLY E 16 14.59 29.33 20.33
CA GLY E 16 13.87 28.13 19.98
C GLY E 16 12.98 27.65 21.11
N LEU E 17 11.67 27.77 20.91
CA LEU E 17 10.69 27.48 21.94
C LEU E 17 9.72 26.41 21.46
N GLY E 18 10.30 25.37 20.87
CA GLY E 18 9.58 24.14 20.61
C GLY E 18 9.40 23.39 21.91
N ALA E 19 9.11 22.08 21.81
CA ALA E 19 8.86 21.28 23.00
C ALA E 19 10.05 21.38 23.95
N MET E 20 11.26 21.21 23.38
CA MET E 20 12.43 21.12 24.23
C MET E 20 12.85 22.51 24.70
N GLY E 21 12.92 23.50 23.80
CA GLY E 21 13.30 24.83 24.19
C GLY E 21 12.38 25.41 25.27
N THR E 22 11.08 25.13 25.16
CA THR E 22 10.13 25.55 26.17
C THR E 22 10.49 24.95 27.52
N ALA E 23 10.82 23.66 27.53
CA ALA E 23 11.21 22.99 28.75
C ALA E 23 12.46 23.61 29.35
N LEU E 24 13.46 23.94 28.52
CA LEU E 24 14.69 24.55 29.01
C LEU E 24 14.38 25.92 29.64
N ALA E 25 13.64 26.76 28.92
CA ALA E 25 13.34 28.09 29.42
C ALA E 25 12.54 28.02 30.72
N THR E 26 11.61 27.07 30.79
CA THR E 26 10.77 26.88 31.97
C THR E 26 11.65 26.56 33.18
N GLN E 27 12.63 25.69 33.01
CA GLN E 27 13.49 25.28 34.10
C GLN E 27 14.38 26.45 34.56
N PHE E 28 14.92 27.25 33.64
CA PHE E 28 15.68 28.43 34.03
C PHE E 28 14.81 29.37 34.87
N LEU E 29 13.56 29.58 34.47
CA LEU E 29 12.67 30.47 35.19
C LEU E 29 12.32 29.90 36.56
N ARG E 30 12.09 28.60 36.64
CA ARG E 30 11.80 27.93 37.91
C ARG E 30 12.95 28.11 38.90
N LYS E 31 14.20 28.19 38.41
CA LYS E 31 15.34 28.38 39.28
C LYS E 31 15.74 29.84 39.43
N GLY E 32 14.88 30.77 38.98
CA GLY E 32 15.01 32.18 39.30
C GLY E 32 15.88 32.98 38.32
N HIS E 33 16.27 32.39 37.17
CA HIS E 33 17.08 33.14 36.20
C HIS E 33 16.23 34.10 35.41
N LYS E 34 16.75 35.29 35.17
CA LYS E 34 16.17 36.24 34.22
C LYS E 34 16.33 35.57 32.85
N THR E 35 15.20 35.19 32.24
CA THR E 35 15.23 34.34 31.06
C THR E 35 14.61 35.12 29.92
N THR E 36 15.41 35.41 28.89
CA THR E 36 14.95 36.08 27.70
C THR E 36 14.71 35.02 26.62
N VAL E 37 13.58 35.12 25.91
CA VAL E 37 13.22 34.07 24.99
C VAL E 37 12.96 34.64 23.60
N TRP E 38 13.29 33.84 22.59
CA TRP E 38 13.07 34.21 21.21
C TRP E 38 12.66 32.96 20.44
N ASN E 39 11.70 33.12 19.52
CA ASN E 39 11.29 32.04 18.64
C ASN E 39 10.91 32.63 17.29
N ARG E 40 11.18 31.91 16.21
CA ARG E 40 10.81 32.35 14.88
C ARG E 40 9.32 32.69 14.84
N THR E 41 8.47 31.81 15.40
CA THR E 41 7.04 32.05 15.54
C THR E 41 6.77 32.63 16.93
N PRO E 42 6.51 33.95 17.04
CA PRO E 42 6.52 34.59 18.36
C PRO E 42 5.42 34.17 19.34
N ALA E 43 4.28 33.59 18.86
CA ALA E 43 3.24 33.14 19.78
C ALA E 43 3.75 32.09 20.77
N LYS E 44 4.77 31.30 20.40
CA LYS E 44 5.27 30.26 21.30
C LYS E 44 5.99 30.86 22.50
N ALA E 45 6.27 32.16 22.50
CA ALA E 45 6.84 32.80 23.68
C ALA E 45 5.80 33.03 24.76
N GLN E 46 4.51 33.05 24.41
CA GLN E 46 3.51 33.53 25.37
C GLN E 46 3.43 32.65 26.60
N PRO E 47 3.50 31.30 26.53
CA PRO E 47 3.53 30.48 27.74
C PRO E 47 4.70 30.77 28.66
N LEU E 48 5.85 31.22 28.09
CA LEU E 48 6.98 31.54 28.94
C LEU E 48 6.81 32.94 29.55
N ILE E 49 6.25 33.89 28.80
CA ILE E 49 5.95 35.22 29.33
C ILE E 49 5.01 35.07 30.54
N ALA E 50 4.08 34.12 30.43
CA ALA E 50 3.11 33.90 31.50
C ALA E 50 3.75 33.46 32.80
N ILE E 51 4.97 32.87 32.76
CA ILE E 51 5.66 32.48 33.98
C ILE E 51 6.95 33.26 34.19
N GLY E 52 7.08 34.43 33.57
CA GLY E 52 8.09 35.40 33.98
C GLY E 52 9.18 35.69 32.94
N ALA E 53 9.12 35.07 31.76
CA ALA E 53 10.13 35.29 30.74
C ALA E 53 9.99 36.70 30.15
N SER E 54 11.13 37.22 29.71
CA SER E 54 11.17 38.42 28.89
C SER E 54 11.19 38.04 27.41
N HIS E 55 10.28 38.59 26.61
CA HIS E 55 10.21 38.24 25.19
C HIS E 55 11.05 39.17 24.32
N ALA E 56 12.08 38.65 23.69
CA ALA E 56 12.90 39.49 22.83
C ALA E 56 12.20 39.70 21.50
N PRO E 57 12.05 40.95 21.00
CA PRO E 57 11.43 41.17 19.69
C PRO E 57 12.27 40.76 18.49
N THR E 58 13.59 40.60 18.68
CA THR E 58 14.50 40.26 17.60
C THR E 58 15.61 39.36 18.13
N ILE E 59 16.29 38.69 17.19
CA ILE E 59 17.46 37.90 17.52
C ILE E 59 18.50 38.78 18.21
N ASP E 60 18.71 39.94 17.65
CA ASP E 60 19.71 40.85 18.16
C ASP E 60 19.44 41.21 19.63
N SER E 61 18.17 41.49 19.96
CA SER E 61 17.89 41.89 21.34
C SER E 61 17.97 40.71 22.31
N ALA E 62 17.67 39.48 21.84
CA ALA E 62 17.85 38.30 22.69
C ALA E 62 19.32 38.08 23.00
N ALA E 63 20.19 38.28 21.99
CA ALA E 63 21.62 38.11 22.18
C ALA E 63 22.16 39.16 23.16
N ALA E 64 21.64 40.38 23.07
CA ALA E 64 22.10 41.49 23.91
C ALA E 64 21.74 41.29 25.38
N ALA E 65 20.68 40.54 25.67
CA ALA E 65 20.14 40.47 27.02
C ALA E 65 20.96 39.62 27.97
N SER E 66 21.83 38.73 27.46
CA SER E 66 22.50 37.77 28.31
C SER E 66 23.91 37.53 27.76
N SER E 67 24.78 36.93 28.58
CA SER E 67 26.06 36.43 28.12
C SER E 67 25.99 34.96 27.71
N LEU E 68 25.03 34.21 28.25
CA LEU E 68 24.84 32.79 27.96
C LEU E 68 23.63 32.65 27.03
N LEU E 69 23.89 32.18 25.81
CA LEU E 69 22.89 32.10 24.77
C LEU E 69 22.70 30.64 24.37
N ILE E 70 21.53 30.09 24.69
CA ILE E 70 21.23 28.68 24.44
C ILE E 70 20.38 28.59 23.17
N ILE E 71 20.81 27.79 22.20
CA ILE E 71 20.07 27.61 20.97
C ILE E 71 19.57 26.18 20.90
N CYS E 72 18.24 26.03 20.84
CA CYS E 72 17.61 24.72 20.80
C CYS E 72 16.51 24.76 19.74
N GLN E 73 16.91 24.65 18.48
CA GLN E 73 16.02 24.77 17.34
C GLN E 73 15.85 23.39 16.71
N LEU E 74 15.93 23.25 15.40
CA LEU E 74 15.58 21.98 14.81
C LEU E 74 16.85 21.28 14.34
N ASP E 75 17.60 21.96 13.47
CA ASP E 75 18.82 21.39 12.91
C ASP E 75 19.87 22.48 12.70
N LYS E 76 21.05 22.06 12.23
CA LYS E 76 22.15 22.99 12.05
C LYS E 76 21.78 24.09 11.05
N ALA E 77 21.05 23.75 9.97
CA ALA E 77 20.59 24.80 9.06
C ALA E 77 19.83 25.90 9.77
N SER E 78 18.93 25.51 10.70
CA SER E 78 18.15 26.49 11.42
C SER E 78 19.02 27.35 12.35
N VAL E 79 20.02 26.73 12.97
CA VAL E 79 20.96 27.44 13.83
C VAL E 79 21.71 28.50 13.03
N MET E 80 22.21 28.10 11.86
CA MET E 80 22.94 29.03 11.02
C MET E 80 22.03 30.15 10.55
N GLN E 81 20.76 29.84 10.27
CA GLN E 81 19.84 30.89 9.85
C GLN E 81 19.70 31.95 10.94
N THR E 82 19.60 31.49 12.19
CA THR E 82 19.48 32.39 13.33
C THR E 82 20.77 33.22 13.48
N LEU E 83 21.93 32.57 13.43
CA LEU E 83 23.20 33.26 13.65
C LEU E 83 23.42 34.33 12.56
N GLN E 84 23.12 33.97 11.31
CA GLN E 84 23.41 34.82 10.16
C GLN E 84 22.48 36.03 10.13
N GLN E 85 21.34 35.99 10.85
CA GLN E 85 20.42 37.11 10.87
C GLN E 85 21.00 38.32 11.60
N ALA E 86 21.93 38.10 12.53
CA ALA E 86 22.49 39.17 13.35
C ALA E 86 23.97 38.90 13.57
N PRO E 87 24.80 38.99 12.50
CA PRO E 87 26.16 38.47 12.57
C PRO E 87 27.06 39.18 13.58
N THR E 88 26.75 40.42 13.97
CA THR E 88 27.57 41.15 14.93
C THR E 88 27.07 40.99 16.37
N ALA E 89 25.97 40.25 16.59
CA ALA E 89 25.34 40.16 17.91
C ALA E 89 26.04 39.21 18.85
N TRP E 90 26.92 38.32 18.34
CA TRP E 90 27.39 37.19 19.11
C TRP E 90 28.74 37.43 19.77
N ALA E 91 29.40 38.55 19.43
CA ALA E 91 30.74 38.83 19.94
C ALA E 91 30.75 38.86 21.46
N ALA E 92 31.72 38.10 22.02
CA ALA E 92 31.97 38.04 23.47
C ALA E 92 30.85 37.34 24.23
N LYS E 93 29.98 36.61 23.52
CA LYS E 93 28.95 35.80 24.16
C LYS E 93 29.36 34.34 24.15
N THR E 94 28.75 33.54 25.03
CA THR E 94 28.95 32.09 25.01
C THR E 94 27.68 31.47 24.44
N ILE E 95 27.82 30.88 23.25
CA ILE E 95 26.73 30.15 22.62
C ILE E 95 26.82 28.69 23.05
N VAL E 96 25.69 28.17 23.56
CA VAL E 96 25.56 26.77 23.88
C VAL E 96 24.51 26.22 22.94
N ASP E 97 24.97 25.44 21.97
CA ASP E 97 24.11 24.93 20.91
C ASP E 97 23.67 23.52 21.27
N LEU E 98 22.39 23.35 21.60
CA LEU E 98 21.83 22.06 21.98
C LEU E 98 20.98 21.48 20.85
N THR E 99 21.20 21.96 19.63
CA THR E 99 20.43 21.53 18.47
C THR E 99 21.09 20.28 17.87
N ASN E 100 20.29 19.24 17.66
CA ASN E 100 20.74 17.96 17.12
C ASN E 100 21.43 18.15 15.76
N GLY E 101 22.51 17.40 15.59
CA GLY E 101 23.24 17.40 14.34
C GLY E 101 24.36 16.38 14.38
N THR E 102 25.13 16.36 13.29
CA THR E 102 26.29 15.53 13.18
C THR E 102 27.50 16.18 13.84
N PRO E 103 28.57 15.42 14.09
CA PRO E 103 29.84 16.01 14.51
C PRO E 103 30.31 17.11 13.55
N ALA E 104 30.20 16.85 12.24
CA ALA E 104 30.59 17.87 11.26
C ALA E 104 29.77 19.14 11.44
N HIS E 105 28.46 19.01 11.68
CA HIS E 105 27.62 20.19 11.87
C HIS E 105 28.13 21.02 13.03
N ALA E 106 28.52 20.38 14.14
CA ALA E 106 29.00 21.12 15.29
C ALA E 106 30.30 21.85 14.95
N ARG E 107 31.20 21.19 14.23
CA ARG E 107 32.48 21.78 13.89
C ARG E 107 32.28 22.99 12.97
N GLU E 108 31.36 22.87 12.00
CA GLU E 108 31.06 23.94 11.07
C GLU E 108 30.47 25.14 11.80
N THR E 109 29.53 24.89 12.73
CA THR E 109 28.90 25.98 13.45
C THR E 109 29.93 26.67 14.35
N ALA E 110 30.78 25.89 15.02
CA ALA E 110 31.81 26.44 15.88
C ALA E 110 32.77 27.35 15.10
N ASP E 111 33.13 26.92 13.89
CA ASP E 111 34.01 27.72 13.05
C ASP E 111 33.40 29.09 12.76
N TRP E 112 32.10 29.12 12.43
CA TRP E 112 31.40 30.36 12.17
C TRP E 112 31.38 31.22 13.44
N ALA E 113 31.04 30.61 14.57
CA ALA E 113 30.93 31.33 15.82
C ALA E 113 32.27 31.98 16.19
N LEU E 114 33.36 31.21 16.09
CA LEU E 114 34.69 31.71 16.42
C LEU E 114 35.06 32.87 15.48
N ALA E 115 34.69 32.79 14.21
CA ALA E 115 34.99 33.85 13.25
C ALA E 115 34.17 35.12 13.54
N HIS E 116 33.11 35.02 14.36
CA HIS E 116 32.28 36.17 14.69
C HIS E 116 32.45 36.56 16.15
N GLY E 117 33.55 36.13 16.77
CA GLY E 117 33.95 36.62 18.08
C GLY E 117 33.24 35.93 19.25
N ALA E 118 32.51 34.84 19.00
CA ALA E 118 31.76 34.15 20.05
C ALA E 118 32.59 32.99 20.59
N ARG E 119 32.23 32.57 21.80
CA ARG E 119 32.64 31.28 22.32
C ARG E 119 31.52 30.29 22.04
N TYR E 120 31.87 29.02 21.87
CA TYR E 120 30.89 28.04 21.42
C TYR E 120 31.16 26.68 22.05
N ILE E 121 30.10 26.12 22.65
CA ILE E 121 30.09 24.71 23.06
C ILE E 121 28.86 24.06 22.45
N HIS E 122 28.97 22.77 22.17
CA HIS E 122 27.86 21.99 21.64
C HIS E 122 27.40 21.03 22.73
N GLY E 123 26.10 20.81 22.82
CA GLY E 123 25.55 19.88 23.80
C GLY E 123 24.56 18.93 23.15
N GLY E 124 24.43 17.74 23.75
CA GLY E 124 23.41 16.79 23.37
C GLY E 124 22.52 16.47 24.55
N ILE E 125 21.23 16.78 24.41
CA ILE E 125 20.28 16.55 25.49
C ILE E 125 19.78 15.11 25.47
N MET E 126 20.14 14.35 26.49
CA MET E 126 19.69 12.97 26.62
C MET E 126 18.55 13.00 27.63
N ALA E 127 17.42 13.46 27.14
CA ALA E 127 16.22 13.63 27.93
C ALA E 127 15.10 13.93 26.98
N VAL E 128 13.87 13.62 27.37
CA VAL E 128 12.68 14.17 26.74
C VAL E 128 12.26 15.38 27.57
N PRO E 129 11.41 16.28 27.06
CA PRO E 129 11.13 17.55 27.74
C PRO E 129 10.72 17.47 29.20
N PHE E 130 9.86 16.49 29.54
CA PHE E 130 9.39 16.41 30.91
C PHE E 130 10.52 16.05 31.88
N MET E 131 11.65 15.48 31.40
CA MET E 131 12.74 15.09 32.27
C MET E 131 13.69 16.24 32.59
N ILE E 132 13.60 17.37 31.85
CA ILE E 132 14.54 18.46 32.08
C ILE E 132 14.40 18.94 33.52
N GLY E 133 15.54 19.10 34.20
CA GLY E 133 15.56 19.51 35.60
C GLY E 133 15.57 18.34 36.59
N GLN E 134 15.47 17.10 36.10
CA GLN E 134 15.62 15.92 36.95
C GLN E 134 17.05 15.39 36.88
N PRO E 135 17.56 14.72 37.94
CA PRO E 135 18.93 14.18 37.91
C PRO E 135 19.19 13.14 36.81
N ASP E 136 18.14 12.40 36.40
CA ASP E 136 18.33 11.41 35.35
C ASP E 136 18.42 12.06 33.95
N ALA E 137 18.22 13.38 33.84
CA ALA E 137 18.46 14.05 32.56
C ALA E 137 19.96 14.31 32.35
N MET E 138 20.55 13.67 31.37
CA MET E 138 21.98 13.83 31.11
C MET E 138 22.11 14.82 29.97
N ILE E 139 23.00 15.79 30.08
CA ILE E 139 23.37 16.62 28.95
C ILE E 139 24.87 16.51 28.70
N LEU E 140 25.20 16.10 27.48
CA LEU E 140 26.59 15.93 27.07
C LEU E 140 27.10 17.23 26.49
N TYR E 141 28.34 17.60 26.79
CA TYR E 141 28.92 18.83 26.26
C TYR E 141 30.34 18.61 25.73
N SER E 142 30.67 19.33 24.67
CA SER E 142 32.01 19.31 24.11
C SER E 142 32.37 20.68 23.57
N GLY E 143 33.68 20.89 23.50
CA GLY E 143 34.24 22.17 23.09
C GLY E 143 35.29 22.60 24.11
N PRO E 144 35.81 23.83 23.99
CA PRO E 144 36.87 24.27 24.91
C PRO E 144 36.48 24.13 26.37
N ALA E 145 37.37 23.50 27.15
CA ALA E 145 37.13 23.20 28.54
C ALA E 145 36.86 24.48 29.32
N GLU E 146 37.62 25.54 29.01
CA GLU E 146 37.52 26.76 29.78
C GLU E 146 36.19 27.46 29.51
N VAL E 147 35.64 27.31 28.30
CA VAL E 147 34.35 27.89 27.96
C VAL E 147 33.26 27.15 28.72
N PHE E 148 33.34 25.82 28.73
CA PHE E 148 32.38 25.02 29.49
C PHE E 148 32.42 25.39 30.97
N GLU E 149 33.63 25.51 31.53
CA GLU E 149 33.81 25.81 32.94
C GLU E 149 33.11 27.12 33.30
N GLY E 150 33.12 28.08 32.37
CA GLY E 150 32.51 29.38 32.58
C GLY E 150 30.99 29.35 32.75
N VAL E 151 30.31 28.34 32.18
CA VAL E 151 28.85 28.34 32.18
C VAL E 151 28.24 27.08 32.80
N LYS E 152 29.06 26.12 33.24
CA LYS E 152 28.55 24.84 33.65
C LYS E 152 27.61 24.94 34.86
N ASP E 153 27.86 25.88 35.79
CA ASP E 153 27.02 25.98 36.96
C ASP E 153 25.59 26.41 36.57
N THR E 154 25.46 27.38 35.67
CA THR E 154 24.15 27.75 35.19
C THR E 154 23.48 26.60 34.42
N LEU E 155 24.25 25.92 33.55
CA LEU E 155 23.67 24.83 32.74
C LEU E 155 23.21 23.66 33.61
N SER E 156 23.78 23.52 34.82
CA SER E 156 23.49 22.38 35.67
C SER E 156 22.04 22.38 36.16
N VAL E 157 21.31 23.46 36.01
CA VAL E 157 19.88 23.49 36.32
C VAL E 157 19.09 22.54 35.39
N LEU E 158 19.61 22.24 34.19
CA LEU E 158 18.84 21.47 33.22
C LEU E 158 18.94 19.96 33.47
N GLY E 159 20.03 19.53 34.09
CA GLY E 159 20.27 18.12 34.33
C GLY E 159 21.75 17.91 34.67
N THR E 160 22.22 16.68 34.58
CA THR E 160 23.58 16.34 34.98
C THR E 160 24.53 16.58 33.80
N ASN E 161 25.44 17.53 33.99
CA ASN E 161 26.40 17.91 32.97
C ASN E 161 27.43 16.81 32.80
N THR E 162 27.69 16.46 31.56
CA THR E 162 28.66 15.43 31.23
C THR E 162 29.57 15.95 30.12
N TYR E 163 30.74 16.48 30.49
CA TYR E 163 31.71 16.96 29.54
C TYR E 163 32.46 15.80 28.89
N VAL E 164 32.48 15.74 27.56
CA VAL E 164 33.06 14.59 26.87
C VAL E 164 34.31 14.97 26.05
N GLY E 165 34.77 16.22 26.13
CA GLY E 165 36.07 16.53 25.57
C GLY E 165 36.12 17.80 24.73
N GLU E 166 37.35 18.11 24.24
CA GLU E 166 37.66 19.36 23.60
C GLU E 166 37.10 19.43 22.18
N ASP E 167 37.19 18.33 21.40
CA ASP E 167 36.71 18.36 20.02
C ASP E 167 35.21 18.66 20.08
N VAL E 168 34.81 19.75 19.43
CA VAL E 168 33.47 20.28 19.56
C VAL E 168 32.43 19.32 18.99
N GLY E 169 32.84 18.38 18.11
CA GLY E 169 31.92 17.41 17.56
C GLY E 169 31.65 16.19 18.44
N LEU E 170 32.31 16.07 19.59
CA LEU E 170 32.20 14.85 20.38
C LEU E 170 30.85 14.68 21.07
N ALA E 171 30.21 15.77 21.53
CA ALA E 171 28.92 15.60 22.19
C ALA E 171 27.94 15.05 21.19
N SER E 172 27.99 15.51 19.94
CA SER E 172 27.09 15.05 18.91
C SER E 172 27.35 13.58 18.61
N LEU E 173 28.61 13.16 18.57
CA LEU E 173 28.89 11.75 18.31
C LEU E 173 28.29 10.87 19.42
N HIS E 174 28.54 11.26 20.69
CA HIS E 174 27.97 10.52 21.81
C HIS E 174 26.45 10.52 21.74
N ASP E 175 25.84 11.67 21.46
CA ASP E 175 24.40 11.86 21.42
C ASP E 175 23.81 10.94 20.37
N LEU E 176 24.35 10.94 19.15
CA LEU E 176 23.78 10.13 18.08
C LEU E 176 24.00 8.64 18.36
N ALA E 177 25.12 8.28 19.02
CA ALA E 177 25.32 6.90 19.44
C ALA E 177 24.24 6.46 20.44
N LEU E 178 23.96 7.30 21.44
CA LEU E 178 22.92 7.00 22.42
C LEU E 178 21.56 6.93 21.77
N LEU E 179 21.24 7.85 20.85
CA LEU E 179 19.98 7.80 20.15
C LEU E 179 19.87 6.50 19.34
N SER E 180 20.96 6.05 18.71
CA SER E 180 20.94 4.81 17.95
CA SER E 180 20.93 4.82 17.95
C SER E 180 20.58 3.66 18.90
N GLY E 181 21.13 3.67 20.11
CA GLY E 181 20.79 2.68 21.10
C GLY E 181 19.30 2.66 21.41
N MET E 182 18.76 3.87 21.64
CA MET E 182 17.35 4.03 21.93
C MET E 182 16.48 3.55 20.78
N TYR E 183 16.86 3.80 19.53
CA TYR E 183 16.05 3.41 18.39
C TYR E 183 16.05 1.88 18.24
N GLY E 184 17.12 1.21 18.62
CA GLY E 184 17.11 -0.25 18.73
C GLY E 184 16.11 -0.74 19.77
N LEU E 185 16.18 -0.16 20.98
CA LEU E 185 15.21 -0.44 22.03
C LEU E 185 13.79 -0.24 21.53
N PHE E 186 13.52 0.87 20.85
CA PHE E 186 12.17 1.14 20.34
C PHE E 186 11.78 0.22 19.22
N SER E 187 12.72 -0.29 18.42
CA SER E 187 12.43 -1.29 17.41
C SER E 187 11.92 -2.55 18.09
N GLY E 188 12.59 -2.95 19.17
CA GLY E 188 12.17 -4.10 19.95
C GLY E 188 10.81 -3.92 20.59
N PHE E 189 10.58 -2.77 21.22
CA PHE E 189 9.29 -2.45 21.80
C PHE E 189 8.21 -2.58 20.74
N THR E 190 8.44 -1.98 19.57
CA THR E 190 7.44 -1.94 18.52
C THR E 190 7.07 -3.35 18.08
N HIS E 191 8.06 -4.17 17.79
CA HIS E 191 7.79 -5.53 17.35
C HIS E 191 7.11 -6.36 18.45
N ALA E 192 7.60 -6.28 19.69
CA ALA E 192 7.04 -7.01 20.81
C ALA E 192 5.58 -6.67 21.02
N VAL E 193 5.26 -5.39 21.01
CA VAL E 193 3.92 -4.93 21.27
C VAL E 193 3.01 -5.25 20.09
N ALA E 194 3.50 -5.17 18.85
CA ALA E 194 2.71 -5.60 17.71
C ALA E 194 2.33 -7.08 17.81
N LEU E 195 3.28 -7.91 18.25
CA LEU E 195 3.01 -9.33 18.37
C LEU E 195 1.89 -9.58 19.39
N VAL E 196 1.94 -8.96 20.57
CA VAL E 196 0.90 -9.23 21.55
C VAL E 196 -0.43 -8.59 21.11
N GLN E 197 -0.38 -7.40 20.51
CA GLN E 197 -1.59 -6.74 20.04
C GLN E 197 -2.26 -7.57 18.94
N SER E 198 -1.48 -8.29 18.14
CA SER E 198 -2.04 -9.12 17.07
C SER E 198 -2.93 -10.25 17.63
N ALA E 199 -2.76 -10.60 18.91
CA ALA E 199 -3.61 -11.58 19.58
C ALA E 199 -4.54 -10.92 20.59
N ASN E 200 -4.75 -9.60 20.46
CA ASN E 200 -5.68 -8.83 21.28
C ASN E 200 -5.26 -8.80 22.76
N ILE E 201 -3.97 -8.81 23.02
CA ILE E 201 -3.43 -8.64 24.36
C ILE E 201 -3.17 -7.16 24.57
N PRO E 202 -3.73 -6.53 25.62
CA PRO E 202 -3.42 -5.12 25.91
C PRO E 202 -1.92 -4.88 26.09
N ALA E 203 -1.44 -3.78 25.54
CA ALA E 203 -0.03 -3.45 25.62
C ALA E 203 0.39 -3.12 27.04
N ALA E 204 -0.43 -2.38 27.79
CA ALA E 204 0.06 -1.80 29.03
C ALA E 204 0.47 -2.86 30.04
N GLY E 205 -0.37 -3.90 30.26
CA GLY E 205 -0.03 -4.91 31.26
C GLY E 205 1.20 -5.72 30.88
N PHE E 206 1.26 -6.09 29.58
CA PHE E 206 2.41 -6.80 29.05
C PHE E 206 3.69 -6.00 29.23
N VAL E 207 3.65 -4.71 28.88
CA VAL E 207 4.84 -3.88 28.96
C VAL E 207 5.29 -3.69 30.40
N ALA E 208 4.34 -3.37 31.29
CA ALA E 208 4.69 -3.04 32.66
C ALA E 208 5.21 -4.26 33.42
N THR E 209 4.59 -5.43 33.22
CA THR E 209 4.89 -6.59 34.06
C THR E 209 5.82 -7.61 33.40
N GLN E 210 5.99 -7.57 32.06
CA GLN E 210 6.85 -8.56 31.41
C GLN E 210 7.97 -7.88 30.63
N LEU E 211 7.65 -6.98 29.70
CA LEU E 211 8.68 -6.46 28.82
C LEU E 211 9.69 -5.61 29.59
N ILE E 212 9.22 -4.67 30.44
CA ILE E 212 10.17 -3.80 31.11
C ILE E 212 11.09 -4.58 32.05
N PRO E 213 10.57 -5.49 32.90
CA PRO E 213 11.49 -6.29 33.73
C PRO E 213 12.51 -7.10 32.93
N TRP E 214 12.07 -7.69 31.82
CA TRP E 214 12.96 -8.46 30.97
C TRP E 214 14.04 -7.57 30.36
N LEU E 215 13.63 -6.41 29.78
CA LEU E 215 14.60 -5.51 29.19
C LEU E 215 15.58 -4.99 30.25
N THR E 216 15.09 -4.75 31.47
CA THR E 216 15.96 -4.30 32.55
C THR E 216 17.05 -5.34 32.84
N ALA E 217 16.68 -6.61 32.92
CA ALA E 217 17.65 -7.68 33.13
C ALA E 217 18.65 -7.78 31.96
N MET E 218 18.15 -7.68 30.72
CA MET E 218 19.02 -7.81 29.56
C MET E 218 19.97 -6.60 29.45
N THR E 219 19.50 -5.43 29.93
CA THR E 219 20.31 -4.22 29.87
C THR E 219 21.56 -4.34 30.74
N GLN E 220 21.44 -5.01 31.90
CA GLN E 220 22.62 -5.24 32.74
C GLN E 220 23.70 -6.08 32.07
N HIS E 221 23.29 -7.01 31.19
CA HIS E 221 24.22 -7.87 30.44
C HIS E 221 25.13 -7.06 29.50
N LEU E 222 24.74 -5.82 29.18
CA LEU E 222 25.48 -5.04 28.21
C LEU E 222 26.88 -4.68 28.71
N ASN E 223 27.09 -4.62 30.03
CA ASN E 223 28.42 -4.31 30.52
C ASN E 223 29.42 -5.41 30.15
N LEU E 224 29.01 -6.67 30.28
CA LEU E 224 29.87 -7.78 29.90
C LEU E 224 30.17 -7.75 28.40
N LEU E 225 29.15 -7.48 27.56
CA LEU E 225 29.38 -7.38 26.13
C LEU E 225 30.38 -6.28 25.83
N ALA E 226 30.26 -5.13 26.52
CA ALA E 226 31.14 -4.00 26.23
C ALA E 226 32.60 -4.37 26.51
N THR E 227 32.83 -5.09 27.60
CA THR E 227 34.16 -5.56 27.95
C THR E 227 34.72 -6.46 26.84
N GLN E 228 33.89 -7.36 26.34
CA GLN E 228 34.30 -8.25 25.26
C GLN E 228 34.62 -7.48 23.99
N VAL E 229 33.85 -6.42 23.68
CA VAL E 229 34.16 -5.59 22.53
C VAL E 229 35.54 -4.98 22.68
N ASP E 230 35.84 -4.44 23.87
CA ASP E 230 37.10 -3.76 24.12
C ASP E 230 38.29 -4.74 24.04
N GLU E 231 38.09 -5.95 24.54
CA GLU E 231 39.15 -6.97 24.54
C GLU E 231 39.27 -7.68 23.19
N LYS E 232 38.32 -7.45 22.28
CA LYS E 232 38.25 -8.15 21.01
C LYS E 232 38.28 -9.65 21.26
N ASP E 233 37.53 -10.07 22.28
CA ASP E 233 37.44 -11.45 22.69
C ASP E 233 35.97 -11.80 22.85
N TYR E 234 35.39 -12.46 21.84
CA TYR E 234 33.95 -12.56 21.76
C TYR E 234 33.40 -13.83 22.42
N GLY E 235 34.21 -14.55 23.20
CA GLY E 235 33.70 -15.65 23.99
C GLY E 235 33.61 -16.93 23.16
N ASP E 236 33.50 -18.07 23.86
CA ASP E 236 33.23 -19.34 23.23
C ASP E 236 32.12 -20.06 24.03
N GLY E 237 31.09 -20.58 23.34
CA GLY E 237 29.92 -21.11 24.03
C GLY E 237 29.18 -20.02 24.84
N GLY E 238 28.31 -20.46 25.78
CA GLY E 238 27.52 -19.54 26.58
C GLY E 238 26.25 -19.06 25.86
N SER E 239 26.10 -17.73 25.74
CA SER E 239 25.02 -17.13 24.97
C SER E 239 25.50 -16.93 23.54
N SER E 240 25.82 -18.05 22.85
CA SER E 240 26.49 -18.02 21.57
C SER E 240 25.56 -17.52 20.46
N LEU E 241 26.16 -17.13 19.34
CA LEU E 241 25.41 -16.78 18.14
C LEU E 241 24.67 -17.99 17.59
N ASP E 242 25.28 -19.19 17.71
CA ASP E 242 24.59 -20.42 17.34
C ASP E 242 23.25 -20.54 18.09
N MET E 243 23.23 -20.22 19.38
CA MET E 243 22.01 -20.30 20.16
C MET E 243 21.00 -19.22 19.74
N GLN E 244 21.46 -17.99 19.49
CA GLN E 244 20.55 -16.94 19.06
C GLN E 244 19.89 -17.28 17.71
N ALA E 245 20.67 -17.92 16.83
CA ALA E 245 20.20 -18.25 15.50
C ALA E 245 19.11 -19.33 15.53
N LYS E 246 18.91 -20.00 16.69
CA LYS E 246 17.83 -20.95 16.86
C LYS E 246 16.51 -20.30 17.25
N ALA E 247 16.54 -19.16 17.96
CA ALA E 247 15.30 -18.44 18.29
C ALA E 247 14.74 -17.72 17.05
N ALA E 248 15.63 -17.22 16.18
CA ALA E 248 15.24 -16.37 15.07
C ALA E 248 14.14 -16.99 14.22
N PRO E 249 14.24 -18.23 13.71
CA PRO E 249 13.19 -18.76 12.86
C PRO E 249 11.82 -18.82 13.54
N ASN E 250 11.80 -19.08 14.87
CA ASN E 250 10.55 -19.09 15.60
C ASN E 250 9.92 -17.69 15.60
N ILE E 251 10.73 -16.65 15.83
CA ILE E 251 10.22 -15.28 15.84
C ILE E 251 9.69 -14.92 14.45
N LEU E 252 10.43 -15.28 13.39
CA LEU E 252 10.01 -14.93 12.05
C LEU E 252 8.71 -15.63 11.67
N GLU E 253 8.62 -16.94 11.99
CA GLU E 253 7.44 -17.72 11.60
C GLU E 253 6.21 -17.25 12.38
N ALA E 254 6.37 -17.02 13.71
CA ALA E 254 5.25 -16.57 14.51
C ALA E 254 4.78 -15.19 14.04
N SER E 255 5.72 -14.31 13.68
CA SER E 255 5.37 -12.97 13.20
C SER E 255 4.56 -13.05 11.92
N GLN E 256 5.03 -13.87 10.97
CA GLN E 256 4.32 -14.08 9.72
C GLN E 256 2.89 -14.59 9.97
N ALA E 257 2.74 -15.58 10.86
CA ALA E 257 1.42 -16.15 11.14
C ALA E 257 0.49 -15.11 11.77
N GLN E 258 1.03 -14.15 12.54
CA GLN E 258 0.23 -13.13 13.21
C GLN E 258 0.03 -11.89 12.33
N GLY E 259 0.61 -11.88 11.13
CA GLY E 259 0.47 -10.76 10.20
C GLY E 259 1.33 -9.56 10.59
N VAL E 260 2.42 -9.79 11.35
CA VAL E 260 3.29 -8.72 11.79
C VAL E 260 4.54 -8.71 10.90
N SER E 261 4.82 -7.58 10.27
CA SER E 261 6.03 -7.42 9.48
C SER E 261 7.27 -7.61 10.35
N VAL E 262 8.32 -8.23 9.78
CA VAL E 262 9.55 -8.45 10.52
C VAL E 262 10.65 -7.44 10.13
N GLU E 263 10.26 -6.33 9.50
CA GLU E 263 11.25 -5.39 8.97
C GLU E 263 12.17 -4.83 10.06
N LEU E 264 11.69 -4.71 11.31
CA LEU E 264 12.51 -4.09 12.34
C LEU E 264 13.53 -5.03 12.97
N ILE E 265 13.34 -6.34 12.89
CA ILE E 265 14.21 -7.30 13.58
C ILE E 265 15.03 -8.16 12.62
N GLN E 266 14.58 -8.27 11.36
CA GLN E 266 15.28 -9.05 10.36
C GLN E 266 16.77 -8.67 10.30
N PRO E 267 17.18 -7.38 10.32
CA PRO E 267 18.59 -7.05 10.16
C PRO E 267 19.53 -7.72 11.14
N ILE E 268 19.20 -7.77 12.44
CA ILE E 268 20.14 -8.38 13.37
C ILE E 268 20.16 -9.89 13.13
N PHE E 269 19.03 -10.50 12.76
CA PHE E 269 19.02 -11.93 12.44
C PHE E 269 19.95 -12.23 11.25
N LYS E 270 19.94 -11.36 10.23
CA LYS E 270 20.80 -11.57 9.09
C LYS E 270 22.28 -11.40 9.44
N LEU E 271 22.59 -10.47 10.35
CA LEU E 271 23.97 -10.28 10.78
C LEU E 271 24.45 -11.51 11.56
N ILE E 272 23.59 -12.00 12.47
CA ILE E 272 23.93 -13.20 13.25
C ILE E 272 24.19 -14.37 12.31
N GLU E 273 23.32 -14.57 11.35
CA GLU E 273 23.47 -15.66 10.39
C GLU E 273 24.76 -15.51 9.59
N ARG E 274 25.13 -14.30 9.18
CA ARG E 274 26.39 -14.09 8.46
C ARG E 274 27.59 -14.55 9.29
N ARG E 275 27.58 -14.26 10.59
CA ARG E 275 28.70 -14.61 11.43
C ARG E 275 28.77 -16.14 11.61
N VAL E 276 27.61 -16.78 11.76
CA VAL E 276 27.55 -18.23 11.86
C VAL E 276 28.09 -18.85 10.57
N GLU E 277 27.74 -18.29 9.42
CA GLU E 277 28.14 -18.87 8.14
C GLU E 277 29.62 -18.65 7.86
N GLU E 278 30.27 -17.73 8.57
CA GLU E 278 31.71 -17.52 8.51
C GLU E 278 32.45 -18.51 9.42
N GLY E 279 31.72 -19.37 10.13
CA GLY E 279 32.34 -20.35 11.01
C GLY E 279 32.59 -19.84 12.44
N LYS E 280 31.92 -18.73 12.81
CA LYS E 280 32.17 -18.08 14.09
C LYS E 280 30.92 -18.11 14.97
N GLY E 281 30.10 -19.16 14.84
CA GLY E 281 28.88 -19.33 15.59
C GLY E 281 29.09 -19.53 17.09
N SER E 282 30.32 -19.91 17.49
CA SER E 282 30.61 -20.14 18.90
C SER E 282 30.88 -18.81 19.62
N GLU E 283 31.11 -17.74 18.87
CA GLU E 283 31.28 -16.40 19.45
C GLU E 283 29.95 -15.87 19.95
N GLY E 284 29.98 -14.82 20.77
CA GLY E 284 28.79 -14.19 21.31
C GLY E 284 28.45 -12.89 20.58
N LEU E 285 27.45 -12.18 21.10
CA LEU E 285 26.89 -10.99 20.47
C LEU E 285 27.89 -9.85 20.34
N ALA E 286 28.94 -9.82 21.15
CA ALA E 286 29.94 -8.77 21.05
C ALA E 286 30.60 -8.75 19.67
N ALA E 287 30.62 -9.89 18.96
CA ALA E 287 31.20 -9.98 17.64
C ALA E 287 30.50 -9.08 16.62
N LEU E 288 29.24 -8.73 16.86
CA LEU E 288 28.47 -8.00 15.86
C LEU E 288 29.01 -6.58 15.65
N VAL E 289 29.57 -5.96 16.69
CA VAL E 289 30.05 -4.58 16.59
C VAL E 289 31.07 -4.46 15.47
N GLY E 290 32.08 -5.31 15.46
CA GLY E 290 33.11 -5.26 14.44
C GLY E 290 32.58 -5.46 13.01
N MET E 291 31.51 -6.24 12.89
CA MET E 291 30.93 -6.54 11.59
C MET E 291 30.33 -5.31 10.91
N ILE E 292 29.76 -4.37 11.69
CA ILE E 292 29.15 -3.21 11.05
C ILE E 292 30.13 -2.05 10.95
N MET E 293 31.32 -2.19 11.53
CA MET E 293 32.36 -1.18 11.40
C MET E 293 33.16 -1.36 10.11
N LYS E 294 33.04 -2.54 9.50
CA LYS E 294 33.50 -2.82 8.15
C LYS E 294 32.50 -2.23 7.14
N MET F 7 9.75 -29.03 51.19
CA MET F 7 9.95 -30.45 50.77
C MET F 7 8.62 -31.07 50.37
N ALA F 8 8.48 -31.39 49.08
CA ALA F 8 7.28 -32.03 48.56
C ALA F 8 7.76 -33.26 47.79
N ASN F 9 7.17 -34.44 48.03
CA ASN F 9 7.68 -35.61 47.33
C ASN F 9 6.83 -36.01 46.13
N SER F 10 5.80 -35.24 45.69
CA SER F 10 4.94 -35.66 44.60
C SER F 10 5.77 -35.97 43.34
N PRO F 11 5.47 -37.05 42.61
CA PRO F 11 6.40 -37.50 41.56
C PRO F 11 6.36 -36.58 40.33
N VAL F 12 7.53 -36.41 39.70
CA VAL F 12 7.66 -35.63 38.50
C VAL F 12 8.57 -36.41 37.57
N SER F 13 8.29 -36.37 36.25
CA SER F 13 9.19 -36.92 35.26
C SER F 13 9.68 -35.78 34.36
N VAL F 14 10.96 -35.83 34.00
CA VAL F 14 11.57 -34.87 33.09
C VAL F 14 12.10 -35.63 31.88
N PHE F 15 11.66 -35.21 30.68
CA PHE F 15 12.06 -35.78 29.40
C PHE F 15 12.92 -34.73 28.68
N GLY F 16 14.20 -35.06 28.49
CA GLY F 16 15.18 -34.15 27.92
C GLY F 16 16.13 -33.66 28.99
N LEU F 17 17.39 -34.10 28.95
CA LEU F 17 18.36 -33.78 29.99
C LEU F 17 19.55 -33.05 29.39
N GLY F 18 19.24 -32.09 28.51
CA GLY F 18 20.21 -31.10 28.11
C GLY F 18 20.49 -30.12 29.24
N ALA F 19 21.03 -28.96 28.90
CA ALA F 19 21.39 -27.97 29.91
C ALA F 19 20.17 -27.58 30.72
N MET F 20 19.05 -27.32 30.04
CA MET F 20 17.88 -26.83 30.73
C MET F 20 17.17 -27.96 31.46
N GLY F 21 16.94 -29.11 30.81
CA GLY F 21 16.27 -30.23 31.46
C GLY F 21 17.03 -30.70 32.71
N THR F 22 18.36 -30.71 32.63
CA THR F 22 19.18 -31.08 33.79
C THR F 22 18.91 -30.10 34.95
N ALA F 23 18.85 -28.80 34.64
CA ALA F 23 18.58 -27.81 35.67
C ALA F 23 17.19 -28.00 36.29
N LEU F 24 16.19 -28.32 35.45
CA LEU F 24 14.83 -28.54 35.98
C LEU F 24 14.85 -29.76 36.92
N ALA F 25 15.41 -30.88 36.46
CA ALA F 25 15.40 -32.10 37.25
C ALA F 25 16.14 -31.90 38.57
N THR F 26 17.25 -31.16 38.51
CA THR F 26 18.05 -30.89 39.69
C THR F 26 17.21 -30.15 40.74
N GLN F 27 16.45 -29.15 40.30
CA GLN F 27 15.65 -28.36 41.20
C GLN F 27 14.51 -29.18 41.82
N PHE F 28 13.84 -30.03 41.03
CA PHE F 28 12.81 -30.91 41.58
C PHE F 28 13.40 -31.82 42.67
N LEU F 29 14.60 -32.37 42.41
CA LEU F 29 15.23 -33.26 43.38
C LEU F 29 15.61 -32.49 44.64
N ARG F 30 16.14 -31.28 44.48
CA ARG F 30 16.50 -30.45 45.63
C ARG F 30 15.29 -30.17 46.51
N LYS F 31 14.08 -30.09 45.94
CA LYS F 31 12.89 -29.81 46.72
C LYS F 31 12.15 -31.10 47.12
N GLY F 32 12.80 -32.24 46.97
CA GLY F 32 12.34 -33.48 47.56
C GLY F 32 11.39 -34.30 46.70
N HIS F 33 11.20 -33.92 45.42
CA HIS F 33 10.29 -34.68 44.57
C HIS F 33 10.94 -35.98 44.11
N LYS F 34 10.15 -37.06 44.07
CA LYS F 34 10.59 -38.27 43.40
C LYS F 34 10.64 -37.92 41.91
N THR F 35 11.85 -37.91 41.35
CA THR F 35 12.06 -37.34 40.04
C THR F 35 12.60 -38.44 39.14
N THR F 36 11.82 -38.76 38.11
CA THR F 36 12.18 -39.74 37.13
C THR F 36 12.68 -38.99 35.90
N VAL F 37 13.77 -39.47 35.30
CA VAL F 37 14.36 -38.77 34.18
C VAL F 37 14.51 -39.71 33.00
N TRP F 38 14.37 -39.11 31.81
CA TRP F 38 14.56 -39.82 30.57
C TRP F 38 15.28 -38.90 29.59
N ASN F 39 16.19 -39.48 28.80
CA ASN F 39 16.86 -38.73 27.74
C ASN F 39 17.11 -39.68 26.57
N ARG F 40 17.01 -39.16 25.36
CA ARG F 40 17.29 -39.97 24.17
C ARG F 40 18.66 -40.64 24.29
N THR F 41 19.68 -39.88 24.69
CA THR F 41 21.01 -40.41 24.99
C THR F 41 21.11 -40.73 26.49
N PRO F 42 21.04 -42.02 26.89
CA PRO F 42 20.88 -42.35 28.31
C PRO F 42 22.02 -41.96 29.26
N ALA F 43 23.25 -41.81 28.74
CA ALA F 43 24.39 -41.43 29.58
C ALA F 43 24.17 -40.10 30.31
N LYS F 44 23.38 -39.19 29.73
CA LYS F 44 23.17 -37.89 30.36
C LYS F 44 22.35 -38.01 31.65
N ALA F 45 21.74 -39.17 31.91
CA ALA F 45 21.02 -39.36 33.16
C ALA F 45 21.99 -39.61 34.33
N GLN F 46 23.23 -40.02 34.07
CA GLN F 46 24.07 -40.52 35.16
C GLN F 46 24.32 -39.46 36.23
N PRO F 47 24.63 -38.19 35.90
CA PRO F 47 24.78 -37.16 36.93
C PRO F 47 23.54 -36.94 37.78
N LEU F 48 22.35 -37.16 37.21
CA LEU F 48 21.12 -36.99 37.97
C LEU F 48 20.86 -38.20 38.87
N ILE F 49 21.19 -39.40 38.40
CA ILE F 49 21.10 -40.60 39.23
C ILE F 49 21.96 -40.40 40.48
N ALA F 50 23.13 -39.79 40.29
CA ALA F 50 24.06 -39.57 41.39
C ALA F 50 23.49 -38.65 42.47
N ILE F 51 22.48 -37.81 42.14
CA ILE F 51 21.87 -36.95 43.14
C ILE F 51 20.42 -37.33 43.41
N GLY F 52 20.02 -38.57 43.07
CA GLY F 52 18.79 -39.14 43.59
C GLY F 52 17.71 -39.39 42.55
N ALA F 53 17.97 -39.11 41.27
CA ALA F 53 16.95 -39.33 40.24
C ALA F 53 16.78 -40.83 40.00
N SER F 54 15.57 -41.19 39.60
CA SER F 54 15.28 -42.50 39.05
C SER F 54 15.42 -42.44 37.52
N HIS F 55 16.22 -43.33 36.93
CA HIS F 55 16.40 -43.33 35.49
C HIS F 55 15.39 -44.26 34.81
N ALA F 56 14.48 -43.71 34.02
CA ALA F 56 13.51 -44.53 33.32
C ALA F 56 14.17 -45.19 32.12
N PRO F 57 14.03 -46.51 31.93
CA PRO F 57 14.60 -47.16 30.76
C PRO F 57 13.88 -46.87 29.43
N THR F 58 12.63 -46.39 29.51
CA THR F 58 11.84 -46.12 28.31
C THR F 58 10.97 -44.89 28.54
N ILE F 59 10.48 -44.32 27.44
CA ILE F 59 9.52 -43.22 27.52
C ILE F 59 8.30 -43.68 28.28
N ASP F 60 7.82 -44.89 27.95
CA ASP F 60 6.64 -45.42 28.57
C ASP F 60 6.80 -45.48 30.10
N SER F 61 7.94 -45.95 30.59
CA SER F 61 8.09 -46.07 32.04
C SER F 61 8.27 -44.72 32.71
N ALA F 62 8.85 -43.72 32.03
CA ALA F 62 8.93 -42.36 32.58
C ALA F 62 7.52 -41.78 32.71
N ALA F 63 6.66 -42.00 31.73
CA ALA F 63 5.30 -41.47 31.76
C ALA F 63 4.50 -42.14 32.88
N ALA F 64 4.75 -43.44 33.11
CA ALA F 64 4.01 -44.21 34.11
C ALA F 64 4.38 -43.79 35.53
N ALA F 65 5.58 -43.25 35.73
CA ALA F 65 6.11 -42.99 37.07
C ALA F 65 5.45 -41.77 37.73
N SER F 66 4.83 -40.86 36.98
CA SER F 66 4.47 -39.54 37.51
C SER F 66 3.13 -39.07 36.94
N SER F 67 2.54 -38.11 37.62
CA SER F 67 1.36 -37.39 37.13
C SER F 67 1.74 -36.13 36.35
N LEU F 68 2.90 -35.54 36.71
CA LEU F 68 3.39 -34.32 36.06
C LEU F 68 4.58 -34.70 35.18
N LEU F 69 4.45 -34.49 33.87
CA LEU F 69 5.45 -34.87 32.88
C LEU F 69 5.98 -33.60 32.20
N ILE F 70 7.24 -33.26 32.46
CA ILE F 70 7.87 -32.07 31.93
C ILE F 70 8.71 -32.45 30.71
N ILE F 71 8.46 -31.80 29.56
CA ILE F 71 9.23 -32.10 28.36
C ILE F 71 10.05 -30.87 27.99
N CYS F 72 11.38 -31.05 27.95
CA CYS F 72 12.28 -29.95 27.69
C CYS F 72 13.35 -30.43 26.70
N GLN F 73 12.97 -30.47 25.42
CA GLN F 73 13.80 -31.04 24.38
C GLN F 73 14.22 -29.92 23.44
N LEU F 74 14.39 -30.21 22.15
CA LEU F 74 14.99 -29.22 21.25
C LEU F 74 13.90 -28.39 20.58
N ASP F 75 12.98 -29.06 19.91
CA ASP F 75 11.94 -28.39 19.15
C ASP F 75 10.67 -29.22 19.16
N LYS F 76 9.62 -28.67 18.55
CA LYS F 76 8.34 -29.34 18.54
C LYS F 76 8.42 -30.72 17.86
N ALA F 77 9.20 -30.83 16.78
CA ALA F 77 9.37 -32.14 16.15
C ALA F 77 9.87 -33.17 17.14
N SER F 78 10.84 -32.79 18.00
CA SER F 78 11.41 -33.73 18.96
C SER F 78 10.36 -34.10 20.02
N VAL F 79 9.54 -33.14 20.44
CA VAL F 79 8.47 -33.42 21.40
C VAL F 79 7.51 -34.44 20.81
N MET F 80 7.08 -34.22 19.55
CA MET F 80 6.19 -35.15 18.91
C MET F 80 6.83 -36.53 18.77
N GLN F 81 8.13 -36.59 18.49
CA GLN F 81 8.82 -37.86 18.37
C GLN F 81 8.74 -38.62 19.69
N THR F 82 8.94 -37.93 20.81
CA THR F 82 8.82 -38.53 22.13
C THR F 82 7.41 -39.01 22.39
N LEU F 83 6.39 -38.18 22.12
CA LEU F 83 5.02 -38.53 22.40
C LEU F 83 4.62 -39.76 21.58
N GLN F 84 4.98 -39.77 20.29
CA GLN F 84 4.54 -40.80 19.35
C GLN F 84 5.19 -42.15 19.67
N GLN F 85 6.28 -42.16 20.43
CA GLN F 85 6.96 -43.40 20.78
C GLN F 85 6.13 -44.26 21.73
N ALA F 86 5.24 -43.65 22.52
CA ALA F 86 4.45 -44.37 23.50
C ALA F 86 3.06 -43.78 23.55
N PRO F 87 2.27 -43.95 22.46
CA PRO F 87 1.05 -43.17 22.31
C PRO F 87 -0.02 -43.44 23.37
N THR F 88 0.01 -44.59 24.06
CA THR F 88 -1.00 -44.86 25.08
C THR F 88 -0.52 -44.46 26.48
N ALA F 89 0.71 -43.97 26.63
CA ALA F 89 1.30 -43.73 27.94
C ALA F 89 0.83 -42.42 28.60
N TRP F 90 0.18 -41.51 27.85
CA TRP F 90 -0.01 -40.14 28.33
C TRP F 90 -1.38 -39.92 28.98
N ALA F 91 -2.29 -40.91 28.85
CA ALA F 91 -3.65 -40.71 29.31
C ALA F 91 -3.73 -40.34 30.81
N ALA F 92 -4.48 -39.28 31.10
CA ALA F 92 -4.75 -38.79 32.44
C ALA F 92 -3.53 -38.13 33.07
N LYS F 93 -2.45 -37.91 32.32
CA LYS F 93 -1.27 -37.23 32.84
C LYS F 93 -1.33 -35.76 32.44
N THR F 94 -0.59 -34.91 33.16
CA THR F 94 -0.44 -33.51 32.78
C THR F 94 0.94 -33.34 32.16
N ILE F 95 0.97 -33.00 30.88
CA ILE F 95 2.20 -32.70 30.18
C ILE F 95 2.42 -31.19 30.27
N VAL F 96 3.59 -30.80 30.73
CA VAL F 96 4.02 -29.42 30.72
C VAL F 96 5.20 -29.35 29.77
N ASP F 97 4.95 -28.73 28.61
CA ASP F 97 5.92 -28.70 27.53
C ASP F 97 6.65 -27.36 27.59
N LEU F 98 7.93 -27.41 27.93
CA LEU F 98 8.76 -26.21 28.06
C LEU F 98 9.71 -26.08 26.87
N THR F 99 9.39 -26.75 25.75
CA THR F 99 10.22 -26.73 24.56
C THR F 99 9.84 -25.54 23.70
N ASN F 100 10.83 -24.71 23.34
CA ASN F 100 10.56 -23.46 22.63
C ASN F 100 10.01 -23.75 21.23
N GLY F 101 9.07 -22.93 20.80
CA GLY F 101 8.52 -23.01 19.47
C GLY F 101 7.55 -21.85 19.19
N THR F 102 6.80 -21.99 18.10
CA THR F 102 5.80 -21.00 17.76
C THR F 102 4.50 -21.29 18.49
N PRO F 103 3.57 -20.32 18.51
CA PRO F 103 2.22 -20.58 19.00
C PRO F 103 1.58 -21.76 18.28
N ALA F 104 1.72 -21.83 16.94
CA ALA F 104 1.17 -22.97 16.21
C ALA F 104 1.75 -24.30 16.72
N HIS F 105 3.05 -24.34 16.99
CA HIS F 105 3.65 -25.57 17.50
C HIS F 105 2.97 -26.03 18.79
N ALA F 106 2.69 -25.09 19.69
CA ALA F 106 2.07 -25.44 20.96
C ALA F 106 0.65 -25.96 20.71
N ARG F 107 -0.09 -25.32 19.81
CA ARG F 107 -1.46 -25.71 19.51
C ARG F 107 -1.50 -27.10 18.91
N GLU F 108 -0.56 -27.39 18.00
CA GLU F 108 -0.50 -28.68 17.35
C GLU F 108 -0.18 -29.78 18.35
N THR F 109 0.77 -29.50 19.25
CA THR F 109 1.16 -30.49 20.24
C THR F 109 0.00 -30.75 21.20
N ALA F 110 -0.67 -29.68 21.63
CA ALA F 110 -1.83 -29.80 22.51
C ALA F 110 -2.92 -30.65 21.87
N ASP F 111 -3.19 -30.44 20.58
CA ASP F 111 -4.22 -31.20 19.89
C ASP F 111 -3.90 -32.70 19.94
N TRP F 112 -2.64 -33.07 19.71
CA TRP F 112 -2.23 -34.46 19.78
C TRP F 112 -2.42 -35.00 21.21
N ALA F 113 -1.96 -34.22 22.20
CA ALA F 113 -2.04 -34.64 23.60
C ALA F 113 -3.49 -34.88 24.00
N LEU F 114 -4.38 -33.95 23.66
CA LEU F 114 -5.80 -34.05 24.01
C LEU F 114 -6.41 -35.28 23.35
N ALA F 115 -6.01 -35.60 22.12
CA ALA F 115 -6.54 -36.75 21.39
C ALA F 115 -6.04 -38.07 22.01
N HIS F 116 -5.00 -38.01 22.84
CA HIS F 116 -4.44 -39.20 23.48
C HIS F 116 -4.72 -39.19 24.98
N GLY F 117 -5.69 -38.39 25.41
CA GLY F 117 -6.23 -38.43 26.77
C GLY F 117 -5.42 -37.63 27.78
N ALA F 118 -4.42 -36.86 27.35
CA ALA F 118 -3.57 -36.10 28.27
C ALA F 118 -4.10 -34.68 28.43
N ARG F 119 -3.67 -34.05 29.51
CA ARG F 119 -3.84 -32.63 29.74
C ARG F 119 -2.52 -31.97 29.33
N TYR F 120 -2.60 -30.71 28.85
CA TYR F 120 -1.41 -30.09 28.27
C TYR F 120 -1.36 -28.60 28.58
N ILE F 121 -0.22 -28.17 29.10
CA ILE F 121 0.14 -26.79 29.32
C ILE F 121 1.44 -26.55 28.56
N HIS F 122 1.60 -25.35 28.00
CA HIS F 122 2.87 -24.94 27.39
C HIS F 122 3.52 -23.90 28.29
N GLY F 123 4.83 -23.94 28.43
CA GLY F 123 5.54 -22.94 29.19
C GLY F 123 6.74 -22.39 28.43
N GLY F 124 7.07 -21.12 28.71
CA GLY F 124 8.24 -20.49 28.14
C GLY F 124 9.15 -19.98 29.24
N ILE F 125 10.35 -20.54 29.30
CA ILE F 125 11.30 -20.20 30.33
C ILE F 125 12.11 -18.97 29.93
N MET F 126 11.91 -17.85 30.64
CA MET F 126 12.64 -16.63 30.32
C MET F 126 13.84 -16.51 31.27
N ALA F 127 14.78 -17.42 31.13
CA ALA F 127 15.89 -17.58 32.07
C ALA F 127 16.89 -18.54 31.46
N VAL F 128 18.13 -18.48 31.93
CA VAL F 128 19.11 -19.48 31.55
C VAL F 128 19.15 -20.56 32.63
N PRO F 129 19.75 -21.73 32.35
CA PRO F 129 19.68 -22.86 33.31
C PRO F 129 20.15 -22.55 34.73
N PHE F 130 21.20 -21.74 34.91
CA PHE F 130 21.68 -21.48 36.25
C PHE F 130 20.66 -20.67 37.06
N MET F 131 19.72 -19.96 36.42
CA MET F 131 18.75 -19.16 37.13
C MET F 131 17.53 -19.97 37.60
N ILE F 132 17.37 -21.20 37.11
CA ILE F 132 16.23 -22.01 37.49
C ILE F 132 16.24 -22.17 39.02
N GLY F 133 15.09 -21.96 39.65
CA GLY F 133 14.97 -22.04 41.09
C GLY F 133 15.01 -20.65 41.74
N GLN F 134 15.38 -19.61 40.99
CA GLN F 134 15.46 -18.28 41.56
C GLN F 134 14.19 -17.49 41.22
N PRO F 135 13.77 -16.54 42.09
CA PRO F 135 12.57 -15.73 41.83
C PRO F 135 12.65 -14.88 40.57
N ASP F 136 13.85 -14.48 40.16
CA ASP F 136 13.97 -13.67 38.94
C ASP F 136 13.82 -14.52 37.67
N ALA F 137 13.68 -15.84 37.79
CA ALA F 137 13.39 -16.67 36.63
C ALA F 137 11.90 -16.64 36.33
N MET F 138 11.48 -15.96 35.26
CA MET F 138 10.07 -15.87 34.95
C MET F 138 9.75 -17.01 33.98
N ILE F 139 8.69 -17.76 34.29
CA ILE F 139 8.25 -18.82 33.42
C ILE F 139 6.80 -18.56 33.09
N LEU F 140 6.52 -18.39 31.79
CA LEU F 140 5.21 -18.11 31.28
C LEU F 140 4.48 -19.43 31.03
N TYR F 141 3.18 -19.48 31.33
CA TYR F 141 2.40 -20.69 31.10
C TYR F 141 1.08 -20.34 30.45
N SER F 142 0.60 -21.24 29.58
CA SER F 142 -0.71 -21.09 28.97
C SER F 142 -1.33 -22.46 28.75
N GLY F 143 -2.66 -22.44 28.65
CA GLY F 143 -3.46 -23.64 28.54
C GLY F 143 -4.58 -23.61 29.57
N PRO F 144 -5.39 -24.68 29.67
CA PRO F 144 -6.60 -24.62 30.51
C PRO F 144 -6.28 -24.27 31.94
N ALA F 145 -7.03 -23.30 32.48
CA ALA F 145 -6.76 -22.74 33.79
C ALA F 145 -6.81 -23.83 34.87
N GLU F 146 -7.75 -24.76 34.76
CA GLU F 146 -7.93 -25.79 35.78
C GLU F 146 -6.75 -26.78 35.77
N VAL F 147 -6.17 -27.02 34.60
CA VAL F 147 -5.02 -27.89 34.48
C VAL F 147 -3.82 -27.21 35.15
N PHE F 148 -3.63 -25.92 34.84
CA PHE F 148 -2.53 -25.19 35.42
C PHE F 148 -2.66 -25.16 36.96
N GLU F 149 -3.87 -24.90 37.44
CA GLU F 149 -4.14 -24.84 38.88
C GLU F 149 -3.70 -26.11 39.58
N GLY F 150 -3.90 -27.25 38.91
CA GLY F 150 -3.54 -28.56 39.45
C GLY F 150 -2.04 -28.77 39.65
N VAL F 151 -1.17 -28.06 38.92
CA VAL F 151 0.26 -28.34 38.98
C VAL F 151 1.10 -27.10 39.33
N LYS F 152 0.48 -25.95 39.52
CA LYS F 152 1.24 -24.72 39.66
C LYS F 152 2.10 -24.71 40.93
N ASP F 153 1.66 -25.36 42.01
CA ASP F 153 2.46 -25.43 43.23
C ASP F 153 3.77 -26.18 42.99
N THR F 154 3.72 -27.32 42.31
CA THR F 154 4.92 -28.06 41.99
C THR F 154 5.80 -27.25 41.04
N LEU F 155 5.20 -26.60 40.02
CA LEU F 155 5.97 -25.86 39.04
C LEU F 155 6.67 -24.65 39.68
N SER F 156 6.14 -24.15 40.80
CA SER F 156 6.65 -22.92 41.40
C SER F 156 8.07 -23.10 41.95
N VAL F 157 8.56 -24.35 42.08
CA VAL F 157 9.94 -24.54 42.47
C VAL F 157 10.91 -24.05 41.40
N LEU F 158 10.48 -23.94 40.13
CA LEU F 158 11.40 -23.63 39.05
C LEU F 158 11.61 -22.12 38.92
N GLY F 159 10.67 -21.31 39.38
CA GLY F 159 10.74 -19.89 39.16
C GLY F 159 9.39 -19.24 39.43
N THR F 160 9.23 -18.00 38.97
CA THR F 160 7.97 -17.31 39.18
C THR F 160 7.00 -17.64 38.05
N ASN F 161 5.91 -18.31 38.41
CA ASN F 161 4.87 -18.71 37.50
C ASN F 161 4.13 -17.48 37.00
N THR F 162 3.96 -17.38 35.69
CA THR F 162 3.21 -16.31 35.10
C THR F 162 2.21 -16.90 34.10
N TYR F 163 0.97 -17.11 34.54
CA TYR F 163 -0.08 -17.64 33.69
C TYR F 163 -0.59 -16.54 32.77
N VAL F 164 -0.58 -16.80 31.45
CA VAL F 164 -0.93 -15.75 30.50
C VAL F 164 -2.17 -16.09 29.69
N GLY F 165 -2.90 -17.16 30.02
CA GLY F 165 -4.22 -17.36 29.46
C GLY F 165 -4.49 -18.76 28.93
N GLU F 166 -5.71 -18.94 28.44
CA GLU F 166 -6.28 -20.24 28.10
C GLU F 166 -5.71 -20.77 26.79
N ASP F 167 -5.57 -19.93 25.76
CA ASP F 167 -5.07 -20.39 24.47
C ASP F 167 -3.65 -20.95 24.71
N VAL F 168 -3.44 -22.21 24.35
CA VAL F 168 -2.20 -22.88 24.69
C VAL F 168 -1.00 -22.25 23.97
N GLY F 169 -1.23 -21.50 22.89
CA GLY F 169 -0.15 -20.84 22.17
C GLY F 169 0.31 -19.52 22.75
N LEU F 170 -0.32 -19.03 23.83
CA LEU F 170 -0.01 -17.71 24.36
C LEU F 170 1.34 -17.63 25.05
N ALA F 171 1.80 -18.67 25.75
CA ALA F 171 3.09 -18.59 26.42
C ALA F 171 4.18 -18.39 25.37
N SER F 172 4.05 -19.13 24.24
CA SER F 172 5.03 -19.01 23.16
C SER F 172 4.99 -17.62 22.54
N LEU F 173 3.79 -17.06 22.37
CA LEU F 173 3.69 -15.73 21.81
C LEU F 173 4.34 -14.71 22.71
N HIS F 174 4.08 -14.76 24.03
CA HIS F 174 4.71 -13.86 24.98
C HIS F 174 6.21 -14.01 24.95
N ASP F 175 6.70 -15.27 24.93
CA ASP F 175 8.12 -15.56 24.96
C ASP F 175 8.80 -14.91 23.74
N LEU F 176 8.23 -15.16 22.57
CA LEU F 176 8.82 -14.64 21.33
C LEU F 176 8.73 -13.11 21.27
N ALA F 177 7.67 -12.53 21.83
CA ALA F 177 7.55 -11.07 21.93
C ALA F 177 8.67 -10.51 22.80
N LEU F 178 8.94 -11.13 23.96
CA LEU F 178 10.03 -10.69 24.81
C LEU F 178 11.37 -10.82 24.11
N LEU F 179 11.60 -11.93 23.40
CA LEU F 179 12.86 -12.10 22.68
C LEU F 179 12.98 -11.03 21.60
N SER F 180 11.89 -10.68 20.92
CA SER F 180 11.92 -9.66 19.90
CA SER F 180 11.90 -9.65 19.89
C SER F 180 12.36 -8.33 20.52
N GLY F 181 11.87 -8.03 21.71
CA GLY F 181 12.30 -6.85 22.43
C GLY F 181 13.79 -6.84 22.70
N MET F 182 14.30 -7.98 23.17
CA MET F 182 15.71 -8.15 23.43
C MET F 182 16.55 -7.95 22.17
N TYR F 183 16.10 -8.46 21.02
CA TYR F 183 16.90 -8.34 19.81
C TYR F 183 16.96 -6.88 19.34
N GLY F 184 15.89 -6.11 19.58
CA GLY F 184 15.93 -4.67 19.37
C GLY F 184 16.96 -3.99 20.25
N LEU F 185 16.94 -4.28 21.54
CA LEU F 185 17.92 -3.78 22.48
C LEU F 185 19.34 -4.11 22.02
N PHE F 186 19.58 -5.36 21.58
CA PHE F 186 20.91 -5.73 21.14
C PHE F 186 21.31 -5.03 19.83
N SER F 187 20.34 -4.73 18.96
CA SER F 187 20.58 -3.97 17.75
C SER F 187 21.08 -2.58 18.11
N GLY F 188 20.42 -1.96 19.10
CA GLY F 188 20.81 -0.65 19.60
C GLY F 188 22.20 -0.65 20.20
N PHE F 189 22.49 -1.62 21.07
CA PHE F 189 23.80 -1.74 21.67
C PHE F 189 24.85 -1.80 20.56
N THR F 190 24.60 -2.66 19.56
CA THR F 190 25.58 -2.90 18.52
C THR F 190 25.90 -1.61 17.77
N HIS F 191 24.85 -0.89 17.33
CA HIS F 191 25.05 0.33 16.58
C HIS F 191 25.75 1.40 17.44
N ALA F 192 25.27 1.59 18.68
CA ALA F 192 25.81 2.61 19.57
C ALA F 192 27.29 2.40 19.80
N VAL F 193 27.64 1.15 20.12
CA VAL F 193 29.02 0.85 20.46
C VAL F 193 29.91 0.91 19.21
N ALA F 194 29.40 0.51 18.05
CA ALA F 194 30.16 0.66 16.82
C ALA F 194 30.50 2.14 16.55
N LEU F 195 29.51 3.01 16.76
CA LEU F 195 29.73 4.42 16.53
C LEU F 195 30.85 4.96 17.43
N VAL F 196 30.81 4.67 18.73
CA VAL F 196 31.84 5.24 19.59
C VAL F 196 33.19 4.57 19.32
N GLN F 197 33.19 3.25 19.03
CA GLN F 197 34.43 2.55 18.73
C GLN F 197 35.08 3.10 17.48
N SER F 198 34.27 3.57 16.52
CA SER F 198 34.80 4.10 15.27
C SER F 198 35.63 5.37 15.52
N ALA F 199 35.44 6.03 16.67
CA ALA F 199 36.21 7.22 17.04
C ALA F 199 37.17 6.90 18.19
N ASN F 200 37.47 5.61 18.41
CA ASN F 200 38.43 5.16 19.40
C ASN F 200 38.01 5.48 20.82
N ILE F 201 36.70 5.46 21.08
CA ILE F 201 36.19 5.61 22.44
C ILE F 201 35.99 4.21 23.00
N PRO F 202 36.58 3.88 24.16
CA PRO F 202 36.35 2.57 24.78
C PRO F 202 34.88 2.29 25.04
N ALA F 203 34.46 1.06 24.77
CA ALA F 203 33.06 0.69 24.93
C ALA F 203 32.67 0.67 26.40
N ALA F 204 33.55 0.18 27.29
CA ALA F 204 33.10 -0.13 28.64
C ALA F 204 32.60 1.13 29.39
N GLY F 205 33.39 2.21 29.34
CA GLY F 205 33.03 3.43 30.06
C GLY F 205 31.76 4.06 29.49
N PHE F 206 31.66 4.09 28.16
CA PHE F 206 30.50 4.61 27.48
C PHE F 206 29.25 3.83 27.85
N VAL F 207 29.34 2.49 27.82
CA VAL F 207 28.18 1.68 28.12
C VAL F 207 27.75 1.83 29.59
N ALA F 208 28.70 1.80 30.52
CA ALA F 208 28.37 1.81 31.93
C ALA F 208 27.81 3.18 32.35
N THR F 209 28.38 4.27 31.85
CA THR F 209 28.05 5.60 32.36
C THR F 209 27.05 6.37 31.49
N GLN F 210 26.88 5.99 30.20
CA GLN F 210 25.99 6.74 29.33
C GLN F 210 24.89 5.85 28.75
N LEU F 211 25.27 4.75 28.08
CA LEU F 211 24.26 3.98 27.37
C LEU F 211 23.28 3.31 28.34
N ILE F 212 23.77 2.65 29.40
CA ILE F 212 22.85 1.94 30.27
C ILE F 212 21.91 2.92 30.98
N PRO F 213 22.39 4.04 31.57
CA PRO F 213 21.44 5.01 32.17
C PRO F 213 20.41 5.55 31.20
N TRP F 214 20.82 5.84 29.96
CA TRP F 214 19.88 6.33 28.95
C TRP F 214 18.85 5.27 28.60
N LEU F 215 19.29 4.04 28.34
CA LEU F 215 18.36 2.97 28.04
C LEU F 215 17.41 2.71 29.22
N THR F 216 17.91 2.83 30.46
CA THR F 216 17.07 2.65 31.63
C THR F 216 15.94 3.68 31.65
N ALA F 217 16.25 4.96 31.36
CA ALA F 217 15.24 6.01 31.35
C ALA F 217 14.25 5.76 30.22
N MET F 218 14.73 5.37 29.04
CA MET F 218 13.84 5.19 27.92
C MET F 218 13.01 3.91 28.10
N THR F 219 13.51 2.93 28.83
CA THR F 219 12.76 1.72 29.11
C THR F 219 11.52 2.02 29.96
N GLN F 220 11.66 2.90 30.96
CA GLN F 220 10.54 3.30 31.80
C GLN F 220 9.53 4.09 30.97
N HIS F 221 9.99 4.84 29.95
CA HIS F 221 9.14 5.61 29.06
C HIS F 221 8.21 4.72 28.24
N LEU F 222 8.53 3.41 28.13
CA LEU F 222 7.70 2.51 27.34
C LEU F 222 6.31 2.35 27.96
N ASN F 223 6.11 2.59 29.26
CA ASN F 223 4.78 2.51 29.81
C ASN F 223 3.85 3.56 29.21
N LEU F 224 4.34 4.79 29.01
CA LEU F 224 3.53 5.82 28.38
C LEU F 224 3.20 5.44 26.94
N LEU F 225 4.19 4.92 26.19
CA LEU F 225 3.92 4.47 24.83
C LEU F 225 2.85 3.38 24.81
N ALA F 226 2.93 2.44 25.77
CA ALA F 226 2.02 1.31 25.78
C ALA F 226 0.59 1.79 25.98
N THR F 227 0.40 2.77 26.90
CA THR F 227 -0.91 3.34 27.13
C THR F 227 -1.46 3.96 25.85
N GLN F 228 -0.59 4.68 25.12
CA GLN F 228 -1.01 5.31 23.88
C GLN F 228 -1.39 4.28 22.84
N VAL F 229 -0.66 3.15 22.76
CA VAL F 229 -1.02 2.10 21.84
C VAL F 229 -2.44 1.59 22.16
N ASP F 230 -2.71 1.35 23.44
CA ASP F 230 -4.00 0.82 23.86
C ASP F 230 -5.15 1.78 23.57
N GLU F 231 -4.90 3.08 23.78
CA GLU F 231 -5.94 4.09 23.56
C GLU F 231 -6.05 4.49 22.09
N LYS F 232 -5.13 4.01 21.25
CA LYS F 232 -5.09 4.39 19.84
C LYS F 232 -5.03 5.91 19.74
N ASP F 233 -4.25 6.52 20.64
CA ASP F 233 -4.10 7.96 20.73
C ASP F 233 -2.61 8.29 20.83
N TYR F 234 -2.03 8.65 19.69
CA TYR F 234 -0.58 8.64 19.57
C TYR F 234 -0.04 10.06 19.76
N GLY F 235 -0.19 10.55 20.98
CA GLY F 235 0.32 11.87 21.33
C GLY F 235 1.83 11.93 21.19
N ASP F 236 2.37 13.12 20.83
CA ASP F 236 3.80 13.27 20.66
C ASP F 236 4.59 13.00 21.94
N GLY F 237 3.98 13.16 23.13
CA GLY F 237 4.72 13.00 24.38
C GLY F 237 5.88 13.98 24.53
N GLY F 238 5.82 15.10 23.78
CA GLY F 238 6.92 16.06 23.74
C GLY F 238 8.00 15.71 22.71
N SER F 239 7.81 14.64 21.93
CA SER F 239 8.81 14.20 20.94
C SER F 239 8.11 13.79 19.63
N SER F 240 7.77 14.76 18.75
CA SER F 240 6.97 14.43 17.57
C SER F 240 7.80 13.62 16.56
N LEU F 241 7.08 12.85 15.73
CA LEU F 241 7.72 12.14 14.64
C LEU F 241 8.32 13.13 13.63
N ASP F 242 7.69 14.29 13.40
CA ASP F 242 8.29 15.31 12.55
C ASP F 242 9.69 15.67 13.02
N MET F 243 9.87 15.83 14.33
CA MET F 243 11.17 16.21 14.87
C MET F 243 12.14 15.04 14.74
N GLN F 244 11.68 13.81 15.06
CA GLN F 244 12.53 12.64 14.98
C GLN F 244 12.99 12.38 13.56
N ALA F 245 12.14 12.67 12.59
CA ALA F 245 12.47 12.46 11.19
C ALA F 245 13.57 13.42 10.71
N LYS F 246 13.84 14.48 11.47
CA LYS F 246 14.96 15.38 11.20
C LYS F 246 16.25 14.90 11.89
N ALA F 247 16.15 14.23 13.03
CA ALA F 247 17.30 13.68 13.72
C ALA F 247 17.79 12.41 13.00
N ALA F 248 16.88 11.62 12.43
CA ALA F 248 17.27 10.34 11.86
C ALA F 248 18.35 10.49 10.78
N PRO F 249 18.24 11.39 9.79
CA PRO F 249 19.27 11.58 8.79
C PRO F 249 20.63 11.97 9.38
N ASN F 250 20.66 12.67 10.51
CA ASN F 250 21.90 13.00 11.16
C ASN F 250 22.57 11.73 11.71
N ILE F 251 21.78 10.82 12.30
CA ILE F 251 22.35 9.54 12.76
C ILE F 251 22.90 8.76 11.56
N LEU F 252 22.14 8.72 10.47
CA LEU F 252 22.57 8.00 9.27
C LEU F 252 23.85 8.62 8.68
N GLU F 253 23.93 9.94 8.60
CA GLU F 253 25.04 10.65 7.98
C GLU F 253 26.28 10.52 8.85
N ALA F 254 26.14 10.63 10.17
CA ALA F 254 27.27 10.45 11.07
C ALA F 254 27.81 9.02 10.98
N SER F 255 26.89 8.04 10.90
CA SER F 255 27.30 6.63 10.74
C SER F 255 28.12 6.44 9.46
N GLN F 256 27.62 6.97 8.36
CA GLN F 256 28.29 6.90 7.06
C GLN F 256 29.68 7.53 7.14
N ALA F 257 29.80 8.69 7.78
CA ALA F 257 31.08 9.37 7.89
C ALA F 257 32.07 8.55 8.72
N GLN F 258 31.57 7.78 9.70
CA GLN F 258 32.42 6.97 10.56
C GLN F 258 32.66 5.57 10.00
N GLY F 259 32.08 5.26 8.84
CA GLY F 259 32.23 3.94 8.21
C GLY F 259 31.43 2.84 8.89
N VAL F 260 30.32 3.20 9.56
CA VAL F 260 29.50 2.24 10.27
C VAL F 260 28.25 1.97 9.42
N SER F 261 28.00 0.70 9.11
CA SER F 261 26.79 0.29 8.42
C SER F 261 25.53 0.70 9.19
N VAL F 262 24.48 1.13 8.47
CA VAL F 262 23.25 1.53 9.14
C VAL F 262 22.16 0.46 9.05
N GLU F 263 22.54 -0.78 8.73
CA GLU F 263 21.55 -1.81 8.47
C GLU F 263 20.63 -2.08 9.67
N LEU F 264 21.12 -1.90 10.90
CA LEU F 264 20.31 -2.27 12.06
C LEU F 264 19.28 -1.21 12.44
N ILE F 265 19.49 0.06 12.05
CA ILE F 265 18.61 1.15 12.49
C ILE F 265 17.79 1.73 11.36
N GLN F 266 18.21 1.54 10.11
CA GLN F 266 17.51 2.05 8.95
C GLN F 266 16.02 1.68 9.02
N PRO F 267 15.58 0.44 9.35
CA PRO F 267 14.16 0.11 9.27
C PRO F 267 13.24 1.01 10.09
N ILE F 268 13.61 1.33 11.36
CA ILE F 268 12.71 2.14 12.15
C ILE F 268 12.68 3.57 11.59
N PHE F 269 13.82 4.04 11.07
CA PHE F 269 13.86 5.37 10.46
C PHE F 269 12.95 5.44 9.24
N LYS F 270 12.91 4.38 8.44
CA LYS F 270 12.02 4.35 7.29
C LYS F 270 10.56 4.33 7.72
N LEU F 271 10.23 3.66 8.81
CA LEU F 271 8.86 3.65 9.33
C LEU F 271 8.47 5.04 9.82
N ILE F 272 9.36 5.72 10.55
CA ILE F 272 9.10 7.08 11.02
C ILE F 272 8.83 8.01 9.83
N GLU F 273 9.68 7.91 8.82
CA GLU F 273 9.52 8.72 7.62
C GLU F 273 8.18 8.41 6.92
N ARG F 274 7.79 7.14 6.84
CA ARG F 274 6.51 6.76 6.24
C ARG F 274 5.33 7.42 6.97
N ARG F 275 5.39 7.49 8.30
CA ARG F 275 4.29 8.07 9.07
C ARG F 275 4.20 9.58 8.83
N VAL F 276 5.36 10.23 8.72
CA VAL F 276 5.38 11.66 8.39
C VAL F 276 4.78 11.85 6.99
N GLU F 277 5.11 10.99 6.03
CA GLU F 277 4.63 11.13 4.66
C GLU F 277 3.14 10.84 4.54
N GLU F 278 2.54 10.14 5.53
CA GLU F 278 1.11 9.90 5.59
C GLU F 278 0.39 11.09 6.22
N GLY F 279 1.12 12.16 6.59
CA GLY F 279 0.52 13.36 7.15
C GLY F 279 0.36 13.31 8.67
N LYS F 280 1.04 12.38 9.33
CA LYS F 280 0.84 12.14 10.77
C LYS F 280 2.11 12.41 11.57
N GLY F 281 2.92 13.37 11.10
CA GLY F 281 4.14 13.72 11.80
C GLY F 281 3.91 14.39 13.15
N SER F 282 2.69 14.85 13.47
CA SER F 282 2.43 15.42 14.79
C SER F 282 2.29 14.35 15.86
N GLU F 283 2.13 13.10 15.46
CA GLU F 283 2.03 11.98 16.38
C GLU F 283 3.39 11.63 16.96
N GLY F 284 3.36 10.71 17.97
CA GLY F 284 4.52 10.14 18.59
C GLY F 284 4.76 8.68 18.17
N LEU F 285 5.80 8.10 18.79
CA LEU F 285 6.32 6.79 18.41
C LEU F 285 5.30 5.66 18.62
N ALA F 286 4.28 5.85 19.45
CA ALA F 286 3.30 4.78 19.65
C ALA F 286 2.58 4.43 18.36
N ALA F 287 2.56 5.34 17.37
CA ALA F 287 1.94 5.09 16.09
C ALA F 287 2.59 3.93 15.33
N LEU F 288 3.85 3.62 15.62
CA LEU F 288 4.58 2.66 14.80
C LEU F 288 4.03 1.22 14.92
N VAL F 289 3.44 0.88 16.07
CA VAL F 289 2.97 -0.50 16.31
C VAL F 289 1.95 -0.89 15.25
N GLY F 290 0.93 -0.04 15.04
CA GLY F 290 -0.11 -0.37 14.10
C GLY F 290 0.41 -0.46 12.67
N MET F 291 1.49 0.27 12.35
CA MET F 291 2.04 0.28 11.00
C MET F 291 2.63 -1.08 10.62
N ILE F 292 3.18 -1.85 11.56
CA ILE F 292 3.75 -3.13 11.19
C ILE F 292 2.74 -4.27 11.35
N MET F 293 1.56 -3.97 11.87
CA MET F 293 0.49 -4.96 11.99
C MET F 293 -0.31 -5.04 10.69
N LYS F 294 -1.00 -6.16 10.47
CA LYS F 294 -1.72 -6.47 9.24
C LYS F 294 -1.60 -7.97 8.97
N PHE G 2 38.52 29.27 -70.15
CA PHE G 2 37.92 30.63 -69.94
C PHE G 2 38.29 31.04 -68.51
N GLN G 3 38.56 32.32 -68.28
CA GLN G 3 39.08 32.70 -66.93
C GLN G 3 38.02 33.42 -66.10
N GLY G 4 38.00 33.10 -64.81
CA GLY G 4 37.09 33.81 -63.90
C GLY G 4 37.72 35.10 -63.41
N PRO G 5 37.04 35.88 -62.55
CA PRO G 5 37.56 37.16 -62.14
C PRO G 5 38.80 37.04 -61.24
N ALA G 6 39.79 37.91 -61.46
CA ALA G 6 40.93 37.94 -60.55
C ALA G 6 40.44 38.27 -59.14
N MET G 7 41.11 37.72 -58.12
CA MET G 7 40.82 38.09 -56.74
C MET G 7 41.39 39.50 -56.48
N ALA G 8 40.48 40.46 -56.24
CA ALA G 8 40.81 41.88 -56.28
C ALA G 8 40.92 42.50 -54.89
N ASN G 9 40.54 41.77 -53.83
CA ASN G 9 40.54 42.36 -52.50
C ASN G 9 41.79 41.93 -51.72
N SER G 10 41.94 42.59 -50.56
CA SER G 10 43.19 42.61 -49.81
C SER G 10 43.63 41.19 -49.49
N PRO G 11 44.93 40.88 -49.57
CA PRO G 11 45.40 39.52 -49.36
C PRO G 11 45.27 39.06 -47.91
N VAL G 12 44.99 37.76 -47.76
CA VAL G 12 44.91 37.11 -46.47
C VAL G 12 45.63 35.77 -46.62
N SER G 13 46.31 35.30 -45.55
CA SER G 13 46.85 33.97 -45.53
C SER G 13 46.19 33.17 -44.40
N VAL G 14 45.88 31.91 -44.67
CA VAL G 14 45.28 31.01 -43.70
C VAL G 14 46.21 29.82 -43.51
N PHE G 15 46.59 29.58 -42.24
CA PHE G 15 47.42 28.47 -41.83
C PHE G 15 46.58 27.46 -41.06
N GLY G 16 46.43 26.26 -41.61
CA GLY G 16 45.58 25.22 -41.05
C GLY G 16 44.31 25.07 -41.90
N LEU G 17 44.17 23.93 -42.59
CA LEU G 17 43.07 23.72 -43.54
C LEU G 17 42.29 22.48 -43.13
N GLY G 18 42.05 22.36 -41.83
CA GLY G 18 41.01 21.50 -41.32
C GLY G 18 39.63 22.03 -41.68
N ALA G 19 38.62 21.50 -41.00
CA ALA G 19 37.25 21.86 -41.31
C ALA G 19 37.07 23.37 -41.17
N MET G 20 37.59 23.95 -40.08
CA MET G 20 37.35 25.36 -39.83
C MET G 20 38.24 26.23 -40.74
N GLY G 21 39.53 25.94 -40.85
CA GLY G 21 40.40 26.74 -41.70
C GLY G 21 39.94 26.74 -43.15
N THR G 22 39.47 25.58 -43.62
CA THR G 22 38.91 25.50 -44.97
C THR G 22 37.72 26.45 -45.11
N ALA G 23 36.83 26.49 -44.12
CA ALA G 23 35.68 27.37 -44.16
C ALA G 23 36.10 28.83 -44.17
N LEU G 24 37.13 29.20 -43.37
CA LEU G 24 37.59 30.57 -43.36
C LEU G 24 38.14 30.94 -44.74
N ALA G 25 39.01 30.11 -45.31
CA ALA G 25 39.64 30.40 -46.58
C ALA G 25 38.57 30.52 -47.68
N THR G 26 37.58 29.62 -47.61
CA THR G 26 36.50 29.62 -48.59
C THR G 26 35.75 30.95 -48.57
N GLN G 27 35.46 31.46 -47.37
CA GLN G 27 34.72 32.70 -47.24
C GLN G 27 35.55 33.90 -47.73
N PHE G 28 36.86 33.93 -47.44
CA PHE G 28 37.69 35.00 -47.99
C PHE G 28 37.67 34.97 -49.52
N LEU G 29 37.75 33.78 -50.12
CA LEU G 29 37.74 33.65 -51.57
C LEU G 29 36.39 34.10 -52.14
N ARG G 30 35.30 33.72 -51.48
CA ARG G 30 33.97 34.11 -51.91
C ARG G 30 33.81 35.64 -51.90
N LYS G 31 34.49 36.35 -51.00
CA LYS G 31 34.42 37.80 -50.94
C LYS G 31 35.52 38.47 -51.75
N GLY G 32 36.26 37.71 -52.56
CA GLY G 32 37.18 38.29 -53.53
C GLY G 32 38.59 38.56 -53.01
N HIS G 33 38.93 38.08 -51.81
CA HIS G 33 40.28 38.26 -51.27
C HIS G 33 41.25 37.30 -51.95
N LYS G 34 42.45 37.82 -52.26
CA LYS G 34 43.55 36.97 -52.64
C LYS G 34 43.91 36.14 -51.39
N THR G 35 43.71 34.82 -51.48
CA THR G 35 43.76 33.99 -50.29
C THR G 35 44.88 32.96 -50.49
N THR G 36 45.91 33.05 -49.64
CA THR G 36 47.01 32.11 -49.68
C THR G 36 46.82 31.11 -48.54
N VAL G 37 47.05 29.82 -48.84
CA VAL G 37 46.73 28.79 -47.86
C VAL G 37 47.94 27.93 -47.63
N TRP G 38 48.08 27.45 -46.39
CA TRP G 38 49.13 26.55 -45.99
C TRP G 38 48.55 25.50 -45.05
N ASN G 39 49.02 24.25 -45.19
CA ASN G 39 48.64 23.20 -44.28
C ASN G 39 49.83 22.26 -44.10
N ARG G 40 50.01 21.71 -42.90
CA ARG G 40 51.07 20.78 -42.63
C ARG G 40 51.01 19.62 -43.63
N THR G 41 49.82 19.07 -43.85
CA THR G 41 49.57 18.05 -44.86
C THR G 41 49.10 18.72 -46.14
N PRO G 42 49.95 18.82 -47.18
CA PRO G 42 49.60 19.64 -48.34
C PRO G 42 48.40 19.17 -49.19
N ALA G 43 48.01 17.90 -49.13
CA ALA G 43 46.84 17.40 -49.86
C ALA G 43 45.57 18.18 -49.53
N LYS G 44 45.45 18.67 -48.29
CA LYS G 44 44.23 19.36 -47.88
C LYS G 44 44.09 20.70 -48.59
N ALA G 45 45.16 21.21 -49.23
CA ALA G 45 45.06 22.45 -49.97
C ALA G 45 44.33 22.25 -51.31
N GLN G 46 44.28 21.02 -51.82
CA GLN G 46 43.84 20.85 -53.22
C GLN G 46 42.42 21.37 -53.45
N PRO G 47 41.43 21.10 -52.57
CA PRO G 47 40.10 21.64 -52.77
C PRO G 47 40.04 23.16 -52.81
N LEU G 48 40.94 23.84 -52.07
CA LEU G 48 40.96 25.28 -52.06
C LEU G 48 41.63 25.84 -53.30
N ILE G 49 42.68 25.17 -53.78
CA ILE G 49 43.31 25.57 -55.04
C ILE G 49 42.27 25.54 -56.15
N ALA G 50 41.40 24.53 -56.12
CA ALA G 50 40.40 24.34 -57.16
C ALA G 50 39.40 25.50 -57.19
N ILE G 51 39.23 26.25 -56.08
CA ILE G 51 38.31 27.37 -56.08
C ILE G 51 39.04 28.71 -55.94
N GLY G 52 40.35 28.74 -56.24
CA GLY G 52 41.04 30.00 -56.48
C GLY G 52 42.11 30.35 -55.45
N ALA G 53 42.35 29.48 -54.45
CA ALA G 53 43.37 29.78 -53.46
C ALA G 53 44.75 29.62 -54.08
N SER G 54 45.70 30.37 -53.54
CA SER G 54 47.11 30.18 -53.85
C SER G 54 47.75 29.29 -52.80
N HIS G 55 48.44 28.21 -53.21
CA HIS G 55 48.98 27.27 -52.26
C HIS G 55 50.42 27.62 -51.91
N ALA G 56 50.67 28.03 -50.67
CA ALA G 56 52.03 28.36 -50.26
C ALA G 56 52.79 27.07 -49.98
N PRO G 57 53.98 26.86 -50.56
CA PRO G 57 54.73 25.63 -50.28
C PRO G 57 55.36 25.59 -48.88
N THR G 58 55.50 26.77 -48.23
CA THR G 58 56.18 26.85 -46.96
C THR G 58 55.46 27.87 -46.08
N ILE G 59 55.71 27.76 -44.77
CA ILE G 59 55.20 28.75 -43.83
C ILE G 59 55.71 30.12 -44.22
N ASP G 60 57.01 30.18 -44.53
CA ASP G 60 57.61 31.45 -44.86
C ASP G 60 56.90 32.12 -46.04
N SER G 61 56.58 31.37 -47.08
CA SER G 61 55.96 31.99 -48.25
C SER G 61 54.49 32.39 -47.98
N ALA G 62 53.79 31.65 -47.10
CA ALA G 62 52.45 32.05 -46.72
C ALA G 62 52.48 33.36 -45.94
N ALA G 63 53.47 33.52 -45.05
CA ALA G 63 53.60 34.73 -44.25
C ALA G 63 53.93 35.93 -45.15
N ALA G 64 54.74 35.69 -46.19
CA ALA G 64 55.17 36.78 -47.06
C ALA G 64 54.04 37.30 -47.93
N ALA G 65 53.03 36.47 -48.22
CA ALA G 65 52.00 36.81 -49.19
C ALA G 65 51.01 37.85 -48.67
N SER G 66 50.87 38.07 -47.35
CA SER G 66 49.82 38.91 -46.81
C SER G 66 50.31 39.66 -45.58
N SER G 67 49.60 40.71 -45.15
CA SER G 67 49.81 41.35 -43.87
C SER G 67 48.92 40.76 -42.77
N LEU G 68 47.79 40.15 -43.15
CA LEU G 68 46.88 39.52 -42.21
C LEU G 68 47.03 38.00 -42.30
N LEU G 69 47.50 37.39 -41.20
CA LEU G 69 47.86 35.98 -41.16
C LEU G 69 46.95 35.29 -40.13
N ILE G 70 46.06 34.43 -40.61
CA ILE G 70 45.07 33.76 -39.76
C ILE G 70 45.55 32.34 -39.49
N ILE G 71 45.64 31.96 -38.21
CA ILE G 71 46.10 30.62 -37.84
C ILE G 71 44.92 29.88 -37.19
N CYS G 72 44.55 28.75 -37.78
CA CYS G 72 43.44 27.96 -37.31
C CYS G 72 43.84 26.49 -37.34
N GLN G 73 44.60 26.08 -36.31
CA GLN G 73 45.17 24.75 -36.24
C GLN G 73 44.51 23.99 -35.10
N LEU G 74 45.22 23.09 -34.43
CA LEU G 74 44.57 22.22 -33.46
C LEU G 74 44.65 22.82 -32.06
N ASP G 75 45.88 23.13 -31.63
CA ASP G 75 46.09 23.60 -30.27
C ASP G 75 47.28 24.56 -30.24
N LYS G 76 47.53 25.11 -29.05
CA LYS G 76 48.58 26.10 -28.90
C LYS G 76 49.94 25.51 -29.28
N ALA G 77 50.20 24.24 -28.91
CA ALA G 77 51.45 23.61 -29.29
C ALA G 77 51.65 23.65 -30.81
N SER G 78 50.59 23.38 -31.58
CA SER G 78 50.69 23.39 -33.02
C SER G 78 50.95 24.80 -33.55
N VAL G 79 50.32 25.81 -32.95
CA VAL G 79 50.55 27.19 -33.35
C VAL G 79 52.03 27.54 -33.13
N MET G 80 52.57 27.19 -31.96
CA MET G 80 53.96 27.49 -31.68
C MET G 80 54.87 26.75 -32.66
N GLN G 81 54.51 25.52 -33.04
CA GLN G 81 55.33 24.79 -33.98
C GLN G 81 55.39 25.52 -35.32
N THR G 82 54.24 26.05 -35.77
CA THR G 82 54.19 26.83 -37.00
C THR G 82 55.04 28.10 -36.88
N LEU G 83 54.87 28.86 -35.79
CA LEU G 83 55.57 30.11 -35.64
C LEU G 83 57.09 29.88 -35.61
N GLN G 84 57.53 28.83 -34.88
CA GLN G 84 58.94 28.59 -34.63
C GLN G 84 59.63 28.11 -35.92
N GLN G 85 58.87 27.62 -36.89
CA GLN G 85 59.45 27.15 -38.15
C GLN G 85 60.05 28.29 -38.97
N ALA G 86 59.54 29.51 -38.81
CA ALA G 86 59.99 30.65 -39.61
C ALA G 86 60.04 31.89 -38.75
N PRO G 87 60.96 31.94 -37.78
CA PRO G 87 60.88 32.95 -36.71
C PRO G 87 61.01 34.39 -37.18
N THR G 88 61.62 34.63 -38.37
CA THR G 88 61.76 36.00 -38.86
C THR G 88 60.60 36.41 -39.78
N ALA G 89 59.65 35.50 -40.06
CA ALA G 89 58.62 35.76 -41.07
C ALA G 89 57.49 36.66 -40.59
N TRP G 90 57.37 36.86 -39.27
CA TRP G 90 56.15 37.43 -38.68
C TRP G 90 56.28 38.93 -38.45
N ALA G 91 57.47 39.49 -38.59
CA ALA G 91 57.70 40.89 -38.25
C ALA G 91 56.79 41.83 -39.06
N ALA G 92 56.10 42.72 -38.33
CA ALA G 92 55.22 43.75 -38.86
C ALA G 92 53.97 43.15 -39.53
N LYS G 93 53.67 41.90 -39.19
CA LYS G 93 52.43 41.25 -39.66
C LYS G 93 51.41 41.20 -38.53
N THR G 94 50.14 41.14 -38.86
CA THR G 94 49.11 40.94 -37.82
C THR G 94 48.72 39.47 -37.81
N ILE G 95 49.00 38.79 -36.70
CA ILE G 95 48.60 37.38 -36.56
C ILE G 95 47.26 37.34 -35.85
N VAL G 96 46.28 36.68 -36.46
CA VAL G 96 45.00 36.47 -35.82
C VAL G 96 44.90 34.98 -35.57
N ASP G 97 45.03 34.61 -34.29
CA ASP G 97 45.10 33.21 -33.91
C ASP G 97 43.71 32.79 -33.43
N LEU G 98 43.05 31.92 -34.22
CA LEU G 98 41.71 31.45 -33.91
C LEU G 98 41.76 30.00 -33.41
N THR G 99 42.92 29.57 -32.91
CA THR G 99 43.10 28.22 -32.42
C THR G 99 42.67 28.15 -30.95
N ASN G 100 41.79 27.22 -30.62
CA ASN G 100 41.21 27.11 -29.28
C ASN G 100 42.30 26.77 -28.28
N GLY G 101 42.16 27.33 -27.10
CA GLY G 101 43.06 27.05 -25.98
C GLY G 101 42.59 27.76 -24.73
N THR G 102 43.46 27.74 -23.72
CA THR G 102 43.20 28.46 -22.49
C THR G 102 43.62 29.92 -22.62
N PRO G 103 43.18 30.77 -21.68
CA PRO G 103 43.70 32.13 -21.60
C PRO G 103 45.22 32.16 -21.53
N ALA G 104 45.82 31.30 -20.68
CA ALA G 104 47.27 31.24 -20.60
C ALA G 104 47.90 30.93 -21.97
N HIS G 105 47.32 30.02 -22.73
CA HIS G 105 47.85 29.69 -24.05
C HIS G 105 47.93 30.94 -24.93
N ALA G 106 46.87 31.75 -24.91
CA ALA G 106 46.84 32.94 -25.75
C ALA G 106 47.92 33.93 -25.30
N ARG G 107 48.09 34.08 -23.98
CA ARG G 107 49.06 35.01 -23.44
C ARG G 107 50.47 34.57 -23.82
N GLU G 108 50.75 33.28 -23.71
CA GLU G 108 52.05 32.72 -24.03
C GLU G 108 52.36 32.92 -25.51
N THR G 109 51.37 32.68 -26.38
CA THR G 109 51.59 32.82 -27.81
C THR G 109 51.84 34.29 -28.15
N ALA G 110 51.05 35.18 -27.57
CA ALA G 110 51.20 36.61 -27.78
C ALA G 110 52.60 37.08 -27.37
N ASP G 111 53.10 36.58 -26.24
CA ASP G 111 54.43 36.96 -25.78
C ASP G 111 55.49 36.60 -26.82
N TRP G 112 55.40 35.41 -27.40
CA TRP G 112 56.32 34.99 -28.44
C TRP G 112 56.20 35.90 -29.67
N ALA G 113 54.95 36.15 -30.09
CA ALA G 113 54.70 36.96 -31.27
C ALA G 113 55.30 38.35 -31.11
N LEU G 114 55.05 38.98 -29.96
CA LEU G 114 55.51 40.33 -29.68
C LEU G 114 57.04 40.36 -29.68
N ALA G 115 57.68 39.30 -29.16
CA ALA G 115 59.14 39.24 -29.12
C ALA G 115 59.73 39.04 -30.53
N HIS G 116 58.91 38.66 -31.52
CA HIS G 116 59.37 38.46 -32.88
C HIS G 116 58.81 39.53 -33.82
N GLY G 117 58.40 40.66 -33.25
CA GLY G 117 58.00 41.82 -34.06
C GLY G 117 56.62 41.76 -34.66
N ALA G 118 55.81 40.84 -34.20
CA ALA G 118 54.49 40.66 -34.82
C ALA G 118 53.40 41.29 -33.96
N ARG G 119 52.27 41.59 -34.57
CA ARG G 119 51.11 42.05 -33.80
C ARG G 119 50.25 40.80 -33.61
N TYR G 120 49.47 40.74 -32.53
CA TYR G 120 48.76 39.47 -32.26
C TYR G 120 47.39 39.71 -31.62
N ILE G 121 46.37 39.09 -32.21
CA ILE G 121 45.00 39.13 -31.67
C ILE G 121 44.59 37.67 -31.53
N HIS G 122 43.86 37.34 -30.46
CA HIS G 122 43.32 35.99 -30.33
C HIS G 122 41.83 36.06 -30.60
N GLY G 123 41.29 35.05 -31.25
CA GLY G 123 39.86 34.98 -31.50
C GLY G 123 39.27 33.63 -31.12
N GLY G 124 37.99 33.65 -30.78
CA GLY G 124 37.27 32.43 -30.44
C GLY G 124 36.02 32.34 -31.29
N ILE G 125 35.97 31.34 -32.18
CA ILE G 125 34.87 31.19 -33.10
C ILE G 125 33.74 30.43 -32.41
N MET G 126 32.60 31.11 -32.20
CA MET G 126 31.46 30.46 -31.56
C MET G 126 30.48 30.02 -32.65
N ALA G 127 30.90 29.07 -33.45
CA ALA G 127 30.15 28.66 -34.64
C ALA G 127 30.78 27.38 -35.14
N VAL G 128 30.02 26.63 -35.94
CA VAL G 128 30.57 25.51 -36.66
C VAL G 128 30.94 25.99 -38.06
N PRO G 129 31.79 25.24 -38.78
CA PRO G 129 32.29 25.69 -40.09
C PRO G 129 31.24 26.16 -41.09
N PHE G 130 30.08 25.46 -41.18
CA PHE G 130 29.11 25.86 -42.18
C PHE G 130 28.49 27.24 -41.86
N MET G 131 28.57 27.73 -40.62
CA MET G 131 27.99 29.03 -40.26
C MET G 131 28.93 30.20 -40.56
N ILE G 132 30.22 29.92 -40.85
CA ILE G 132 31.15 31.00 -41.14
C ILE G 132 30.62 31.84 -42.31
N GLY G 133 30.65 33.15 -42.15
CA GLY G 133 30.14 34.07 -43.16
C GLY G 133 28.73 34.56 -42.85
N GLN G 134 28.07 33.94 -41.87
CA GLN G 134 26.72 34.37 -41.52
C GLN G 134 26.76 35.30 -40.31
N PRO G 135 25.80 36.24 -40.18
CA PRO G 135 25.72 37.11 -39.00
C PRO G 135 25.54 36.37 -37.68
N ASP G 136 24.92 35.18 -37.69
CA ASP G 136 24.77 34.45 -36.44
C ASP G 136 26.08 33.79 -35.98
N ALA G 137 27.15 33.87 -36.78
CA ALA G 137 28.46 33.39 -36.33
C ALA G 137 29.11 34.46 -35.47
N MET G 138 29.22 34.27 -34.17
CA MET G 138 29.86 35.23 -33.31
C MET G 138 31.31 34.84 -33.17
N ILE G 139 32.21 35.82 -33.38
CA ILE G 139 33.64 35.57 -33.21
C ILE G 139 34.13 36.61 -32.22
N LEU G 140 34.66 36.09 -31.10
CA LEU G 140 35.16 36.91 -30.02
C LEU G 140 36.62 37.22 -30.30
N TYR G 141 37.05 38.44 -30.02
CA TYR G 141 38.43 38.84 -30.22
C TYR G 141 38.96 39.60 -29.02
N SER G 142 40.23 39.41 -28.71
CA SER G 142 40.91 40.14 -27.65
C SER G 142 42.36 40.38 -28.02
N GLY G 143 42.92 41.40 -27.38
CA GLY G 143 44.27 41.86 -27.66
C GLY G 143 44.25 43.38 -27.88
N PRO G 144 45.38 43.98 -28.27
CA PRO G 144 45.44 45.44 -28.35
C PRO G 144 44.39 46.02 -29.27
N ALA G 145 43.69 47.04 -28.76
CA ALA G 145 42.54 47.62 -29.46
C ALA G 145 42.95 48.13 -30.83
N GLU G 146 44.12 48.76 -30.90
CA GLU G 146 44.57 49.38 -32.18
C GLU G 146 44.90 48.30 -33.23
N VAL G 147 45.37 47.15 -32.77
CA VAL G 147 45.68 46.03 -33.70
C VAL G 147 44.36 45.51 -34.25
N PHE G 148 43.38 45.32 -33.37
CA PHE G 148 42.09 44.84 -33.82
C PHE G 148 41.46 45.82 -34.81
N GLU G 149 41.52 47.11 -34.49
CA GLU G 149 40.95 48.16 -35.33
C GLU G 149 41.51 48.09 -36.75
N GLY G 150 42.79 47.77 -36.86
CA GLY G 150 43.49 47.69 -38.13
C GLY G 150 42.99 46.59 -39.05
N VAL G 151 42.39 45.51 -38.51
CA VAL G 151 42.03 44.38 -39.35
C VAL G 151 40.55 43.99 -39.23
N LYS G 152 39.78 44.68 -38.40
CA LYS G 152 38.42 44.24 -38.11
C LYS G 152 37.52 44.25 -39.35
N ASP G 153 37.74 45.19 -40.29
CA ASP G 153 36.92 45.21 -41.52
C ASP G 153 37.12 43.95 -42.35
N THR G 154 38.37 43.50 -42.53
CA THR G 154 38.61 42.26 -43.23
C THR G 154 38.04 41.06 -42.46
N LEU G 155 38.22 41.04 -41.13
CA LEU G 155 37.74 39.92 -40.32
C LEU G 155 36.21 39.81 -40.34
N SER G 156 35.53 40.93 -40.61
CA SER G 156 34.07 40.94 -40.55
C SER G 156 33.43 40.08 -41.64
N VAL G 157 34.19 39.63 -42.64
CA VAL G 157 33.63 38.69 -43.59
C VAL G 157 33.31 37.33 -42.97
N LEU G 158 33.94 37.00 -41.82
CA LEU G 158 33.79 35.67 -41.24
C LEU G 158 32.56 35.56 -40.36
N GLY G 159 32.05 36.67 -39.86
CA GLY G 159 31.00 36.62 -38.86
C GLY G 159 30.88 37.97 -38.15
N THR G 160 30.15 37.97 -37.03
CA THR G 160 30.00 39.18 -36.27
C THR G 160 31.15 39.31 -35.28
N ASN G 161 31.97 40.35 -35.48
CA ASN G 161 33.10 40.63 -34.63
C ASN G 161 32.61 41.09 -33.27
N THR G 162 33.18 40.50 -32.22
CA THR G 162 32.85 40.89 -30.86
C THR G 162 34.15 41.08 -30.08
N TYR G 163 34.60 42.33 -29.99
CA TYR G 163 35.81 42.64 -29.25
C TYR G 163 35.53 42.63 -27.74
N VAL G 164 36.30 41.85 -26.97
CA VAL G 164 36.01 41.67 -25.56
C VAL G 164 37.11 42.23 -24.66
N GLY G 165 38.12 42.90 -25.21
CA GLY G 165 39.04 43.65 -24.38
C GLY G 165 40.52 43.44 -24.71
N GLU G 166 41.35 44.14 -23.95
CA GLU G 166 42.78 44.26 -24.21
C GLU G 166 43.55 43.00 -23.82
N ASP G 167 43.22 42.39 -22.67
CA ASP G 167 43.94 41.21 -22.23
C ASP G 167 43.75 40.13 -23.29
N VAL G 168 44.86 39.64 -23.84
CA VAL G 168 44.81 38.78 -25.01
C VAL G 168 44.15 37.44 -24.69
N GLY G 169 44.10 37.07 -23.40
CA GLY G 169 43.46 35.81 -23.01
C GLY G 169 41.94 35.88 -22.87
N LEU G 170 41.33 37.05 -23.03
CA LEU G 170 39.90 37.20 -22.77
C LEU G 170 39.01 36.51 -23.79
N ALA G 171 39.37 36.47 -25.08
CA ALA G 171 38.50 35.80 -26.03
C ALA G 171 38.38 34.30 -25.65
N SER G 172 39.49 33.71 -25.24
CA SER G 172 39.50 32.31 -24.85
C SER G 172 38.68 32.11 -23.57
N LEU G 173 38.77 33.03 -22.62
CA LEU G 173 37.98 32.93 -21.40
C LEU G 173 36.50 32.98 -21.71
N HIS G 174 36.07 33.95 -22.55
CA HIS G 174 34.68 34.04 -22.92
C HIS G 174 34.23 32.77 -23.66
N ASP G 175 35.06 32.28 -24.58
CA ASP G 175 34.75 31.10 -25.35
C ASP G 175 34.51 29.88 -24.42
N LEU G 176 35.44 29.66 -23.50
CA LEU G 176 35.33 28.52 -22.61
C LEU G 176 34.18 28.67 -21.62
N ALA G 177 33.85 29.91 -21.24
CA ALA G 177 32.67 30.17 -20.42
C ALA G 177 31.40 29.78 -21.17
N LEU G 178 31.29 30.19 -22.45
CA LEU G 178 30.15 29.82 -23.25
C LEU G 178 30.04 28.31 -23.41
N LEU G 179 31.17 27.63 -23.67
CA LEU G 179 31.14 26.20 -23.79
C LEU G 179 30.70 25.54 -22.46
N SER G 180 31.13 26.07 -21.33
CA SER G 180 30.74 25.54 -20.03
CA SER G 180 30.73 25.52 -20.05
C SER G 180 29.22 25.64 -19.89
N GLY G 181 28.65 26.76 -20.34
CA GLY G 181 27.20 26.91 -20.37
C GLY G 181 26.52 25.83 -21.17
N MET G 182 27.05 25.59 -22.38
CA MET G 182 26.53 24.55 -23.26
C MET G 182 26.58 23.16 -22.61
N TYR G 183 27.67 22.85 -21.91
CA TYR G 183 27.79 21.52 -21.31
C TYR G 183 26.79 21.32 -20.17
N GLY G 184 26.46 22.40 -19.46
CA GLY G 184 25.36 22.36 -18.49
C GLY G 184 24.02 22.06 -19.16
N LEU G 185 23.72 22.79 -20.24
CA LEU G 185 22.52 22.56 -21.02
C LEU G 185 22.45 21.11 -21.48
N PHE G 186 23.57 20.56 -21.98
CA PHE G 186 23.58 19.18 -22.47
C PHE G 186 23.42 18.17 -21.32
N SER G 187 23.92 18.51 -20.12
CA SER G 187 23.73 17.67 -18.95
C SER G 187 22.22 17.57 -18.63
N GLY G 188 21.56 18.72 -18.68
CA GLY G 188 20.13 18.80 -18.43
C GLY G 188 19.33 18.02 -19.46
N PHE G 189 19.63 18.22 -20.75
CA PHE G 189 18.98 17.48 -21.81
C PHE G 189 19.10 15.98 -21.54
N THR G 190 20.33 15.55 -21.23
CA THR G 190 20.60 14.12 -21.09
C THR G 190 19.74 13.53 -19.96
N HIS G 191 19.74 14.19 -18.80
CA HIS G 191 18.98 13.67 -17.68
C HIS G 191 17.48 13.70 -17.96
N ALA G 192 16.97 14.81 -18.51
CA ALA G 192 15.55 14.95 -18.80
C ALA G 192 15.07 13.87 -19.75
N VAL G 193 15.83 13.65 -20.82
CA VAL G 193 15.41 12.70 -21.83
C VAL G 193 15.56 11.26 -21.31
N ALA G 194 16.57 10.98 -20.48
CA ALA G 194 16.69 9.67 -19.86
C ALA G 194 15.47 9.36 -19.00
N LEU G 195 15.01 10.37 -18.24
CA LEU G 195 13.88 10.16 -17.38
C LEU G 195 12.63 9.81 -18.19
N VAL G 196 12.33 10.55 -19.26
CA VAL G 196 11.11 10.25 -20.00
C VAL G 196 11.28 8.94 -20.78
N GLN G 197 12.48 8.67 -21.30
CA GLN G 197 12.70 7.43 -22.04
C GLN G 197 12.54 6.22 -21.11
N SER G 198 12.86 6.38 -19.82
CA SER G 198 12.74 5.29 -18.86
C SER G 198 11.28 4.86 -18.68
N ALA G 199 10.33 5.73 -19.04
CA ALA G 199 8.90 5.42 -18.97
C ALA G 199 8.31 5.25 -20.37
N ASN G 200 9.17 5.02 -21.38
CA ASN G 200 8.76 4.76 -22.74
C ASN G 200 8.05 5.95 -23.39
N ILE G 201 8.44 7.16 -23.01
CA ILE G 201 7.94 8.36 -23.66
C ILE G 201 8.92 8.73 -24.76
N PRO G 202 8.48 8.87 -26.02
CA PRO G 202 9.37 9.30 -27.10
C PRO G 202 10.04 10.64 -26.82
N ALA G 203 11.32 10.74 -27.14
CA ALA G 203 12.08 11.92 -26.80
C ALA G 203 11.65 13.11 -27.66
N ALA G 204 11.38 12.89 -28.95
CA ALA G 204 11.23 14.00 -29.87
C ALA G 204 10.05 14.90 -29.47
N GLY G 205 8.87 14.32 -29.21
CA GLY G 205 7.70 15.11 -28.87
C GLY G 205 7.88 15.89 -27.56
N PHE G 206 8.45 15.19 -26.56
CA PHE G 206 8.75 15.80 -25.27
C PHE G 206 9.69 16.98 -25.42
N VAL G 207 10.77 16.79 -26.19
CA VAL G 207 11.75 17.85 -26.34
C VAL G 207 11.16 19.04 -27.09
N ALA G 208 10.46 18.79 -28.20
CA ALA G 208 9.97 19.87 -29.04
C ALA G 208 8.86 20.67 -28.33
N THR G 209 7.97 20.00 -27.61
CA THR G 209 6.77 20.67 -27.08
C THR G 209 6.85 21.03 -25.60
N GLN G 210 7.77 20.41 -24.84
CA GLN G 210 7.87 20.70 -23.41
C GLN G 210 9.25 21.20 -23.03
N LEU G 211 10.31 20.45 -23.34
CA LEU G 211 11.64 20.80 -22.85
C LEU G 211 12.12 22.11 -23.47
N ILE G 212 12.04 22.25 -24.80
CA ILE G 212 12.56 23.46 -25.42
C ILE G 212 11.79 24.69 -24.97
N PRO G 213 10.45 24.72 -24.96
CA PRO G 213 9.74 25.89 -24.43
C PRO G 213 10.11 26.24 -22.99
N TRP G 214 10.26 25.23 -22.13
CA TRP G 214 10.64 25.45 -20.76
C TRP G 214 12.05 26.04 -20.66
N LEU G 215 13.01 25.43 -21.36
CA LEU G 215 14.37 25.96 -21.37
C LEU G 215 14.40 27.38 -21.94
N THR G 216 13.58 27.68 -22.96
CA THR G 216 13.52 29.02 -23.52
C THR G 216 13.09 30.04 -22.46
N ALA G 217 12.06 29.72 -21.67
CA ALA G 217 11.59 30.60 -20.62
C ALA G 217 12.66 30.76 -19.54
N MET G 218 13.32 29.67 -19.15
CA MET G 218 14.30 29.74 -18.09
C MET G 218 15.57 30.40 -18.60
N THR G 219 15.86 30.34 -19.90
CA THR G 219 17.02 31.03 -20.45
C THR G 219 16.87 32.55 -20.32
N GLN G 220 15.66 33.06 -20.58
CA GLN G 220 15.39 34.49 -20.45
C GLN G 220 15.50 34.90 -18.97
N HIS G 221 15.15 34.01 -18.02
CA HIS G 221 15.24 34.26 -16.60
C HIS G 221 16.69 34.48 -16.15
N LEU G 222 17.68 34.05 -16.96
CA LEU G 222 19.07 34.22 -16.60
C LEU G 222 19.46 35.69 -16.52
N ASN G 223 18.76 36.60 -17.22
CA ASN G 223 19.11 38.01 -17.10
C ASN G 223 18.86 38.52 -15.69
N LEU G 224 17.74 38.12 -15.06
CA LEU G 224 17.49 38.53 -13.68
C LEU G 224 18.55 37.96 -12.74
N LEU G 225 18.93 36.68 -12.93
CA LEU G 225 19.97 36.10 -12.10
C LEU G 225 21.28 36.86 -12.26
N ALA G 226 21.62 37.26 -13.50
CA ALA G 226 22.89 37.91 -13.76
C ALA G 226 22.95 39.25 -13.02
N THR G 227 21.83 39.99 -13.04
CA THR G 227 21.75 41.24 -12.30
C THR G 227 22.00 41.03 -10.81
N GLN G 228 21.39 39.97 -10.26
CA GLN G 228 21.57 39.65 -8.86
C GLN G 228 23.00 39.29 -8.53
N VAL G 229 23.68 38.55 -9.44
CA VAL G 229 25.09 38.23 -9.24
C VAL G 229 25.90 39.52 -9.15
N ASP G 230 25.65 40.46 -10.06
CA ASP G 230 26.41 41.71 -10.12
C ASP G 230 26.18 42.57 -8.88
N GLU G 231 24.93 42.60 -8.39
CA GLU G 231 24.58 43.40 -7.22
C GLU G 231 24.94 42.69 -5.92
N LYS G 232 25.34 41.41 -5.98
CA LYS G 232 25.61 40.60 -4.81
C LYS G 232 24.39 40.64 -3.89
N ASP G 233 23.21 40.55 -4.51
CA ASP G 233 21.94 40.61 -3.80
C ASP G 233 21.07 39.46 -4.32
N TYR G 234 21.03 38.38 -3.55
CA TYR G 234 20.53 37.12 -4.08
C TYR G 234 19.10 36.90 -3.63
N GLY G 235 18.22 37.77 -4.10
CA GLY G 235 16.80 37.63 -3.78
C GLY G 235 16.22 36.32 -4.34
N ASP G 236 15.20 35.79 -3.67
CA ASP G 236 14.61 34.51 -4.08
C ASP G 236 13.98 34.60 -5.46
N GLY G 237 13.53 35.79 -5.91
CA GLY G 237 12.87 35.90 -7.19
C GLY G 237 11.56 35.10 -7.27
N GLY G 238 10.99 34.78 -6.08
CA GLY G 238 9.79 33.96 -6.02
C GLY G 238 10.11 32.47 -5.99
N SER G 239 11.40 32.09 -5.91
CA SER G 239 11.81 30.68 -5.93
C SER G 239 12.97 30.45 -4.97
N SER G 240 12.70 30.30 -3.66
CA SER G 240 13.79 30.25 -2.69
C SER G 240 14.55 28.93 -2.78
N LEU G 241 15.81 28.99 -2.33
CA LEU G 241 16.61 27.78 -2.24
C LEU G 241 16.01 26.80 -1.24
N ASP G 242 15.40 27.27 -0.14
CA ASP G 242 14.70 26.40 0.79
C ASP G 242 13.67 25.54 0.06
N MET G 243 12.89 26.15 -0.83
CA MET G 243 11.87 25.42 -1.55
C MET G 243 12.50 24.47 -2.56
N GLN G 244 13.54 24.92 -3.27
CA GLN G 244 14.20 24.09 -4.28
C GLN G 244 14.86 22.89 -3.62
N ALA G 245 15.37 23.06 -2.41
CA ALA G 245 16.04 21.97 -1.70
C ALA G 245 15.04 20.89 -1.28
N LYS G 246 13.74 21.18 -1.31
CA LYS G 246 12.71 20.16 -1.10
C LYS G 246 12.30 19.48 -2.41
N ALA G 247 12.39 20.15 -3.54
CA ALA G 247 12.11 19.54 -4.84
C ALA G 247 13.27 18.64 -5.27
N ALA G 248 14.51 19.00 -4.91
CA ALA G 248 15.67 18.26 -5.41
C ALA G 248 15.58 16.77 -5.02
N PRO G 249 15.32 16.38 -3.77
CA PRO G 249 15.19 14.98 -3.41
C PRO G 249 14.11 14.24 -4.19
N ASN G 250 13.05 14.90 -4.59
CA ASN G 250 12.02 14.28 -5.41
C ASN G 250 12.58 13.95 -6.80
N ILE G 251 13.38 14.85 -7.39
CA ILE G 251 14.03 14.55 -8.67
C ILE G 251 14.97 13.33 -8.52
N LEU G 252 15.75 13.32 -7.44
CA LEU G 252 16.68 12.22 -7.19
C LEU G 252 15.93 10.90 -6.97
N GLU G 253 14.84 10.91 -6.20
CA GLU G 253 14.10 9.71 -5.84
C GLU G 253 13.37 9.18 -7.06
N ALA G 254 12.76 10.06 -7.88
CA ALA G 254 12.09 9.62 -9.09
C ALA G 254 13.11 9.01 -10.06
N SER G 255 14.30 9.62 -10.16
CA SER G 255 15.38 9.09 -11.02
C SER G 255 15.77 7.69 -10.59
N GLN G 256 15.99 7.52 -9.29
CA GLN G 256 16.36 6.22 -8.70
C GLN G 256 15.28 5.18 -9.00
N ALA G 257 14.01 5.54 -8.85
CA ALA G 257 12.91 4.61 -9.09
C ALA G 257 12.88 4.19 -10.56
N GLN G 258 13.27 5.07 -11.49
CA GLN G 258 13.27 4.80 -12.91
C GLN G 258 14.58 4.17 -13.39
N GLY G 259 15.55 3.98 -12.49
CA GLY G 259 16.84 3.38 -12.81
C GLY G 259 17.76 4.32 -13.56
N VAL G 260 17.60 5.63 -13.38
CA VAL G 260 18.41 6.64 -14.07
C VAL G 260 19.44 7.16 -13.09
N SER G 261 20.72 7.07 -13.47
CA SER G 261 21.80 7.64 -12.66
C SER G 261 21.61 9.14 -12.46
N VAL G 262 21.96 9.64 -11.27
CA VAL G 262 21.81 11.08 -10.99
C VAL G 262 23.13 11.83 -11.07
N GLU G 263 24.16 11.22 -11.70
CA GLU G 263 25.48 11.80 -11.66
C GLU G 263 25.55 13.20 -12.28
N LEU G 264 24.69 13.51 -13.26
CA LEU G 264 24.81 14.78 -13.96
C LEU G 264 24.16 15.95 -13.20
N ILE G 265 23.22 15.68 -12.29
CA ILE G 265 22.47 16.75 -11.63
C ILE G 265 22.79 16.85 -10.14
N GLN G 266 23.32 15.79 -9.55
CA GLN G 266 23.66 15.78 -8.14
C GLN G 266 24.50 17.00 -7.78
N PRO G 267 25.55 17.44 -8.54
CA PRO G 267 26.38 18.54 -8.06
C PRO G 267 25.64 19.84 -7.75
N ILE G 268 24.70 20.27 -8.60
CA ILE G 268 24.02 21.53 -8.29
C ILE G 268 23.08 21.33 -7.08
N PHE G 269 22.51 20.14 -6.93
CA PHE G 269 21.68 19.85 -5.76
C PHE G 269 22.50 19.92 -4.48
N LYS G 270 23.75 19.44 -4.51
CA LYS G 270 24.62 19.52 -3.35
C LYS G 270 24.98 20.96 -3.04
N LEU G 271 25.16 21.80 -4.06
CA LEU G 271 25.44 23.21 -3.84
C LEU G 271 24.23 23.92 -3.22
N ILE G 272 23.04 23.63 -3.70
CA ILE G 272 21.82 24.22 -3.15
C ILE G 272 21.69 23.83 -1.66
N GLU G 273 21.90 22.55 -1.38
CA GLU G 273 21.82 22.07 -0.01
C GLU G 273 22.87 22.74 0.88
N ARG G 274 24.10 22.95 0.38
CA ARG G 274 25.13 23.61 1.16
C ARG G 274 24.72 25.03 1.50
N ARG G 275 24.06 25.75 0.59
CA ARG G 275 23.66 27.12 0.86
C ARG G 275 22.56 27.16 1.92
N VAL G 276 21.63 26.20 1.86
CA VAL G 276 20.61 26.11 2.90
C VAL G 276 21.28 25.83 4.25
N GLU G 277 22.29 24.94 4.29
CA GLU G 277 22.94 24.57 5.53
C GLU G 277 23.80 25.72 6.09
N GLU G 278 24.15 26.71 5.27
CA GLU G 278 24.86 27.91 5.71
C GLU G 278 23.88 28.92 6.28
N GLY G 279 22.56 28.60 6.31
CA GLY G 279 21.55 29.51 6.84
C GLY G 279 21.01 30.50 5.81
N LYS G 280 21.24 30.25 4.52
CA LYS G 280 20.92 31.19 3.46
C LYS G 280 19.86 30.64 2.50
N GLY G 281 18.96 29.79 3.03
CA GLY G 281 17.92 29.21 2.22
C GLY G 281 16.88 30.23 1.72
N SER G 282 16.84 31.44 2.29
CA SER G 282 15.90 32.45 1.82
C SER G 282 16.38 33.11 0.53
N GLU G 283 17.64 32.89 0.15
CA GLU G 283 18.21 33.40 -1.07
C GLU G 283 17.69 32.61 -2.28
N GLY G 284 18.04 33.13 -3.47
CA GLY G 284 17.81 32.48 -4.73
C GLY G 284 19.11 31.96 -5.38
N LEU G 285 18.92 31.42 -6.61
CA LEU G 285 19.94 30.66 -7.30
C LEU G 285 21.17 31.50 -7.66
N ALA G 286 21.05 32.84 -7.72
CA ALA G 286 22.20 33.65 -8.06
C ALA G 286 23.33 33.49 -7.04
N ALA G 287 23.01 33.04 -5.81
CA ALA G 287 24.00 32.80 -4.78
C ALA G 287 25.04 31.73 -5.17
N LEU G 288 24.69 30.83 -6.09
CA LEU G 288 25.56 29.70 -6.36
C LEU G 288 26.88 30.11 -7.04
N VAL G 289 26.89 31.20 -7.81
CA VAL G 289 28.09 31.62 -8.54
C VAL G 289 29.27 31.83 -7.57
N GLY G 290 29.03 32.61 -6.52
CA GLY G 290 30.09 32.90 -5.56
C GLY G 290 30.59 31.65 -4.85
N MET G 291 29.73 30.63 -4.69
CA MET G 291 30.09 29.42 -3.99
C MET G 291 31.15 28.63 -4.74
N ILE G 292 31.17 28.66 -6.09
CA ILE G 292 32.17 27.88 -6.80
C ILE G 292 33.41 28.71 -7.12
N MET G 293 33.40 30.00 -6.81
CA MET G 293 34.56 30.85 -7.00
C MET G 293 35.47 30.74 -5.78
N LYS G 294 36.74 31.14 -5.92
CA LYS G 294 37.71 31.05 -4.82
C LYS G 294 39.08 30.63 -5.38
N SER H 10 -16.95 31.44 -11.03
CA SER H 10 -17.05 30.07 -10.44
C SER H 10 -16.05 29.91 -9.28
N PRO H 11 -16.50 29.40 -8.13
CA PRO H 11 -15.67 29.45 -6.91
C PRO H 11 -14.48 28.50 -6.96
N VAL H 12 -13.38 28.94 -6.35
CA VAL H 12 -12.17 28.14 -6.25
C VAL H 12 -11.65 28.32 -4.83
N SER H 13 -11.06 27.26 -4.25
CA SER H 13 -10.35 27.38 -2.99
C SER H 13 -8.87 27.04 -3.22
N VAL H 14 -7.98 27.80 -2.58
CA VAL H 14 -6.55 27.59 -2.69
C VAL H 14 -6.01 27.32 -1.29
N PHE H 15 -5.32 26.18 -1.14
CA PHE H 15 -4.68 25.76 0.09
C PHE H 15 -3.17 25.87 -0.10
N GLY H 16 -2.53 26.76 0.66
CA GLY H 16 -1.12 27.04 0.54
C GLY H 16 -0.88 28.40 -0.12
N LEU H 17 -0.38 29.36 0.68
CA LEU H 17 -0.24 30.75 0.23
C LEU H 17 1.20 31.18 0.35
N GLY H 18 2.09 30.30 -0.06
CA GLY H 18 3.48 30.64 -0.31
C GLY H 18 3.59 31.49 -1.57
N ALA H 19 4.79 31.58 -2.12
CA ALA H 19 5.02 32.39 -3.30
C ALA H 19 4.09 31.95 -4.43
N MET H 20 4.02 30.64 -4.66
CA MET H 20 3.28 30.13 -5.80
C MET H 20 1.77 30.16 -5.50
N GLY H 21 1.33 29.67 -4.34
CA GLY H 21 -0.09 29.69 -4.04
C GLY H 21 -0.67 31.11 -4.05
N THR H 22 0.11 32.07 -3.57
CA THR H 22 -0.33 33.47 -3.62
C THR H 22 -0.55 33.90 -5.07
N ALA H 23 0.37 33.53 -5.96
CA ALA H 23 0.25 33.88 -7.37
C ALA H 23 -0.99 33.22 -7.98
N LEU H 24 -1.27 31.97 -7.63
CA LEU H 24 -2.44 31.29 -8.17
C LEU H 24 -3.72 32.00 -7.70
N ALA H 25 -3.83 32.26 -6.39
CA ALA H 25 -5.03 32.89 -5.84
C ALA H 25 -5.24 34.27 -6.45
N THR H 26 -4.13 35.00 -6.64
CA THR H 26 -4.19 36.34 -7.19
C THR H 26 -4.77 36.30 -8.59
N GLN H 27 -4.34 35.33 -9.41
CA GLN H 27 -4.80 35.24 -10.77
C GLN H 27 -6.28 34.86 -10.82
N PHE H 28 -6.75 33.93 -9.97
CA PHE H 28 -8.16 33.62 -9.92
C PHE H 28 -8.98 34.87 -9.58
N LEU H 29 -8.51 35.67 -8.61
CA LEU H 29 -9.22 36.88 -8.21
C LEU H 29 -9.25 37.90 -9.35
N ARG H 30 -8.12 38.05 -10.05
CA ARG H 30 -8.03 38.98 -11.17
C ARG H 30 -9.02 38.62 -12.27
N LYS H 31 -9.33 37.33 -12.44
CA LYS H 31 -10.25 36.90 -13.47
C LYS H 31 -11.67 36.73 -12.93
N GLY H 32 -11.93 37.24 -11.72
CA GLY H 32 -13.29 37.39 -11.22
C GLY H 32 -13.85 36.17 -10.48
N HIS H 33 -13.02 35.16 -10.17
CA HIS H 33 -13.49 33.98 -9.45
C HIS H 33 -13.63 34.32 -7.97
N LYS H 34 -14.71 33.81 -7.37
CA LYS H 34 -14.83 33.84 -5.92
C LYS H 34 -13.75 32.91 -5.37
N THR H 35 -12.78 33.47 -4.66
CA THR H 35 -11.59 32.73 -4.28
C THR H 35 -11.51 32.66 -2.76
N THR H 36 -11.58 31.44 -2.23
CA THR H 36 -11.40 31.20 -0.82
C THR H 36 -9.99 30.69 -0.56
N VAL H 37 -9.33 31.21 0.49
CA VAL H 37 -7.94 30.87 0.72
C VAL H 37 -7.74 30.32 2.12
N TRP H 38 -6.75 29.43 2.24
CA TRP H 38 -6.36 28.84 3.51
C TRP H 38 -4.86 28.65 3.52
N ASN H 39 -4.23 28.90 4.67
CA ASN H 39 -2.80 28.65 4.84
C ASN H 39 -2.55 28.19 6.27
N ARG H 40 -1.60 27.28 6.47
CA ARG H 40 -1.22 26.83 7.81
C ARG H 40 -0.91 28.03 8.71
N THR H 41 -0.11 28.97 8.20
CA THR H 41 0.16 30.25 8.88
C THR H 41 -0.82 31.32 8.40
N PRO H 42 -1.86 31.67 9.18
CA PRO H 42 -2.96 32.47 8.64
C PRO H 42 -2.63 33.90 8.20
N ALA H 43 -1.55 34.51 8.71
CA ALA H 43 -1.15 35.86 8.31
C ALA H 43 -0.93 35.97 6.80
N LYS H 44 -0.51 34.88 6.14
CA LYS H 44 -0.23 34.95 4.71
C LYS H 44 -1.51 35.14 3.89
N ALA H 45 -2.69 34.97 4.50
CA ALA H 45 -3.92 35.23 3.79
C ALA H 45 -4.22 36.73 3.69
N GLN H 46 -3.62 37.56 4.53
CA GLN H 46 -4.07 38.95 4.62
C GLN H 46 -3.87 39.69 3.30
N PRO H 47 -2.74 39.55 2.59
CA PRO H 47 -2.60 40.19 1.28
C PRO H 47 -3.64 39.77 0.25
N LEU H 48 -4.14 38.53 0.35
CA LEU H 48 -5.18 38.09 -0.57
C LEU H 48 -6.55 38.65 -0.16
N ILE H 49 -6.82 38.74 1.14
CA ILE H 49 -8.05 39.37 1.62
C ILE H 49 -8.11 40.81 1.10
N ALA H 50 -6.97 41.47 1.08
CA ALA H 50 -6.90 42.87 0.66
C ALA H 50 -7.30 43.03 -0.81
N ILE H 51 -7.19 41.98 -1.64
CA ILE H 51 -7.60 42.07 -3.03
C ILE H 51 -8.81 41.20 -3.34
N GLY H 52 -9.58 40.81 -2.33
CA GLY H 52 -10.93 40.30 -2.53
C GLY H 52 -11.13 38.83 -2.14
N ALA H 53 -10.09 38.17 -1.63
CA ALA H 53 -10.23 36.77 -1.23
C ALA H 53 -11.08 36.65 0.03
N SER H 54 -11.76 35.52 0.16
CA SER H 54 -12.37 35.12 1.40
C SER H 54 -11.42 34.23 2.21
N HIS H 55 -11.17 34.54 3.48
CA HIS H 55 -10.25 33.74 4.28
C HIS H 55 -10.98 32.66 5.07
N ALA H 56 -10.72 31.39 4.76
CA ALA H 56 -11.38 30.32 5.48
C ALA H 56 -10.73 30.12 6.84
N PRO H 57 -11.51 30.06 7.95
CA PRO H 57 -10.92 29.84 9.27
C PRO H 57 -10.42 28.43 9.52
N THR H 58 -10.86 27.45 8.71
CA THR H 58 -10.45 26.07 8.88
C THR H 58 -10.30 25.42 7.51
N ILE H 59 -9.61 24.28 7.49
CA ILE H 59 -9.50 23.47 6.29
C ILE H 59 -10.90 23.08 5.83
N ASP H 60 -11.72 22.64 6.77
CA ASP H 60 -13.05 22.17 6.47
C ASP H 60 -13.86 23.26 5.77
N SER H 61 -13.79 24.52 6.26
CA SER H 61 -14.60 25.55 5.63
C SER H 61 -14.05 25.96 4.27
N ALA H 62 -12.73 25.86 4.05
CA ALA H 62 -12.17 26.13 2.72
C ALA H 62 -12.66 25.09 1.71
N ALA H 63 -12.73 23.81 2.15
CA ALA H 63 -13.19 22.75 1.29
C ALA H 63 -14.67 22.93 0.96
N ALA H 64 -15.46 23.41 1.93
CA ALA H 64 -16.90 23.57 1.77
C ALA H 64 -17.24 24.70 0.80
N ALA H 65 -16.35 25.69 0.64
CA ALA H 65 -16.66 26.90 -0.10
C ALA H 65 -16.67 26.70 -1.62
N SER H 66 -16.06 25.63 -2.14
CA SER H 66 -15.90 25.50 -3.58
C SER H 66 -16.00 24.01 -3.94
N SER H 67 -16.18 23.73 -5.24
CA SER H 67 -16.05 22.36 -5.73
C SER H 67 -14.63 22.07 -6.23
N LEU H 68 -13.90 23.10 -6.65
CA LEU H 68 -12.53 22.97 -7.15
C LEU H 68 -11.54 23.45 -6.10
N LEU H 69 -10.73 22.50 -5.59
CA LEU H 69 -9.86 22.74 -4.47
C LEU H 69 -8.41 22.57 -4.95
N ILE H 70 -7.66 23.66 -4.96
CA ILE H 70 -6.27 23.66 -5.44
C ILE H 70 -5.35 23.59 -4.23
N ILE H 71 -4.42 22.64 -4.22
CA ILE H 71 -3.47 22.51 -3.13
C ILE H 71 -2.08 22.79 -3.68
N CYS H 72 -1.44 23.83 -3.14
CA CYS H 72 -0.12 24.22 -3.58
C CYS H 72 0.72 24.52 -2.34
N GLN H 73 1.22 23.46 -1.72
CA GLN H 73 1.95 23.51 -0.47
C GLN H 73 3.42 23.19 -0.75
N LEU H 74 4.07 22.36 0.02
CA LEU H 74 5.50 22.22 -0.15
C LEU H 74 5.81 20.86 -0.75
N ASP H 75 5.36 19.81 -0.08
CA ASP H 75 5.60 18.45 -0.56
C ASP H 75 4.41 17.54 -0.23
N LYS H 76 4.52 16.27 -0.64
CA LYS H 76 3.39 15.35 -0.46
C LYS H 76 3.07 15.17 1.03
N ALA H 77 4.08 15.14 1.90
CA ALA H 77 3.80 15.04 3.32
C ALA H 77 2.88 16.18 3.78
N SER H 78 3.16 17.42 3.30
CA SER H 78 2.33 18.54 3.70
C SER H 78 0.90 18.42 3.18
N VAL H 79 0.75 17.92 1.95
CA VAL H 79 -0.57 17.71 1.36
C VAL H 79 -1.36 16.73 2.22
N MET H 80 -0.72 15.60 2.57
CA MET H 80 -1.39 14.60 3.38
C MET H 80 -1.73 15.16 4.75
N GLN H 81 -0.89 16.01 5.31
CA GLN H 81 -1.19 16.60 6.61
C GLN H 81 -2.47 17.43 6.53
N THR H 82 -2.61 18.19 5.44
CA THR H 82 -3.81 18.99 5.23
C THR H 82 -5.04 18.10 5.05
N LEU H 83 -4.93 17.07 4.20
CA LEU H 83 -6.06 16.20 3.89
C LEU H 83 -6.54 15.49 5.17
N GLN H 84 -5.58 14.98 5.96
CA GLN H 84 -5.87 14.14 7.11
C GLN H 84 -6.51 14.96 8.23
N GLN H 85 -6.35 16.29 8.21
CA GLN H 85 -6.92 17.13 9.26
C GLN H 85 -8.43 17.18 9.20
N ALA H 86 -9.02 16.96 8.03
CA ALA H 86 -10.47 17.07 7.83
C ALA H 86 -10.91 15.98 6.87
N PRO H 87 -10.83 14.70 7.30
CA PRO H 87 -10.96 13.59 6.36
C PRO H 87 -12.32 13.49 5.66
N THR H 88 -13.39 14.09 6.25
CA THR H 88 -14.70 14.03 5.63
C THR H 88 -14.99 15.25 4.74
N ALA H 89 -14.07 16.21 4.65
CA ALA H 89 -14.32 17.47 3.95
C ALA H 89 -14.28 17.35 2.42
N TRP H 90 -13.65 16.28 1.90
CA TRP H 90 -13.23 16.26 0.50
C TRP H 90 -14.25 15.52 -0.39
N ALA H 91 -15.25 14.88 0.21
CA ALA H 91 -16.23 14.10 -0.54
C ALA H 91 -16.93 14.96 -1.60
N ALA H 92 -16.98 14.43 -2.84
CA ALA H 92 -17.65 15.04 -3.98
C ALA H 92 -16.96 16.34 -4.44
N LYS H 93 -15.70 16.56 -4.01
CA LYS H 93 -14.91 17.69 -4.46
C LYS H 93 -13.89 17.21 -5.48
N THR H 94 -13.39 18.14 -6.31
CA THR H 94 -12.27 17.88 -7.20
C THR H 94 -11.03 18.55 -6.61
N ILE H 95 -10.06 17.73 -6.22
CA ILE H 95 -8.80 18.20 -5.72
C ILE H 95 -7.83 18.28 -6.90
N VAL H 96 -7.21 19.45 -7.06
CA VAL H 96 -6.16 19.65 -8.04
C VAL H 96 -4.89 19.93 -7.24
N ASP H 97 -4.00 18.94 -7.21
CA ASP H 97 -2.82 19.00 -6.37
C ASP H 97 -1.65 19.45 -7.24
N LEU H 98 -1.17 20.66 -7.01
CA LEU H 98 -0.08 21.25 -7.78
C LEU H 98 1.21 21.25 -6.95
N THR H 99 1.27 20.40 -5.93
CA THR H 99 2.43 20.34 -5.05
C THR H 99 3.44 19.36 -5.63
N ASN H 100 4.70 19.81 -5.74
CA ASN H 100 5.79 19.03 -6.28
C ASN H 100 5.98 17.72 -5.54
N GLY H 101 6.22 16.65 -6.32
CA GLY H 101 6.46 15.34 -5.75
C GLY H 101 6.90 14.37 -6.83
N THR H 102 7.11 13.12 -6.42
CA THR H 102 7.37 12.03 -7.34
C THR H 102 6.10 11.48 -7.94
N PRO H 103 6.19 10.70 -9.03
CA PRO H 103 5.04 9.94 -9.51
C PRO H 103 4.40 9.10 -8.42
N ALA H 104 5.21 8.41 -7.62
CA ALA H 104 4.66 7.62 -6.52
C ALA H 104 3.85 8.48 -5.56
N HIS H 105 4.35 9.68 -5.23
CA HIS H 105 3.64 10.58 -4.34
C HIS H 105 2.25 10.88 -4.89
N ALA H 106 2.15 11.16 -6.18
CA ALA H 106 0.87 11.51 -6.77
C ALA H 106 -0.08 10.31 -6.67
N ARG H 107 0.44 9.10 -6.95
CA ARG H 107 -0.40 7.90 -6.91
CA ARG H 107 -0.39 7.90 -6.92
C ARG H 107 -0.90 7.64 -5.50
N GLU H 108 -0.03 7.81 -4.50
CA GLU H 108 -0.38 7.61 -3.10
C GLU H 108 -1.46 8.60 -2.68
N THR H 109 -1.30 9.87 -3.07
CA THR H 109 -2.25 10.89 -2.66
C THR H 109 -3.60 10.63 -3.34
N ALA H 110 -3.58 10.28 -4.62
CA ALA H 110 -4.79 9.96 -5.35
C ALA H 110 -5.55 8.80 -4.67
N ASP H 111 -4.82 7.77 -4.25
CA ASP H 111 -5.44 6.63 -3.59
C ASP H 111 -6.18 7.08 -2.32
N TRP H 112 -5.57 7.96 -1.53
CA TRP H 112 -6.20 8.49 -0.34
C TRP H 112 -7.46 9.28 -0.71
N ALA H 113 -7.33 10.16 -1.71
CA ALA H 113 -8.43 11.01 -2.13
C ALA H 113 -9.61 10.16 -2.57
N LEU H 114 -9.36 9.16 -3.40
CA LEU H 114 -10.42 8.29 -3.92
C LEU H 114 -11.10 7.55 -2.77
N ALA H 115 -10.34 7.12 -1.76
CA ALA H 115 -10.90 6.41 -0.62
C ALA H 115 -11.74 7.34 0.27
N HIS H 116 -11.62 8.66 0.10
CA HIS H 116 -12.38 9.62 0.89
C HIS H 116 -13.40 10.35 0.03
N GLY H 117 -13.76 9.76 -1.12
CA GLY H 117 -14.86 10.26 -1.93
C GLY H 117 -14.54 11.44 -2.84
N ALA H 118 -13.25 11.80 -2.97
CA ALA H 118 -12.86 12.94 -3.79
C ALA H 118 -12.45 12.48 -5.19
N ARG H 119 -12.50 13.41 -6.14
CA ARG H 119 -11.84 13.26 -7.42
C ARG H 119 -10.48 13.96 -7.33
N TYR H 120 -9.49 13.49 -8.09
CA TYR H 120 -8.13 13.98 -7.91
C TYR H 120 -7.38 14.03 -9.25
N ILE H 121 -6.80 15.19 -9.53
CA ILE H 121 -5.88 15.43 -10.63
C ILE H 121 -4.57 15.94 -10.03
N HIS H 122 -3.43 15.58 -10.62
CA HIS H 122 -2.15 16.12 -10.20
C HIS H 122 -1.66 17.04 -11.32
N GLY H 123 -1.03 18.16 -10.94
CA GLY H 123 -0.50 19.09 -11.90
C GLY H 123 0.93 19.47 -11.56
N GLY H 124 1.70 19.82 -12.59
CA GLY H 124 3.06 20.31 -12.44
C GLY H 124 3.18 21.69 -13.06
N ILE H 125 3.50 22.67 -12.23
CA ILE H 125 3.55 24.06 -12.67
C ILE H 125 4.93 24.35 -13.27
N MET H 126 4.98 24.58 -14.58
CA MET H 126 6.23 24.91 -15.24
C MET H 126 6.22 26.42 -15.44
N ALA H 127 6.46 27.09 -14.32
CA ALA H 127 6.44 28.54 -14.27
C ALA H 127 7.05 28.94 -12.94
N VAL H 128 7.55 30.17 -12.88
CA VAL H 128 7.81 30.81 -11.60
C VAL H 128 6.62 31.72 -11.32
N PRO H 129 6.41 32.19 -10.08
CA PRO H 129 5.16 32.86 -9.71
C PRO H 129 4.76 34.04 -10.61
N PHE H 130 5.75 34.87 -11.02
CA PHE H 130 5.42 36.03 -11.83
C PHE H 130 4.89 35.63 -13.21
N MET H 131 5.14 34.40 -13.69
CA MET H 131 4.67 33.98 -15.00
C MET H 131 3.22 33.48 -14.98
N ILE H 132 2.66 33.20 -13.80
CA ILE H 132 1.32 32.66 -13.73
C ILE H 132 0.35 33.63 -14.41
N GLY H 133 -0.52 33.12 -15.27
CA GLY H 133 -1.46 33.93 -16.02
C GLY H 133 -0.93 34.32 -17.41
N GLN H 134 0.32 34.02 -17.73
CA GLN H 134 0.86 34.27 -19.05
C GLN H 134 0.78 33.00 -19.91
N PRO H 135 0.69 33.13 -21.25
CA PRO H 135 0.62 31.94 -22.13
C PRO H 135 1.86 31.05 -22.08
N ASP H 136 3.03 31.64 -21.78
CA ASP H 136 4.25 30.82 -21.69
C ASP H 136 4.31 30.01 -20.38
N ALA H 137 3.35 30.19 -19.46
CA ALA H 137 3.29 29.33 -18.28
C ALA H 137 2.61 28.01 -18.64
N MET H 138 3.35 26.91 -18.62
CA MET H 138 2.77 25.62 -18.94
C MET H 138 2.39 24.96 -17.63
N ILE H 139 1.19 24.39 -17.55
CA ILE H 139 0.84 23.52 -16.42
C ILE H 139 0.47 22.15 -16.95
N LEU H 140 1.22 21.14 -16.49
CA LEU H 140 1.00 19.76 -16.87
C LEU H 140 -0.04 19.14 -15.96
N TYR H 141 -0.95 18.33 -16.49
CA TYR H 141 -1.96 17.66 -15.69
C TYR H 141 -2.10 16.19 -16.06
N SER H 142 -2.38 15.35 -15.05
CA SER H 142 -2.61 13.95 -15.26
C SER H 142 -3.64 13.45 -14.25
N GLY H 143 -4.30 12.36 -14.65
CA GLY H 143 -5.40 11.80 -13.89
C GLY H 143 -6.61 11.58 -14.81
N PRO H 144 -7.76 11.17 -14.27
CA PRO H 144 -8.93 10.86 -15.09
C PRO H 144 -9.32 11.99 -16.02
N ALA H 145 -9.48 11.64 -17.31
CA ALA H 145 -9.74 12.61 -18.35
C ALA H 145 -11.03 13.37 -18.05
N GLU H 146 -12.05 12.67 -17.57
CA GLU H 146 -13.36 13.29 -17.37
C GLU H 146 -13.32 14.28 -16.20
N VAL H 147 -12.45 14.00 -15.20
CA VAL H 147 -12.29 14.93 -14.09
C VAL H 147 -11.61 16.20 -14.59
N PHE H 148 -10.55 16.03 -15.38
CA PHE H 148 -9.85 17.17 -15.94
C PHE H 148 -10.79 18.01 -16.81
N GLU H 149 -11.59 17.35 -17.66
CA GLU H 149 -12.52 18.03 -18.54
C GLU H 149 -13.45 18.94 -17.77
N GLY H 150 -13.86 18.50 -16.57
CA GLY H 150 -14.77 19.25 -15.74
C GLY H 150 -14.21 20.57 -15.19
N VAL H 151 -12.87 20.70 -15.09
CA VAL H 151 -12.29 21.87 -14.43
C VAL H 151 -11.29 22.61 -15.32
N LYS H 152 -11.05 22.13 -16.54
CA LYS H 152 -9.95 22.67 -17.34
C LYS H 152 -10.18 24.13 -17.72
N ASP H 153 -11.44 24.54 -17.92
CA ASP H 153 -11.72 25.92 -18.29
C ASP H 153 -11.34 26.88 -17.15
N THR H 154 -11.69 26.53 -15.91
CA THR H 154 -11.28 27.34 -14.78
C THR H 154 -9.76 27.34 -14.63
N LEU H 155 -9.11 26.19 -14.76
CA LEU H 155 -7.66 26.09 -14.57
C LEU H 155 -6.90 26.87 -15.64
N SER H 156 -7.53 27.11 -16.79
CA SER H 156 -6.85 27.75 -17.91
C SER H 156 -6.49 29.20 -17.62
N VAL H 157 -7.04 29.80 -16.55
CA VAL H 157 -6.64 31.13 -16.11
C VAL H 157 -5.17 31.18 -15.68
N LEU H 158 -4.60 30.03 -15.26
CA LEU H 158 -3.25 30.04 -14.68
C LEU H 158 -2.16 29.98 -15.74
N GLY H 159 -2.49 29.39 -16.89
CA GLY H 159 -1.53 29.24 -17.96
C GLY H 159 -2.06 28.24 -18.97
N THR H 160 -1.17 27.70 -19.79
CA THR H 160 -1.59 26.78 -20.85
C THR H 160 -1.67 25.36 -20.31
N ASN H 161 -2.87 24.81 -20.28
CA ASN H 161 -3.14 23.47 -19.82
C ASN H 161 -2.52 22.46 -20.76
N THR H 162 -1.80 21.49 -20.18
CA THR H 162 -1.19 20.44 -20.95
C THR H 162 -1.49 19.10 -20.29
N TYR H 163 -2.55 18.44 -20.76
CA TYR H 163 -2.93 17.14 -20.24
C TYR H 163 -2.00 16.06 -20.79
N VAL H 164 -1.38 15.27 -19.93
CA VAL H 164 -0.38 14.29 -20.37
C VAL H 164 -0.84 12.85 -20.13
N GLY H 165 -2.07 12.63 -19.66
CA GLY H 165 -2.60 11.27 -19.65
C GLY H 165 -3.28 10.87 -18.35
N GLU H 166 -3.79 9.63 -18.37
CA GLU H 166 -4.64 9.10 -17.32
C GLU H 166 -3.86 8.74 -16.07
N ASP H 167 -2.66 8.12 -16.21
CA ASP H 167 -1.89 7.71 -15.04
C ASP H 167 -1.59 8.97 -14.23
N VAL H 168 -2.04 9.00 -12.96
CA VAL H 168 -2.01 10.22 -12.19
C VAL H 168 -0.57 10.66 -11.89
N GLY H 169 0.40 9.76 -12.00
CA GLY H 169 1.80 10.10 -11.75
C GLY H 169 2.52 10.73 -12.95
N LEU H 170 1.88 10.84 -14.11
CA LEU H 170 2.59 11.27 -15.31
C LEU H 170 2.96 12.77 -15.31
N ALA H 171 2.11 13.64 -14.74
CA ALA H 171 2.45 15.05 -14.73
C ALA H 171 3.72 15.23 -13.91
N SER H 172 3.84 14.52 -12.79
CA SER H 172 5.01 14.63 -11.93
C SER H 172 6.25 14.11 -12.66
N LEU H 173 6.13 13.03 -13.43
CA LEU H 173 7.29 12.54 -14.17
C LEU H 173 7.77 13.59 -15.18
N HIS H 174 6.82 14.15 -15.96
CA HIS H 174 7.16 15.19 -16.90
C HIS H 174 7.78 16.40 -16.20
N ASP H 175 7.20 16.81 -15.06
CA ASP H 175 7.61 17.98 -14.32
C ASP H 175 9.04 17.79 -13.84
N LEU H 176 9.34 16.63 -13.23
CA LEU H 176 10.67 16.40 -12.70
C LEU H 176 11.71 16.28 -13.83
N ALA H 177 11.28 15.74 -14.98
CA ALA H 177 12.18 15.68 -16.13
C ALA H 177 12.54 17.09 -16.62
N LEU H 178 11.52 17.96 -16.72
CA LEU H 178 11.74 19.34 -17.13
C LEU H 178 12.59 20.09 -16.13
N LEU H 179 12.36 19.90 -14.83
CA LEU H 179 13.18 20.53 -13.83
C LEU H 179 14.63 20.05 -13.94
N SER H 180 14.85 18.77 -14.21
CA SER H 180 16.20 18.26 -14.36
C SER H 180 16.89 18.99 -15.51
N GLY H 181 16.16 19.20 -16.60
CA GLY H 181 16.67 19.97 -17.73
C GLY H 181 17.12 21.37 -17.31
N MET H 182 16.24 22.04 -16.57
CA MET H 182 16.50 23.37 -16.07
C MET H 182 17.71 23.39 -15.15
N TYR H 183 17.90 22.40 -14.28
CA TYR H 183 19.03 22.42 -13.36
C TYR H 183 20.35 22.21 -14.11
N GLY H 184 20.33 21.48 -15.23
CA GLY H 184 21.49 21.43 -16.12
C GLY H 184 21.80 22.82 -16.69
N LEU H 185 20.79 23.47 -17.25
CA LEU H 185 20.91 24.83 -17.74
C LEU H 185 21.51 25.75 -16.66
N PHE H 186 21.00 25.66 -15.42
CA PHE H 186 21.48 26.52 -14.35
C PHE H 186 22.88 26.15 -13.93
N SER H 187 23.29 24.88 -14.04
CA SER H 187 24.66 24.46 -13.79
C SER H 187 25.59 25.16 -14.77
N GLY H 188 25.18 25.18 -16.03
CA GLY H 188 25.94 25.87 -17.08
C GLY H 188 26.05 27.37 -16.82
N PHE H 189 24.93 28.01 -16.52
CA PHE H 189 24.92 29.43 -16.18
C PHE H 189 25.90 29.68 -15.05
N THR H 190 25.84 28.87 -13.97
CA THR H 190 26.63 29.09 -12.81
C THR H 190 28.12 29.03 -13.15
N HIS H 191 28.54 27.98 -13.86
CA HIS H 191 29.94 27.83 -14.21
C HIS H 191 30.40 28.97 -15.14
N ALA H 192 29.61 29.28 -16.17
CA ALA H 192 29.94 30.31 -17.14
C ALA H 192 30.14 31.66 -16.46
N VAL H 193 29.19 32.01 -15.59
CA VAL H 193 29.22 33.32 -14.94
C VAL H 193 30.34 33.37 -13.91
N ALA H 194 30.62 32.26 -13.21
CA ALA H 194 31.76 32.22 -12.30
C ALA H 194 33.07 32.49 -13.07
N LEU H 195 33.21 31.87 -14.25
CA LEU H 195 34.43 32.06 -15.03
C LEU H 195 34.60 33.54 -15.41
N VAL H 196 33.56 34.21 -15.91
CA VAL H 196 33.75 35.60 -16.32
C VAL H 196 33.93 36.50 -15.08
N GLN H 197 33.18 36.21 -14.00
CA GLN H 197 33.31 37.01 -12.79
C GLN H 197 34.71 36.87 -12.19
N SER H 198 35.37 35.73 -12.38
CA SER H 198 36.72 35.52 -11.88
C SER H 198 37.72 36.47 -12.52
N ALA H 199 37.39 37.03 -13.69
CA ALA H 199 38.23 38.03 -14.36
C ALA H 199 37.60 39.42 -14.30
N ASN H 200 36.65 39.63 -13.36
CA ASN H 200 36.01 40.91 -13.15
C ASN H 200 35.20 41.39 -14.35
N ILE H 201 34.61 40.46 -15.10
CA ILE H 201 33.71 40.81 -16.18
C ILE H 201 32.30 40.82 -15.61
N PRO H 202 31.53 41.92 -15.73
CA PRO H 202 30.16 41.97 -15.24
C PRO H 202 29.30 40.87 -15.86
N ALA H 203 28.46 40.26 -15.03
CA ALA H 203 27.66 39.15 -15.48
C ALA H 203 26.59 39.60 -16.47
N ALA H 204 25.96 40.77 -16.23
CA ALA H 204 24.76 41.10 -16.97
C ALA H 204 25.03 41.23 -18.47
N GLY H 205 26.06 41.99 -18.85
CA GLY H 205 26.37 42.17 -20.28
C GLY H 205 26.75 40.87 -20.99
N PHE H 206 27.55 40.06 -20.29
CA PHE H 206 27.96 38.76 -20.80
C PHE H 206 26.75 37.86 -21.03
N VAL H 207 25.85 37.81 -20.03
CA VAL H 207 24.69 36.94 -20.13
C VAL H 207 23.76 37.41 -21.24
N ALA H 208 23.46 38.71 -21.29
CA ALA H 208 22.47 39.22 -22.21
C ALA H 208 22.95 39.10 -23.66
N THR H 209 24.24 39.41 -23.92
CA THR H 209 24.71 39.55 -25.28
C THR H 209 25.49 38.33 -25.80
N GLN H 210 25.97 37.45 -24.91
CA GLN H 210 26.75 36.29 -25.35
C GLN H 210 26.10 34.98 -24.91
N LEU H 211 25.87 34.80 -23.60
CA LEU H 211 25.43 33.51 -23.11
C LEU H 211 24.04 33.18 -23.60
N ILE H 212 23.07 34.11 -23.49
CA ILE H 212 21.72 33.80 -23.89
C ILE H 212 21.65 33.48 -25.38
N PRO H 213 22.22 34.30 -26.30
CA PRO H 213 22.18 33.93 -27.72
C PRO H 213 22.83 32.58 -28.03
N TRP H 214 23.95 32.27 -27.38
CA TRP H 214 24.60 30.98 -27.55
C TRP H 214 23.73 29.83 -27.08
N LEU H 215 23.16 29.96 -25.86
CA LEU H 215 22.29 28.91 -25.35
C LEU H 215 21.05 28.76 -26.21
N THR H 216 20.51 29.87 -26.75
CA THR H 216 19.37 29.80 -27.65
C THR H 216 19.69 28.94 -28.88
N ALA H 217 20.87 29.16 -29.48
CA ALA H 217 21.29 28.39 -30.64
C ALA H 217 21.48 26.91 -30.27
N MET H 218 22.09 26.64 -29.12
CA MET H 218 22.36 25.27 -28.72
C MET H 218 21.05 24.57 -28.34
N THR H 219 20.06 25.32 -27.84
CA THR H 219 18.78 24.75 -27.47
C THR H 219 18.05 24.19 -28.69
N GLN H 220 18.16 24.88 -29.83
CA GLN H 220 17.53 24.39 -31.06
C GLN H 220 18.12 23.05 -31.52
N HIS H 221 19.43 22.84 -31.25
CA HIS H 221 20.13 21.61 -31.60
C HIS H 221 19.54 20.40 -30.88
N LEU H 222 18.80 20.61 -29.78
CA LEU H 222 18.29 19.51 -28.99
C LEU H 222 17.26 18.69 -29.77
N ASN H 223 16.57 19.28 -30.75
CA ASN H 223 15.62 18.51 -31.53
C ASN H 223 16.32 17.41 -32.32
N LEU H 224 17.47 17.73 -32.93
CA LEU H 224 18.23 16.72 -33.67
C LEU H 224 18.74 15.63 -32.73
N LEU H 225 19.25 16.00 -31.54
CA LEU H 225 19.67 15.01 -30.57
C LEU H 225 18.51 14.09 -30.18
N ALA H 226 17.32 14.66 -29.98
CA ALA H 226 16.19 13.87 -29.53
C ALA H 226 15.84 12.81 -30.56
N THR H 227 15.87 13.19 -31.84
CA THR H 227 15.61 12.25 -32.92
C THR H 227 16.62 11.11 -32.91
N GLN H 228 17.90 11.45 -32.70
CA GLN H 228 18.94 10.43 -32.62
C GLN H 228 18.73 9.50 -31.45
N VAL H 229 18.27 10.03 -30.29
CA VAL H 229 17.98 9.17 -29.15
C VAL H 229 16.89 8.17 -29.52
N ASP H 230 15.82 8.65 -30.18
CA ASP H 230 14.69 7.80 -30.52
C ASP H 230 15.08 6.73 -31.54
N GLU H 231 15.95 7.08 -32.50
CA GLU H 231 16.39 6.16 -33.54
C GLU H 231 17.52 5.25 -33.06
N LYS H 232 18.08 5.52 -31.87
CA LYS H 232 19.22 4.78 -31.35
C LYS H 232 20.33 4.81 -32.40
N ASP H 233 20.52 5.99 -33.01
CA ASP H 233 21.52 6.22 -34.03
C ASP H 233 22.32 7.46 -33.66
N TYR H 234 23.51 7.21 -33.10
CA TYR H 234 24.26 8.28 -32.47
C TYR H 234 25.31 8.78 -33.47
N SER H 239 30.87 18.00 -32.91
CA SER H 239 30.07 16.86 -33.41
C SER H 239 30.31 15.63 -32.54
N SER H 240 31.44 14.93 -32.78
CA SER H 240 31.68 13.63 -32.15
C SER H 240 32.05 13.81 -30.69
N LEU H 241 31.96 12.74 -29.90
CA LEU H 241 32.45 12.73 -28.53
C LEU H 241 33.98 12.92 -28.51
N ASP H 242 34.68 12.37 -29.49
CA ASP H 242 36.12 12.62 -29.61
C ASP H 242 36.41 14.13 -29.66
N MET H 243 35.60 14.89 -30.43
CA MET H 243 35.79 16.33 -30.54
C MET H 243 35.43 17.03 -29.21
N GLN H 244 34.31 16.62 -28.57
CA GLN H 244 33.88 17.28 -27.35
C GLN H 244 34.82 16.99 -26.19
N ALA H 245 35.71 15.99 -26.32
CA ALA H 245 36.68 15.65 -25.30
C ALA H 245 38.01 16.40 -25.49
N LYS H 246 38.13 17.17 -26.59
CA LYS H 246 39.24 18.10 -26.78
C LYS H 246 38.97 19.46 -26.14
N ALA H 247 37.70 19.91 -26.04
CA ALA H 247 37.38 21.13 -25.31
C ALA H 247 37.53 20.95 -23.80
N ALA H 248 37.20 19.76 -23.29
CA ALA H 248 37.11 19.52 -21.86
C ALA H 248 38.40 19.93 -21.14
N PRO H 249 39.61 19.48 -21.52
CA PRO H 249 40.80 19.85 -20.76
C PRO H 249 41.05 21.35 -20.72
N ASN H 250 40.66 22.07 -21.79
CA ASN H 250 40.81 23.52 -21.79
C ASN H 250 39.90 24.15 -20.73
N ILE H 251 38.64 23.67 -20.66
CA ILE H 251 37.72 24.21 -19.67
C ILE H 251 38.21 23.91 -18.27
N LEU H 252 38.69 22.67 -18.04
CA LEU H 252 39.15 22.30 -16.71
C LEU H 252 40.37 23.12 -16.31
N GLU H 253 41.34 23.28 -17.23
CA GLU H 253 42.58 23.97 -16.91
C GLU H 253 42.31 25.47 -16.69
N ALA H 254 41.47 26.08 -17.54
CA ALA H 254 41.16 27.49 -17.38
C ALA H 254 40.43 27.72 -16.07
N SER H 255 39.51 26.80 -15.70
CA SER H 255 38.76 26.95 -14.47
C SER H 255 39.70 26.90 -13.27
N GLN H 256 40.60 25.91 -13.27
CA GLN H 256 41.60 25.78 -12.21
C GLN H 256 42.44 27.04 -12.09
N ALA H 257 42.90 27.60 -13.21
CA ALA H 257 43.73 28.79 -13.18
C ALA H 257 42.96 29.99 -12.64
N GLN H 258 41.64 30.06 -12.86
CA GLN H 258 40.83 31.17 -12.39
C GLN H 258 40.26 30.93 -11.00
N GLY H 259 40.56 29.77 -10.38
CA GLY H 259 40.09 29.46 -9.04
C GLY H 259 38.60 29.07 -9.00
N VAL H 260 38.06 28.56 -10.11
CA VAL H 260 36.67 28.17 -10.21
C VAL H 260 36.57 26.66 -10.10
N SER H 261 35.78 26.17 -9.14
CA SER H 261 35.56 24.74 -9.00
C SER H 261 34.91 24.16 -10.26
N VAL H 262 35.28 22.93 -10.63
CA VAL H 262 34.69 22.29 -11.82
C VAL H 262 33.62 21.26 -11.44
N GLU H 263 33.12 21.29 -10.20
CA GLU H 263 32.22 20.26 -9.73
C GLU H 263 30.94 20.17 -10.57
N LEU H 264 30.47 21.26 -11.19
CA LEU H 264 29.19 21.23 -11.90
C LEU H 264 29.32 20.63 -13.30
N ILE H 265 30.50 20.64 -13.92
CA ILE H 265 30.67 20.23 -15.32
C ILE H 265 31.48 18.94 -15.44
N GLN H 266 32.28 18.62 -14.44
CA GLN H 266 33.09 17.41 -14.46
C GLN H 266 32.25 16.17 -14.78
N PRO H 267 31.02 15.97 -14.25
CA PRO H 267 30.29 14.72 -14.53
C PRO H 267 30.04 14.43 -16.01
N ILE H 268 29.66 15.43 -16.82
CA ILE H 268 29.42 15.13 -18.23
C ILE H 268 30.76 14.82 -18.93
N PHE H 269 31.84 15.49 -18.51
CA PHE H 269 33.15 15.18 -19.06
C PHE H 269 33.55 13.72 -18.78
N LYS H 270 33.27 13.25 -17.58
CA LYS H 270 33.60 11.88 -17.22
C LYS H 270 32.77 10.88 -18.00
N LEU H 271 31.49 11.21 -18.28
CA LEU H 271 30.65 10.32 -19.06
C LEU H 271 31.17 10.25 -20.50
N ILE H 272 31.52 11.42 -21.06
CA ILE H 272 32.05 11.47 -22.42
C ILE H 272 33.31 10.61 -22.52
N GLU H 273 34.22 10.78 -21.56
CA GLU H 273 35.46 10.03 -21.54
C GLU H 273 35.19 8.53 -21.45
N ARG H 274 34.20 8.09 -20.64
CA ARG H 274 33.87 6.68 -20.56
C ARG H 274 33.47 6.12 -21.92
N ARG H 275 32.67 6.88 -22.68
CA ARG H 275 32.19 6.41 -23.96
C ARG H 275 33.35 6.32 -24.97
N VAL H 276 34.25 7.31 -24.93
CA VAL H 276 35.43 7.27 -25.77
C VAL H 276 36.26 6.04 -25.45
N GLU H 277 36.44 5.73 -24.17
CA GLU H 277 37.31 4.63 -23.76
C GLU H 277 36.70 3.27 -24.07
N GLU H 278 35.37 3.21 -24.33
CA GLU H 278 34.70 2.00 -24.76
C GLU H 278 34.83 1.82 -26.27
N GLY H 279 35.51 2.74 -26.97
CA GLY H 279 35.69 2.63 -28.41
C GLY H 279 34.59 3.29 -29.22
N LYS H 280 33.79 4.16 -28.58
CA LYS H 280 32.62 4.75 -29.24
C LYS H 280 32.75 6.27 -29.36
N GLY H 281 33.99 6.76 -29.50
CA GLY H 281 34.30 8.17 -29.61
C GLY H 281 33.76 8.84 -30.88
N SER H 282 33.44 8.02 -31.89
CA SER H 282 32.92 8.56 -33.15
CA SER H 282 32.92 8.54 -33.15
C SER H 282 31.43 8.88 -33.04
N GLU H 283 30.77 8.39 -32.00
CA GLU H 283 29.36 8.70 -31.76
C GLU H 283 29.21 10.12 -31.25
N GLY H 284 27.96 10.62 -31.26
CA GLY H 284 27.68 11.96 -30.78
C GLY H 284 27.04 11.99 -29.39
N LEU H 285 26.61 13.17 -28.96
CA LEU H 285 26.13 13.39 -27.59
C LEU H 285 24.84 12.61 -27.30
N ALA H 286 24.07 12.21 -28.32
CA ALA H 286 22.86 11.46 -28.09
C ALA H 286 23.15 10.12 -27.39
N ALA H 287 24.37 9.61 -27.53
CA ALA H 287 24.77 8.36 -26.89
C ALA H 287 24.73 8.44 -25.35
N LEU H 288 24.80 9.63 -24.78
CA LEU H 288 24.94 9.76 -23.33
C LEU H 288 23.65 9.35 -22.61
N VAL H 289 22.48 9.52 -23.23
CA VAL H 289 21.21 9.19 -22.61
C VAL H 289 21.18 7.73 -22.17
N GLY H 290 21.52 6.82 -23.08
CA GLY H 290 21.50 5.41 -22.76
C GLY H 290 22.49 5.02 -21.67
N MET H 291 23.58 5.76 -21.55
CA MET H 291 24.60 5.46 -20.54
C MET H 291 24.09 5.67 -19.12
N ILE H 292 23.20 6.66 -18.89
CA ILE H 292 22.74 6.89 -17.53
C ILE H 292 21.45 6.10 -17.23
N MET H 293 20.88 5.44 -18.24
CA MET H 293 19.70 4.62 -18.06
C MET H 293 20.09 3.22 -17.59
N LYS H 294 19.11 2.52 -17.00
CA LYS H 294 19.30 1.18 -16.42
C LYS H 294 18.89 0.12 -17.46
N MET I 7 -24.10 0.85 -48.97
CA MET I 7 -22.81 0.33 -49.51
C MET I 7 -21.65 1.14 -48.95
N ALA I 8 -20.73 0.46 -48.24
CA ALA I 8 -19.53 1.05 -47.70
C ALA I 8 -18.38 0.12 -48.08
N ASN I 9 -17.28 0.63 -48.62
CA ASN I 9 -16.21 -0.27 -49.05
C ASN I 9 -15.04 -0.30 -48.07
N SER I 10 -15.09 0.31 -46.89
CA SER I 10 -13.95 0.32 -45.98
C SER I 10 -13.48 -1.10 -45.66
N PRO I 11 -12.16 -1.36 -45.61
CA PRO I 11 -11.71 -2.76 -45.54
C PRO I 11 -11.94 -3.37 -44.16
N VAL I 12 -12.29 -4.67 -44.15
CA VAL I 12 -12.48 -5.43 -42.93
C VAL I 12 -11.82 -6.78 -43.13
N SER I 13 -11.20 -7.32 -42.07
CA SER I 13 -10.69 -8.67 -42.10
C SER I 13 -11.41 -9.48 -41.03
N VAL I 14 -11.73 -10.74 -41.37
CA VAL I 14 -12.35 -11.67 -40.44
C VAL I 14 -11.45 -12.89 -40.27
N PHE I 15 -11.10 -13.17 -39.00
CA PHE I 15 -10.30 -14.31 -38.61
C PHE I 15 -11.21 -15.32 -37.90
N GLY I 16 -11.37 -16.50 -38.51
CA GLY I 16 -12.30 -17.50 -38.03
C GLY I 16 -13.55 -17.56 -38.91
N LEU I 17 -13.69 -18.63 -39.69
CA LEU I 17 -14.76 -18.80 -40.65
C LEU I 17 -15.57 -20.05 -40.31
N GLY I 18 -15.82 -20.24 -39.03
CA GLY I 18 -16.85 -21.14 -38.57
C GLY I 18 -18.23 -20.60 -38.91
N ALA I 19 -19.26 -21.16 -38.26
CA ALA I 19 -20.62 -20.74 -38.57
C ALA I 19 -20.76 -19.24 -38.34
N MET I 20 -20.24 -18.72 -37.22
CA MET I 20 -20.46 -17.32 -36.91
C MET I 20 -19.57 -16.41 -37.76
N GLY I 21 -18.27 -16.73 -37.86
CA GLY I 21 -17.39 -15.92 -38.67
C GLY I 21 -17.82 -15.83 -40.13
N THR I 22 -18.32 -16.95 -40.67
CA THR I 22 -18.83 -16.96 -42.04
C THR I 22 -19.99 -15.96 -42.17
N ALA I 23 -20.91 -15.97 -41.18
CA ALA I 23 -22.03 -15.08 -41.21
C ALA I 23 -21.57 -13.62 -41.14
N LEU I 24 -20.56 -13.33 -40.29
CA LEU I 24 -20.07 -11.96 -40.19
C LEU I 24 -19.47 -11.51 -41.53
N ALA I 25 -18.59 -12.35 -42.10
CA ALA I 25 -17.92 -12.00 -43.35
C ALA I 25 -18.94 -11.79 -44.47
N THR I 26 -19.96 -12.65 -44.50
CA THR I 26 -20.98 -12.58 -45.53
C THR I 26 -21.69 -11.24 -45.46
N GLN I 27 -22.04 -10.81 -44.25
CA GLN I 27 -22.73 -9.54 -44.08
C GLN I 27 -21.87 -8.34 -44.50
N PHE I 28 -20.58 -8.33 -44.15
CA PHE I 28 -19.68 -7.27 -44.58
C PHE I 28 -19.61 -7.22 -46.11
N LEU I 29 -19.51 -8.39 -46.76
CA LEU I 29 -19.45 -8.44 -48.22
C LEU I 29 -20.74 -7.93 -48.84
N ARG I 30 -21.88 -8.33 -48.27
CA ARG I 30 -23.17 -7.89 -48.79
C ARG I 30 -23.31 -6.38 -48.71
N LYS I 31 -22.68 -5.73 -47.73
CA LYS I 31 -22.74 -4.28 -47.59
C LYS I 31 -21.58 -3.58 -48.28
N GLY I 32 -20.82 -4.29 -49.10
CA GLY I 32 -19.89 -3.69 -50.02
C GLY I 32 -18.47 -3.53 -49.49
N HIS I 33 -18.16 -4.08 -48.31
CA HIS I 33 -16.82 -3.90 -47.75
C HIS I 33 -15.79 -4.78 -48.47
N LYS I 34 -14.60 -4.25 -48.71
CA LYS I 34 -13.49 -5.09 -49.15
C LYS I 34 -13.16 -5.99 -47.95
N THR I 35 -13.44 -7.29 -48.09
CA THR I 35 -13.43 -8.19 -46.95
C THR I 35 -12.38 -9.25 -47.18
N THR I 36 -11.39 -9.26 -46.29
CA THR I 36 -10.33 -10.25 -46.31
C THR I 36 -10.63 -11.29 -45.26
N VAL I 37 -10.46 -12.57 -45.59
CA VAL I 37 -10.81 -13.64 -44.68
C VAL I 37 -9.62 -14.55 -44.44
N TRP I 38 -9.55 -15.11 -43.24
CA TRP I 38 -8.55 -16.08 -42.87
C TRP I 38 -9.19 -17.12 -41.97
N ASN I 39 -8.77 -18.38 -42.15
CA ASN I 39 -9.20 -19.47 -41.27
C ASN I 39 -8.08 -20.48 -41.14
N ARG I 40 -7.93 -21.07 -39.96
CA ARG I 40 -6.92 -22.09 -39.75
C ARG I 40 -7.06 -23.20 -40.82
N THR I 41 -8.28 -23.66 -41.07
CA THR I 41 -8.60 -24.59 -42.14
C THR I 41 -9.02 -23.82 -43.40
N PRO I 42 -8.15 -23.69 -44.43
CA PRO I 42 -8.42 -22.77 -45.52
C PRO I 42 -9.63 -23.08 -46.42
N ALA I 43 -10.10 -24.36 -46.46
CA ALA I 43 -11.24 -24.70 -47.30
C ALA I 43 -12.49 -23.87 -46.99
N LYS I 44 -12.64 -23.45 -45.73
CA LYS I 44 -13.82 -22.72 -45.30
C LYS I 44 -13.93 -21.35 -45.99
N ALA I 45 -12.82 -20.86 -46.58
CA ALA I 45 -12.86 -19.57 -47.25
C ALA I 45 -13.54 -19.67 -48.62
N GLN I 46 -13.67 -20.87 -49.19
CA GLN I 46 -14.04 -20.94 -50.62
C GLN I 46 -15.41 -20.34 -50.90
N PRO I 47 -16.45 -20.60 -50.07
CA PRO I 47 -17.75 -19.98 -50.30
C PRO I 47 -17.72 -18.46 -50.24
N LEU I 48 -16.80 -17.90 -49.44
CA LEU I 48 -16.71 -16.44 -49.31
C LEU I 48 -15.97 -15.86 -50.52
N ILE I 49 -14.96 -16.58 -51.05
CA ILE I 49 -14.29 -16.16 -52.27
C ILE I 49 -15.33 -16.04 -53.39
N ALA I 50 -16.29 -16.96 -53.42
CA ALA I 50 -17.30 -16.98 -54.46
C ALA I 50 -18.20 -15.74 -54.41
N ILE I 51 -18.29 -15.05 -53.27
CA ILE I 51 -19.09 -13.81 -53.20
C ILE I 51 -18.19 -12.58 -52.92
N GLY I 52 -16.90 -12.67 -53.23
CA GLY I 52 -16.05 -11.50 -53.39
C GLY I 52 -14.98 -11.34 -52.31
N ALA I 53 -14.85 -12.28 -51.37
CA ALA I 53 -13.84 -12.17 -50.35
C ALA I 53 -12.46 -12.36 -50.94
N SER I 54 -11.49 -11.68 -50.32
CA SER I 54 -10.10 -11.93 -50.60
C SER I 54 -9.58 -12.91 -49.55
N HIS I 55 -8.99 -14.04 -49.99
CA HIS I 55 -8.54 -15.05 -49.07
C HIS I 55 -7.07 -14.81 -48.72
N ALA I 56 -6.83 -14.45 -47.45
CA ALA I 56 -5.48 -14.11 -47.03
C ALA I 56 -4.72 -15.40 -46.83
N PRO I 57 -3.49 -15.53 -47.40
CA PRO I 57 -2.72 -16.75 -47.21
C PRO I 57 -2.14 -16.91 -45.81
N THR I 58 -2.03 -15.80 -45.06
CA THR I 58 -1.43 -15.83 -43.73
C THR I 58 -2.17 -14.85 -42.82
N ILE I 59 -1.98 -15.03 -41.52
CA ILE I 59 -2.51 -14.10 -40.53
C ILE I 59 -1.94 -12.71 -40.80
N ASP I 60 -0.64 -12.66 -41.05
CA ASP I 60 0.02 -11.39 -41.28
C ASP I 60 -0.63 -10.63 -42.43
N SER I 61 -0.93 -11.31 -43.55
CA SER I 61 -1.48 -10.58 -44.69
C SER I 61 -2.94 -10.19 -44.44
N ALA I 62 -3.70 -10.98 -43.65
CA ALA I 62 -5.04 -10.58 -43.28
C ALA I 62 -5.01 -9.31 -42.42
N ALA I 63 -4.09 -9.23 -41.49
CA ALA I 63 -3.98 -8.07 -40.61
C ALA I 63 -3.58 -6.82 -41.40
N ALA I 64 -2.71 -7.00 -42.40
CA ALA I 64 -2.21 -5.87 -43.18
C ALA I 64 -3.29 -5.28 -44.08
N ALA I 65 -4.30 -6.07 -44.45
CA ALA I 65 -5.29 -5.67 -45.44
C ALA I 65 -6.27 -4.62 -44.91
N SER I 66 -6.47 -4.51 -43.58
CA SER I 66 -7.60 -3.79 -43.05
C SER I 66 -7.22 -3.00 -41.80
N SER I 67 -8.09 -2.05 -41.43
CA SER I 67 -7.98 -1.34 -40.17
C SER I 67 -8.81 -2.00 -39.07
N LEU I 68 -9.91 -2.65 -39.48
CA LEU I 68 -10.84 -3.31 -38.56
C LEU I 68 -10.64 -4.82 -38.71
N LEU I 69 -10.20 -5.47 -37.62
CA LEU I 69 -9.85 -6.89 -37.60
C LEU I 69 -10.82 -7.59 -36.65
N ILE I 70 -11.71 -8.42 -37.19
CA ILE I 70 -12.71 -9.13 -36.40
C ILE I 70 -12.21 -10.56 -36.14
N ILE I 71 -12.16 -10.98 -34.87
CA ILE I 71 -11.74 -12.32 -34.55
C ILE I 71 -12.92 -13.08 -33.95
N CYS I 72 -13.28 -14.19 -34.59
CA CYS I 72 -14.44 -14.97 -34.19
C CYS I 72 -14.06 -16.45 -34.26
N GLN I 73 -13.36 -16.91 -33.21
CA GLN I 73 -12.81 -18.26 -33.19
C GLN I 73 -13.50 -19.04 -32.09
N LEU I 74 -12.82 -19.96 -31.42
CA LEU I 74 -13.49 -20.87 -30.50
C LEU I 74 -13.46 -20.31 -29.08
N ASP I 75 -12.25 -20.01 -28.59
CA ASP I 75 -12.05 -19.58 -27.23
C ASP I 75 -10.84 -18.64 -27.18
N LYS I 76 -10.60 -18.13 -25.99
CA LYS I 76 -9.52 -17.17 -25.78
C LYS I 76 -8.17 -17.80 -26.14
N ALA I 77 -7.94 -19.08 -25.83
CA ALA I 77 -6.70 -19.72 -26.20
C ALA I 77 -6.48 -19.63 -27.71
N SER I 78 -7.54 -19.87 -28.51
CA SER I 78 -7.42 -19.81 -29.94
C SER I 78 -7.13 -18.40 -30.44
N VAL I 79 -7.73 -17.40 -29.81
CA VAL I 79 -7.45 -16.01 -30.16
C VAL I 79 -5.99 -15.69 -29.91
N MET I 80 -5.46 -16.09 -28.74
CA MET I 80 -4.06 -15.85 -28.43
C MET I 80 -3.17 -16.58 -29.43
N GLN I 81 -3.54 -17.77 -29.86
CA GLN I 81 -2.73 -18.51 -30.82
C GLN I 81 -2.64 -17.74 -32.13
N THR I 82 -3.76 -17.15 -32.57
CA THR I 82 -3.78 -16.33 -33.78
C THR I 82 -2.92 -15.10 -33.60
N LEU I 83 -3.06 -14.37 -32.48
CA LEU I 83 -2.33 -13.14 -32.27
C LEU I 83 -0.82 -13.43 -32.25
N GLN I 84 -0.42 -14.50 -31.54
CA GLN I 84 0.98 -14.80 -31.30
C GLN I 84 1.68 -15.25 -32.58
N GLN I 85 0.91 -15.68 -33.61
CA GLN I 85 1.49 -16.12 -34.86
C GLN I 85 2.15 -14.96 -35.62
N ALA I 86 1.67 -13.72 -35.41
CA ALA I 86 2.17 -12.58 -36.16
C ALA I 86 2.23 -11.37 -35.24
N PRO I 87 3.15 -11.39 -34.27
CA PRO I 87 3.09 -10.42 -33.17
C PRO I 87 3.28 -8.97 -33.57
N THR I 88 3.91 -8.69 -34.73
CA THR I 88 4.09 -7.32 -35.16
C THR I 88 2.96 -6.81 -36.08
N ALA I 89 1.99 -7.68 -36.42
CA ALA I 89 1.00 -7.36 -37.44
C ALA I 89 -0.12 -6.46 -36.95
N TRP I 90 -0.29 -6.30 -35.62
CA TRP I 90 -1.52 -5.74 -35.06
C TRP I 90 -1.39 -4.24 -34.76
N ALA I 91 -0.19 -3.67 -34.88
CA ALA I 91 0.03 -2.28 -34.47
C ALA I 91 -0.85 -1.31 -35.23
N ALA I 92 -1.53 -0.43 -34.49
CA ALA I 92 -2.38 0.63 -34.99
C ALA I 92 -3.68 0.10 -35.57
N LYS I 93 -3.98 -1.20 -35.42
CA LYS I 93 -5.22 -1.77 -35.92
C LYS I 93 -6.22 -1.82 -34.77
N THR I 94 -7.52 -1.90 -35.13
CA THR I 94 -8.56 -2.12 -34.14
C THR I 94 -8.99 -3.58 -34.22
N ILE I 95 -8.74 -4.31 -33.15
CA ILE I 95 -9.21 -5.68 -33.03
C ILE I 95 -10.57 -5.64 -32.34
N VAL I 96 -11.56 -6.30 -32.98
CA VAL I 96 -12.85 -6.53 -32.36
C VAL I 96 -12.97 -8.03 -32.17
N ASP I 97 -12.89 -8.44 -30.91
CA ASP I 97 -12.85 -9.85 -30.56
C ASP I 97 -14.26 -10.27 -30.16
N LEU I 98 -14.89 -11.11 -30.99
CA LEU I 98 -16.24 -11.58 -30.73
C LEU I 98 -16.23 -13.04 -30.25
N THR I 99 -15.10 -13.49 -29.73
CA THR I 99 -14.95 -14.87 -29.27
C THR I 99 -15.39 -14.97 -27.81
N ASN I 100 -16.32 -15.90 -27.52
CA ASN I 100 -16.91 -15.99 -26.21
C ASN I 100 -15.87 -16.41 -25.17
N GLY I 101 -16.05 -15.87 -23.97
CA GLY I 101 -15.19 -16.22 -22.85
C GLY I 101 -15.63 -15.50 -21.59
N THR I 102 -14.76 -15.55 -20.57
CA THR I 102 -15.01 -14.85 -19.34
C THR I 102 -14.57 -13.40 -19.43
N PRO I 103 -14.99 -12.56 -18.47
CA PRO I 103 -14.44 -11.21 -18.37
C PRO I 103 -12.91 -11.23 -18.27
N ALA I 104 -12.35 -12.15 -17.47
CA ALA I 104 -10.90 -12.24 -17.36
C ALA I 104 -10.26 -12.54 -18.72
N HIS I 105 -10.86 -13.41 -19.51
CA HIS I 105 -10.32 -13.72 -20.83
C HIS I 105 -10.20 -12.45 -21.67
N ALA I 106 -11.24 -11.62 -21.65
CA ALA I 106 -11.23 -10.41 -22.44
C ALA I 106 -10.11 -9.47 -21.95
N ARG I 107 -9.95 -9.36 -20.63
CA ARG I 107 -8.95 -8.46 -20.06
C ARG I 107 -7.54 -8.96 -20.41
N GLU I 108 -7.33 -10.26 -20.37
CA GLU I 108 -6.02 -10.85 -20.69
C GLU I 108 -5.69 -10.62 -22.16
N THR I 109 -6.67 -10.79 -23.04
CA THR I 109 -6.45 -10.61 -24.46
C THR I 109 -6.15 -9.14 -24.76
N ALA I 110 -6.92 -8.25 -24.14
CA ALA I 110 -6.72 -6.82 -24.30
C ALA I 110 -5.30 -6.43 -23.87
N ASP I 111 -4.83 -6.96 -22.75
CA ASP I 111 -3.50 -6.65 -22.26
C ASP I 111 -2.44 -7.00 -23.30
N TRP I 112 -2.57 -8.17 -23.94
CA TRP I 112 -1.63 -8.57 -24.96
C TRP I 112 -1.72 -7.61 -26.15
N ALA I 113 -2.94 -7.32 -26.60
CA ALA I 113 -3.15 -6.47 -27.75
C ALA I 113 -2.53 -5.09 -27.52
N LEU I 114 -2.79 -4.50 -26.35
CA LEU I 114 -2.29 -3.17 -26.02
C LEU I 114 -0.76 -3.17 -26.00
N ALA I 115 -0.15 -4.25 -25.50
CA ALA I 115 1.30 -4.35 -25.43
C ALA I 115 1.91 -4.51 -26.83
N HIS I 116 1.10 -4.85 -27.85
CA HIS I 116 1.59 -5.01 -29.21
C HIS I 116 1.04 -3.92 -30.12
N GLY I 117 0.63 -2.79 -29.52
CA GLY I 117 0.31 -1.58 -30.26
C GLY I 117 -1.10 -1.53 -30.84
N ALA I 118 -1.97 -2.52 -30.55
CA ALA I 118 -3.31 -2.58 -31.12
C ALA I 118 -4.31 -1.93 -30.17
N ARG I 119 -5.45 -1.54 -30.74
CA ARG I 119 -6.62 -1.16 -29.99
C ARG I 119 -7.53 -2.38 -29.91
N TYR I 120 -8.32 -2.49 -28.85
CA TYR I 120 -9.07 -3.73 -28.61
C TYR I 120 -10.42 -3.44 -28.00
N ILE I 121 -11.46 -3.99 -28.62
CA ILE I 121 -12.82 -4.02 -28.14
C ILE I 121 -13.25 -5.48 -28.06
N HIS I 122 -14.05 -5.83 -27.06
CA HIS I 122 -14.64 -7.16 -26.98
C HIS I 122 -16.13 -7.04 -27.28
N GLY I 123 -16.68 -8.03 -27.98
CA GLY I 123 -18.11 -8.06 -28.24
C GLY I 123 -18.72 -9.42 -27.90
N GLY I 124 -19.98 -9.39 -27.49
CA GLY I 124 -20.73 -10.60 -27.19
C GLY I 124 -21.99 -10.62 -28.06
N ILE I 125 -22.06 -11.59 -28.96
CA ILE I 125 -23.18 -11.71 -29.87
C ILE I 125 -24.32 -12.49 -29.21
N MET I 126 -25.44 -11.83 -28.99
CA MET I 126 -26.59 -12.47 -28.37
C MET I 126 -27.56 -12.91 -29.49
N ALA I 127 -27.12 -13.85 -30.32
CA ALA I 127 -27.80 -14.23 -31.54
C ALA I 127 -27.10 -15.46 -32.09
N VAL I 128 -27.81 -16.22 -32.94
CA VAL I 128 -27.21 -17.29 -33.68
C VAL I 128 -26.83 -16.77 -35.07
N PRO I 129 -25.94 -17.48 -35.80
CA PRO I 129 -25.39 -16.96 -37.06
C PRO I 129 -26.39 -16.48 -38.10
N PHE I 130 -27.50 -17.19 -38.27
CA PHE I 130 -28.46 -16.78 -39.29
C PHE I 130 -29.12 -15.44 -38.94
N MET I 131 -29.08 -14.98 -37.67
CA MET I 131 -29.69 -13.73 -37.27
C MET I 131 -28.77 -12.53 -37.50
N ILE I 132 -27.49 -12.76 -37.79
CA ILE I 132 -26.56 -11.66 -38.06
C ILE I 132 -27.12 -10.80 -39.19
N GLY I 133 -27.13 -9.49 -38.99
CA GLY I 133 -27.66 -8.55 -39.97
C GLY I 133 -29.08 -8.10 -39.59
N GLN I 134 -29.72 -8.77 -38.63
CA GLN I 134 -31.09 -8.40 -38.27
C GLN I 134 -31.08 -7.49 -37.04
N PRO I 135 -32.06 -6.57 -36.89
CA PRO I 135 -32.14 -5.71 -35.71
C PRO I 135 -32.34 -6.45 -34.38
N ASP I 136 -32.96 -7.63 -34.41
CA ASP I 136 -33.13 -8.39 -33.18
C ASP I 136 -31.83 -9.08 -32.74
N ALA I 137 -30.74 -8.97 -33.52
CA ALA I 137 -29.44 -9.47 -33.06
C ALA I 137 -28.80 -8.40 -32.19
N MET I 138 -28.76 -8.58 -30.86
CA MET I 138 -28.10 -7.61 -30.00
C MET I 138 -26.64 -8.05 -29.86
N ILE I 139 -25.72 -7.10 -30.10
CA ILE I 139 -24.32 -7.36 -29.91
C ILE I 139 -23.80 -6.35 -28.89
N LEU I 140 -23.27 -6.88 -27.79
CA LEU I 140 -22.76 -6.09 -26.70
C LEU I 140 -21.30 -5.79 -26.98
N TYR I 141 -20.86 -4.57 -26.66
CA TYR I 141 -19.48 -4.19 -26.87
C TYR I 141 -18.92 -3.46 -25.65
N SER I 142 -17.66 -3.71 -25.35
CA SER I 142 -16.97 -3.02 -24.27
C SER I 142 -15.52 -2.78 -24.62
N GLY I 143 -14.94 -1.77 -23.98
CA GLY I 143 -13.59 -1.32 -24.27
C GLY I 143 -13.58 0.21 -24.44
N PRO I 144 -12.43 0.81 -24.77
CA PRO I 144 -12.34 2.28 -24.80
C PRO I 144 -13.36 2.90 -25.74
N ALA I 145 -14.07 3.91 -25.22
CA ALA I 145 -15.18 4.52 -25.91
C ALA I 145 -14.75 5.08 -27.26
N GLU I 146 -13.56 5.69 -27.32
CA GLU I 146 -13.11 6.35 -28.54
C GLU I 146 -12.80 5.30 -29.62
N VAL I 147 -12.33 4.12 -29.20
CA VAL I 147 -12.04 3.04 -30.14
C VAL I 147 -13.35 2.54 -30.72
N PHE I 148 -14.35 2.32 -29.85
CA PHE I 148 -15.64 1.86 -30.31
C PHE I 148 -16.26 2.87 -31.27
N GLU I 149 -16.19 4.16 -30.91
CA GLU I 149 -16.76 5.22 -31.73
C GLU I 149 -16.20 5.19 -33.15
N GLY I 150 -14.92 4.84 -33.27
CA GLY I 150 -14.26 4.79 -34.57
C GLY I 150 -14.77 3.68 -35.50
N VAL I 151 -15.36 2.61 -34.95
CA VAL I 151 -15.73 1.46 -35.77
C VAL I 151 -17.22 1.10 -35.67
N LYS I 152 -17.99 1.82 -34.86
CA LYS I 152 -19.36 1.40 -34.58
C LYS I 152 -20.24 1.47 -35.83
N ASP I 153 -19.99 2.42 -36.74
CA ASP I 153 -20.80 2.50 -37.96
C ASP I 153 -20.58 1.26 -38.84
N THR I 154 -19.33 0.82 -39.01
CA THR I 154 -19.08 -0.40 -39.74
C THR I 154 -19.70 -1.62 -39.04
N LEU I 155 -19.54 -1.71 -37.71
CA LEU I 155 -20.05 -2.84 -36.94
C LEU I 155 -21.57 -2.91 -36.98
N SER I 156 -22.25 -1.78 -37.23
CA SER I 156 -23.71 -1.73 -37.15
C SER I 156 -24.37 -2.59 -38.22
N VAL I 157 -23.62 -3.02 -39.24
CA VAL I 157 -24.19 -3.92 -40.22
C VAL I 157 -24.51 -5.29 -39.63
N LEU I 158 -23.90 -5.66 -38.50
CA LEU I 158 -24.04 -7.00 -37.94
C LEU I 158 -25.30 -7.13 -37.09
N GLY I 159 -25.82 -6.03 -36.55
CA GLY I 159 -26.84 -6.12 -35.54
C GLY I 159 -27.00 -4.79 -34.82
N THR I 160 -27.71 -4.84 -33.68
CA THR I 160 -27.88 -3.64 -32.88
C THR I 160 -26.72 -3.52 -31.91
N ASN I 161 -25.90 -2.48 -32.09
CA ASN I 161 -24.74 -2.24 -31.25
C ASN I 161 -25.23 -1.81 -29.87
N THR I 162 -24.67 -2.43 -28.84
CA THR I 162 -25.01 -2.08 -27.47
C THR I 162 -23.72 -1.92 -26.70
N TYR I 163 -23.22 -0.67 -26.60
CA TYR I 163 -22.02 -0.38 -25.87
C TYR I 163 -22.31 -0.39 -24.37
N VAL I 164 -21.55 -1.18 -23.59
CA VAL I 164 -21.86 -1.35 -22.19
C VAL I 164 -20.75 -0.82 -21.28
N GLY I 165 -19.71 -0.19 -21.83
CA GLY I 165 -18.77 0.52 -20.98
C GLY I 165 -17.31 0.27 -21.30
N GLU I 166 -16.45 0.93 -20.52
CA GLU I 166 -15.02 1.01 -20.78
C GLU I 166 -14.28 -0.28 -20.42
N ASP I 167 -14.60 -0.90 -19.30
CA ASP I 167 -13.91 -2.12 -18.88
C ASP I 167 -14.11 -3.18 -19.96
N VAL I 168 -13.03 -3.70 -20.52
CA VAL I 168 -13.12 -4.56 -21.69
C VAL I 168 -13.84 -5.89 -21.36
N GLY I 169 -13.89 -6.27 -20.07
CA GLY I 169 -14.57 -7.49 -19.67
C GLY I 169 -16.10 -7.38 -19.54
N LEU I 170 -16.67 -6.17 -19.70
CA LEU I 170 -18.09 -5.98 -19.42
C LEU I 170 -19.00 -6.63 -20.45
N ALA I 171 -18.66 -6.69 -21.75
CA ALA I 171 -19.54 -7.31 -22.71
C ALA I 171 -19.71 -8.79 -22.34
N SER I 172 -18.60 -9.43 -21.96
CA SER I 172 -18.64 -10.84 -21.58
C SER I 172 -19.49 -11.02 -20.32
N LEU I 173 -19.35 -10.13 -19.36
CA LEU I 173 -20.15 -10.22 -18.13
C LEU I 173 -21.62 -10.08 -18.43
N HIS I 174 -22.02 -9.09 -19.23
CA HIS I 174 -23.41 -8.92 -19.63
C HIS I 174 -23.91 -10.17 -20.37
N ASP I 175 -23.11 -10.71 -21.28
CA ASP I 175 -23.49 -11.86 -22.09
C ASP I 175 -23.80 -13.05 -21.17
N LEU I 176 -22.85 -13.33 -20.26
CA LEU I 176 -23.00 -14.47 -19.36
C LEU I 176 -24.14 -14.27 -18.38
N ALA I 177 -24.41 -13.03 -17.98
CA ALA I 177 -25.54 -12.72 -17.11
C ALA I 177 -26.85 -13.00 -17.84
N LEU I 178 -26.97 -12.60 -19.12
CA LEU I 178 -28.15 -12.89 -19.90
C LEU I 178 -28.37 -14.39 -20.04
N LEU I 179 -27.27 -15.13 -20.32
CA LEU I 179 -27.39 -16.58 -20.43
C LEU I 179 -27.87 -17.19 -19.10
N SER I 180 -27.34 -16.69 -17.98
CA SER I 180 -27.72 -17.19 -16.67
C SER I 180 -29.22 -16.99 -16.46
N GLY I 181 -29.75 -15.83 -16.90
CA GLY I 181 -31.17 -15.60 -16.81
C GLY I 181 -31.99 -16.62 -17.60
N MET I 182 -31.54 -16.89 -18.81
CA MET I 182 -32.16 -17.88 -19.67
C MET I 182 -32.15 -19.27 -19.03
N TYR I 183 -31.05 -19.66 -18.37
CA TYR I 183 -30.98 -21.00 -17.81
C TYR I 183 -31.94 -21.15 -16.64
N GLY I 184 -32.18 -20.05 -15.89
CA GLY I 184 -33.24 -20.06 -14.88
C GLY I 184 -34.63 -20.27 -15.50
N LEU I 185 -34.94 -19.50 -16.55
CA LEU I 185 -36.16 -19.67 -17.29
C LEU I 185 -36.33 -21.13 -17.76
N PHE I 186 -35.26 -21.71 -18.32
CA PHE I 186 -35.34 -23.09 -18.81
C PHE I 186 -35.50 -24.10 -17.67
N SER I 187 -34.93 -23.80 -16.48
CA SER I 187 -35.14 -24.64 -15.32
C SER I 187 -36.62 -24.67 -14.93
N GLY I 188 -37.23 -23.49 -14.94
CA GLY I 188 -38.66 -23.36 -14.65
C GLY I 188 -39.54 -24.11 -15.64
N PHE I 189 -39.26 -23.92 -16.95
CA PHE I 189 -39.98 -24.65 -17.98
C PHE I 189 -39.87 -26.15 -17.72
N THR I 190 -38.65 -26.62 -17.45
CA THR I 190 -38.41 -28.05 -17.31
C THR I 190 -39.23 -28.62 -16.16
N HIS I 191 -39.19 -27.97 -14.98
CA HIS I 191 -39.92 -28.47 -13.85
C HIS I 191 -41.44 -28.41 -14.08
N ALA I 192 -41.93 -27.29 -14.61
CA ALA I 192 -43.37 -27.12 -14.84
C ALA I 192 -43.90 -28.19 -15.78
N VAL I 193 -43.17 -28.41 -16.88
CA VAL I 193 -43.62 -29.34 -17.89
C VAL I 193 -43.49 -30.78 -17.39
N ALA I 194 -42.46 -31.09 -16.61
CA ALA I 194 -42.36 -32.41 -16.00
C ALA I 194 -43.56 -32.69 -15.10
N LEU I 195 -43.98 -31.70 -14.31
CA LEU I 195 -45.11 -31.88 -13.43
C LEU I 195 -46.38 -32.21 -14.23
N VAL I 196 -46.70 -31.46 -15.29
CA VAL I 196 -47.91 -31.74 -16.02
C VAL I 196 -47.81 -33.06 -16.80
N GLN I 197 -46.61 -33.34 -17.35
CA GLN I 197 -46.42 -34.57 -18.11
C GLN I 197 -46.55 -35.79 -17.20
N SER I 198 -46.21 -35.65 -15.91
CA SER I 198 -46.32 -36.74 -14.96
C SER I 198 -47.78 -37.17 -14.77
N ALA I 199 -48.75 -36.31 -15.10
CA ALA I 199 -50.16 -36.66 -15.05
C ALA I 199 -50.74 -36.83 -16.45
N ASN I 200 -49.90 -37.00 -17.47
CA ASN I 200 -50.31 -37.22 -18.84
C ASN I 200 -51.07 -36.03 -19.42
N ILE I 201 -50.69 -34.81 -19.02
CA ILE I 201 -51.22 -33.60 -19.61
C ILE I 201 -50.27 -33.20 -20.72
N PRO I 202 -50.74 -33.02 -21.97
CA PRO I 202 -49.87 -32.59 -23.06
C PRO I 202 -49.17 -31.27 -22.76
N ALA I 203 -47.89 -31.20 -23.10
CA ALA I 203 -47.09 -30.04 -22.79
C ALA I 203 -47.53 -28.84 -23.62
N ALA I 204 -47.87 -29.05 -24.91
CA ALA I 204 -48.02 -27.91 -25.81
C ALA I 204 -49.17 -27.00 -25.37
N GLY I 205 -50.34 -27.58 -25.07
CA GLY I 205 -51.50 -26.79 -24.65
C GLY I 205 -51.24 -26.01 -23.36
N PHE I 206 -50.64 -26.71 -22.40
CA PHE I 206 -50.30 -26.12 -21.11
C PHE I 206 -49.34 -24.95 -21.29
N VAL I 207 -48.29 -25.15 -22.11
CA VAL I 207 -47.31 -24.10 -22.30
C VAL I 207 -47.91 -22.89 -23.02
N ALA I 208 -48.67 -23.13 -24.08
CA ALA I 208 -49.20 -22.03 -24.89
C ALA I 208 -50.24 -21.22 -24.14
N THR I 209 -51.13 -21.89 -23.40
CA THR I 209 -52.29 -21.21 -22.82
C THR I 209 -52.12 -20.83 -21.35
N GLN I 210 -51.18 -21.47 -20.62
CA GLN I 210 -51.03 -21.19 -19.19
C GLN I 210 -49.62 -20.73 -18.88
N LEU I 211 -48.60 -21.51 -19.22
CA LEU I 211 -47.25 -21.19 -18.75
C LEU I 211 -46.74 -19.90 -19.39
N ILE I 212 -46.86 -19.75 -20.70
CA ILE I 212 -46.31 -18.56 -21.33
C ILE I 212 -47.01 -17.29 -20.83
N PRO I 213 -48.36 -17.22 -20.78
CA PRO I 213 -49.01 -16.04 -20.22
C PRO I 213 -48.58 -15.73 -18.78
N TRP I 214 -48.45 -16.75 -17.95
CA TRP I 214 -48.02 -16.58 -16.57
C TRP I 214 -46.58 -16.04 -16.51
N LEU I 215 -45.66 -16.65 -17.26
CA LEU I 215 -44.28 -16.18 -17.27
C LEU I 215 -44.21 -14.75 -17.80
N THR I 216 -45.03 -14.41 -18.81
CA THR I 216 -45.07 -13.05 -19.35
C THR I 216 -45.44 -12.05 -18.27
N ALA I 217 -46.48 -12.35 -17.47
CA ALA I 217 -46.90 -11.48 -16.38
C ALA I 217 -45.82 -11.38 -15.32
N MET I 218 -45.16 -12.49 -14.98
CA MET I 218 -44.16 -12.47 -13.92
C MET I 218 -42.90 -11.73 -14.41
N THR I 219 -42.62 -11.80 -15.73
CA THR I 219 -41.45 -11.14 -16.28
C THR I 219 -41.57 -9.62 -16.14
N GLN I 220 -42.78 -9.06 -16.28
CA GLN I 220 -42.98 -7.64 -16.13
C GLN I 220 -42.68 -7.17 -14.70
N HIS I 221 -42.92 -8.04 -13.70
CA HIS I 221 -42.64 -7.74 -12.31
C HIS I 221 -41.14 -7.47 -12.05
N LEU I 222 -40.27 -7.94 -12.95
CA LEU I 222 -38.84 -7.88 -12.71
C LEU I 222 -38.33 -6.43 -12.68
N ASN I 223 -39.00 -5.51 -13.35
CA ASN I 223 -38.52 -4.11 -13.30
C ASN I 223 -38.61 -3.53 -11.90
N LEU I 224 -39.72 -3.80 -11.21
CA LEU I 224 -39.87 -3.30 -9.84
C LEU I 224 -38.86 -3.98 -8.91
N LEU I 225 -38.64 -5.29 -9.08
CA LEU I 225 -37.60 -5.98 -8.30
C LEU I 225 -36.24 -5.35 -8.52
N ALA I 226 -35.91 -5.00 -9.78
CA ALA I 226 -34.61 -4.45 -10.09
C ALA I 226 -34.41 -3.14 -9.36
N THR I 227 -35.45 -2.30 -9.34
CA THR I 227 -35.38 -1.03 -8.62
C THR I 227 -35.13 -1.27 -7.13
N GLN I 228 -35.79 -2.25 -6.54
CA GLN I 228 -35.57 -2.60 -5.15
C GLN I 228 -34.13 -3.06 -4.91
N VAL I 229 -33.56 -3.85 -5.82
CA VAL I 229 -32.17 -4.25 -5.70
C VAL I 229 -31.26 -3.02 -5.67
N ASP I 230 -31.50 -2.07 -6.57
CA ASP I 230 -30.67 -0.87 -6.67
C ASP I 230 -30.79 0.00 -5.41
N GLU I 231 -31.98 0.11 -4.86
CA GLU I 231 -32.23 0.94 -3.68
C GLU I 231 -31.87 0.22 -2.39
N LYS I 232 -31.55 -1.09 -2.47
CA LYS I 232 -31.28 -1.91 -1.30
C LYS I 232 -32.44 -1.79 -0.33
N ASP I 233 -33.67 -1.80 -0.89
CA ASP I 233 -34.90 -1.69 -0.13
C ASP I 233 -35.84 -2.79 -0.62
N TYR I 234 -35.93 -3.88 0.12
CA TYR I 234 -36.52 -5.10 -0.40
C TYR I 234 -38.01 -5.20 -0.06
N GLY I 235 -38.64 -4.13 0.43
CA GLY I 235 -40.08 -4.10 0.56
C GLY I 235 -40.54 -4.76 1.85
N ASP I 236 -41.82 -4.54 2.18
CA ASP I 236 -42.41 -5.12 3.38
C ASP I 236 -43.79 -5.66 3.01
N GLY I 237 -44.07 -6.93 3.37
CA GLY I 237 -45.32 -7.57 2.98
C GLY I 237 -45.50 -7.67 1.47
N GLY I 238 -46.75 -7.92 1.02
CA GLY I 238 -47.05 -8.16 -0.38
C GLY I 238 -46.74 -9.61 -0.80
N SER I 239 -45.91 -9.76 -1.86
CA SER I 239 -45.36 -11.05 -2.23
C SER I 239 -44.05 -11.25 -1.47
N SER I 240 -44.18 -11.35 -0.14
CA SER I 240 -43.05 -11.49 0.76
C SER I 240 -42.41 -12.86 0.63
N LEU I 241 -41.20 -13.02 1.16
CA LEU I 241 -40.56 -14.32 1.24
C LEU I 241 -41.34 -15.25 2.18
N ASP I 242 -41.94 -14.70 3.24
CA ASP I 242 -42.84 -15.51 4.07
C ASP I 242 -43.94 -16.16 3.25
N MET I 243 -44.54 -15.42 2.32
CA MET I 243 -45.60 -15.95 1.47
C MET I 243 -45.04 -17.01 0.50
N GLN I 244 -43.87 -16.76 -0.11
CA GLN I 244 -43.29 -17.73 -1.05
C GLN I 244 -42.97 -19.04 -0.33
N ALA I 245 -42.51 -18.93 0.92
CA ALA I 245 -42.11 -20.08 1.69
C ALA I 245 -43.30 -20.97 2.07
N LYS I 246 -44.54 -20.47 1.87
CA LYS I 246 -45.74 -21.26 2.10
C LYS I 246 -46.12 -22.10 0.87
N ALA I 247 -45.81 -21.63 -0.35
CA ALA I 247 -46.05 -22.43 -1.55
C ALA I 247 -45.06 -23.60 -1.66
N ALA I 248 -43.82 -23.35 -1.22
CA ALA I 248 -42.72 -24.26 -1.46
C ALA I 248 -43.05 -25.67 -0.98
N PRO I 249 -43.49 -25.94 0.26
CA PRO I 249 -43.73 -27.33 0.66
C PRO I 249 -44.75 -28.05 -0.21
N ASN I 250 -45.77 -27.32 -0.71
CA ASN I 250 -46.75 -27.94 -1.58
C ASN I 250 -46.10 -28.34 -2.91
N ILE I 251 -45.24 -27.48 -3.47
CA ILE I 251 -44.55 -27.82 -4.70
C ILE I 251 -43.65 -29.04 -4.49
N LEU I 252 -42.90 -29.05 -3.39
CA LEU I 252 -42.00 -30.16 -3.11
C LEU I 252 -42.76 -31.46 -2.93
N GLU I 253 -43.86 -31.42 -2.15
CA GLU I 253 -44.60 -32.64 -1.85
C GLU I 253 -45.32 -33.14 -3.10
N ALA I 254 -45.92 -32.26 -3.90
CA ALA I 254 -46.59 -32.66 -5.13
C ALA I 254 -45.59 -33.26 -6.10
N SER I 255 -44.39 -32.67 -6.19
CA SER I 255 -43.37 -33.19 -7.09
C SER I 255 -42.96 -34.61 -6.70
N GLN I 256 -42.71 -34.79 -5.39
CA GLN I 256 -42.37 -36.11 -4.86
C GLN I 256 -43.46 -37.13 -5.17
N ALA I 257 -44.73 -36.76 -4.96
CA ALA I 257 -45.83 -37.69 -5.20
C ALA I 257 -45.94 -38.05 -6.68
N GLN I 258 -45.57 -37.14 -7.59
CA GLN I 258 -45.65 -37.38 -9.03
C GLN I 258 -44.38 -38.04 -9.57
N GLY I 259 -43.38 -38.26 -8.72
CA GLY I 259 -42.13 -38.88 -9.14
C GLY I 259 -41.20 -37.93 -9.88
N VAL I 260 -41.35 -36.61 -9.67
CA VAL I 260 -40.54 -35.62 -10.36
C VAL I 260 -39.47 -35.12 -9.38
N SER I 261 -38.21 -35.22 -9.80
CA SER I 261 -37.09 -34.72 -9.01
C SER I 261 -37.24 -33.21 -8.76
N VAL I 262 -36.85 -32.75 -7.56
CA VAL I 262 -36.92 -31.32 -7.27
C VAL I 262 -35.55 -30.63 -7.38
N GLU I 263 -34.60 -31.27 -8.05
CA GLU I 263 -33.24 -30.73 -8.11
C GLU I 263 -33.18 -29.34 -8.73
N LEU I 264 -34.08 -28.97 -9.66
CA LEU I 264 -33.94 -27.68 -10.33
C LEU I 264 -34.52 -26.52 -9.52
N ILE I 265 -35.44 -26.79 -8.58
CA ILE I 265 -36.13 -25.71 -7.88
C ILE I 265 -35.75 -25.65 -6.39
N GLN I 266 -35.28 -26.75 -5.82
CA GLN I 266 -34.87 -26.80 -4.43
C GLN I 266 -33.92 -25.65 -4.09
N PRO I 267 -32.90 -25.29 -4.90
CA PRO I 267 -31.97 -24.22 -4.51
C PRO I 267 -32.62 -22.88 -4.17
N ILE I 268 -33.58 -22.40 -4.95
CA ILE I 268 -34.17 -21.10 -4.63
C ILE I 268 -35.05 -21.25 -3.37
N PHE I 269 -35.69 -22.40 -3.18
CA PHE I 269 -36.45 -22.64 -1.95
C PHE I 269 -35.55 -22.61 -0.72
N LYS I 270 -34.35 -23.18 -0.82
CA LYS I 270 -33.40 -23.15 0.29
C LYS I 270 -32.92 -21.74 0.57
N LEU I 271 -32.72 -20.93 -0.48
CA LEU I 271 -32.29 -19.55 -0.31
C LEU I 271 -33.41 -18.75 0.39
N ILE I 272 -34.66 -18.94 -0.05
CA ILE I 272 -35.79 -18.25 0.54
C ILE I 272 -35.90 -18.60 2.04
N GLU I 273 -35.79 -19.88 2.34
CA GLU I 273 -35.86 -20.34 3.73
C GLU I 273 -34.71 -19.75 4.54
N ARG I 274 -33.51 -19.66 4.00
CA ARG I 274 -32.39 -19.06 4.73
C ARG I 274 -32.69 -17.61 5.10
N ARG I 275 -33.30 -16.85 4.19
CA ARG I 275 -33.59 -15.44 4.46
C ARG I 275 -34.67 -15.33 5.54
N VAL I 276 -35.68 -16.20 5.50
CA VAL I 276 -36.71 -16.21 6.52
C VAL I 276 -36.07 -16.52 7.88
N GLU I 277 -35.14 -17.48 7.92
CA GLU I 277 -34.53 -17.88 9.18
C GLU I 277 -33.55 -16.83 9.72
N GLU I 278 -33.12 -15.89 8.88
CA GLU I 278 -32.29 -14.75 9.30
C GLU I 278 -33.18 -13.64 9.83
N GLY I 279 -34.51 -13.82 9.87
CA GLY I 279 -35.41 -12.84 10.44
C GLY I 279 -35.94 -11.82 9.41
N LYS I 280 -35.75 -12.12 8.10
CA LYS I 280 -36.06 -11.17 7.05
C LYS I 280 -37.14 -11.65 6.12
N GLY I 281 -38.08 -12.44 6.64
CA GLY I 281 -39.20 -13.00 5.90
C GLY I 281 -40.17 -11.96 5.35
N SER I 282 -40.17 -10.75 5.92
CA SER I 282 -41.09 -9.73 5.46
C SER I 282 -40.57 -9.02 4.20
N GLU I 283 -39.29 -9.22 3.88
CA GLU I 283 -38.72 -8.71 2.63
C GLU I 283 -39.20 -9.52 1.45
N GLY I 284 -39.01 -8.98 0.24
CA GLY I 284 -39.42 -9.64 -0.99
C GLY I 284 -38.25 -10.31 -1.70
N LEU I 285 -38.50 -10.81 -2.89
CA LEU I 285 -37.55 -11.57 -3.69
C LEU I 285 -36.30 -10.79 -4.07
N ALA I 286 -36.35 -9.44 -4.05
CA ALA I 286 -35.18 -8.66 -4.39
C ALA I 286 -34.03 -8.91 -3.41
N ALA I 287 -34.35 -9.35 -2.20
CA ALA I 287 -33.33 -9.64 -1.18
C ALA I 287 -32.42 -10.79 -1.58
N LEU I 288 -32.85 -11.66 -2.49
CA LEU I 288 -32.06 -12.85 -2.80
C LEU I 288 -30.75 -12.50 -3.53
N VAL I 289 -30.73 -11.41 -4.30
CA VAL I 289 -29.57 -11.04 -5.10
C VAL I 289 -28.36 -10.87 -4.17
N GLY I 290 -28.51 -10.07 -3.10
CA GLY I 290 -27.39 -9.82 -2.22
C GLY I 290 -26.90 -11.09 -1.50
N MET I 291 -27.80 -12.06 -1.30
CA MET I 291 -27.42 -13.28 -0.61
C MET I 291 -26.44 -14.13 -1.41
N ILE I 292 -26.52 -14.12 -2.75
CA ILE I 292 -25.60 -14.95 -3.51
C ILE I 292 -24.34 -14.18 -3.90
N MET I 293 -24.30 -12.87 -3.61
CA MET I 293 -23.09 -12.08 -3.85
C MET I 293 -22.13 -12.19 -2.66
N LYS I 294 -22.60 -12.80 -1.58
CA LYS I 294 -21.94 -13.00 -0.29
C LYS I 294 -22.06 -11.76 0.61
PA NDP J . -8.19 -39.21 -32.68
O1A NDP J . -8.56 -37.81 -32.33
O2A NDP J . -7.24 -39.59 -33.78
O5B NDP J . -9.55 -40.01 -32.86
C5B NDP J . -10.74 -39.74 -32.08
C4B NDP J . -11.78 -40.71 -32.59
O4B NDP J . -12.99 -40.57 -31.81
C3B NDP J . -12.20 -40.48 -34.06
O3B NDP J . -12.55 -41.70 -34.71
C2B NDP J . -13.45 -39.63 -33.91
O2B NDP J . -14.37 -39.74 -35.01
C1B NDP J . -14.06 -40.36 -32.72
N9A NDP J . -15.13 -39.64 -32.07
C8A NDP J . -15.07 -38.40 -31.49
N7A NDP J . -16.22 -37.99 -31.02
C5A NDP J . -17.11 -38.99 -31.41
C6A NDP J . -18.50 -39.13 -31.25
N6A NDP J . -19.24 -38.23 -30.62
N1A NDP J . -19.08 -40.26 -31.74
C2A NDP J . -18.32 -41.15 -32.40
N3A NDP J . -17.00 -41.13 -32.59
C4A NDP J . -16.45 -40.00 -32.09
O3 NDP J . -7.69 -39.98 -31.34
PN NDP J . -7.01 -41.44 -31.18
O1N NDP J . -7.60 -42.37 -32.18
O2N NDP J . -5.52 -41.28 -31.20
O5D NDP J . -7.47 -41.88 -29.68
C5D NDP J . -8.66 -42.71 -29.47
C4D NDP J . -8.71 -43.18 -28.03
O4D NDP J . -7.48 -43.89 -27.71
C3D NDP J . -8.84 -42.09 -26.93
O3D NDP J . -9.50 -42.55 -25.74
C2D NDP J . -7.35 -41.83 -26.63
O2D NDP J . -7.12 -41.14 -25.41
C1D NDP J . -6.88 -43.28 -26.58
N1N NDP J . -5.39 -43.41 -26.66
C2N NDP J . -4.70 -42.69 -27.61
C3N NDP J . -3.33 -42.59 -27.61
C7N NDP J . -2.67 -41.90 -28.74
O7N NDP J . -1.48 -41.62 -28.66
N7N NDP J . -3.35 -41.69 -29.87
C4N NDP J . -2.58 -43.24 -26.46
C5N NDP J . -3.38 -44.30 -25.78
C6N NDP J . -4.69 -44.23 -25.76
P2B NDP J . -14.22 -38.68 -36.25
O1X NDP J . -13.20 -39.20 -37.22
O2X NDP J . -13.79 -37.33 -35.69
O3X NDP J . -15.61 -38.67 -36.85
PA NDP K . 26.63 -37.19 9.59
O1A NDP K . 25.55 -36.38 10.27
O2A NDP K . 26.72 -38.68 9.73
O5B NDP K . 28.05 -36.53 9.95
C5B NDP K . 28.16 -35.08 9.95
C4B NDP K . 29.59 -34.76 10.26
O4B NDP K . 29.76 -33.33 10.39
C3B NDP K . 30.16 -35.36 11.56
O3B NDP K . 31.52 -35.73 11.38
C2B NDP K . 30.04 -34.20 12.54
O2B NDP K . 30.96 -34.15 13.62
C1B NDP K . 30.44 -33.08 11.59
N9A NDP K . 30.14 -31.72 12.04
C8A NDP K . 28.91 -31.18 12.33
N7A NDP K . 28.99 -29.95 12.76
C5A NDP K . 30.33 -29.68 12.79
C6A NDP K . 31.05 -28.54 13.19
N6A NDP K . 30.45 -27.43 13.60
N1A NDP K . 32.40 -28.58 13.09
C2A NDP K . 32.98 -29.71 12.66
N3A NDP K . 32.41 -30.86 12.30
C4A NDP K . 31.07 -30.78 12.40
O3 NDP K . 26.50 -36.83 8.03
PN NDP K . 27.10 -37.56 6.72
O1N NDP K . 28.49 -37.97 7.04
O2N NDP K . 26.14 -38.60 6.25
O5D NDP K . 27.17 -36.33 5.70
C5D NDP K . 28.40 -35.57 5.54
C4D NDP K . 28.21 -34.71 4.31
O4D NDP K . 28.01 -35.56 3.17
C3D NDP K . 26.96 -33.78 4.36
O3D NDP K . 27.21 -32.58 3.64
C2D NDP K . 25.91 -34.59 3.58
O2D NDP K . 24.87 -33.80 2.98
C1D NDP K . 26.82 -35.20 2.52
N1N NDP K . 26.24 -36.41 1.86
C2N NDP K . 25.74 -37.44 2.63
C3N NDP K . 25.11 -38.53 2.04
C7N NDP K . 24.56 -39.62 2.87
O7N NDP K . 23.77 -40.40 2.32
N7N NDP K . 24.90 -39.80 4.14
C4N NDP K . 24.98 -38.59 0.56
C5N NDP K . 25.66 -37.48 -0.17
C6N NDP K . 26.30 -36.52 0.48
P2B NDP K . 30.52 -34.91 14.99
O1X NDP K . 31.46 -34.32 15.99
O2X NDP K . 30.79 -36.38 14.74
O3X NDP K . 29.04 -34.59 15.21
PA NDP L . -52.12 22.48 0.10
O1A NDP L . -52.64 23.85 0.43
O2A NDP L . -51.02 22.39 -0.92
O5B NDP L . -53.39 21.61 -0.31
C5B NDP L . -54.60 21.56 0.51
C4B NDP L . -55.53 20.56 -0.13
O4B NDP L . -56.82 20.61 0.55
C3B NDP L . -55.85 20.74 -1.63
O3B NDP L . -56.01 19.51 -2.32
C2B NDP L . -57.18 21.47 -1.58
O2B NDP L . -57.97 21.35 -2.74
C1B NDP L . -57.80 20.67 -0.44
N9A NDP L . -59.00 21.26 0.12
C8A NDP L . -59.12 22.46 0.77
N7A NDP L . -60.34 22.74 1.14
C5A NDP L . -61.08 21.70 0.63
C6A NDP L . -62.45 21.39 0.71
N6A NDP L . -63.34 22.18 1.30
N1A NDP L . -62.87 20.22 0.17
C2A NDP L . -61.96 19.44 -0.45
N3A NDP L . -60.66 19.60 -0.55
C4A NDP L . -60.27 20.76 0.02
O3 NDP L . -51.67 21.73 1.45
PN NDP L . -50.77 20.40 1.71
O1N NDP L . -51.08 19.41 0.65
O2N NDP L . -49.36 20.82 1.91
O5D NDP L . -51.34 19.86 3.11
C5D NDP L . -52.37 18.83 3.10
C4D NDP L . -52.48 18.31 4.50
O4D NDP L . -51.17 17.78 4.88
C3D NDP L . -52.80 19.35 5.60
O3D NDP L . -53.55 18.76 6.67
C2D NDP L . -51.40 19.74 6.12
O2D NDP L . -51.38 20.29 7.44
C1D NDP L . -50.75 18.37 6.08
N1N NDP L . -49.25 18.40 6.06
C2N NDP L . -48.57 19.16 5.14
C3N NDP L . -47.19 19.34 5.24
C7N NDP L . -46.47 20.13 4.23
O7N NDP L . -45.28 20.40 4.44
N7N NDP L . -47.08 20.50 3.10
C4N NDP L . -46.49 18.76 6.43
C5N NDP L . -47.25 17.67 7.08
C6N NDP L . -48.56 17.56 6.94
P2B NDP L . -57.88 22.50 -3.92
O1X NDP L . -57.70 23.81 -3.22
O2X NDP L . -59.18 22.35 -4.64
O3X NDP L . -56.67 22.16 -4.78
PA NDP M . -23.11 25.82 41.84
O1A NDP M . -24.32 26.48 42.40
O2A NDP M . -22.92 24.32 41.91
O5B NDP M . -21.86 26.48 42.54
C5B NDP M . -21.77 27.88 42.65
C4B NDP M . -20.36 28.22 43.12
O4B NDP M . -20.24 29.66 43.28
C3B NDP M . -19.97 27.62 44.49
O3B NDP M . -18.56 27.31 44.50
C2B NDP M . -20.28 28.76 45.44
O2B NDP M . -19.57 28.77 46.67
C1B NDP M . -19.73 29.89 44.59
N9A NDP M . -20.13 31.21 45.05
C8A NDP M . -21.40 31.75 45.09
N7A NDP M . -21.44 32.96 45.60
C5A NDP M . -20.11 33.23 45.93
C6A NDP M . -19.49 34.34 46.54
N6A NDP M . -20.10 35.48 46.85
N1A NDP M . -18.16 34.28 46.66
C2A NDP M . -17.51 33.15 46.33
N3A NDP M . -17.99 32.04 45.79
C4A NDP M . -19.31 32.16 45.59
O3 NDP M . -22.99 26.26 40.33
PN NDP M . -22.28 25.54 39.09
O1N NDP M . -20.96 25.05 39.60
O2N NDP M . -23.26 24.60 38.49
O5D NDP M . -22.05 26.76 38.09
C5D NDP M . -20.88 27.56 38.29
C4D NDP M . -20.76 28.53 37.14
O4D NDP M . -20.67 27.80 35.89
C3D NDP M . -21.96 29.48 37.00
O3D NDP M . -21.51 30.79 36.60
C2D NDP M . -22.78 28.81 35.93
O2D NDP M . -23.63 29.67 35.19
C1D NDP M . -21.69 28.24 35.02
N1N NDP M . -22.14 27.07 34.21
C2N NDP M . -22.66 25.95 34.80
C3N NDP M . -23.12 24.90 34.07
C7N NDP M . -23.73 23.69 34.69
O7N NDP M . -24.33 22.92 33.94
N7N NDP M . -23.59 23.40 35.96
C4N NDP M . -23.02 24.95 32.59
C5N NDP M . -22.19 26.04 32.08
C6N NDP M . -21.98 27.10 32.84
P2B NDP M . -20.29 28.06 47.97
O1X NDP M . -20.11 26.60 47.87
O2X NDP M . -21.75 28.47 47.92
O3X NDP M . -19.47 28.69 49.15
PA NDP N . 10.07 21.14 17.88
O1A NDP N . 9.57 20.65 16.57
O2A NDP N . 9.08 21.15 19.00
O5B NDP N . 10.59 22.62 17.76
C5B NDP N . 11.57 22.93 16.74
C4B NDP N . 12.02 24.34 17.00
O4B NDP N . 12.94 24.73 15.95
C3B NDP N . 10.91 25.40 17.03
O3B NDP N . 11.23 26.44 17.95
C2B NDP N . 10.97 25.92 15.59
O2B NDP N . 10.50 27.25 15.43
C1B NDP N . 12.48 25.95 15.43
N9A NDP N . 12.94 26.10 14.05
C8A NDP N . 12.77 25.24 13.00
N7A NDP N . 13.27 25.72 11.87
C5A NDP N . 13.73 26.98 12.19
C6A NDP N . 14.43 27.95 11.44
N6A NDP N . 14.73 27.80 10.17
N1A NDP N . 14.84 29.07 12.09
C2A NDP N . 14.57 29.19 13.40
N3A NDP N . 13.95 28.31 14.22
C4A NDP N . 13.59 27.21 13.55
O3 NDP N . 11.34 20.33 18.33
PN NDP N . 11.88 19.93 19.79
O1N NDP N . 11.76 21.17 20.59
O2N NDP N . 11.22 18.70 20.30
O5D NDP N . 13.42 19.58 19.50
C5D NDP N . 14.33 20.72 19.49
C4D NDP N . 15.75 20.22 19.36
O4D NDP N . 16.05 19.38 20.51
C3D NDP N . 16.03 19.33 18.13
O3D NDP N . 17.34 19.50 17.59
C2D NDP N . 15.77 17.93 18.68
O2D NDP N . 16.40 16.88 17.95
C1D NDP N . 16.40 18.08 20.05
N1N NDP N . 15.92 17.09 21.05
C2N NDP N . 14.56 16.95 21.29
C3N NDP N . 14.10 15.98 22.15
C7N NDP N . 12.66 15.81 22.39
O7N NDP N . 12.30 14.75 22.93
N7N NDP N . 11.79 16.72 22.02
C4N NDP N . 15.07 15.08 22.80
C5N NDP N . 16.44 15.55 22.75
C6N NDP N . 16.82 16.42 21.82
P2B NDP N . 8.91 27.50 15.07
O1X NDP N . 8.22 27.37 16.36
O2X NDP N . 8.56 26.46 14.07
O3X NDP N . 8.88 28.95 14.54
PA NDP O . 20.43 -28.80 24.64
O1A NDP O . 20.85 -28.77 23.21
O2A NDP O . 21.43 -28.77 25.76
O5B NDP O . 19.51 -30.12 24.84
C5B NDP O . 18.60 -30.55 23.83
C4B NDP O . 17.86 -31.71 24.42
O4B NDP O . 16.86 -32.16 23.48
C3B NDP O . 18.74 -32.94 24.75
O3B NDP O . 18.19 -33.56 25.90
C2B NDP O . 18.55 -33.79 23.50
O2B NDP O . 18.70 -35.20 23.67
C1B NDP O . 17.07 -33.54 23.27
N9A NDP O . 16.63 -33.92 21.93
C8A NDP O . 17.04 -33.43 20.71
N7A NDP O . 16.45 -34.02 19.70
C5A NDP O . 15.65 -34.98 20.29
C6A NDP O . 14.75 -35.92 19.75
N6A NDP O . 14.54 -36.05 18.44
N1A NDP O . 14.08 -36.72 20.62
C2A NDP O . 14.29 -36.56 21.93
N3A NDP O . 15.10 -35.71 22.55
C4A NDP O . 15.73 -34.92 21.67
O3 NDP O . 19.36 -27.61 24.85
PN NDP O . 18.77 -26.97 26.21
O1N NDP O . 18.56 -28.03 27.24
O2N NDP O . 19.60 -25.79 26.61
O5D NDP O . 17.35 -26.43 25.66
C5D NDP O . 16.17 -27.30 25.71
C4D NDP O . 14.93 -26.45 25.48
O4D NDP O . 14.93 -25.38 26.46
C3D NDP O . 14.83 -25.75 24.11
O3D NDP O . 13.49 -25.57 23.62
C2D NDP O . 15.41 -24.37 24.43
O2D NDP O . 15.02 -23.38 23.49
C1D NDP O . 14.79 -24.15 25.81
N1N NDP O . 15.46 -23.06 26.59
C2N NDP O . 16.82 -23.10 26.80
C3N NDP O . 17.51 -22.02 27.31
C7N NDP O . 18.99 -22.08 27.53
O7N NDP O . 19.57 -21.05 27.90
N7N NDP O . 19.67 -23.21 27.35
C4N NDP O . 16.75 -20.79 27.67
C5N NDP O . 15.27 -20.91 27.58
C6N NDP O . 14.70 -22.00 27.08
P2B NDP O . 20.25 -35.76 23.47
O1X NDP O . 20.93 -35.02 22.34
O2X NDP O . 19.90 -37.18 23.16
O3X NDP O . 20.97 -35.57 24.83
PA NDP P . 40.52 19.63 -37.70
O1A NDP P . 40.88 18.45 -36.84
O2A NDP P . 39.54 19.47 -38.84
O5B NDP P . 41.89 20.28 -38.24
C5B NDP P . 43.01 20.57 -37.38
C4B NDP P . 44.02 21.34 -38.19
O4B NDP P . 45.20 21.57 -37.38
C3B NDP P . 44.52 20.67 -39.50
O3B NDP P . 44.79 21.66 -40.50
C2B NDP P . 45.83 20.04 -39.03
O2B NDP P . 46.78 19.81 -40.06
C1B NDP P . 46.32 21.19 -38.15
N9A NDP P . 47.42 20.81 -37.27
C8A NDP P . 47.37 19.85 -36.29
N7A NDP P . 48.54 19.64 -35.71
C5A NDP P . 49.39 20.54 -36.34
C6A NDP P . 50.75 20.83 -36.16
N6A NDP P . 51.49 20.24 -35.22
N1A NDP P . 51.31 21.80 -36.93
C2A NDP P . 50.55 22.38 -37.87
N3A NDP P . 49.26 22.19 -38.12
C4A NDP P . 48.72 21.24 -37.33
O3 NDP P . 39.93 20.78 -36.75
PN NDP P . 39.10 22.14 -37.05
O1N NDP P . 39.65 22.77 -38.28
O2N NDP P . 37.65 21.79 -36.98
O5D NDP P . 39.51 23.04 -35.80
C5D NDP P . 40.59 23.99 -35.94
C4D NDP P . 40.49 24.92 -34.76
O4D NDP P . 39.19 25.57 -34.80
C3D NDP P . 40.59 24.22 -33.37
O3D NDP P . 41.22 25.04 -32.40
C2D NDP P . 39.10 24.02 -33.03
O2D NDP P . 38.92 23.80 -31.63
C1D NDP P . 38.55 25.35 -33.57
N1N NDP P . 37.07 25.33 -33.80
C2N NDP P . 36.48 24.28 -34.46
C3N NDP P . 35.10 24.19 -34.55
C7N NDP P . 34.46 23.10 -35.32
O7N NDP P . 33.25 22.90 -35.19
N7N NDP P . 35.18 22.44 -36.24
C4N NDP P . 34.25 25.25 -33.91
C5N NDP P . 35.01 26.34 -33.24
C6N NDP P . 36.32 26.40 -33.31
P2B NDP P . 46.71 18.37 -40.82
O1X NDP P . 45.61 18.54 -41.88
O2X NDP P . 46.38 17.28 -39.84
O3X NDP P . 48.10 18.26 -41.40
PA NDP Q . 6.94 28.46 -0.36
O1A NDP Q . 8.10 28.05 0.45
O2A NDP Q . 6.76 29.91 -0.69
O5B NDP Q . 5.57 28.00 0.29
C5B NDP Q . 5.40 26.72 0.85
C4B NDP Q . 3.95 26.59 1.24
O4B NDP Q . 3.74 25.27 1.79
C3B NDP Q . 3.45 27.56 2.33
O3B NDP Q . 2.07 27.87 2.11
C2B NDP Q . 3.62 26.73 3.60
O2B NDP Q . 2.79 27.08 4.69
C1B NDP Q . 3.11 25.41 3.04
N9A NDP Q . 3.44 24.30 3.90
C8A NDP Q . 4.67 23.82 4.23
N7A NDP Q . 4.60 22.80 5.05
C5A NDP Q . 3.25 22.66 5.33
C6A NDP Q . 2.52 21.70 6.08
N6A NDP Q . 3.10 20.79 6.84
N1A NDP Q . 1.18 21.83 6.12
C2A NDP Q . 0.61 22.76 5.35
N3A NDP Q . 1.19 23.66 4.56
C4A NDP Q . 2.52 23.58 4.63
O3 NDP Q . 6.91 27.58 -1.67
PN NDP Q . 6.36 27.96 -3.11
O1N NDP Q . 5.03 28.62 -2.98
O2N NDP Q . 7.44 28.64 -3.89
O5D NDP Q . 6.21 26.51 -3.74
C5D NDP Q . 4.93 25.84 -3.57
C4D NDP Q . 4.90 24.57 -4.38
O4D NDP Q . 5.01 24.95 -5.76
C3D NDP Q . 6.06 23.60 -4.09
O3D NDP Q . 5.63 22.25 -4.26
C2D NDP Q . 7.03 23.99 -5.19
O2D NDP Q . 7.88 22.92 -5.57
C1D NDP Q . 6.08 24.27 -6.33
N1N NDP Q . 6.66 25.14 -7.39
C2N NDP Q . 7.27 26.31 -7.05
C3N NDP Q . 7.83 27.12 -8.02
C7N NDP Q . 8.43 28.46 -7.70
O7N NDP Q . 9.11 28.99 -8.58
N7N NDP Q . 8.21 29.02 -6.53
C4N NDP Q . 7.86 26.64 -9.45
C5N NDP Q . 7.01 25.49 -9.72
C6N NDP Q . 6.45 24.80 -8.72
P2B NDP Q . 3.37 28.20 5.73
O1X NDP Q . 3.12 29.55 5.06
O2X NDP Q . 4.83 27.89 6.06
O3X NDP Q . 2.44 28.00 6.91
PA NDP R . -17.54 -23.16 -35.10
O1A NDP R . -17.20 -24.37 -34.29
O2A NDP R . -18.50 -23.19 -36.23
O5B NDP R . -16.16 -22.45 -35.53
C5B NDP R . -15.04 -22.39 -34.62
C4B NDP R . -14.00 -21.51 -35.28
O4B NDP R . -12.83 -21.32 -34.43
C3B NDP R . -13.48 -22.12 -36.59
O3B NDP R . -13.22 -21.08 -37.53
C2B NDP R . -12.22 -22.82 -36.12
O2B NDP R . -11.23 -23.04 -37.13
C1B NDP R . -11.70 -21.77 -35.16
N9A NDP R . -10.65 -22.26 -34.28
C8A NDP R . -10.71 -23.23 -33.31
N7A NDP R . -9.58 -23.38 -32.67
C5A NDP R . -8.68 -22.54 -33.34
C6A NDP R . -7.31 -22.28 -33.18
N6A NDP R . -6.53 -22.88 -32.28
N1A NDP R . -6.75 -21.33 -33.97
C2A NDP R . -7.50 -20.76 -34.91
N3A NDP R . -8.79 -20.92 -35.14
C4A NDP R . -9.34 -21.84 -34.32
O3 NDP R . -18.08 -22.08 -34.04
PN NDP R . -18.92 -20.73 -34.27
O1N NDP R . -18.47 -19.97 -35.49
O2N NDP R . -20.41 -21.05 -34.23
O5D NDP R . -18.52 -19.94 -32.94
C5D NDP R . -17.40 -18.98 -33.01
C4D NDP R . -17.46 -18.07 -31.80
O4D NDP R . -18.74 -17.38 -31.79
C3D NDP R . -17.39 -18.75 -30.41
O3D NDP R . -16.85 -17.90 -29.39
C2D NDP R . -18.86 -18.93 -30.07
O2D NDP R . -19.09 -19.13 -28.67
C1D NDP R . -19.39 -17.58 -30.56
N1N NDP R . -20.87 -17.57 -30.76
C2N NDP R . -21.49 -18.57 -31.49
C3N NDP R . -22.88 -18.68 -31.53
C7N NDP R . -23.56 -19.72 -32.36
O7N NDP R . -24.78 -19.84 -32.25
N7N NDP R . -22.87 -20.46 -33.23
C4N NDP R . -23.69 -17.72 -30.69
C5N NDP R . -22.94 -16.54 -30.19
C6N NDP R . -21.62 -16.51 -30.24
P2B NDP R . -11.34 -24.34 -38.09
O1X NDP R . -12.34 -24.14 -39.21
O2X NDP R . -11.69 -25.43 -37.13
O3X NDP R . -9.91 -24.51 -38.63
#